data_8OHN
#
_entry.id   8OHN
#
_cell.length_a   1.00
_cell.length_b   1.00
_cell.length_c   1.00
_cell.angle_alpha   90.00
_cell.angle_beta   90.00
_cell.angle_gamma   90.00
#
_symmetry.space_group_name_H-M   'P 1'
#
loop_
_entity.id
_entity.type
_entity.pdbx_description
1 polymer 'Spike glycoprotein'
2 branched 2-acetamido-2-deoxy-beta-D-glucopyranose-(1-4)-2-acetamido-2-deoxy-beta-D-glucopyranose
3 branched beta-D-mannopyranose-(1-4)-2-acetamido-2-deoxy-beta-D-glucopyranose-(1-4)-2-acetamido-2-deoxy-beta-D-glucopyranose
4 non-polymer 2-acetamido-2-deoxy-beta-D-glucopyranose
#
_entity_poly.entity_id   1
_entity_poly.type   'polypeptide(L)'
_entity_poly.pdbx_seq_one_letter_code
;MPMGSLQPLATLYLLGMLVASVLAVIGDFNCTNFAINDLNTTIPRISEYVVDVSYGLGTYYILDRVYLNTTILFTGYFPK
SGANFRDLSLKGTTKLSTLWYQKPFLSDFNNGIFSRVKNTKLYVNKTLYSEFSTIVIGSVFINNSYTIVVQPHNGVLEIT
ACQYTMCEYPHTICKSIGSSRNESWHFDKSEPLCLFKKNFTYNVSTDWLYFHFYQERGTFYAYYADSGMPTTFLFSLYLG
TLLSHYYVLPLTCNAISSNTDNETLQYWVTPLSKRQYLLKFDDRGVITNAVDCSSSFFSEIQCKTKSLLPNTGVYDLSGF
TVKPVATVHRRIPDLPDCDIDKWLNNFNVPSPLNWERKIFSNCNFNLSTLLRLVHTDSFSCNNFDESKIYGSCFKSIVLD
KFAIPNSRRSDLQLGSSGFLQSSNYKIDTTSSSCQLYYSLPAINVTINNYNPSSWNRRYGFNNFNLSSHSVVYSRYCFSV
NNTFCPCAKPSFASSCKSHKPPSASCPIGTNYRSCESTTVLDHTDWCRCSCLPDPITAYDPRSCSQKKSLVGVGEHCAGF
GVDEEKCGVLDGSYNVSCLCSTDAFLGWSYDTCVSNNRCNIFSNFILNGINSGTTCSNDLLQPNTEVFTDVCVDYDLYGI
TGQGIFKEVSAVYYNSWQNLLYDFNGNIIGFKDFVTNKTYNIFPCYAGRVSAAFHQNASSLALLYRNLKCSYVLNNISLA
TQPYFDSYLGCVFNADNLTDYSVSSCALRMGSGFCVDYNSPSSSSSGGSGSSISASYRFVTFEPFNVSFVNDSIESVGGL
YEIKIPTNFTIVGQEEFIQTNSPKVTIDCSLFVCSNYAACHDLLSEYGTFCDNINSILDEVNGLLDTTQLHVADTLMQGV
TLSSNLNTNLHFDVDNINFKSLVGCLGPHCGSSSRSFFEDLLFDKVKLSDVGFVEAYNNCTGGSEIRDLLCVQSFNGIKV
LPPILSESQISGYTTAATVAAMFPPWSAAAGIPFSLNVQYRINGLGVTMDVLNKNQKLIATAFNNALLSIQNGFSATNSA
LAKIQSVVNSNAQALNSLLQQLFNKFGAISSSLQEILSRLDALEAQVQIDRLINGRLTALNAYVSQQLSDISLVKLGAAL
AMEKVNECVKSQSPRINFCGNGNHILSLVQNAPYGLLFMHFSYKPISFKTVLVSPGLCISGDVGIAPKQGYFIKHNDHWM
FTGSSYYYPEPISDKNVVFMNTCSVNFTKAPLVYLNHSVPKLSDFESELSHWFKNQTSIAPNLTLNLHTINATFLDLLIK
RMKQIEDKIEEIESKQKKIENEIARIKKIKLVPRGSLEWSHPQFEK
;
_entity_poly.pdbx_strand_id   A,B,C
#
loop_
_chem_comp.id
_chem_comp.type
_chem_comp.name
_chem_comp.formula
BMA D-saccharide, beta linking beta-D-mannopyranose 'C6 H12 O6'
NAG D-saccharide, beta linking 2-acetamido-2-deoxy-beta-D-glucopyranose 'C8 H15 N O6'
#
# COMPACT_ATOMS: atom_id res chain seq x y z
N VAL A 25 -12.04 -59.46 -16.85
CA VAL A 25 -11.37 -60.22 -15.79
C VAL A 25 -10.75 -59.24 -14.79
N ILE A 26 -10.85 -59.57 -13.50
CA ILE A 26 -10.37 -58.69 -12.45
C ILE A 26 -9.21 -59.30 -11.66
N GLY A 27 -9.03 -60.62 -11.68
CA GLY A 27 -7.95 -61.24 -10.95
C GLY A 27 -7.07 -62.11 -11.83
N ASP A 28 -6.40 -63.09 -11.22
CA ASP A 28 -5.59 -64.03 -11.99
C ASP A 28 -5.73 -65.45 -11.49
N PHE A 29 -6.63 -65.72 -10.55
CA PHE A 29 -6.84 -67.05 -10.01
C PHE A 29 -8.09 -67.67 -10.64
N ASN A 30 -7.98 -68.93 -11.03
CA ASN A 30 -9.09 -69.67 -11.62
C ASN A 30 -9.76 -70.50 -10.52
N CYS A 31 -10.84 -69.97 -9.96
CA CYS A 31 -11.53 -70.68 -8.89
C CYS A 31 -12.47 -71.76 -9.46
N THR A 32 -13.36 -71.37 -10.37
CA THR A 32 -14.29 -72.31 -10.97
C THR A 32 -14.71 -71.78 -12.33
N ASN A 33 -15.47 -72.61 -13.06
CA ASN A 33 -15.94 -72.24 -14.39
C ASN A 33 -17.39 -72.65 -14.61
N PHE A 34 -18.16 -72.78 -13.53
CA PHE A 34 -19.54 -73.22 -13.64
C PHE A 34 -20.46 -72.05 -13.97
N ALA A 35 -21.44 -72.32 -14.84
CA ALA A 35 -22.53 -71.39 -15.17
C ALA A 35 -21.99 -70.08 -15.77
N ILE A 36 -21.20 -70.22 -16.82
CA ILE A 36 -20.60 -69.08 -17.51
C ILE A 36 -21.01 -69.11 -18.98
N ASN A 37 -21.40 -67.96 -19.50
CA ASN A 37 -21.66 -67.79 -20.92
C ASN A 37 -20.88 -66.61 -21.46
N ASP A 38 -20.37 -66.75 -22.69
CA ASP A 38 -19.57 -65.70 -23.31
C ASP A 38 -19.92 -65.56 -24.78
N LEU A 39 -21.14 -65.88 -25.16
CA LEU A 39 -21.55 -65.88 -26.56
C LEU A 39 -22.08 -64.51 -27.00
N ASN A 40 -21.29 -63.48 -26.69
CA ASN A 40 -21.56 -62.08 -27.08
C ASN A 40 -22.94 -61.62 -26.63
N THR A 41 -23.31 -61.97 -25.39
CA THR A 41 -24.57 -61.52 -24.80
C THR A 41 -24.39 -60.05 -24.42
N THR A 42 -24.53 -59.18 -25.42
CA THR A 42 -24.17 -57.78 -25.30
C THR A 42 -25.40 -56.93 -25.01
N ILE A 43 -25.86 -57.01 -23.76
CA ILE A 43 -26.86 -56.06 -23.27
C ILE A 43 -26.32 -55.45 -21.97
N PRO A 44 -25.31 -54.54 -22.03
CA PRO A 44 -24.95 -53.80 -20.82
C PRO A 44 -25.68 -52.48 -20.71
N ARG A 45 -26.34 -52.23 -19.59
CA ARG A 45 -27.07 -50.99 -19.39
C ARG A 45 -26.55 -50.27 -18.16
N ILE A 46 -26.14 -49.02 -18.34
CA ILE A 46 -25.69 -48.17 -17.25
C ILE A 46 -26.71 -47.05 -17.12
N SER A 47 -27.41 -47.03 -15.99
CA SER A 47 -28.42 -46.01 -15.77
C SER A 47 -27.77 -44.72 -15.28
N GLU A 48 -28.44 -43.60 -15.57
CA GLU A 48 -27.95 -42.29 -15.19
C GLU A 48 -28.93 -41.61 -14.25
N TYR A 49 -28.41 -40.65 -13.50
CA TYR A 49 -29.19 -39.95 -12.48
C TYR A 49 -28.45 -38.65 -12.18
N VAL A 50 -29.15 -37.51 -12.32
CA VAL A 50 -28.51 -36.23 -12.13
C VAL A 50 -28.23 -36.00 -10.65
N VAL A 51 -27.12 -35.34 -10.35
CA VAL A 51 -26.66 -35.15 -8.99
C VAL A 51 -27.23 -33.86 -8.45
N ASP A 52 -28.01 -33.96 -7.38
CA ASP A 52 -28.65 -32.80 -6.74
C ASP A 52 -28.00 -32.60 -5.38
N VAL A 53 -27.10 -31.62 -5.30
CA VAL A 53 -26.38 -31.34 -4.06
C VAL A 53 -27.14 -30.38 -3.15
N SER A 54 -28.19 -29.73 -3.67
CA SER A 54 -28.87 -28.63 -3.00
C SER A 54 -29.63 -29.03 -1.73
N TYR A 55 -29.53 -30.28 -1.27
CA TYR A 55 -30.10 -30.68 0.00
C TYR A 55 -29.13 -31.43 0.90
N GLY A 56 -27.87 -31.57 0.49
CA GLY A 56 -26.88 -32.17 1.36
C GLY A 56 -26.23 -33.42 0.82
N LEU A 57 -26.53 -33.77 -0.43
CA LEU A 57 -25.94 -34.96 -1.03
C LEU A 57 -24.47 -34.73 -1.32
N GLY A 58 -23.63 -35.69 -0.91
CA GLY A 58 -22.21 -35.59 -1.15
C GLY A 58 -21.47 -34.66 -0.21
N THR A 59 -22.11 -34.21 0.87
CA THR A 59 -21.49 -33.34 1.85
C THR A 59 -21.18 -34.13 3.11
N TYR A 60 -20.03 -33.89 3.71
CA TYR A 60 -19.64 -34.58 4.93
C TYR A 60 -19.39 -33.59 6.05
N TYR A 61 -19.49 -34.09 7.28
CA TYR A 61 -19.22 -33.28 8.46
C TYR A 61 -17.72 -33.14 8.66
N ILE A 62 -17.30 -31.93 9.05
CA ILE A 62 -15.90 -31.69 9.33
C ILE A 62 -15.57 -32.35 10.67
N LEU A 63 -14.30 -32.76 10.83
CA LEU A 63 -13.93 -33.76 11.84
C LEU A 63 -14.18 -33.30 13.27
N ASP A 64 -14.01 -32.00 13.56
CA ASP A 64 -14.18 -31.55 14.94
C ASP A 64 -14.89 -30.21 15.05
N ARG A 65 -15.72 -29.85 14.09
CA ARG A 65 -16.32 -28.52 14.02
C ARG A 65 -17.82 -28.60 14.21
N VAL A 66 -18.35 -27.71 15.04
CA VAL A 66 -19.78 -27.48 15.14
C VAL A 66 -20.04 -26.07 14.62
N TYR A 67 -20.90 -25.95 13.62
CA TYR A 67 -21.36 -24.66 13.12
C TYR A 67 -22.86 -24.59 13.33
N LEU A 68 -23.33 -23.47 13.87
CA LEU A 68 -24.73 -23.31 14.23
C LEU A 68 -25.28 -22.05 13.58
N ASN A 69 -26.31 -22.21 12.75
CA ASN A 69 -27.08 -21.11 12.17
C ASN A 69 -26.21 -20.17 11.35
N THR A 70 -25.19 -20.70 10.68
CA THR A 70 -24.26 -19.91 9.90
C THR A 70 -24.06 -20.53 8.53
N THR A 71 -23.39 -19.77 7.66
CA THR A 71 -23.14 -20.19 6.28
C THR A 71 -21.64 -20.09 6.02
N ILE A 72 -21.03 -21.19 5.59
CA ILE A 72 -19.58 -21.32 5.54
C ILE A 72 -19.16 -21.78 4.15
N LEU A 73 -18.18 -21.08 3.57
CA LEU A 73 -17.53 -21.54 2.35
C LEU A 73 -16.42 -22.52 2.71
N PHE A 74 -16.51 -23.74 2.19
CA PHE A 74 -15.57 -24.79 2.54
C PHE A 74 -15.12 -25.52 1.28
N THR A 75 -13.84 -25.88 1.24
CA THR A 75 -13.27 -26.63 0.14
C THR A 75 -12.97 -28.05 0.59
N GLY A 76 -13.33 -29.03 -0.24
CA GLY A 76 -13.09 -30.40 0.12
C GLY A 76 -13.34 -31.32 -1.05
N TYR A 77 -13.06 -32.60 -0.83
CA TYR A 77 -13.31 -33.64 -1.83
C TYR A 77 -14.82 -33.83 -1.95
N PHE A 78 -15.41 -33.32 -3.02
CA PHE A 78 -16.84 -33.30 -3.19
C PHE A 78 -17.22 -33.79 -4.58
N PRO A 79 -18.41 -34.35 -4.74
CA PRO A 79 -18.90 -34.63 -6.09
C PRO A 79 -19.29 -33.34 -6.81
N LYS A 80 -19.28 -33.40 -8.13
CA LYS A 80 -19.59 -32.24 -8.95
C LYS A 80 -21.07 -32.20 -9.26
N SER A 81 -21.72 -31.08 -8.93
CA SER A 81 -23.13 -30.91 -9.23
C SER A 81 -23.35 -30.72 -10.72
N GLY A 82 -24.49 -31.21 -11.21
CA GLY A 82 -24.77 -31.20 -12.62
C GLY A 82 -24.20 -32.37 -13.39
N ALA A 83 -23.41 -33.22 -12.74
CA ALA A 83 -22.89 -34.43 -13.37
C ALA A 83 -23.94 -35.52 -13.27
N ASN A 84 -23.55 -36.76 -13.59
CA ASN A 84 -24.47 -37.87 -13.61
C ASN A 84 -23.99 -38.98 -12.68
N PHE A 85 -24.93 -39.67 -12.07
CA PHE A 85 -24.63 -40.87 -11.30
C PHE A 85 -24.43 -42.05 -12.25
N ARG A 86 -24.21 -43.23 -11.69
CA ARG A 86 -23.96 -44.41 -12.50
C ARG A 86 -24.37 -45.64 -11.71
N ASP A 87 -25.37 -46.37 -12.20
CA ASP A 87 -25.90 -47.53 -11.52
C ASP A 87 -25.08 -48.75 -11.93
N LEU A 88 -24.12 -49.13 -11.08
CA LEU A 88 -23.27 -50.29 -11.33
C LEU A 88 -23.75 -51.53 -10.60
N SER A 89 -24.97 -51.54 -10.10
CA SER A 89 -25.51 -52.68 -9.35
C SER A 89 -25.91 -53.77 -10.33
N LEU A 90 -25.01 -54.71 -10.57
CA LEU A 90 -25.33 -55.87 -11.40
C LEU A 90 -26.25 -56.82 -10.64
N LYS A 91 -26.87 -57.72 -11.39
CA LYS A 91 -27.81 -58.68 -10.82
C LYS A 91 -27.83 -59.92 -11.69
N GLY A 92 -27.74 -61.09 -11.06
CA GLY A 92 -27.79 -62.35 -11.77
C GLY A 92 -28.47 -63.41 -10.94
N THR A 93 -28.84 -64.50 -11.60
CA THR A 93 -29.47 -65.63 -10.93
C THR A 93 -28.57 -66.86 -10.95
N THR A 94 -28.16 -67.34 -12.12
CA THR A 94 -27.21 -68.42 -12.23
C THR A 94 -26.01 -68.08 -13.09
N LYS A 95 -26.23 -67.51 -14.28
CA LYS A 95 -25.18 -67.31 -15.24
C LYS A 95 -24.27 -66.15 -14.86
N LEU A 96 -22.98 -66.29 -15.17
CA LEU A 96 -22.01 -65.21 -15.03
C LEU A 96 -21.44 -64.91 -16.42
N SER A 97 -21.84 -63.79 -16.99
CA SER A 97 -21.34 -63.41 -18.30
C SER A 97 -19.91 -62.90 -18.21
N THR A 98 -19.20 -62.98 -19.33
CA THR A 98 -17.83 -62.47 -19.39
C THR A 98 -17.77 -60.97 -19.58
N LEU A 99 -18.89 -60.33 -19.90
CA LEU A 99 -18.93 -58.89 -20.10
C LEU A 99 -19.08 -58.11 -18.81
N TRP A 100 -19.22 -58.79 -17.67
CA TRP A 100 -19.37 -58.13 -16.39
C TRP A 100 -18.05 -57.75 -15.74
N TYR A 101 -16.92 -58.14 -16.33
CA TYR A 101 -15.62 -57.93 -15.69
C TYR A 101 -14.66 -57.20 -16.62
N GLN A 102 -15.19 -56.27 -17.42
CA GLN A 102 -14.36 -55.38 -18.22
C GLN A 102 -14.85 -53.94 -18.08
N LYS A 103 -14.27 -53.02 -18.84
CA LYS A 103 -14.77 -51.66 -18.89
C LYS A 103 -16.12 -51.63 -19.59
N PRO A 104 -17.03 -50.71 -19.21
CA PRO A 104 -16.88 -49.65 -18.20
C PRO A 104 -17.25 -50.08 -16.78
N PHE A 105 -17.49 -51.38 -16.58
CA PHE A 105 -17.80 -51.86 -15.23
C PHE A 105 -16.57 -51.78 -14.33
N LEU A 106 -15.42 -52.22 -14.82
CA LEU A 106 -14.16 -52.03 -14.10
C LEU A 106 -13.76 -50.57 -14.33
N SER A 107 -14.22 -49.71 -13.44
CA SER A 107 -14.23 -48.28 -13.66
C SER A 107 -12.93 -47.65 -13.19
N ASP A 108 -12.92 -46.31 -13.12
CA ASP A 108 -11.71 -45.54 -12.89
C ASP A 108 -11.76 -44.89 -11.51
N PHE A 109 -10.77 -45.20 -10.69
CA PHE A 109 -10.59 -44.59 -9.37
C PHE A 109 -9.35 -43.71 -9.48
N ASN A 110 -9.56 -42.45 -9.87
CA ASN A 110 -8.43 -41.54 -10.03
C ASN A 110 -8.16 -40.74 -8.76
N ASN A 111 -9.20 -40.17 -8.17
CA ASN A 111 -9.08 -39.36 -6.98
C ASN A 111 -10.01 -39.80 -5.86
N GLY A 112 -11.20 -40.25 -6.19
CA GLY A 112 -12.14 -40.72 -5.20
C GLY A 112 -13.55 -40.74 -5.75
N ILE A 113 -14.42 -41.45 -5.04
CA ILE A 113 -15.81 -41.64 -5.48
C ILE A 113 -16.75 -41.40 -4.32
N PHE A 114 -17.97 -40.99 -4.64
CA PHE A 114 -19.06 -40.85 -3.69
C PHE A 114 -20.15 -41.83 -4.08
N SER A 115 -20.54 -42.68 -3.13
CA SER A 115 -21.45 -43.78 -3.40
C SER A 115 -22.78 -43.57 -2.69
N ARG A 116 -23.87 -43.94 -3.38
CA ARG A 116 -25.22 -43.88 -2.83
C ARG A 116 -25.88 -45.22 -3.09
N VAL A 117 -26.23 -45.93 -2.01
CA VAL A 117 -26.61 -47.34 -2.09
C VAL A 117 -28.05 -47.50 -1.60
N LYS A 118 -28.84 -48.27 -2.34
CA LYS A 118 -30.15 -48.67 -1.87
C LYS A 118 -30.04 -49.88 -0.94
N ASN A 119 -30.85 -49.88 0.11
CA ASN A 119 -30.88 -50.96 1.08
C ASN A 119 -32.09 -51.83 0.78
N THR A 120 -31.84 -52.98 0.14
CA THR A 120 -32.90 -53.89 -0.25
C THR A 120 -33.38 -54.68 0.97
N LYS A 121 -34.68 -54.59 1.25
CA LYS A 121 -35.27 -55.28 2.39
C LYS A 121 -36.01 -56.52 1.88
N LEU A 122 -35.65 -57.68 2.40
CA LEU A 122 -36.31 -58.94 2.07
C LEU A 122 -37.15 -59.41 3.25
N TYR A 123 -38.40 -59.75 2.97
CA TYR A 123 -39.34 -60.20 4.00
C TYR A 123 -39.54 -61.71 3.84
N VAL A 124 -38.69 -62.48 4.51
CA VAL A 124 -38.77 -63.94 4.52
C VAL A 124 -39.22 -64.36 5.92
N ASN A 125 -40.35 -65.06 6.00
CA ASN A 125 -40.94 -65.55 7.25
C ASN A 125 -41.18 -64.40 8.24
N LYS A 126 -41.72 -63.29 7.74
CA LYS A 126 -42.04 -62.10 8.53
C LYS A 126 -40.81 -61.55 9.24
N THR A 127 -39.66 -61.60 8.57
CA THR A 127 -38.39 -61.16 9.15
C THR A 127 -37.68 -60.27 8.14
N LEU A 128 -37.17 -59.13 8.62
CA LEU A 128 -36.42 -58.23 7.76
C LEU A 128 -35.07 -58.83 7.40
N TYR A 129 -34.65 -58.63 6.16
CA TYR A 129 -33.33 -59.04 5.69
C TYR A 129 -32.79 -57.96 4.76
N SER A 130 -31.68 -57.35 5.17
CA SER A 130 -31.04 -56.28 4.39
C SER A 130 -29.78 -56.82 3.73
N GLU A 131 -29.62 -56.54 2.44
CA GLU A 131 -28.46 -56.97 1.69
C GLU A 131 -28.31 -56.09 0.46
N PHE A 132 -27.06 -55.76 0.13
CA PHE A 132 -26.76 -55.02 -1.09
C PHE A 132 -25.36 -55.39 -1.54
N SER A 133 -24.83 -54.64 -2.49
CA SER A 133 -23.66 -55.04 -3.25
C SER A 133 -22.38 -54.90 -2.42
N THR A 134 -21.32 -55.53 -2.93
CA THR A 134 -20.01 -55.55 -2.30
C THR A 134 -19.01 -54.88 -3.24
N ILE A 135 -18.29 -53.90 -2.73
CA ILE A 135 -17.38 -53.06 -3.53
C ILE A 135 -15.95 -53.40 -3.14
N VAL A 136 -15.10 -53.60 -4.14
CA VAL A 136 -13.67 -53.81 -3.95
C VAL A 136 -12.92 -52.62 -4.53
N ILE A 137 -11.82 -52.24 -3.88
CA ILE A 137 -11.01 -51.11 -4.30
C ILE A 137 -9.55 -51.56 -4.29
N GLY A 138 -8.86 -51.36 -5.40
CA GLY A 138 -7.46 -51.73 -5.47
C GLY A 138 -6.79 -51.17 -6.70
N SER A 139 -5.63 -51.74 -7.02
CA SER A 139 -4.89 -51.35 -8.22
C SER A 139 -4.79 -52.50 -9.21
N VAL A 140 -4.28 -53.66 -8.80
CA VAL A 140 -4.08 -54.79 -9.69
C VAL A 140 -4.92 -55.99 -9.29
N PHE A 141 -5.28 -56.11 -8.01
CA PHE A 141 -6.04 -57.24 -7.43
C PHE A 141 -5.26 -58.55 -7.56
N ILE A 142 -4.05 -58.53 -7.01
CA ILE A 142 -3.25 -59.74 -6.80
C ILE A 142 -2.78 -59.75 -5.36
N ASN A 143 -2.12 -60.84 -4.96
CA ASN A 143 -1.78 -61.06 -3.56
C ASN A 143 -0.43 -60.48 -3.16
N ASN A 144 0.09 -59.52 -3.92
CA ASN A 144 1.22 -58.71 -3.45
C ASN A 144 0.90 -57.22 -3.52
N SER A 145 -0.36 -56.86 -3.76
CA SER A 145 -0.85 -55.50 -3.67
C SER A 145 -2.15 -55.49 -2.87
N TYR A 146 -2.33 -54.45 -2.06
CA TYR A 146 -3.47 -54.41 -1.14
C TYR A 146 -4.76 -54.12 -1.88
N THR A 147 -5.87 -54.57 -1.30
CA THR A 147 -7.19 -54.41 -1.91
C THR A 147 -8.21 -54.17 -0.80
N ILE A 148 -8.86 -53.01 -0.82
CA ILE A 148 -9.85 -52.66 0.18
C ILE A 148 -11.18 -53.26 -0.21
N VAL A 149 -11.75 -54.07 0.67
CA VAL A 149 -13.01 -54.78 0.44
C VAL A 149 -14.03 -54.31 1.47
N VAL A 150 -15.23 -53.98 1.01
CA VAL A 150 -16.34 -53.63 1.88
C VAL A 150 -17.48 -54.61 1.60
N GLN A 151 -17.93 -55.32 2.63
CA GLN A 151 -18.94 -56.34 2.43
C GLN A 151 -19.89 -56.43 3.62
N PRO A 152 -21.18 -56.19 3.42
CA PRO A 152 -22.14 -56.26 4.53
C PRO A 152 -22.51 -57.69 4.88
N HIS A 153 -22.91 -57.87 6.15
CA HIS A 153 -23.49 -59.13 6.62
C HIS A 153 -24.66 -58.83 7.54
N ASN A 154 -25.85 -58.67 6.96
CA ASN A 154 -27.12 -58.53 7.68
C ASN A 154 -27.09 -57.38 8.68
N GLY A 155 -26.50 -56.26 8.28
CA GLY A 155 -26.41 -55.08 9.12
C GLY A 155 -25.06 -54.83 9.75
N VAL A 156 -24.03 -55.61 9.42
CA VAL A 156 -22.68 -55.40 9.92
C VAL A 156 -21.77 -55.17 8.73
N LEU A 157 -21.10 -54.03 8.69
CA LEU A 157 -20.29 -53.63 7.55
C LEU A 157 -18.85 -54.10 7.78
N GLU A 158 -18.45 -55.14 7.07
CA GLU A 158 -17.07 -55.62 7.14
C GLU A 158 -16.22 -54.82 6.17
N ILE A 159 -15.24 -54.09 6.69
CA ILE A 159 -14.31 -53.32 5.89
C ILE A 159 -12.92 -53.88 6.15
N THR A 160 -12.43 -54.71 5.23
CA THR A 160 -11.11 -55.32 5.34
C THR A 160 -10.25 -54.88 4.17
N ALA A 161 -8.94 -54.91 4.37
CA ALA A 161 -8.00 -54.47 3.33
C ALA A 161 -6.74 -55.32 3.45
N CYS A 162 -6.68 -56.39 2.66
CA CYS A 162 -5.53 -57.29 2.65
C CYS A 162 -5.19 -57.68 1.23
N GLN A 163 -4.15 -58.50 1.08
CA GLN A 163 -3.70 -58.97 -0.22
C GLN A 163 -4.54 -60.19 -0.62
N TYR A 164 -5.78 -59.91 -1.02
CA TYR A 164 -6.73 -60.95 -1.36
C TYR A 164 -6.39 -61.56 -2.71
N THR A 165 -6.39 -62.90 -2.77
CA THR A 165 -6.22 -63.62 -4.03
C THR A 165 -7.57 -63.69 -4.71
N MET A 166 -7.91 -62.62 -5.42
CA MET A 166 -9.18 -62.53 -6.13
C MET A 166 -9.26 -63.60 -7.23
N CYS A 167 -10.43 -64.18 -7.39
CA CYS A 167 -10.65 -65.07 -8.52
C CYS A 167 -10.76 -64.24 -9.80
N GLU A 168 -10.57 -64.92 -10.93
CA GLU A 168 -10.70 -64.25 -12.22
C GLU A 168 -12.11 -63.75 -12.44
N TYR A 169 -13.11 -64.53 -12.05
CA TYR A 169 -14.52 -64.15 -12.16
C TYR A 169 -15.12 -64.13 -10.78
N PRO A 170 -15.25 -62.95 -10.15
CA PRO A 170 -15.76 -62.89 -8.78
C PRO A 170 -17.25 -63.16 -8.71
N HIS A 171 -17.74 -63.29 -7.48
CA HIS A 171 -19.10 -63.72 -7.23
C HIS A 171 -19.52 -63.31 -5.83
N THR A 172 -20.81 -63.03 -5.68
CA THR A 172 -21.40 -62.71 -4.37
C THR A 172 -22.78 -63.34 -4.32
N ILE A 173 -23.17 -63.84 -3.15
CA ILE A 173 -24.43 -64.56 -3.02
C ILE A 173 -25.36 -63.86 -2.05
N CYS A 174 -26.53 -64.48 -1.84
CA CYS A 174 -27.62 -63.93 -1.04
C CYS A 174 -27.78 -64.80 0.20
N LYS A 175 -27.68 -64.20 1.38
CA LYS A 175 -27.77 -64.98 2.61
C LYS A 175 -29.20 -65.36 2.94
N SER A 176 -30.17 -64.49 2.62
CA SER A 176 -31.56 -64.77 2.96
C SER A 176 -32.14 -65.87 2.07
N ILE A 177 -31.77 -65.88 0.80
CA ILE A 177 -32.26 -66.89 -0.15
C ILE A 177 -31.04 -67.53 -0.81
N GLY A 178 -30.89 -68.85 -0.64
CA GLY A 178 -29.77 -69.56 -1.22
C GLY A 178 -29.86 -69.58 -2.74
N SER A 179 -28.78 -69.16 -3.39
CA SER A 179 -28.72 -69.14 -4.85
C SER A 179 -28.17 -70.47 -5.35
N SER A 180 -27.93 -70.55 -6.66
CA SER A 180 -27.46 -71.79 -7.27
C SER A 180 -25.97 -72.04 -7.06
N ARG A 181 -25.21 -71.04 -6.60
CA ARG A 181 -23.77 -71.18 -6.40
C ARG A 181 -23.40 -70.62 -5.02
N ASN A 182 -22.19 -70.96 -4.59
CA ASN A 182 -21.65 -70.46 -3.34
C ASN A 182 -20.89 -69.15 -3.57
N GLU A 183 -20.59 -68.46 -2.48
CA GLU A 183 -19.81 -67.23 -2.56
C GLU A 183 -18.36 -67.57 -2.85
N SER A 184 -17.79 -66.90 -3.86
CA SER A 184 -16.42 -67.19 -4.27
C SER A 184 -15.84 -65.92 -4.88
N TRP A 185 -15.04 -65.20 -4.10
CA TRP A 185 -14.28 -64.08 -4.63
C TRP A 185 -12.86 -64.00 -4.10
N HIS A 186 -12.42 -64.94 -3.26
CA HIS A 186 -11.04 -64.99 -2.81
C HIS A 186 -10.69 -66.42 -2.41
N PHE A 187 -9.42 -66.76 -2.59
CA PHE A 187 -8.95 -68.11 -2.28
C PHE A 187 -7.86 -68.00 -1.21
N ASP A 188 -8.16 -67.28 -0.13
CA ASP A 188 -7.25 -67.20 1.00
C ASP A 188 -7.63 -68.30 1.98
N LYS A 189 -6.96 -69.45 1.84
CA LYS A 189 -7.18 -70.54 2.78
C LYS A 189 -6.64 -70.21 4.16
N SER A 190 -5.60 -69.39 4.23
CA SER A 190 -5.12 -68.79 5.47
C SER A 190 -5.23 -67.29 5.34
N GLU A 191 -5.44 -66.62 6.46
CA GLU A 191 -5.64 -65.17 6.45
C GLU A 191 -4.33 -64.46 6.12
N PRO A 192 -4.27 -63.68 5.05
CA PRO A 192 -3.01 -62.99 4.71
C PRO A 192 -2.66 -61.91 5.71
N LEU A 193 -1.37 -61.70 5.90
CA LEU A 193 -0.91 -60.63 6.77
C LEU A 193 -1.25 -59.27 6.15
N CYS A 194 -1.85 -58.40 6.94
CA CYS A 194 -2.37 -57.14 6.42
C CYS A 194 -2.55 -56.16 7.57
N LEU A 195 -3.26 -55.06 7.30
CA LEU A 195 -3.26 -53.89 8.17
C LEU A 195 -4.62 -53.65 8.83
N PHE A 196 -5.68 -53.51 8.05
CA PHE A 196 -6.97 -53.06 8.56
C PHE A 196 -8.00 -54.16 8.49
N LYS A 197 -8.72 -54.36 9.60
CA LYS A 197 -9.83 -55.31 9.65
C LYS A 197 -10.72 -54.91 10.82
N LYS A 198 -11.97 -54.59 10.55
CA LYS A 198 -12.86 -54.07 11.58
C LYS A 198 -14.30 -54.31 11.19
N ASN A 199 -15.17 -54.26 12.19
CA ASN A 199 -16.62 -54.29 12.02
C ASN A 199 -17.26 -52.97 12.41
N PHE A 200 -18.32 -52.61 11.69
CA PHE A 200 -19.13 -51.45 11.99
C PHE A 200 -20.60 -51.84 11.89
N THR A 201 -21.43 -51.23 12.73
CA THR A 201 -22.85 -51.51 12.75
C THR A 201 -23.64 -50.26 12.37
N TYR A 202 -24.89 -50.46 12.00
CA TYR A 202 -25.75 -49.35 11.58
C TYR A 202 -27.21 -49.75 11.76
N ASN A 203 -28.07 -48.76 11.61
CA ASN A 203 -29.52 -48.98 11.64
C ASN A 203 -29.91 -49.77 10.40
N VAL A 204 -30.20 -51.06 10.59
CA VAL A 204 -30.43 -51.97 9.46
C VAL A 204 -31.72 -51.65 8.72
N SER A 205 -32.64 -50.93 9.34
CA SER A 205 -33.91 -50.55 8.70
C SER A 205 -33.82 -49.13 8.14
N THR A 206 -32.93 -48.94 7.18
CA THR A 206 -32.78 -47.67 6.49
C THR A 206 -33.04 -47.85 5.00
N ASP A 207 -33.23 -46.72 4.31
CA ASP A 207 -33.56 -46.74 2.89
C ASP A 207 -32.36 -46.49 1.99
N TRP A 208 -31.52 -45.53 2.33
CA TRP A 208 -30.36 -45.20 1.51
C TRP A 208 -29.14 -44.94 2.39
N LEU A 209 -28.00 -45.48 1.96
CA LEU A 209 -26.72 -45.27 2.64
C LEU A 209 -25.80 -44.49 1.72
N TYR A 210 -24.98 -43.61 2.30
CA TYR A 210 -24.10 -42.73 1.56
C TYR A 210 -22.67 -42.95 2.01
N PHE A 211 -21.77 -43.12 1.05
CA PHE A 211 -20.37 -43.48 1.31
C PHE A 211 -19.46 -42.49 0.59
N HIS A 212 -18.49 -41.95 1.31
CA HIS A 212 -17.40 -41.18 0.72
C HIS A 212 -16.12 -42.01 0.77
N PHE A 213 -15.45 -42.13 -0.36
CA PHE A 213 -14.17 -42.80 -0.44
C PHE A 213 -13.22 -41.95 -1.27
N TYR A 214 -12.09 -41.57 -0.69
CA TYR A 214 -11.10 -40.80 -1.43
C TYR A 214 -9.73 -41.05 -0.81
N GLN A 215 -8.69 -40.69 -1.57
CA GLN A 215 -7.31 -40.86 -1.13
C GLN A 215 -6.57 -39.55 -1.27
N GLU A 216 -5.54 -39.39 -0.43
CA GLU A 216 -4.77 -38.15 -0.41
C GLU A 216 -3.41 -38.44 0.21
N ARG A 217 -2.35 -38.25 -0.59
CA ARG A 217 -0.96 -38.38 -0.15
C ARG A 217 -0.66 -39.76 0.44
N GLY A 218 -1.21 -40.80 -0.19
CA GLY A 218 -0.92 -42.16 0.20
C GLY A 218 -1.76 -42.70 1.35
N THR A 219 -2.73 -41.95 1.83
CA THR A 219 -3.62 -42.41 2.90
C THR A 219 -5.03 -42.52 2.36
N PHE A 220 -5.67 -43.65 2.62
CA PHE A 220 -7.03 -43.91 2.15
C PHE A 220 -8.03 -43.50 3.21
N TYR A 221 -8.98 -42.65 2.82
CA TYR A 221 -9.99 -42.14 3.73
C TYR A 221 -11.35 -42.74 3.40
N ALA A 222 -12.26 -42.68 4.38
CA ALA A 222 -13.59 -43.23 4.20
C ALA A 222 -14.54 -42.55 5.18
N TYR A 223 -15.65 -42.04 4.65
CA TYR A 223 -16.71 -41.43 5.45
C TYR A 223 -17.98 -42.25 5.24
N TYR A 224 -18.89 -42.18 6.21
CA TYR A 224 -20.05 -43.05 6.17
C TYR A 224 -21.27 -42.33 6.75
N ALA A 225 -22.44 -42.63 6.21
CA ALA A 225 -23.69 -42.12 6.74
C ALA A 225 -24.81 -43.11 6.44
N ASP A 226 -25.71 -43.29 7.40
CA ASP A 226 -26.88 -44.13 7.21
C ASP A 226 -28.19 -43.36 7.38
N SER A 227 -28.31 -42.53 8.41
CA SER A 227 -29.49 -41.71 8.63
C SER A 227 -29.14 -40.27 8.29
N GLY A 228 -29.89 -39.69 7.37
CA GLY A 228 -29.54 -38.35 6.91
C GLY A 228 -28.51 -38.37 5.79
N MET A 229 -28.66 -37.43 4.88
CA MET A 229 -27.79 -37.33 3.71
C MET A 229 -26.40 -36.75 3.98
N PRO A 230 -26.19 -35.80 4.92
CA PRO A 230 -24.81 -35.46 5.28
C PRO A 230 -24.08 -36.64 5.92
N THR A 231 -22.76 -36.63 5.76
CA THR A 231 -21.90 -37.76 6.04
C THR A 231 -20.97 -37.45 7.21
N THR A 232 -20.56 -38.48 7.95
CA THR A 232 -19.63 -38.31 9.05
C THR A 232 -18.43 -39.24 8.88
N PHE A 233 -17.36 -38.93 9.62
CA PHE A 233 -16.10 -39.64 9.48
C PHE A 233 -16.21 -41.07 10.00
N LEU A 234 -15.51 -41.98 9.32
CA LEU A 234 -15.49 -43.38 9.74
C LEU A 234 -14.10 -43.84 10.17
N PHE A 235 -13.10 -43.77 9.29
CA PHE A 235 -11.74 -44.19 9.61
C PHE A 235 -10.80 -43.64 8.56
N SER A 236 -9.52 -43.97 8.69
CA SER A 236 -8.49 -43.52 7.76
C SER A 236 -7.32 -44.50 7.82
N LEU A 237 -6.95 -45.06 6.68
CA LEU A 237 -5.93 -46.09 6.61
C LEU A 237 -4.81 -45.66 5.68
N TYR A 238 -3.57 -45.92 6.08
CA TYR A 238 -2.39 -45.61 5.30
C TYR A 238 -1.94 -46.84 4.52
N LEU A 239 -1.61 -46.65 3.25
CA LEU A 239 -1.20 -47.75 2.38
C LEU A 239 0.19 -47.56 1.79
N GLY A 240 0.56 -46.34 1.41
CA GLY A 240 1.84 -46.08 0.80
C GLY A 240 1.83 -46.08 -0.71
N THR A 241 0.75 -46.55 -1.34
CA THR A 241 0.64 -46.54 -2.79
C THR A 241 -0.65 -45.85 -3.21
N LEU A 242 -0.99 -45.93 -4.49
CA LEU A 242 -2.18 -45.28 -5.02
C LEU A 242 -3.23 -46.32 -5.39
N LEU A 243 -4.48 -45.87 -5.45
CA LEU A 243 -5.61 -46.68 -5.87
C LEU A 243 -5.98 -46.32 -7.30
N SER A 244 -6.27 -47.34 -8.10
CA SER A 244 -6.46 -47.15 -9.54
C SER A 244 -7.86 -47.51 -10.00
N HIS A 245 -8.36 -48.69 -9.62
CA HIS A 245 -9.64 -49.17 -10.16
C HIS A 245 -10.49 -49.74 -9.04
N TYR A 246 -11.79 -49.48 -9.13
CA TYR A 246 -12.78 -50.05 -8.23
C TYR A 246 -13.85 -50.75 -9.07
N TYR A 247 -14.51 -51.73 -8.46
CA TYR A 247 -15.52 -52.50 -9.18
C TYR A 247 -16.59 -52.97 -8.21
N VAL A 248 -17.84 -52.74 -8.57
CA VAL A 248 -18.97 -53.22 -7.78
C VAL A 248 -19.26 -54.66 -8.20
N LEU A 249 -19.18 -55.58 -7.25
CA LEU A 249 -19.33 -56.99 -7.57
C LEU A 249 -20.79 -57.32 -7.88
N PRO A 250 -21.04 -58.22 -8.83
CA PRO A 250 -22.41 -58.67 -9.07
C PRO A 250 -22.94 -59.51 -7.92
N LEU A 251 -24.24 -59.41 -7.70
CA LEU A 251 -24.92 -60.13 -6.62
C LEU A 251 -25.87 -61.16 -7.22
N THR A 252 -25.98 -62.31 -6.56
CA THR A 252 -26.84 -63.40 -7.02
C THR A 252 -27.85 -63.71 -5.92
N CYS A 253 -29.12 -63.42 -6.19
CA CYS A 253 -30.22 -63.75 -5.29
C CYS A 253 -31.43 -64.13 -6.13
N ASN A 254 -32.33 -64.90 -5.53
CA ASN A 254 -33.48 -65.45 -6.25
C ASN A 254 -34.80 -64.77 -5.92
N ALA A 255 -34.93 -64.18 -4.74
CA ALA A 255 -36.15 -63.48 -4.37
C ALA A 255 -36.16 -62.03 -4.82
N ILE A 256 -35.08 -61.56 -5.46
CA ILE A 256 -34.99 -60.17 -5.88
C ILE A 256 -35.47 -60.01 -7.32
N SER A 257 -35.00 -60.85 -8.23
CA SER A 257 -35.40 -60.80 -9.63
C SER A 257 -36.49 -61.82 -9.97
N SER A 258 -37.35 -62.13 -9.00
CA SER A 258 -38.43 -63.09 -9.19
C SER A 258 -39.54 -62.42 -9.99
N ASN A 259 -39.46 -62.56 -11.32
CA ASN A 259 -40.40 -62.00 -12.30
C ASN A 259 -40.49 -60.48 -12.24
N THR A 260 -39.44 -59.83 -11.72
CA THR A 260 -39.27 -58.37 -11.62
C THR A 260 -40.37 -57.68 -10.81
N ASP A 261 -41.24 -58.42 -10.13
CA ASP A 261 -42.24 -57.79 -9.28
C ASP A 261 -41.65 -57.31 -7.96
N ASN A 262 -40.57 -57.94 -7.52
CA ASN A 262 -39.95 -57.58 -6.24
C ASN A 262 -38.98 -56.43 -6.45
N GLU A 263 -38.19 -56.12 -5.43
CA GLU A 263 -37.30 -54.97 -5.44
C GLU A 263 -36.07 -55.25 -6.30
N THR A 264 -35.17 -54.27 -6.37
CA THR A 264 -33.97 -54.35 -7.19
C THR A 264 -32.80 -53.81 -6.39
N LEU A 265 -31.67 -53.62 -7.07
CA LEU A 265 -30.46 -53.09 -6.46
C LEU A 265 -30.08 -51.78 -7.14
N GLN A 266 -29.71 -50.78 -6.34
CA GLN A 266 -29.30 -49.48 -6.85
C GLN A 266 -27.99 -49.09 -6.17
N TYR A 267 -26.89 -49.15 -6.91
CA TYR A 267 -25.58 -48.73 -6.44
C TYR A 267 -25.10 -47.59 -7.33
N TRP A 268 -25.24 -46.36 -6.85
CA TRP A 268 -24.97 -45.17 -7.64
C TRP A 268 -23.64 -44.56 -7.23
N VAL A 269 -22.77 -44.33 -8.22
CA VAL A 269 -21.40 -43.86 -7.98
C VAL A 269 -21.15 -42.62 -8.84
N THR A 270 -20.47 -41.64 -8.25
CA THR A 270 -20.00 -40.46 -8.97
C THR A 270 -18.57 -40.15 -8.54
N PRO A 271 -17.74 -39.62 -9.44
CA PRO A 271 -16.38 -39.25 -9.06
C PRO A 271 -16.33 -38.01 -8.18
N LEU A 272 -15.23 -37.87 -7.46
CA LEU A 272 -15.01 -36.79 -6.51
C LEU A 272 -14.04 -35.75 -7.08
N SER A 273 -14.18 -34.52 -6.61
CA SER A 273 -13.30 -33.44 -7.02
C SER A 273 -13.11 -32.48 -5.87
N LYS A 274 -12.05 -31.67 -5.94
CA LYS A 274 -11.73 -30.70 -4.91
C LYS A 274 -12.25 -29.34 -5.35
N ARG A 275 -13.47 -29.03 -4.96
CA ARG A 275 -14.12 -27.78 -5.33
C ARG A 275 -14.76 -27.13 -4.11
N GLN A 276 -14.84 -25.81 -4.16
CA GLN A 276 -15.37 -25.05 -3.02
C GLN A 276 -16.88 -25.24 -2.91
N TYR A 277 -17.35 -25.49 -1.69
CA TYR A 277 -18.77 -25.65 -1.42
C TYR A 277 -19.24 -24.59 -0.44
N LEU A 278 -20.50 -24.19 -0.60
CA LEU A 278 -21.19 -23.33 0.35
C LEU A 278 -22.17 -24.18 1.14
N LEU A 279 -22.08 -24.13 2.46
CA LEU A 279 -22.86 -25.00 3.32
C LEU A 279 -23.73 -24.18 4.27
N LYS A 280 -24.89 -24.72 4.61
CA LYS A 280 -25.82 -24.10 5.54
C LYS A 280 -26.06 -25.02 6.72
N PHE A 281 -26.07 -24.46 7.91
CA PHE A 281 -26.28 -25.20 9.15
C PHE A 281 -27.51 -24.65 9.86
N ASP A 282 -28.30 -25.55 10.45
CA ASP A 282 -29.45 -25.14 11.22
C ASP A 282 -29.05 -25.02 12.69
N ASP A 283 -30.05 -24.89 13.58
CA ASP A 283 -29.76 -24.72 15.00
C ASP A 283 -29.26 -25.99 15.66
N ARG A 284 -29.45 -27.15 15.04
CA ARG A 284 -28.97 -28.42 15.58
C ARG A 284 -27.60 -28.80 15.04
N GLY A 285 -27.04 -28.02 14.13
CA GLY A 285 -25.75 -28.35 13.55
C GLY A 285 -25.80 -29.31 12.38
N VAL A 286 -26.97 -29.49 11.78
CA VAL A 286 -27.16 -30.44 10.68
C VAL A 286 -27.08 -29.66 9.37
N ILE A 287 -26.33 -30.20 8.41
CA ILE A 287 -26.21 -29.56 7.10
C ILE A 287 -27.52 -29.74 6.35
N THR A 288 -28.17 -28.63 6.02
CA THR A 288 -29.45 -28.67 5.32
C THR A 288 -29.34 -28.43 3.83
N ASN A 289 -28.42 -27.59 3.38
CA ASN A 289 -28.31 -27.24 1.97
C ASN A 289 -26.83 -27.15 1.59
N ALA A 290 -26.58 -27.25 0.30
CA ALA A 290 -25.23 -27.14 -0.23
C ALA A 290 -25.28 -26.53 -1.64
N VAL A 291 -24.24 -25.77 -1.97
CA VAL A 291 -24.12 -25.13 -3.28
C VAL A 291 -22.78 -25.52 -3.90
N ASP A 292 -22.77 -25.75 -5.21
CA ASP A 292 -21.58 -26.23 -5.88
C ASP A 292 -20.52 -25.15 -6.06
N CYS A 293 -20.96 -23.88 -6.16
CA CYS A 293 -20.12 -22.67 -6.32
C CYS A 293 -19.40 -22.60 -7.66
N SER A 294 -19.53 -23.62 -8.50
CA SER A 294 -18.93 -23.61 -9.82
C SER A 294 -19.76 -24.30 -10.89
N SER A 295 -20.97 -24.78 -10.55
CA SER A 295 -21.78 -25.50 -11.53
C SER A 295 -22.34 -24.56 -12.60
N SER A 296 -22.91 -23.44 -12.18
CA SER A 296 -23.62 -22.56 -13.09
C SER A 296 -23.48 -21.13 -12.60
N PHE A 297 -24.09 -20.21 -13.35
CA PHE A 297 -24.05 -18.80 -12.97
C PHE A 297 -24.85 -18.54 -11.70
N PHE A 298 -25.99 -19.22 -11.55
CA PHE A 298 -26.83 -19.02 -10.36
C PHE A 298 -26.12 -19.48 -9.10
N SER A 299 -25.40 -20.60 -9.18
CA SER A 299 -24.63 -21.06 -8.03
C SER A 299 -23.51 -20.09 -7.68
N GLU A 300 -22.88 -19.48 -8.70
CA GLU A 300 -21.83 -18.50 -8.45
C GLU A 300 -22.40 -17.24 -7.79
N ILE A 301 -23.61 -16.84 -8.20
CA ILE A 301 -24.29 -15.72 -7.54
C ILE A 301 -24.59 -16.07 -6.09
N GLN A 302 -25.06 -17.29 -5.84
CA GLN A 302 -25.35 -17.72 -4.48
C GLN A 302 -24.11 -17.75 -3.60
N CYS A 303 -22.98 -18.18 -4.17
CA CYS A 303 -21.74 -18.26 -3.39
C CYS A 303 -21.10 -16.90 -3.18
N LYS A 304 -21.24 -15.98 -4.14
CA LYS A 304 -20.78 -14.61 -3.90
C LYS A 304 -21.64 -13.93 -2.85
N THR A 305 -22.96 -14.15 -2.90
CA THR A 305 -23.88 -13.52 -1.96
C THR A 305 -23.81 -14.18 -0.58
N LYS A 306 -23.26 -15.39 -0.50
CA LYS A 306 -23.19 -16.22 0.72
C LYS A 306 -24.59 -16.52 1.26
N SER A 307 -25.58 -16.58 0.36
CA SER A 307 -26.95 -16.89 0.72
C SER A 307 -27.52 -17.82 -0.34
N LEU A 308 -28.75 -18.27 -0.12
CA LEU A 308 -29.45 -19.12 -1.06
C LEU A 308 -30.54 -18.41 -1.85
N LEU A 309 -31.11 -17.34 -1.31
CA LEU A 309 -32.13 -16.55 -1.99
C LEU A 309 -31.67 -15.10 -2.00
N PRO A 310 -30.81 -14.73 -2.94
CA PRO A 310 -30.33 -13.35 -3.00
C PRO A 310 -31.43 -12.39 -3.42
N ASN A 311 -31.26 -11.12 -3.05
CA ASN A 311 -32.24 -10.11 -3.39
C ASN A 311 -32.21 -9.81 -4.88
N THR A 312 -33.28 -9.18 -5.36
CA THR A 312 -33.42 -8.87 -6.76
C THR A 312 -32.39 -7.81 -7.16
N GLY A 313 -31.59 -8.13 -8.18
CA GLY A 313 -30.56 -7.20 -8.63
C GLY A 313 -29.81 -7.79 -9.81
N VAL A 314 -28.87 -7.00 -10.30
CA VAL A 314 -28.05 -7.37 -11.45
C VAL A 314 -26.66 -7.70 -10.94
N TYR A 315 -26.15 -8.87 -11.33
CA TYR A 315 -24.85 -9.36 -10.87
C TYR A 315 -23.93 -9.55 -12.07
N ASP A 316 -22.69 -9.12 -11.92
CA ASP A 316 -21.67 -9.29 -12.95
C ASP A 316 -20.78 -10.47 -12.56
N LEU A 317 -20.63 -11.42 -13.48
CA LEU A 317 -19.88 -12.64 -13.24
C LEU A 317 -18.66 -12.66 -14.15
N SER A 318 -17.49 -12.78 -13.55
CA SER A 318 -16.24 -12.77 -14.30
C SER A 318 -15.80 -14.21 -14.57
N GLY A 319 -14.59 -14.36 -15.08
CA GLY A 319 -14.09 -15.67 -15.46
C GLY A 319 -14.74 -16.17 -16.74
N PHE A 320 -14.62 -15.39 -17.80
CA PHE A 320 -15.28 -15.66 -19.07
C PHE A 320 -14.28 -15.49 -20.22
N THR A 321 -13.12 -16.10 -20.08
CA THR A 321 -12.16 -16.16 -21.18
C THR A 321 -12.48 -17.37 -22.04
N VAL A 322 -12.51 -17.17 -23.36
CA VAL A 322 -12.89 -18.24 -24.27
C VAL A 322 -11.81 -19.31 -24.30
N LYS A 323 -12.23 -20.57 -24.21
CA LYS A 323 -11.29 -21.67 -24.18
C LYS A 323 -10.69 -21.87 -25.58
N PRO A 324 -9.41 -22.20 -25.67
CA PRO A 324 -8.81 -22.49 -26.99
C PRO A 324 -9.36 -23.77 -27.58
N VAL A 325 -9.42 -23.81 -28.91
CA VAL A 325 -9.95 -24.96 -29.61
C VAL A 325 -8.87 -25.85 -30.23
N ALA A 326 -7.66 -25.35 -30.38
CA ALA A 326 -6.57 -26.12 -30.96
C ALA A 326 -5.25 -25.57 -30.46
N THR A 327 -4.16 -26.19 -30.89
CA THR A 327 -2.81 -25.78 -30.51
C THR A 327 -1.93 -25.75 -31.75
N VAL A 328 -1.13 -24.70 -31.88
CA VAL A 328 -0.16 -24.57 -32.97
C VAL A 328 1.23 -24.54 -32.36
N HIS A 329 2.12 -25.39 -32.88
CA HIS A 329 3.46 -25.57 -32.35
C HIS A 329 4.44 -25.48 -33.51
N ARG A 330 5.26 -24.44 -33.52
CA ARG A 330 6.17 -24.17 -34.62
C ARG A 330 7.61 -24.35 -34.18
N ARG A 331 8.35 -25.19 -34.90
CA ARG A 331 9.77 -25.39 -34.66
C ARG A 331 10.51 -25.28 -35.98
N ILE A 332 11.75 -24.86 -35.91
CA ILE A 332 12.64 -24.88 -37.08
C ILE A 332 12.91 -26.33 -37.45
N PRO A 333 12.97 -26.69 -38.75
CA PRO A 333 13.23 -28.08 -39.12
C PRO A 333 14.63 -28.56 -38.77
N ASP A 334 14.95 -29.79 -39.18
CA ASP A 334 16.06 -30.59 -38.66
C ASP A 334 17.40 -29.87 -38.62
N LEU A 335 17.87 -29.60 -37.41
CA LEU A 335 19.13 -29.00 -37.04
C LEU A 335 20.07 -30.06 -36.49
N PRO A 336 21.38 -29.90 -36.64
CA PRO A 336 22.31 -30.92 -36.15
C PRO A 336 22.33 -30.99 -34.63
N ASP A 337 22.83 -32.11 -34.13
CA ASP A 337 22.93 -32.30 -32.69
C ASP A 337 24.01 -31.40 -32.10
N CYS A 338 23.76 -30.93 -30.88
CA CYS A 338 24.71 -30.04 -30.23
C CYS A 338 25.97 -30.77 -29.77
N ASP A 339 25.83 -32.04 -29.37
CA ASP A 339 26.89 -32.83 -28.75
C ASP A 339 27.49 -32.11 -27.54
N ILE A 340 26.61 -31.70 -26.62
CA ILE A 340 27.07 -31.13 -25.36
C ILE A 340 27.80 -32.19 -24.54
N ASP A 341 27.36 -33.46 -24.63
CA ASP A 341 28.04 -34.54 -23.91
C ASP A 341 29.45 -34.74 -24.45
N LYS A 342 29.65 -34.59 -25.75
CA LYS A 342 30.96 -34.83 -26.35
C LYS A 342 31.96 -33.74 -26.01
N TRP A 343 31.50 -32.54 -25.66
CA TRP A 343 32.39 -31.48 -25.23
C TRP A 343 32.57 -31.47 -23.72
N LEU A 344 31.52 -31.80 -22.97
CA LEU A 344 31.62 -31.84 -21.51
C LEU A 344 32.50 -33.00 -21.06
N ASN A 345 32.41 -34.14 -21.73
CA ASN A 345 33.21 -35.31 -21.41
C ASN A 345 34.53 -35.35 -22.16
N ASN A 346 35.06 -34.19 -22.54
CA ASN A 346 36.39 -34.14 -23.13
C ASN A 346 37.44 -34.47 -22.08
N PHE A 347 38.58 -34.98 -22.54
CA PHE A 347 39.63 -35.48 -21.66
C PHE A 347 40.70 -34.42 -21.36
N ASN A 348 40.48 -33.17 -21.77
CA ASN A 348 41.39 -32.08 -21.49
C ASN A 348 40.62 -31.03 -20.70
N VAL A 349 40.55 -31.21 -19.38
CA VAL A 349 39.83 -30.29 -18.52
C VAL A 349 40.76 -29.17 -18.05
N PRO A 350 40.36 -27.90 -18.21
CA PRO A 350 41.25 -26.80 -17.84
C PRO A 350 41.06 -26.33 -16.40
N SER A 351 41.87 -25.35 -16.00
CA SER A 351 41.88 -24.75 -14.68
C SER A 351 40.86 -23.61 -14.60
N PRO A 352 40.45 -23.22 -13.39
CA PRO A 352 39.65 -21.99 -13.26
C PRO A 352 40.40 -20.73 -13.66
N LEU A 353 41.73 -20.76 -13.71
CA LEU A 353 42.48 -19.62 -14.21
C LEU A 353 42.21 -19.38 -15.69
N ASN A 354 42.14 -20.46 -16.48
CA ASN A 354 41.78 -20.38 -17.90
C ASN A 354 40.60 -21.30 -18.15
N TRP A 355 39.39 -20.81 -17.91
CA TRP A 355 38.20 -21.60 -18.16
C TRP A 355 37.81 -21.50 -19.63
N GLU A 356 37.39 -22.62 -20.20
CA GLU A 356 36.98 -22.65 -21.59
C GLU A 356 35.52 -22.25 -21.73
N ARG A 357 35.12 -21.98 -22.96
CA ARG A 357 33.74 -21.60 -23.25
C ARG A 357 33.41 -22.00 -24.67
N LYS A 358 32.25 -22.63 -24.86
CA LYS A 358 31.76 -23.01 -26.17
C LYS A 358 30.33 -22.54 -26.30
N ILE A 359 30.04 -21.78 -27.33
CA ILE A 359 28.70 -21.23 -27.55
C ILE A 359 27.94 -22.17 -28.49
N PHE A 360 26.71 -22.50 -28.11
CA PHE A 360 25.87 -23.40 -28.88
C PHE A 360 24.70 -22.64 -29.47
N SER A 361 24.52 -22.75 -30.78
CA SER A 361 23.39 -22.13 -31.47
C SER A 361 23.00 -22.98 -32.65
N ASN A 362 21.73 -22.83 -33.05
CA ASN A 362 21.15 -23.52 -34.21
C ASN A 362 21.27 -25.04 -34.10
N CYS A 363 21.04 -25.56 -32.90
CA CYS A 363 21.12 -27.00 -32.67
C CYS A 363 20.06 -27.41 -31.65
N ASN A 364 19.61 -28.65 -31.76
CA ASN A 364 18.63 -29.23 -30.86
C ASN A 364 19.33 -30.13 -29.85
N PHE A 365 18.84 -30.12 -28.61
CA PHE A 365 19.45 -30.87 -27.54
C PHE A 365 18.38 -31.53 -26.68
N ASN A 366 18.72 -32.69 -26.12
CA ASN A 366 17.90 -33.36 -25.13
C ASN A 366 18.53 -33.16 -23.77
N LEU A 367 17.80 -32.55 -22.85
CA LEU A 367 18.37 -32.28 -21.53
C LEU A 367 18.47 -33.55 -20.69
N SER A 368 17.48 -34.45 -20.82
CA SER A 368 17.49 -35.67 -20.02
C SER A 368 18.63 -36.60 -20.41
N THR A 369 18.86 -36.77 -21.72
CA THR A 369 19.97 -37.60 -22.18
C THR A 369 21.31 -37.00 -21.81
N LEU A 370 21.44 -35.68 -21.93
CA LEU A 370 22.67 -34.99 -21.54
C LEU A 370 22.96 -35.14 -20.06
N LEU A 371 21.93 -35.01 -19.22
CA LEU A 371 22.11 -35.20 -17.78
C LEU A 371 22.41 -36.65 -17.45
N ARG A 372 21.83 -37.59 -18.19
CA ARG A 372 22.00 -39.00 -17.87
C ARG A 372 23.38 -39.51 -18.25
N LEU A 373 23.88 -39.13 -19.44
CA LEU A 373 25.09 -39.76 -19.95
C LEU A 373 26.32 -39.28 -19.20
N VAL A 374 26.37 -38.01 -18.82
CA VAL A 374 27.45 -37.54 -17.97
C VAL A 374 27.14 -37.97 -16.53
N HIS A 375 28.19 -38.28 -15.78
CA HIS A 375 28.03 -38.75 -14.40
C HIS A 375 27.84 -37.53 -13.50
N THR A 376 26.63 -36.98 -13.56
CA THR A 376 26.31 -35.79 -12.78
C THR A 376 26.11 -36.14 -11.31
N ASP A 377 26.33 -35.14 -10.46
CA ASP A 377 26.08 -35.24 -9.03
C ASP A 377 25.04 -34.24 -8.55
N SER A 378 25.12 -33.00 -9.02
CA SER A 378 24.15 -31.97 -8.63
C SER A 378 23.92 -31.07 -9.84
N PHE A 379 22.70 -30.56 -9.96
CA PHE A 379 22.36 -29.65 -11.05
C PHE A 379 21.23 -28.75 -10.57
N SER A 380 21.60 -27.53 -10.16
CA SER A 380 20.66 -26.56 -9.62
C SER A 380 20.86 -25.23 -10.34
N CYS A 381 19.80 -24.42 -10.35
CA CYS A 381 19.80 -23.17 -11.09
C CYS A 381 19.27 -22.04 -10.22
N ASN A 382 19.68 -20.81 -10.55
CA ASN A 382 19.19 -19.60 -9.90
C ASN A 382 18.47 -18.73 -10.91
N ASN A 383 17.38 -18.11 -10.46
CA ASN A 383 16.46 -17.29 -11.26
C ASN A 383 15.78 -18.09 -12.38
N PHE A 384 15.87 -19.41 -12.35
CA PHE A 384 15.32 -20.28 -13.39
C PHE A 384 15.33 -21.68 -12.80
N ASP A 385 14.49 -22.56 -13.35
CA ASP A 385 14.27 -23.83 -12.69
C ASP A 385 14.53 -24.99 -13.65
N GLU A 386 14.24 -26.19 -13.15
CA GLU A 386 14.50 -27.41 -13.90
C GLU A 386 13.37 -27.71 -14.88
N SER A 387 12.13 -27.49 -14.45
CA SER A 387 10.96 -27.96 -15.19
C SER A 387 10.62 -27.12 -16.40
N LYS A 388 11.20 -25.92 -16.53
CA LYS A 388 10.90 -25.07 -17.67
C LYS A 388 11.99 -25.12 -18.74
N ILE A 389 12.90 -26.09 -18.66
CA ILE A 389 13.91 -26.25 -19.71
C ILE A 389 13.42 -27.17 -20.81
N TYR A 390 12.66 -28.21 -20.46
CA TYR A 390 12.12 -29.13 -21.45
C TYR A 390 11.07 -28.42 -22.30
N GLY A 391 11.21 -28.53 -23.61
CA GLY A 391 10.31 -27.85 -24.53
C GLY A 391 10.40 -26.34 -24.48
N SER A 392 11.62 -25.80 -24.42
CA SER A 392 11.82 -24.36 -24.38
C SER A 392 12.93 -23.99 -25.35
N CYS A 393 12.87 -22.75 -25.85
CA CYS A 393 13.81 -22.25 -26.84
C CYS A 393 14.68 -21.16 -26.22
N PHE A 394 15.96 -21.15 -26.63
CA PHE A 394 16.90 -20.14 -26.18
C PHE A 394 17.66 -19.60 -27.39
N LYS A 395 18.06 -18.33 -27.30
CA LYS A 395 18.84 -17.73 -28.38
C LYS A 395 20.20 -18.39 -28.51
N SER A 396 20.86 -18.63 -27.38
CA SER A 396 22.13 -19.34 -27.35
C SER A 396 22.32 -19.89 -25.94
N ILE A 397 23.15 -20.92 -25.84
CA ILE A 397 23.52 -21.52 -24.56
C ILE A 397 25.01 -21.37 -24.40
N VAL A 398 25.42 -20.66 -23.35
CA VAL A 398 26.83 -20.41 -23.06
C VAL A 398 27.22 -21.29 -21.89
N LEU A 399 28.27 -22.08 -22.08
CA LEU A 399 28.71 -23.06 -21.09
C LEU A 399 30.18 -22.83 -20.79
N ASP A 400 30.52 -22.77 -19.51
CA ASP A 400 31.90 -22.62 -19.05
C ASP A 400 32.27 -23.81 -18.19
N LYS A 401 33.50 -24.30 -18.36
CA LYS A 401 33.92 -25.54 -17.73
C LYS A 401 35.33 -25.39 -17.16
N PHE A 402 35.51 -25.81 -15.91
CA PHE A 402 36.83 -25.91 -15.30
C PHE A 402 36.78 -26.91 -14.16
N ALA A 403 37.96 -27.44 -13.80
CA ALA A 403 38.07 -28.38 -12.71
C ALA A 403 38.06 -27.66 -11.37
N ILE A 404 37.62 -28.37 -10.34
CA ILE A 404 37.46 -27.81 -9.00
C ILE A 404 38.59 -28.35 -8.12
N PRO A 405 39.46 -27.52 -7.58
CA PRO A 405 40.35 -27.98 -6.51
C PRO A 405 39.55 -28.29 -5.26
N ASN A 406 40.05 -29.28 -4.50
CA ASN A 406 39.30 -29.74 -3.34
C ASN A 406 39.32 -28.74 -2.19
N SER A 407 40.39 -27.94 -2.10
CA SER A 407 40.48 -26.95 -1.02
C SER A 407 39.43 -25.85 -1.18
N ARG A 408 39.20 -25.39 -2.41
CA ARG A 408 38.27 -24.31 -2.68
C ARG A 408 36.95 -24.82 -3.24
N ARG A 409 36.50 -26.00 -2.79
CA ARG A 409 35.21 -26.53 -3.23
C ARG A 409 34.06 -25.66 -2.74
N SER A 410 34.14 -25.18 -1.51
CA SER A 410 33.09 -24.33 -0.96
C SER A 410 33.11 -22.91 -1.52
N ASP A 411 34.15 -22.54 -2.28
CA ASP A 411 34.22 -21.21 -2.85
C ASP A 411 33.20 -20.99 -3.95
N LEU A 412 32.68 -22.06 -4.56
CA LEU A 412 31.82 -21.94 -5.72
C LEU A 412 30.36 -21.69 -5.35
N GLN A 413 30.04 -21.60 -4.07
CA GLN A 413 28.69 -21.23 -3.66
C GLN A 413 28.38 -19.81 -4.09
N LEU A 414 27.11 -19.57 -4.44
CA LEU A 414 26.70 -18.28 -4.96
C LEU A 414 26.78 -17.21 -3.87
N GLY A 415 27.30 -16.05 -4.25
CA GLY A 415 27.47 -14.95 -3.32
C GLY A 415 28.69 -15.01 -2.45
N SER A 416 29.49 -16.07 -2.56
CA SER A 416 30.70 -16.22 -1.75
C SER A 416 31.87 -15.54 -2.44
N SER A 417 32.61 -14.72 -1.69
CA SER A 417 33.77 -14.01 -2.22
C SER A 417 35.03 -14.76 -1.82
N GLY A 418 35.28 -15.88 -2.50
CA GLY A 418 36.46 -16.68 -2.28
C GLY A 418 37.54 -16.40 -3.32
N PHE A 419 38.61 -17.19 -3.24
CA PHE A 419 39.73 -17.00 -4.16
C PHE A 419 39.37 -17.43 -5.58
N LEU A 420 38.43 -18.37 -5.72
CA LEU A 420 37.97 -18.73 -7.06
C LEU A 420 37.05 -17.67 -7.64
N GLN A 421 36.14 -17.12 -6.82
CA GLN A 421 35.15 -16.19 -7.31
C GLN A 421 35.69 -14.77 -7.49
N SER A 422 36.81 -14.44 -6.88
CA SER A 422 37.34 -13.08 -6.93
C SER A 422 38.55 -12.92 -7.83
N SER A 423 39.14 -14.01 -8.30
CA SER A 423 40.30 -13.92 -9.17
C SER A 423 40.27 -14.85 -10.37
N ASN A 424 39.39 -15.83 -10.42
CA ASN A 424 39.41 -16.81 -11.50
C ASN A 424 38.11 -16.89 -12.28
N TYR A 425 36.95 -16.87 -11.62
CA TYR A 425 35.69 -17.03 -12.31
C TYR A 425 34.59 -16.41 -11.47
N LYS A 426 33.99 -15.32 -11.97
CA LYS A 426 32.88 -14.67 -11.27
C LYS A 426 31.56 -15.19 -11.84
N ILE A 427 30.66 -15.58 -10.96
CA ILE A 427 29.35 -16.11 -11.33
C ILE A 427 28.33 -15.00 -11.22
N ASP A 428 27.71 -14.66 -12.35
CA ASP A 428 26.67 -13.64 -12.34
C ASP A 428 25.43 -14.13 -11.62
N THR A 429 24.82 -13.24 -10.84
CA THR A 429 23.64 -13.57 -10.06
C THR A 429 22.37 -12.90 -10.56
N THR A 430 22.48 -11.96 -11.50
CA THR A 430 21.31 -11.29 -12.06
C THR A 430 20.90 -11.88 -13.41
N SER A 431 21.52 -12.98 -13.82
CA SER A 431 21.19 -13.64 -15.07
C SER A 431 20.71 -15.06 -14.79
N SER A 432 19.76 -15.52 -15.61
CA SER A 432 19.19 -16.86 -15.47
C SER A 432 20.25 -17.88 -15.85
N SER A 433 20.83 -18.54 -14.86
CA SER A 433 21.96 -19.43 -15.07
C SER A 433 21.73 -20.75 -14.33
N CYS A 434 22.41 -21.79 -14.80
CA CYS A 434 22.34 -23.12 -14.21
C CYS A 434 23.74 -23.61 -13.89
N GLN A 435 23.93 -24.14 -12.69
CA GLN A 435 25.22 -24.70 -12.29
C GLN A 435 25.15 -26.21 -12.31
N LEU A 436 26.17 -26.84 -12.88
CA LEU A 436 26.22 -28.28 -13.03
C LEU A 436 27.50 -28.82 -12.42
N TYR A 437 27.36 -29.83 -11.56
CA TYR A 437 28.49 -30.52 -10.96
C TYR A 437 28.50 -31.97 -11.45
N TYR A 438 29.67 -32.44 -11.86
CA TYR A 438 29.80 -33.82 -12.32
C TYR A 438 31.25 -34.25 -12.10
N SER A 439 31.56 -35.45 -12.57
CA SER A 439 32.92 -35.99 -12.44
C SER A 439 33.15 -37.01 -13.54
N LEU A 440 34.33 -37.04 -14.04
CA LEU A 440 34.96 -37.93 -14.99
C LEU A 440 35.87 -38.91 -14.25
N PRO A 441 36.09 -40.12 -14.77
CA PRO A 441 37.04 -41.04 -14.12
C PRO A 441 38.44 -40.45 -14.08
N ALA A 442 39.20 -40.85 -13.07
CA ALA A 442 40.49 -40.22 -12.78
C ALA A 442 41.49 -40.42 -13.91
N ILE A 443 41.51 -41.62 -14.49
CA ILE A 443 42.35 -41.87 -15.66
C ILE A 443 41.71 -41.22 -16.87
N ASN A 444 42.47 -41.14 -17.97
CA ASN A 444 42.05 -40.45 -19.21
C ASN A 444 41.75 -38.97 -18.94
N VAL A 445 42.53 -38.35 -18.05
CA VAL A 445 42.35 -36.95 -17.70
C VAL A 445 43.71 -36.24 -17.77
N THR A 446 43.76 -35.16 -18.54
CA THR A 446 44.92 -34.27 -18.56
C THR A 446 44.48 -32.86 -18.16
N ILE A 447 45.37 -32.15 -17.51
CA ILE A 447 45.09 -30.81 -16.99
C ILE A 447 45.87 -29.81 -17.84
N ASN A 448 45.15 -28.84 -18.41
CA ASN A 448 45.75 -27.82 -19.27
C ASN A 448 45.97 -26.56 -18.45
N ASN A 449 47.23 -26.22 -18.20
CA ASN A 449 47.61 -25.05 -17.43
C ASN A 449 48.26 -24.03 -18.36
N TYR A 450 47.61 -22.88 -18.53
CA TYR A 450 48.08 -21.85 -19.46
C TYR A 450 47.43 -20.54 -19.03
N ASN A 451 48.22 -19.62 -18.50
CA ASN A 451 47.61 -18.38 -18.02
C ASN A 451 47.35 -17.43 -19.18
N PRO A 452 46.18 -16.83 -19.27
CA PRO A 452 45.85 -15.94 -20.39
C PRO A 452 46.21 -14.48 -20.11
N SER A 453 47.49 -14.24 -19.86
CA SER A 453 47.98 -12.90 -19.53
C SER A 453 49.09 -12.54 -20.51
N SER A 454 48.77 -11.67 -21.47
CA SER A 454 49.77 -11.21 -22.42
C SER A 454 50.85 -10.37 -21.76
N TRP A 455 50.48 -9.65 -20.70
CA TRP A 455 51.47 -8.92 -19.91
C TRP A 455 52.49 -9.83 -19.25
N ASN A 456 52.04 -10.97 -18.71
CA ASN A 456 52.99 -11.91 -18.12
C ASN A 456 53.84 -12.57 -19.20
N ARG A 457 53.25 -12.85 -20.37
CA ARG A 457 53.99 -13.50 -21.44
C ARG A 457 55.01 -12.57 -22.07
N ARG A 458 54.77 -11.25 -22.02
CA ARG A 458 55.68 -10.31 -22.67
C ARG A 458 57.03 -10.25 -21.96
N TYR A 459 57.05 -10.43 -20.64
CA TYR A 459 58.25 -10.30 -19.84
C TYR A 459 58.74 -11.63 -19.30
N GLY A 460 58.67 -12.67 -20.14
CA GLY A 460 59.31 -13.93 -19.83
C GLY A 460 58.60 -14.85 -18.86
N PHE A 461 57.40 -15.31 -19.23
CA PHE A 461 56.71 -16.35 -18.49
C PHE A 461 56.48 -17.54 -19.42
N ASN A 462 57.10 -18.67 -19.08
CA ASN A 462 56.97 -19.89 -19.88
C ASN A 462 55.82 -20.73 -19.33
N ASN A 463 55.75 -21.99 -19.77
CA ASN A 463 54.73 -22.91 -19.30
C ASN A 463 55.03 -23.34 -17.86
N PHE A 464 54.05 -24.03 -17.27
CA PHE A 464 54.16 -24.48 -15.89
C PHE A 464 54.99 -25.76 -15.80
N ASN A 465 55.39 -26.09 -14.58
CA ASN A 465 56.04 -27.36 -14.26
C ASN A 465 55.29 -27.96 -13.07
N LEU A 466 54.20 -28.66 -13.37
CA LEU A 466 53.35 -29.25 -12.34
C LEU A 466 52.98 -30.66 -12.77
N SER A 467 52.66 -31.48 -11.77
CA SER A 467 52.33 -32.87 -12.02
C SER A 467 50.92 -32.98 -12.61
N SER A 468 50.55 -34.21 -12.98
CA SER A 468 49.21 -34.45 -13.51
C SER A 468 48.16 -34.31 -12.41
N HIS A 469 46.96 -33.91 -12.83
CA HIS A 469 45.82 -33.66 -11.94
C HIS A 469 46.16 -32.62 -10.86
N SER A 470 46.94 -31.62 -11.25
CA SER A 470 47.28 -30.50 -10.38
C SER A 470 46.61 -29.25 -10.95
N VAL A 471 45.60 -28.75 -10.25
CA VAL A 471 44.78 -27.66 -10.74
C VAL A 471 45.27 -26.36 -10.12
N VAL A 472 45.68 -25.41 -10.96
CA VAL A 472 46.27 -24.15 -10.52
C VAL A 472 45.21 -23.06 -10.55
N TYR A 473 45.18 -22.24 -9.51
CA TYR A 473 44.26 -21.11 -9.41
C TYR A 473 45.01 -19.89 -8.92
N SER A 474 44.58 -18.71 -9.37
CA SER A 474 45.22 -17.47 -9.02
C SER A 474 44.58 -16.87 -7.78
N ARG A 475 45.40 -16.27 -6.93
CA ARG A 475 44.92 -15.65 -5.70
C ARG A 475 44.78 -14.14 -5.79
N TYR A 476 45.60 -13.49 -6.63
CA TYR A 476 45.49 -12.05 -6.85
C TYR A 476 45.79 -11.75 -8.31
N CYS A 477 44.98 -10.87 -8.90
CA CYS A 477 45.15 -10.44 -10.28
C CYS A 477 45.50 -8.97 -10.33
N PHE A 478 46.49 -8.62 -11.14
CA PHE A 478 47.01 -7.26 -11.23
C PHE A 478 46.91 -6.75 -12.66
N SER A 479 46.55 -5.48 -12.80
CA SER A 479 46.41 -4.83 -14.09
C SER A 479 47.35 -3.64 -14.18
N VAL A 480 48.07 -3.55 -15.29
CA VAL A 480 49.01 -2.45 -15.52
C VAL A 480 48.60 -1.75 -16.82
N ASN A 481 49.22 -0.60 -17.06
CA ASN A 481 49.00 0.13 -18.29
C ASN A 481 49.82 -0.47 -19.42
N ASN A 482 49.62 0.06 -20.63
CA ASN A 482 50.34 -0.46 -21.80
C ASN A 482 51.82 -0.13 -21.76
N THR A 483 52.20 0.98 -21.10
CA THR A 483 53.56 1.47 -21.12
C THR A 483 54.41 0.92 -19.97
N PHE A 484 54.04 -0.24 -19.42
CA PHE A 484 54.80 -0.79 -18.31
C PHE A 484 56.14 -1.35 -18.78
N CYS A 485 57.13 -1.27 -17.89
CA CYS A 485 58.49 -1.75 -18.17
C CYS A 485 59.13 -2.12 -16.84
N PRO A 486 59.20 -3.42 -16.52
CA PRO A 486 59.69 -3.87 -15.21
C PRO A 486 61.22 -3.96 -15.10
N CYS A 487 61.90 -2.92 -15.58
CA CYS A 487 63.35 -2.85 -15.49
C CYS A 487 63.75 -1.42 -15.17
N ALA A 488 64.96 -1.27 -14.62
CA ALA A 488 65.48 0.04 -14.27
C ALA A 488 66.30 0.61 -15.41
N LYS A 489 66.48 1.93 -15.39
CA LYS A 489 67.28 2.60 -16.41
C LYS A 489 68.75 2.23 -16.25
N PRO A 490 69.41 1.76 -17.31
CA PRO A 490 70.84 1.39 -17.18
C PRO A 490 71.74 2.57 -16.85
N SER A 491 71.41 3.76 -17.36
CA SER A 491 72.18 4.95 -17.01
C SER A 491 72.05 5.28 -15.53
N PHE A 492 70.86 5.12 -14.96
CA PHE A 492 70.69 5.28 -13.53
C PHE A 492 71.23 4.08 -12.75
N ALA A 493 71.20 2.90 -13.36
CA ALA A 493 71.75 1.71 -12.70
C ALA A 493 73.26 1.80 -12.56
N SER A 494 73.93 2.48 -13.49
CA SER A 494 75.38 2.64 -13.39
C SER A 494 75.77 3.50 -12.20
N SER A 495 74.99 4.55 -11.92
CA SER A 495 75.31 5.43 -10.80
C SER A 495 74.98 4.80 -9.45
N CYS A 496 74.01 3.87 -9.42
CA CYS A 496 73.63 3.23 -8.17
C CYS A 496 74.72 2.26 -7.72
N LYS A 497 75.33 2.54 -6.57
CA LYS A 497 76.39 1.69 -6.04
C LYS A 497 75.96 0.89 -4.82
N SER A 498 74.96 1.34 -4.08
CA SER A 498 74.42 0.60 -2.94
C SER A 498 73.01 0.17 -3.29
N HIS A 499 72.75 -1.13 -3.17
CA HIS A 499 71.45 -1.75 -3.52
C HIS A 499 71.08 -1.44 -4.97
N LYS A 500 72.00 -1.69 -5.88
CA LYS A 500 71.78 -1.42 -7.30
C LYS A 500 70.81 -2.44 -7.89
N PRO A 501 69.69 -2.01 -8.46
CA PRO A 501 68.73 -2.97 -9.02
C PRO A 501 69.22 -3.52 -10.34
N PRO A 502 68.75 -4.72 -10.73
CA PRO A 502 69.10 -5.24 -12.06
C PRO A 502 68.48 -4.40 -13.16
N SER A 503 69.16 -4.35 -14.29
CA SER A 503 68.78 -3.48 -15.40
C SER A 503 68.73 -4.26 -16.70
N ALA A 504 67.84 -3.81 -17.59
CA ALA A 504 67.71 -4.36 -18.94
C ALA A 504 67.14 -3.28 -19.84
N SER A 505 66.72 -3.67 -21.05
CA SER A 505 66.26 -2.72 -22.06
C SER A 505 64.94 -3.20 -22.64
N CYS A 506 63.84 -2.74 -22.05
CA CYS A 506 62.52 -3.01 -22.60
C CYS A 506 62.30 -2.22 -23.89
N PRO A 507 61.42 -2.71 -24.77
CA PRO A 507 61.18 -2.03 -26.05
C PRO A 507 60.59 -0.64 -25.87
N ILE A 508 60.59 0.10 -26.99
CA ILE A 508 60.24 1.52 -26.96
C ILE A 508 58.76 1.72 -26.67
N GLY A 509 58.42 2.93 -26.23
CA GLY A 509 57.08 3.26 -25.82
C GLY A 509 56.75 2.88 -24.39
N THR A 510 57.69 2.31 -23.65
CA THR A 510 57.47 1.86 -22.28
C THR A 510 58.28 2.71 -21.32
N ASN A 511 57.61 3.30 -20.34
CA ASN A 511 58.30 4.06 -19.30
C ASN A 511 58.90 3.11 -18.28
N TYR A 512 60.12 3.41 -17.85
CA TYR A 512 60.89 2.52 -16.99
C TYR A 512 60.36 2.58 -15.55
N ARG A 513 61.10 1.97 -14.63
CA ARG A 513 60.74 2.03 -13.22
C ARG A 513 60.94 3.44 -12.67
N SER A 514 60.33 3.68 -11.51
CA SER A 514 60.43 4.96 -10.83
C SER A 514 61.53 4.97 -9.77
N CYS A 515 62.61 4.23 -10.03
CA CYS A 515 63.74 4.21 -9.10
C CYS A 515 64.42 5.56 -9.05
N GLU A 516 64.64 6.07 -7.83
CA GLU A 516 65.26 7.37 -7.64
C GLU A 516 66.27 7.28 -6.49
N SER A 517 67.29 8.11 -6.56
CA SER A 517 68.38 8.09 -5.60
C SER A 517 68.24 9.20 -4.57
N THR A 518 68.75 8.95 -3.38
CA THR A 518 68.70 9.91 -2.28
C THR A 518 69.87 9.64 -1.35
N THR A 519 69.86 10.31 -0.20
CA THR A 519 70.86 10.12 0.83
C THR A 519 70.16 9.77 2.13
N VAL A 520 70.59 8.68 2.76
CA VAL A 520 69.93 8.16 3.96
C VAL A 520 70.78 8.48 5.19
N LEU A 521 71.49 9.61 5.11
CA LEU A 521 72.28 10.27 6.16
C LEU A 521 73.39 9.39 6.75
N ASP A 522 73.61 8.21 6.18
CA ASP A 522 74.79 7.41 6.49
C ASP A 522 75.38 6.76 5.25
N HIS A 523 74.78 6.93 4.09
CA HIS A 523 75.31 6.49 2.81
C HIS A 523 75.36 7.67 1.86
N THR A 524 76.40 7.72 1.02
CA THR A 524 76.54 8.83 0.08
C THR A 524 75.51 8.76 -1.03
N ASP A 525 75.09 7.56 -1.42
CA ASP A 525 74.10 7.41 -2.49
C ASP A 525 73.32 6.12 -2.26
N TRP A 526 72.11 6.25 -1.74
CA TRP A 526 71.17 5.14 -1.62
C TRP A 526 70.00 5.40 -2.55
N CYS A 527 69.71 4.42 -3.41
CA CYS A 527 68.62 4.54 -4.37
C CYS A 527 67.59 3.45 -4.12
N ARG A 528 66.34 3.86 -3.98
CA ARG A 528 65.22 2.96 -3.75
C ARG A 528 64.32 2.93 -4.99
N CYS A 529 63.50 1.90 -5.06
CA CYS A 529 62.60 1.70 -6.19
C CYS A 529 61.16 1.59 -5.69
N SER A 530 60.23 1.54 -6.64
CA SER A 530 58.83 1.40 -6.30
C SER A 530 58.47 -0.05 -6.03
N CYS A 531 57.32 -0.23 -5.37
CA CYS A 531 56.74 -1.54 -5.06
C CYS A 531 57.71 -2.40 -4.25
N LEU A 532 58.25 -1.83 -3.17
CA LEU A 532 59.16 -2.56 -2.30
C LEU A 532 58.39 -3.38 -1.28
N PRO A 533 58.66 -4.69 -1.15
CA PRO A 533 59.57 -5.44 -2.01
C PRO A 533 58.84 -6.14 -3.16
N ASP A 534 57.53 -6.27 -3.04
CA ASP A 534 56.67 -6.92 -4.02
C ASP A 534 55.37 -6.13 -4.10
N PRO A 535 54.66 -6.22 -5.23
CA PRO A 535 53.36 -5.52 -5.33
C PRO A 535 52.32 -6.03 -4.35
N ILE A 536 52.45 -7.26 -3.86
CA ILE A 536 51.51 -7.79 -2.88
C ILE A 536 51.68 -7.09 -1.54
N THR A 537 52.92 -6.92 -1.09
CA THR A 537 53.17 -6.41 0.24
C THR A 537 53.98 -5.11 0.08
N ALA A 538 53.50 -4.25 -0.81
CA ALA A 538 54.12 -2.94 -1.01
C ALA A 538 53.65 -1.97 0.05
N TYR A 539 54.61 -1.34 0.74
CA TYR A 539 54.27 -0.37 1.78
C TYR A 539 53.67 0.90 1.21
N ASP A 540 53.92 1.19 -0.08
CA ASP A 540 53.36 2.37 -0.75
C ASP A 540 52.68 1.89 -2.02
N PRO A 541 51.47 1.35 -1.92
CA PRO A 541 50.77 0.87 -3.14
C PRO A 541 50.34 1.98 -4.06
N ARG A 542 50.28 3.23 -3.60
CA ARG A 542 49.82 4.32 -4.45
C ARG A 542 50.83 4.64 -5.55
N SER A 543 52.12 4.67 -5.21
CA SER A 543 53.15 4.93 -6.20
C SER A 543 53.49 3.68 -7.02
N CYS A 544 53.03 2.51 -6.59
CA CYS A 544 53.25 1.29 -7.37
C CYS A 544 52.39 1.31 -8.61
N SER A 545 53.00 0.98 -9.76
CA SER A 545 52.26 1.04 -11.02
C SER A 545 51.25 -0.11 -11.13
N GLN A 546 51.66 -1.32 -10.77
CA GLN A 546 50.75 -2.46 -10.78
C GLN A 546 49.82 -2.41 -9.57
N LYS A 547 48.53 -2.56 -9.82
CA LYS A 547 47.50 -2.42 -8.81
C LYS A 547 46.74 -3.73 -8.66
N LYS A 548 46.31 -4.02 -7.44
CA LYS A 548 45.45 -5.17 -7.21
C LYS A 548 44.07 -4.90 -7.79
N SER A 549 43.57 -5.85 -8.57
CA SER A 549 42.34 -5.66 -9.33
C SER A 549 41.41 -6.85 -9.15
N LEU A 550 40.13 -6.59 -9.37
CA LEU A 550 39.11 -7.63 -9.33
C LEU A 550 38.97 -8.25 -10.72
N VAL A 551 37.99 -9.11 -10.90
CA VAL A 551 37.69 -9.70 -12.20
C VAL A 551 36.18 -9.66 -12.40
N GLY A 552 35.76 -9.22 -13.59
CA GLY A 552 34.35 -9.17 -13.93
C GLY A 552 33.86 -10.48 -14.51
N VAL A 553 32.55 -10.54 -14.75
CA VAL A 553 31.95 -11.73 -15.34
C VAL A 553 32.32 -11.81 -16.82
N GLY A 554 32.65 -13.01 -17.27
CA GLY A 554 33.06 -13.20 -18.65
C GLY A 554 34.47 -12.74 -18.95
N GLU A 555 35.33 -12.62 -17.95
CA GLU A 555 36.70 -12.18 -18.14
C GLU A 555 37.64 -13.08 -17.36
N HIS A 556 38.88 -13.17 -17.83
CA HIS A 556 39.90 -13.98 -17.19
C HIS A 556 40.68 -13.13 -16.19
N CYS A 557 41.72 -13.73 -15.60
CA CYS A 557 42.59 -12.99 -14.71
C CYS A 557 43.42 -11.98 -15.48
N ALA A 558 43.62 -10.80 -14.89
CA ALA A 558 44.35 -9.74 -15.57
C ALA A 558 45.83 -10.08 -15.69
N GLY A 559 46.42 -10.68 -14.66
CA GLY A 559 47.82 -11.04 -14.71
C GLY A 559 48.34 -11.39 -13.34
N PHE A 560 49.65 -11.68 -13.30
CA PHE A 560 50.36 -12.04 -12.09
C PHE A 560 51.36 -10.95 -11.73
N GLY A 561 51.28 -10.45 -10.50
CA GLY A 561 52.19 -9.42 -10.04
C GLY A 561 53.62 -9.89 -9.93
N VAL A 562 54.47 -9.44 -10.84
CA VAL A 562 55.87 -9.87 -10.89
C VAL A 562 56.67 -9.09 -9.86
N ASP A 563 57.58 -9.78 -9.17
CA ASP A 563 58.49 -9.12 -8.24
C ASP A 563 59.50 -8.31 -9.03
N GLU A 564 59.54 -7.00 -8.77
CA GLU A 564 60.36 -6.10 -9.57
C GLU A 564 61.85 -6.33 -9.33
N GLU A 565 62.26 -6.40 -8.06
CA GLU A 565 63.69 -6.47 -7.75
C GLU A 565 64.26 -7.86 -7.98
N LYS A 566 63.49 -8.91 -7.69
CA LYS A 566 64.00 -10.26 -7.81
C LYS A 566 64.23 -10.69 -9.26
N CYS A 567 63.56 -10.05 -10.21
CA CYS A 567 63.72 -10.39 -11.61
C CYS A 567 64.51 -9.30 -12.32
N GLY A 568 65.26 -9.71 -13.34
CA GLY A 568 66.12 -8.83 -14.10
C GLY A 568 67.53 -9.38 -14.22
N VAL A 569 68.37 -8.63 -14.91
CA VAL A 569 69.76 -9.00 -15.15
C VAL A 569 70.65 -7.97 -14.49
N LEU A 570 71.57 -8.44 -13.64
CA LEU A 570 72.51 -7.54 -12.99
C LEU A 570 73.53 -7.03 -14.01
N ASP A 571 73.73 -5.71 -14.02
CA ASP A 571 74.64 -5.01 -14.92
C ASP A 571 74.29 -5.28 -16.39
N GLY A 572 73.09 -4.85 -16.77
CA GLY A 572 72.65 -4.90 -18.15
C GLY A 572 72.45 -3.50 -18.72
N SER A 573 73.31 -3.11 -19.67
CA SER A 573 73.34 -1.75 -20.17
C SER A 573 72.98 -1.74 -21.66
N TYR A 574 71.67 -1.64 -21.93
CA TYR A 574 71.12 -1.44 -23.28
C TYR A 574 71.51 -2.54 -24.25
N ASN A 575 71.65 -3.77 -23.75
CA ASN A 575 72.01 -4.90 -24.60
C ASN A 575 71.15 -6.13 -24.40
N VAL A 576 70.40 -6.23 -23.31
CA VAL A 576 69.55 -7.38 -23.02
C VAL A 576 68.12 -6.89 -22.87
N SER A 577 67.20 -7.52 -23.58
CA SER A 577 65.78 -7.19 -23.43
C SER A 577 65.27 -7.65 -22.07
N CYS A 578 64.17 -7.05 -21.65
CA CYS A 578 63.64 -7.29 -20.32
C CYS A 578 63.02 -8.68 -20.22
N LEU A 579 63.52 -9.47 -19.27
CA LEU A 579 62.96 -10.78 -18.96
C LEU A 579 62.92 -10.92 -17.45
N CYS A 580 62.03 -11.78 -16.97
CA CYS A 580 61.95 -12.05 -15.54
C CYS A 580 61.84 -13.54 -15.29
N SER A 581 62.31 -13.96 -14.12
CA SER A 581 62.39 -15.36 -13.78
C SER A 581 61.00 -15.95 -13.57
N THR A 582 60.93 -17.29 -13.60
CA THR A 582 59.68 -17.98 -13.36
C THR A 582 59.22 -17.80 -11.91
N ASP A 583 60.16 -17.82 -10.97
CA ASP A 583 59.83 -17.63 -9.56
C ASP A 583 59.46 -16.20 -9.22
N ALA A 584 59.72 -15.24 -10.12
CA ALA A 584 59.31 -13.86 -9.88
C ALA A 584 57.80 -13.72 -9.86
N PHE A 585 57.11 -14.40 -10.78
CA PHE A 585 55.65 -14.40 -10.77
C PHE A 585 55.14 -15.24 -9.61
N LEU A 586 54.29 -14.65 -8.78
CA LEU A 586 53.83 -15.31 -7.58
C LEU A 586 52.45 -14.79 -7.21
N GLY A 587 51.76 -15.53 -6.36
CA GLY A 587 50.40 -15.20 -5.99
C GLY A 587 49.42 -16.26 -6.43
N TRP A 588 49.87 -17.52 -6.46
CA TRP A 588 49.01 -18.62 -6.87
C TRP A 588 49.41 -19.87 -6.11
N SER A 589 48.43 -20.75 -5.91
CA SER A 589 48.64 -22.05 -5.29
C SER A 589 47.75 -23.06 -5.99
N TYR A 590 48.09 -24.34 -5.84
CA TYR A 590 47.46 -25.40 -6.61
C TYR A 590 47.01 -26.54 -5.70
N ASP A 591 46.05 -27.31 -6.20
CA ASP A 591 45.56 -28.49 -5.50
C ASP A 591 45.16 -29.53 -6.56
N THR A 592 44.51 -30.60 -6.12
CA THR A 592 44.16 -31.72 -6.98
C THR A 592 42.66 -31.84 -7.13
N CYS A 593 42.24 -32.57 -8.17
CA CYS A 593 40.83 -32.79 -8.46
C CYS A 593 40.30 -34.12 -7.93
N VAL A 594 41.19 -35.00 -7.47
CA VAL A 594 40.79 -36.38 -7.21
C VAL A 594 39.94 -36.45 -5.95
N SER A 595 38.79 -37.12 -6.06
CA SER A 595 37.93 -37.42 -4.92
C SER A 595 37.23 -38.73 -5.21
N ASN A 596 37.67 -39.80 -4.53
CA ASN A 596 37.22 -41.18 -4.79
C ASN A 596 37.44 -41.57 -6.25
N ASN A 597 38.63 -41.24 -6.76
CA ASN A 597 39.10 -41.61 -8.10
C ASN A 597 38.20 -41.06 -9.20
N ARG A 598 37.58 -39.90 -8.96
CA ARG A 598 36.74 -39.23 -9.96
C ARG A 598 36.96 -37.74 -9.82
N CYS A 599 37.72 -37.15 -10.75
CA CYS A 599 38.00 -35.73 -10.69
C CYS A 599 36.75 -34.92 -10.98
N ASN A 600 36.33 -34.13 -10.00
CA ASN A 600 35.11 -33.35 -10.12
C ASN A 600 35.34 -32.13 -11.01
N ILE A 601 34.37 -31.84 -11.87
CA ILE A 601 34.46 -30.77 -12.85
C ILE A 601 33.24 -29.87 -12.68
N PHE A 602 33.48 -28.56 -12.71
CA PHE A 602 32.39 -27.59 -12.63
C PHE A 602 31.90 -27.24 -14.03
N SER A 603 30.62 -26.92 -14.12
CA SER A 603 30.04 -26.38 -15.34
C SER A 603 29.01 -25.32 -14.97
N ASN A 604 28.86 -24.35 -15.87
CA ASN A 604 27.98 -23.21 -15.62
C ASN A 604 27.21 -22.91 -16.90
N PHE A 605 25.92 -23.22 -16.90
CA PHE A 605 25.07 -22.92 -18.05
C PHE A 605 24.62 -21.47 -17.96
N ILE A 606 24.84 -20.72 -19.03
CA ILE A 606 24.42 -19.32 -19.09
C ILE A 606 23.37 -19.22 -20.18
N LEU A 607 22.11 -19.08 -19.78
CA LEU A 607 20.98 -19.03 -20.70
C LEU A 607 20.60 -17.57 -20.92
N ASN A 608 20.79 -17.10 -22.15
CA ASN A 608 20.39 -15.76 -22.54
C ASN A 608 19.45 -15.82 -23.74
N GLY A 609 18.54 -14.86 -23.81
CA GLY A 609 17.47 -14.93 -24.79
C GLY A 609 16.49 -16.02 -24.44
N ILE A 610 15.77 -15.83 -23.34
CA ILE A 610 14.86 -16.85 -22.83
C ILE A 610 13.57 -16.81 -23.63
N ASN A 611 13.06 -18.00 -23.96
CA ASN A 611 11.79 -18.20 -24.68
C ASN A 611 11.80 -17.53 -26.05
N SER A 612 12.96 -17.56 -26.71
CA SER A 612 13.14 -17.04 -28.06
C SER A 612 14.49 -17.52 -28.57
N GLY A 613 14.54 -17.94 -29.84
CA GLY A 613 15.79 -18.29 -30.47
C GLY A 613 15.70 -19.60 -31.22
N THR A 614 16.85 -20.02 -31.75
CA THR A 614 16.95 -21.20 -32.59
C THR A 614 17.48 -22.43 -31.86
N THR A 615 17.81 -22.32 -30.58
CA THR A 615 18.30 -23.44 -29.79
C THR A 615 17.17 -23.88 -28.87
N CYS A 616 16.44 -24.92 -29.28
CA CYS A 616 15.28 -25.40 -28.55
C CYS A 616 15.52 -26.84 -28.10
N SER A 617 14.92 -27.19 -26.96
CA SER A 617 15.00 -28.53 -26.41
C SER A 617 13.91 -29.40 -27.02
N ASN A 618 14.23 -30.69 -27.18
CA ASN A 618 13.33 -31.63 -27.82
C ASN A 618 12.86 -32.73 -26.86
N ASP A 619 12.99 -32.52 -25.55
CA ASP A 619 12.52 -33.53 -24.61
C ASP A 619 11.00 -33.62 -24.61
N LEU A 620 10.31 -32.48 -24.67
CA LEU A 620 8.86 -32.47 -24.87
C LEU A 620 8.66 -32.49 -26.39
N LEU A 621 8.75 -33.70 -26.95
CA LEU A 621 8.68 -33.85 -28.40
C LEU A 621 7.24 -33.62 -28.88
N GLN A 622 7.10 -32.80 -29.92
CA GLN A 622 5.80 -32.46 -30.45
C GLN A 622 5.99 -32.21 -31.94
N PRO A 623 5.17 -32.82 -32.79
CA PRO A 623 5.28 -32.58 -34.23
C PRO A 623 4.88 -31.15 -34.59
N ASN A 624 5.48 -30.64 -35.66
CA ASN A 624 5.20 -29.28 -36.10
C ASN A 624 3.80 -29.19 -36.68
N THR A 625 3.07 -28.16 -36.27
CA THR A 625 1.69 -27.95 -36.68
C THR A 625 1.58 -26.64 -37.44
N GLU A 626 0.87 -26.67 -38.57
CA GLU A 626 0.67 -25.47 -39.37
C GLU A 626 -0.20 -24.47 -38.61
N VAL A 627 -0.01 -23.19 -38.93
CA VAL A 627 -0.70 -22.12 -38.23
C VAL A 627 -2.14 -22.04 -38.72
N PHE A 628 -3.08 -21.97 -37.78
CA PHE A 628 -4.49 -21.82 -38.11
C PHE A 628 -4.86 -20.35 -38.14
N THR A 629 -6.06 -20.07 -38.66
CA THR A 629 -6.51 -18.71 -38.89
C THR A 629 -7.89 -18.49 -38.29
N ASP A 630 -8.05 -17.34 -37.63
CA ASP A 630 -9.35 -16.85 -37.12
C ASP A 630 -9.95 -17.78 -36.06
N VAL A 631 -9.12 -18.55 -35.36
CA VAL A 631 -9.56 -19.36 -34.24
C VAL A 631 -8.63 -19.11 -33.05
N CYS A 632 -9.21 -19.05 -31.85
CA CYS A 632 -8.44 -18.82 -30.64
C CYS A 632 -7.66 -20.07 -30.30
N VAL A 633 -6.34 -20.04 -30.48
CA VAL A 633 -5.48 -21.18 -30.22
C VAL A 633 -4.29 -20.73 -29.38
N ASP A 634 -3.79 -21.65 -28.55
CA ASP A 634 -2.52 -21.46 -27.88
C ASP A 634 -1.39 -21.70 -28.86
N TYR A 635 -0.31 -20.93 -28.73
CA TYR A 635 0.78 -21.00 -29.68
C TYR A 635 2.11 -21.18 -28.97
N ASP A 636 3.06 -21.78 -29.69
CA ASP A 636 4.44 -21.98 -29.26
C ASP A 636 5.38 -21.57 -30.38
N LEU A 637 5.20 -20.36 -30.89
CA LEU A 637 5.91 -19.91 -32.08
C LEU A 637 7.37 -19.64 -31.78
N TYR A 638 8.19 -20.70 -31.83
CA TYR A 638 9.64 -20.63 -31.65
C TYR A 638 10.01 -20.03 -30.28
N GLY A 639 9.37 -20.56 -29.23
CA GLY A 639 9.65 -20.17 -27.87
C GLY A 639 8.66 -19.18 -27.29
N ILE A 640 7.97 -18.40 -28.13
CA ILE A 640 6.99 -17.44 -27.64
C ILE A 640 5.68 -18.18 -27.38
N THR A 641 5.20 -18.11 -26.15
CA THR A 641 3.98 -18.80 -25.74
C THR A 641 2.85 -17.80 -25.57
N GLY A 642 1.66 -18.34 -25.27
CA GLY A 642 0.47 -17.55 -25.11
C GLY A 642 -0.65 -18.06 -25.99
N GLN A 643 -1.76 -17.33 -25.97
CA GLN A 643 -2.91 -17.62 -26.81
C GLN A 643 -3.32 -16.38 -27.58
N GLY A 644 -3.96 -16.59 -28.71
CA GLY A 644 -4.37 -15.47 -29.54
C GLY A 644 -5.08 -15.94 -30.78
N ILE A 645 -5.43 -14.98 -31.62
CA ILE A 645 -6.13 -15.22 -32.89
C ILE A 645 -5.24 -14.74 -34.02
N PHE A 646 -5.00 -15.62 -34.99
CA PHE A 646 -4.17 -15.29 -36.13
C PHE A 646 -5.02 -14.85 -37.31
N LYS A 647 -4.65 -13.74 -37.94
CA LYS A 647 -5.28 -13.27 -39.16
C LYS A 647 -4.15 -12.93 -40.13
N GLU A 648 -3.99 -13.75 -41.16
CA GLU A 648 -2.85 -13.60 -42.06
C GLU A 648 -3.04 -12.40 -42.98
N VAL A 649 -1.99 -11.58 -43.07
CA VAL A 649 -1.96 -10.41 -43.93
C VAL A 649 -0.72 -10.49 -44.81
N SER A 650 -0.59 -9.52 -45.71
CA SER A 650 0.53 -9.44 -46.66
C SER A 650 1.20 -8.09 -46.48
N ALA A 651 2.19 -8.03 -45.60
CA ALA A 651 2.94 -6.81 -45.33
C ALA A 651 4.43 -7.13 -45.36
N VAL A 652 5.21 -6.22 -45.94
CA VAL A 652 6.60 -6.51 -46.27
C VAL A 652 7.57 -5.59 -45.54
N TYR A 653 7.20 -5.13 -44.34
CA TYR A 653 8.12 -4.31 -43.58
C TYR A 653 9.20 -5.12 -42.85
N TYR A 654 9.11 -6.44 -42.87
CA TYR A 654 10.16 -7.26 -42.28
C TYR A 654 11.38 -7.28 -43.18
N ASN A 655 12.53 -6.97 -42.61
CA ASN A 655 13.79 -7.06 -43.33
C ASN A 655 14.40 -8.44 -43.09
N SER A 656 15.67 -8.61 -43.49
CA SER A 656 16.32 -9.91 -43.32
C SER A 656 16.53 -10.24 -41.85
N TRP A 657 16.97 -9.26 -41.06
CA TRP A 657 17.14 -9.47 -39.63
C TRP A 657 15.85 -9.27 -38.85
N GLN A 658 15.00 -8.34 -39.31
CA GLN A 658 13.76 -8.05 -38.60
C GLN A 658 12.77 -9.21 -38.78
N ASN A 659 12.27 -9.74 -37.67
CA ASN A 659 11.47 -10.94 -37.75
C ASN A 659 10.22 -10.95 -36.86
N LEU A 660 10.10 -10.04 -35.90
CA LEU A 660 8.95 -10.00 -35.00
C LEU A 660 8.46 -8.57 -34.86
N LEU A 661 7.14 -8.39 -34.81
CA LEU A 661 6.53 -7.07 -34.69
C LEU A 661 6.02 -6.87 -33.28
N TYR A 662 6.42 -5.76 -32.65
CA TYR A 662 6.12 -5.50 -31.26
C TYR A 662 5.30 -4.22 -31.10
N ASP A 663 4.49 -4.19 -30.04
CA ASP A 663 3.77 -2.99 -29.65
C ASP A 663 4.72 -2.03 -28.93
N PHE A 664 4.21 -0.86 -28.54
CA PHE A 664 5.09 0.17 -27.99
C PHE A 664 5.59 -0.17 -26.59
N ASN A 665 4.91 -1.05 -25.85
CA ASN A 665 5.38 -1.48 -24.53
C ASN A 665 5.36 -3.01 -24.44
N GLY A 666 6.38 -3.64 -24.99
CA GLY A 666 6.68 -5.05 -24.74
C GLY A 666 5.59 -6.05 -25.03
N ASN A 667 4.86 -5.87 -26.12
CA ASN A 667 3.76 -6.76 -26.46
C ASN A 667 3.89 -7.24 -27.89
N ILE A 668 3.83 -8.56 -28.08
CA ILE A 668 3.83 -9.13 -29.43
C ILE A 668 2.48 -8.85 -30.08
N ILE A 669 2.52 -8.37 -31.33
CA ILE A 669 1.29 -8.04 -32.04
C ILE A 669 1.33 -8.62 -33.44
N GLY A 670 2.26 -9.53 -33.69
CA GLY A 670 2.40 -10.15 -34.99
C GLY A 670 3.83 -10.60 -35.22
N PHE A 671 3.97 -11.59 -36.10
CA PHE A 671 5.27 -12.16 -36.41
C PHE A 671 5.29 -12.57 -37.87
N LYS A 672 6.44 -13.08 -38.31
CA LYS A 672 6.61 -13.63 -39.65
C LYS A 672 7.26 -14.99 -39.52
N ASP A 673 6.67 -15.99 -40.16
CA ASP A 673 7.12 -17.36 -40.03
C ASP A 673 8.52 -17.54 -40.61
N PHE A 674 9.28 -18.47 -40.02
CA PHE A 674 10.65 -18.70 -40.46
C PHE A 674 10.69 -19.35 -41.84
N VAL A 675 9.88 -20.39 -42.04
CA VAL A 675 9.97 -21.20 -43.25
C VAL A 675 9.12 -20.61 -44.38
N THR A 676 7.84 -20.35 -44.11
CA THR A 676 6.93 -19.92 -45.16
C THR A 676 7.03 -18.44 -45.49
N ASN A 677 7.67 -17.64 -44.62
CA ASN A 677 7.86 -16.20 -44.81
C ASN A 677 6.54 -15.47 -44.97
N LYS A 678 5.51 -15.92 -44.26
CA LYS A 678 4.17 -15.33 -44.37
C LYS A 678 3.89 -14.45 -43.17
N THR A 679 3.39 -13.25 -43.43
CA THR A 679 3.13 -12.28 -42.37
C THR A 679 1.85 -12.63 -41.63
N TYR A 680 1.91 -12.62 -40.31
CA TYR A 680 0.75 -12.90 -39.47
C TYR A 680 0.58 -11.80 -38.43
N ASN A 681 -0.65 -11.68 -37.94
CA ASN A 681 -0.97 -10.79 -36.84
C ASN A 681 -1.57 -11.60 -35.71
N ILE A 682 -1.28 -11.20 -34.47
CA ILE A 682 -1.75 -11.91 -33.28
C ILE A 682 -2.69 -10.96 -32.53
N PHE A 683 -3.99 -11.27 -32.56
CA PHE A 683 -5.04 -10.53 -31.88
C PHE A 683 -5.45 -11.25 -30.59
N PRO A 684 -5.83 -10.51 -29.54
CA PRO A 684 -6.25 -11.16 -28.31
C PRO A 684 -7.61 -11.81 -28.44
N CYS A 685 -7.81 -12.88 -27.67
CA CYS A 685 -9.07 -13.60 -27.66
C CYS A 685 -10.09 -12.86 -26.80
N TYR A 686 -11.36 -13.22 -26.99
CA TYR A 686 -12.45 -12.51 -26.33
C TYR A 686 -12.49 -12.85 -24.84
N ALA A 687 -12.54 -11.82 -24.01
CA ALA A 687 -12.52 -11.98 -22.55
C ALA A 687 -13.56 -11.07 -21.90
N GLY A 688 -14.79 -11.11 -22.41
CA GLY A 688 -15.85 -10.27 -21.90
C GLY A 688 -16.42 -10.80 -20.59
N ARG A 689 -17.56 -10.21 -20.21
CA ARG A 689 -18.30 -10.62 -19.02
C ARG A 689 -19.74 -10.92 -19.41
N VAL A 690 -20.44 -11.58 -18.50
CA VAL A 690 -21.86 -11.90 -18.68
C VAL A 690 -22.64 -11.31 -17.52
N SER A 691 -23.77 -10.68 -17.83
CA SER A 691 -24.65 -10.15 -16.81
C SER A 691 -25.71 -11.18 -16.44
N ALA A 692 -26.40 -10.93 -15.34
CA ALA A 692 -27.45 -11.83 -14.87
C ALA A 692 -28.48 -11.03 -14.11
N ALA A 693 -29.70 -11.00 -14.62
CA ALA A 693 -30.83 -10.35 -13.96
C ALA A 693 -31.61 -11.40 -13.19
N PHE A 694 -31.72 -11.23 -11.87
CA PHE A 694 -32.37 -12.19 -11.00
C PHE A 694 -33.54 -11.54 -10.27
N HIS A 695 -34.64 -12.26 -10.18
CA HIS A 695 -35.77 -11.89 -9.34
C HIS A 695 -35.96 -12.95 -8.27
N GLN A 696 -36.48 -12.53 -7.12
CA GLN A 696 -36.59 -13.44 -5.97
C GLN A 696 -37.58 -14.55 -6.23
N ASN A 697 -38.67 -14.26 -6.92
CA ASN A 697 -39.71 -15.27 -7.15
C ASN A 697 -39.36 -16.25 -8.26
N ALA A 698 -38.36 -15.96 -9.07
CA ALA A 698 -37.99 -16.81 -10.20
C ALA A 698 -36.70 -17.55 -9.87
N SER A 699 -36.68 -18.86 -10.13
CA SER A 699 -35.49 -19.68 -9.89
C SER A 699 -34.51 -19.66 -11.05
N SER A 700 -34.87 -19.04 -12.17
CA SER A 700 -34.01 -18.99 -13.34
C SER A 700 -33.27 -17.66 -13.39
N LEU A 701 -32.57 -17.41 -14.50
CA LEU A 701 -31.79 -16.20 -14.68
C LEU A 701 -32.14 -15.57 -16.03
N ALA A 702 -31.92 -14.26 -16.11
CA ALA A 702 -32.08 -13.51 -17.35
C ALA A 702 -30.70 -12.96 -17.72
N LEU A 703 -29.99 -13.70 -18.57
CA LEU A 703 -28.62 -13.36 -18.89
C LEU A 703 -28.56 -12.25 -19.94
N LEU A 704 -27.36 -11.69 -20.11
CA LEU A 704 -27.14 -10.65 -21.11
C LEU A 704 -25.65 -10.63 -21.43
N TYR A 705 -25.29 -11.01 -22.65
CA TYR A 705 -23.92 -10.89 -23.15
C TYR A 705 -23.83 -9.56 -23.88
N ARG A 706 -23.17 -8.58 -23.27
CA ARG A 706 -23.20 -7.22 -23.78
C ARG A 706 -22.34 -7.07 -25.04
N ASN A 707 -22.84 -6.26 -25.97
CA ASN A 707 -22.12 -5.87 -27.20
C ASN A 707 -21.76 -7.06 -28.08
N LEU A 708 -22.55 -8.13 -28.02
CA LEU A 708 -22.33 -9.31 -28.83
C LEU A 708 -23.57 -9.58 -29.68
N LYS A 709 -23.38 -10.45 -30.67
CA LYS A 709 -24.48 -10.94 -31.49
C LYS A 709 -24.74 -12.40 -31.14
N CYS A 710 -25.99 -12.82 -31.30
CA CYS A 710 -26.41 -14.14 -30.85
C CYS A 710 -25.73 -15.26 -31.65
N SER A 711 -25.39 -14.99 -32.92
CA SER A 711 -24.70 -15.98 -33.72
C SER A 711 -23.31 -16.27 -33.16
N TYR A 712 -22.61 -15.25 -32.69
CA TYR A 712 -21.29 -15.46 -32.10
C TYR A 712 -21.38 -16.16 -30.75
N VAL A 713 -22.46 -15.92 -30.00
CA VAL A 713 -22.64 -16.61 -28.73
C VAL A 713 -22.96 -18.08 -28.96
N LEU A 714 -23.72 -18.39 -30.00
CA LEU A 714 -24.20 -19.76 -30.21
C LEU A 714 -23.08 -20.71 -30.57
N ASN A 715 -22.42 -20.47 -31.71
CA ASN A 715 -21.46 -21.44 -32.21
C ASN A 715 -20.09 -21.33 -31.54
N ASN A 716 -19.74 -20.16 -31.01
CA ASN A 716 -18.40 -19.95 -30.50
C ASN A 716 -18.29 -19.94 -28.99
N ILE A 717 -19.39 -19.79 -28.26
CA ILE A 717 -19.32 -19.76 -26.81
C ILE A 717 -20.04 -20.96 -26.20
N SER A 718 -21.35 -21.05 -26.42
CA SER A 718 -22.15 -22.14 -25.85
C SER A 718 -23.46 -22.26 -26.61
N LEU A 719 -24.06 -23.44 -26.51
CA LEU A 719 -25.36 -23.69 -27.12
C LEU A 719 -26.48 -23.23 -26.18
N ALA A 720 -27.61 -22.87 -26.78
CA ALA A 720 -28.72 -22.25 -26.06
C ALA A 720 -29.78 -23.29 -25.75
N THR A 721 -29.97 -23.58 -24.46
CA THR A 721 -31.09 -24.39 -24.00
C THR A 721 -32.30 -23.56 -23.61
N GLN A 722 -32.21 -22.25 -23.78
CA GLN A 722 -33.25 -21.29 -23.42
C GLN A 722 -33.49 -20.36 -24.61
N PRO A 723 -34.67 -19.77 -24.71
CA PRO A 723 -34.94 -18.86 -25.84
C PRO A 723 -34.07 -17.62 -25.80
N TYR A 724 -33.36 -17.39 -26.89
CA TYR A 724 -32.42 -16.29 -27.03
C TYR A 724 -32.93 -15.31 -28.08
N PHE A 725 -32.63 -14.04 -27.87
CA PHE A 725 -33.03 -12.99 -28.82
C PHE A 725 -31.95 -11.91 -28.86
N ASP A 726 -31.94 -11.18 -29.96
CA ASP A 726 -30.97 -10.12 -30.18
C ASP A 726 -31.59 -8.78 -29.82
N SER A 727 -30.87 -7.99 -29.03
CA SER A 727 -31.32 -6.68 -28.60
C SER A 727 -30.23 -5.66 -28.90
N TYR A 728 -30.49 -4.40 -28.54
CA TYR A 728 -29.53 -3.33 -28.81
C TYR A 728 -28.29 -3.46 -27.93
N LEU A 729 -28.47 -3.86 -26.67
CA LEU A 729 -27.35 -3.97 -25.75
C LEU A 729 -26.51 -5.22 -25.99
N GLY A 730 -27.02 -6.17 -26.73
CA GLY A 730 -26.34 -7.42 -26.98
C GLY A 730 -27.35 -8.52 -27.21
N CYS A 731 -26.96 -9.74 -26.84
CA CYS A 731 -27.82 -10.90 -26.95
C CYS A 731 -28.37 -11.27 -25.58
N VAL A 732 -29.69 -11.39 -25.49
CA VAL A 732 -30.38 -11.67 -24.24
C VAL A 732 -30.79 -13.14 -24.24
N PHE A 733 -30.55 -13.81 -23.11
CA PHE A 733 -30.86 -15.23 -22.96
C PHE A 733 -31.95 -15.41 -21.91
N ASN A 734 -32.83 -16.39 -22.17
CA ASN A 734 -33.93 -16.75 -21.27
C ASN A 734 -34.87 -15.59 -21.01
N ALA A 735 -35.06 -14.73 -22.01
CA ALA A 735 -35.99 -13.60 -21.92
C ALA A 735 -36.43 -13.24 -23.31
N ASP A 736 -37.73 -13.33 -23.57
CA ASP A 736 -38.24 -13.06 -24.90
C ASP A 736 -38.17 -11.56 -25.21
N ASN A 737 -38.07 -11.25 -26.50
CA ASN A 737 -37.93 -9.88 -26.98
C ASN A 737 -39.32 -9.30 -27.22
N LEU A 738 -39.73 -8.40 -26.33
CA LEU A 738 -41.02 -7.73 -26.45
C LEU A 738 -40.89 -6.24 -26.11
N THR A 739 -39.85 -5.60 -26.62
CA THR A 739 -39.56 -4.21 -26.31
C THR A 739 -40.54 -3.27 -26.99
N ASP A 740 -41.81 -3.33 -26.60
CA ASP A 740 -42.83 -2.42 -27.08
C ASP A 740 -43.58 -1.83 -25.89
N TYR A 741 -43.68 -2.61 -24.82
CA TYR A 741 -44.36 -2.18 -23.62
C TYR A 741 -43.50 -1.19 -22.83
N SER A 742 -44.17 -0.37 -22.04
CA SER A 742 -43.51 0.62 -21.20
C SER A 742 -43.82 0.32 -19.73
N VAL A 743 -42.76 0.25 -18.92
CA VAL A 743 -42.88 0.02 -17.48
C VAL A 743 -42.24 1.21 -16.78
N SER A 744 -42.97 1.81 -15.83
CA SER A 744 -42.51 3.00 -15.15
C SER A 744 -41.66 2.71 -13.92
N SER A 745 -41.43 1.44 -13.58
CA SER A 745 -40.67 1.12 -12.38
C SER A 745 -40.06 -0.27 -12.57
N CYS A 746 -38.75 -0.31 -12.76
CA CYS A 746 -38.02 -1.57 -12.92
C CYS A 746 -36.92 -1.65 -11.88
N ALA A 747 -36.87 -2.77 -11.16
CA ALA A 747 -35.79 -3.04 -10.22
C ALA A 747 -34.58 -3.69 -10.87
N LEU A 748 -34.66 -3.98 -12.17
CA LEU A 748 -33.61 -4.67 -12.90
C LEU A 748 -33.36 -3.89 -14.19
N ARG A 749 -32.45 -2.91 -14.14
CA ARG A 749 -32.12 -2.07 -15.27
C ARG A 749 -30.77 -2.48 -15.84
N MET A 750 -30.71 -2.67 -17.16
CA MET A 750 -29.47 -3.05 -17.82
C MET A 750 -28.83 -1.90 -18.58
N GLY A 751 -29.55 -0.80 -18.81
CA GLY A 751 -28.98 0.35 -19.46
C GLY A 751 -29.71 0.79 -20.71
N SER A 752 -29.57 2.07 -21.07
CA SER A 752 -30.15 2.67 -22.28
C SER A 752 -31.67 2.50 -22.34
N GLY A 753 -32.33 2.63 -21.20
CA GLY A 753 -33.77 2.58 -21.16
C GLY A 753 -34.38 1.19 -21.31
N PHE A 754 -33.60 0.14 -21.07
CA PHE A 754 -34.08 -1.23 -21.15
C PHE A 754 -34.02 -1.87 -19.78
N CYS A 755 -35.16 -2.39 -19.32
CA CYS A 755 -35.24 -3.06 -18.03
C CYS A 755 -35.86 -4.44 -18.21
N VAL A 756 -35.50 -5.36 -17.31
CA VAL A 756 -35.99 -6.73 -17.37
C VAL A 756 -36.88 -7.00 -16.17
N ASP A 757 -38.18 -6.80 -16.32
CA ASP A 757 -39.10 -7.14 -15.24
C ASP A 757 -39.40 -8.64 -15.27
N TYR A 758 -40.09 -9.10 -14.23
CA TYR A 758 -40.42 -10.52 -14.08
C TYR A 758 -41.92 -10.69 -14.02
N ASN A 759 -42.44 -11.65 -14.78
CA ASN A 759 -43.84 -12.01 -14.74
C ASN A 759 -44.04 -13.45 -15.20
N SER A 776 -41.83 -15.50 -18.52
CA SER A 776 -41.31 -15.13 -17.21
C SER A 776 -40.60 -13.78 -17.27
N TYR A 777 -39.30 -13.81 -17.58
CA TYR A 777 -38.52 -12.59 -17.68
C TYR A 777 -38.85 -11.86 -18.98
N ARG A 778 -39.43 -10.68 -18.86
CA ARG A 778 -39.86 -9.89 -20.01
C ARG A 778 -38.89 -8.73 -20.23
N PHE A 779 -38.42 -8.59 -21.47
CA PHE A 779 -37.53 -7.50 -21.85
C PHE A 779 -38.37 -6.35 -22.37
N VAL A 780 -38.46 -5.27 -21.61
CA VAL A 780 -39.32 -4.14 -21.93
C VAL A 780 -38.55 -2.83 -21.82
N THR A 781 -39.11 -1.80 -22.43
CA THR A 781 -38.53 -0.47 -22.37
C THR A 781 -38.82 0.17 -21.02
N PHE A 782 -37.97 1.12 -20.64
CA PHE A 782 -38.04 1.81 -19.35
C PHE A 782 -38.37 3.27 -19.60
N GLU A 783 -39.63 3.63 -19.45
CA GLU A 783 -40.09 5.03 -19.54
C GLU A 783 -40.65 5.42 -18.19
N PRO A 784 -39.85 6.05 -17.33
CA PRO A 784 -40.34 6.37 -15.98
C PRO A 784 -41.08 7.69 -15.89
N PHE A 785 -40.84 8.58 -16.85
CA PHE A 785 -41.41 9.92 -16.82
C PHE A 785 -42.07 10.23 -18.15
N ASN A 786 -43.25 10.86 -18.09
CA ASN A 786 -43.92 11.31 -19.30
C ASN A 786 -44.85 12.47 -18.96
N VAL A 787 -45.25 13.20 -20.00
CA VAL A 787 -46.04 14.41 -19.82
C VAL A 787 -47.52 14.05 -19.67
N SER A 788 -48.27 14.98 -19.09
CA SER A 788 -49.72 14.87 -18.99
C SER A 788 -50.36 15.66 -20.12
N PHE A 789 -51.32 15.03 -20.79
CA PHE A 789 -51.93 15.60 -21.99
C PHE A 789 -53.27 16.24 -21.67
N VAL A 790 -53.57 17.34 -22.35
CA VAL A 790 -54.84 18.05 -22.23
C VAL A 790 -55.39 18.30 -23.63
N ASN A 791 -56.65 17.92 -23.83
CA ASN A 791 -57.31 18.08 -25.13
C ASN A 791 -57.78 19.53 -25.25
N ASP A 792 -57.03 20.34 -25.98
CA ASP A 792 -57.38 21.74 -26.18
C ASP A 792 -56.78 22.25 -27.48
N SER A 793 -57.36 23.33 -27.99
CA SER A 793 -56.84 23.98 -29.18
C SER A 793 -55.57 24.77 -28.85
N ILE A 794 -54.74 24.97 -29.86
CA ILE A 794 -53.47 25.65 -29.68
C ILE A 794 -53.38 26.87 -30.58
N GLU A 795 -54.53 27.47 -30.90
CA GLU A 795 -54.57 28.64 -31.74
C GLU A 795 -55.50 29.69 -31.14
N SER A 796 -55.26 30.94 -31.51
CA SER A 796 -56.03 32.07 -30.99
C SER A 796 -57.18 32.36 -31.94
N VAL A 797 -58.34 31.77 -31.66
CA VAL A 797 -59.55 32.07 -32.42
C VAL A 797 -60.35 33.14 -31.67
N GLY A 798 -60.72 34.20 -32.39
CA GLY A 798 -61.37 35.34 -31.78
C GLY A 798 -60.52 36.07 -30.77
N GLY A 799 -59.19 36.00 -30.92
CA GLY A 799 -58.31 36.61 -29.95
C GLY A 799 -58.20 35.89 -28.63
N LEU A 800 -58.66 34.63 -28.56
CA LEU A 800 -58.74 33.90 -27.30
C LEU A 800 -58.07 32.54 -27.44
N TYR A 801 -57.38 32.14 -26.38
CA TYR A 801 -56.80 30.81 -26.27
C TYR A 801 -57.74 29.91 -25.48
N GLU A 802 -57.27 28.71 -25.13
CA GLU A 802 -58.06 27.76 -24.35
C GLU A 802 -57.15 27.12 -23.31
N ILE A 803 -57.48 27.29 -22.04
CA ILE A 803 -56.67 26.78 -20.94
C ILE A 803 -57.61 26.27 -19.85
N LYS A 804 -57.10 25.33 -19.04
CA LYS A 804 -57.88 24.67 -18.00
C LYS A 804 -57.61 25.36 -16.66
N ILE A 805 -58.50 26.27 -16.27
CA ILE A 805 -58.42 26.89 -14.95
C ILE A 805 -59.00 25.93 -13.92
N PRO A 806 -58.31 25.63 -12.82
CA PRO A 806 -58.88 24.77 -11.80
C PRO A 806 -60.06 25.41 -11.11
N THR A 807 -60.99 24.56 -10.65
CA THR A 807 -62.20 25.02 -9.98
C THR A 807 -62.39 24.46 -8.58
N ASN A 808 -61.58 23.50 -8.17
CA ASN A 808 -61.67 22.95 -6.82
C ASN A 808 -60.28 22.55 -6.37
N PHE A 809 -59.99 22.75 -5.09
CA PHE A 809 -58.62 22.61 -4.60
C PHE A 809 -58.62 21.88 -3.27
N THR A 810 -57.42 21.42 -2.89
CA THR A 810 -57.19 20.80 -1.60
C THR A 810 -55.75 21.10 -1.18
N ILE A 811 -55.40 20.68 0.03
CA ILE A 811 -54.06 20.85 0.57
C ILE A 811 -53.49 19.46 0.86
N VAL A 812 -52.33 19.17 0.29
CA VAL A 812 -51.66 17.89 0.49
C VAL A 812 -50.30 18.15 1.12
N GLY A 813 -49.69 17.09 1.64
CA GLY A 813 -48.41 17.19 2.30
C GLY A 813 -47.42 16.21 1.70
N GLN A 814 -46.15 16.44 2.01
CA GLN A 814 -45.07 15.59 1.52
C GLN A 814 -43.88 15.73 2.46
N GLU A 815 -43.28 14.61 2.83
CA GLU A 815 -42.13 14.59 3.72
C GLU A 815 -40.84 14.52 2.92
N GLU A 816 -39.74 14.90 3.58
CA GLU A 816 -38.41 14.87 2.97
C GLU A 816 -37.38 14.79 4.07
N PHE A 817 -36.44 13.85 3.95
CA PHE A 817 -35.39 13.66 4.94
C PHE A 817 -34.05 14.11 4.36
N ILE A 818 -33.40 15.04 5.05
CA ILE A 818 -32.07 15.52 4.68
C ILE A 818 -31.11 15.12 5.78
N GLN A 819 -30.08 14.37 5.43
CA GLN A 819 -29.14 13.85 6.42
C GLN A 819 -28.18 14.97 6.83
N THR A 820 -28.19 15.31 8.11
CA THR A 820 -27.34 16.35 8.66
C THR A 820 -26.16 15.77 9.44
N ASN A 821 -26.41 14.83 10.33
CA ASN A 821 -25.38 14.20 11.13
C ASN A 821 -25.04 12.81 10.60
N SER A 822 -23.87 12.32 10.99
CA SER A 822 -23.40 10.98 10.69
C SER A 822 -22.80 10.41 11.98
N PRO A 823 -22.77 9.09 12.12
CA PRO A 823 -22.10 8.50 13.28
C PRO A 823 -20.61 8.83 13.31
N LYS A 824 -20.09 8.98 14.52
CA LYS A 824 -18.70 9.39 14.74
C LYS A 824 -17.91 8.17 15.19
N VAL A 825 -17.08 7.64 14.30
CA VAL A 825 -16.37 6.39 14.52
C VAL A 825 -14.90 6.70 14.81
N THR A 826 -14.35 6.02 15.82
CA THR A 826 -12.95 6.19 16.20
C THR A 826 -12.25 4.84 16.21
N ILE A 827 -11.09 4.77 15.56
CA ILE A 827 -10.32 3.54 15.44
C ILE A 827 -8.91 3.83 15.96
N ASP A 828 -8.39 2.95 16.81
CA ASP A 828 -7.02 3.07 17.30
C ASP A 828 -6.17 1.89 16.85
N CYS A 829 -4.88 2.17 16.62
CA CYS A 829 -3.96 1.14 16.17
C CYS A 829 -3.70 0.10 17.24
N SER A 830 -3.54 0.54 18.49
CA SER A 830 -3.14 -0.35 19.58
C SER A 830 -4.22 -1.33 20.01
N LEU A 831 -5.35 -1.38 19.32
CA LEU A 831 -6.34 -2.43 19.50
C LEU A 831 -6.66 -3.15 18.21
N PHE A 832 -6.75 -2.44 17.09
CA PHE A 832 -7.14 -3.04 15.82
C PHE A 832 -5.98 -3.82 15.21
N VAL A 833 -4.88 -3.14 14.92
CA VAL A 833 -3.76 -3.77 14.22
C VAL A 833 -3.07 -4.79 15.14
N CYS A 834 -2.80 -4.40 16.37
CA CYS A 834 -2.12 -5.26 17.34
C CYS A 834 -2.89 -5.16 18.65
N SER A 835 -3.49 -6.27 19.08
CA SER A 835 -4.50 -6.18 20.14
C SER A 835 -3.85 -6.09 21.52
N ASN A 836 -3.11 -7.12 21.92
CA ASN A 836 -2.46 -7.10 23.23
C ASN A 836 -1.14 -7.86 23.21
N TYR A 837 -0.44 -7.85 22.08
CA TYR A 837 0.76 -8.64 21.90
C TYR A 837 1.97 -7.72 21.83
N ALA A 838 3.03 -8.09 22.56
CA ALA A 838 4.18 -7.20 22.71
C ALA A 838 4.98 -7.11 21.42
N ALA A 839 5.15 -8.23 20.71
CA ALA A 839 5.93 -8.22 19.48
C ALA A 839 5.26 -7.39 18.39
N CYS A 840 3.94 -7.50 18.27
CA CYS A 840 3.21 -6.72 17.28
C CYS A 840 3.28 -5.24 17.60
N HIS A 841 3.13 -4.87 18.88
CA HIS A 841 3.22 -3.48 19.28
C HIS A 841 4.63 -2.92 19.09
N ASP A 842 5.64 -3.76 19.30
CA ASP A 842 7.02 -3.33 19.08
C ASP A 842 7.30 -3.11 17.60
N LEU A 843 6.78 -3.99 16.74
CA LEU A 843 6.98 -3.82 15.30
C LEU A 843 6.17 -2.65 14.76
N LEU A 844 5.06 -2.29 15.41
CA LEU A 844 4.24 -1.18 14.96
C LEU A 844 4.88 0.17 15.25
N SER A 845 5.94 0.21 16.06
CA SER A 845 6.58 1.48 16.39
C SER A 845 7.22 2.14 15.18
N GLU A 846 7.64 1.35 14.18
CA GLU A 846 8.16 1.92 12.95
C GLU A 846 7.08 2.66 12.17
N TYR A 847 5.86 2.10 12.13
CA TYR A 847 4.73 2.69 11.41
C TYR A 847 3.87 3.58 12.29
N GLY A 848 4.45 4.16 13.35
CA GLY A 848 3.65 4.96 14.27
C GLY A 848 3.15 6.25 13.68
N THR A 849 3.84 6.76 12.65
CA THR A 849 3.41 7.99 11.99
C THR A 849 2.09 7.77 11.26
N PHE A 850 1.90 6.58 10.65
CA PHE A 850 0.62 6.26 10.04
C PHE A 850 -0.51 6.25 11.06
N CYS A 851 -0.25 5.69 12.25
CA CYS A 851 -1.28 5.63 13.28
C CYS A 851 -1.62 7.02 13.81
N ASP A 852 -0.61 7.86 13.99
CA ASP A 852 -0.86 9.24 14.39
C ASP A 852 -1.64 9.99 13.32
N ASN A 853 -1.33 9.75 12.04
CA ASN A 853 -2.05 10.39 10.95
C ASN A 853 -3.51 9.94 10.92
N ILE A 854 -3.77 8.65 11.11
CA ILE A 854 -5.13 8.14 11.11
C ILE A 854 -5.94 8.74 12.27
N ASN A 855 -5.33 8.77 13.46
CA ASN A 855 -6.01 9.34 14.62
C ASN A 855 -6.26 10.83 14.44
N SER A 856 -5.30 11.56 13.86
CA SER A 856 -5.49 12.99 13.62
C SER A 856 -6.58 13.24 12.58
N ILE A 857 -6.59 12.45 11.50
CA ILE A 857 -7.59 12.64 10.45
C ILE A 857 -9.00 12.37 10.99
N LEU A 858 -9.15 11.29 11.77
CA LEU A 858 -10.44 11.02 12.38
C LEU A 858 -10.84 12.09 13.39
N ASP A 859 -9.86 12.65 14.11
CA ASP A 859 -10.16 13.72 15.06
C ASP A 859 -10.66 14.97 14.35
N GLU A 860 -10.03 15.36 13.23
CA GLU A 860 -10.53 16.52 12.51
C GLU A 860 -11.87 16.24 11.84
N VAL A 861 -12.11 15.00 11.42
CA VAL A 861 -13.41 14.64 10.87
C VAL A 861 -14.51 14.80 11.91
N ASN A 862 -14.26 14.29 13.12
CA ASN A 862 -15.24 14.42 14.19
C ASN A 862 -15.41 15.86 14.64
N GLY A 863 -14.33 16.66 14.59
CA GLY A 863 -14.45 18.07 14.88
C GLY A 863 -15.30 18.81 13.86
N LEU A 864 -15.14 18.47 12.58
CA LEU A 864 -15.99 19.05 11.54
C LEU A 864 -17.45 18.67 11.74
N LEU A 865 -17.70 17.42 12.10
CA LEU A 865 -19.07 16.98 12.37
C LEU A 865 -19.68 17.72 13.56
N ASP A 866 -18.89 17.92 14.62
CA ASP A 866 -19.38 18.65 15.79
C ASP A 866 -19.67 20.10 15.47
N THR A 867 -18.79 20.74 14.69
CA THR A 867 -19.02 22.12 14.27
C THR A 867 -20.28 22.23 13.41
N THR A 868 -20.50 21.26 12.53
CA THR A 868 -21.70 21.28 11.69
C THR A 868 -22.97 21.10 12.52
N GLN A 869 -22.91 20.21 13.51
CA GLN A 869 -24.06 20.04 14.41
C GLN A 869 -24.35 21.31 15.19
N LEU A 870 -23.30 21.99 15.66
CA LEU A 870 -23.48 23.25 16.38
C LEU A 870 -24.09 24.32 15.47
N HIS A 871 -23.65 24.36 14.21
CA HIS A 871 -24.19 25.35 13.27
C HIS A 871 -25.66 25.08 12.96
N VAL A 872 -26.04 23.81 12.81
CA VAL A 872 -27.44 23.48 12.55
C VAL A 872 -28.30 23.80 13.78
N ALA A 873 -27.81 23.49 14.97
CA ALA A 873 -28.55 23.83 16.18
C ALA A 873 -28.67 25.34 16.37
N ASP A 874 -27.66 26.09 15.95
CA ASP A 874 -27.75 27.55 16.02
C ASP A 874 -28.76 28.10 15.02
N THR A 875 -28.75 27.59 13.79
CA THR A 875 -29.69 28.10 12.80
C THR A 875 -31.12 27.62 13.03
N LEU A 876 -31.32 26.64 13.91
CA LEU A 876 -32.68 26.31 14.30
C LEU A 876 -33.34 27.43 15.08
N MET A 877 -32.55 28.27 15.77
CA MET A 877 -33.08 29.37 16.57
C MET A 877 -32.23 30.61 16.30
N GLN A 878 -32.70 31.46 15.39
CA GLN A 878 -32.00 32.69 15.05
C GLN A 878 -32.65 33.91 15.66
N GLY A 879 -33.92 34.14 15.36
CA GLY A 879 -34.64 35.27 15.92
C GLY A 879 -35.81 34.79 16.76
N VAL A 880 -35.60 33.66 17.44
CA VAL A 880 -36.68 33.03 18.20
C VAL A 880 -37.00 33.85 19.44
N THR A 881 -38.26 33.82 19.85
CA THR A 881 -38.73 34.59 21.00
C THR A 881 -39.98 33.91 21.53
N LEU A 882 -39.89 33.36 22.74
CA LEU A 882 -41.01 32.67 23.35
C LEU A 882 -41.61 33.51 24.48
N SER A 883 -42.82 33.14 24.88
CA SER A 883 -43.51 33.82 25.97
C SER A 883 -43.35 33.01 27.25
N SER A 884 -43.17 33.71 28.37
CA SER A 884 -43.01 33.04 29.65
C SER A 884 -44.31 32.39 30.11
N ASN A 885 -45.44 33.08 29.92
CA ASN A 885 -46.75 32.57 30.35
C ASN A 885 -47.29 31.63 29.28
N LEU A 886 -46.63 30.49 29.13
CA LEU A 886 -46.90 29.54 28.06
C LEU A 886 -47.00 28.15 28.69
N ASN A 887 -48.20 27.78 29.13
CA ASN A 887 -48.47 26.46 29.71
C ASN A 887 -48.95 25.54 28.59
N THR A 888 -48.01 24.88 27.92
CA THR A 888 -48.25 24.14 26.69
C THR A 888 -49.05 22.85 26.88
N ASN A 889 -49.54 22.55 28.08
CA ASN A 889 -50.34 21.36 28.27
C ASN A 889 -51.80 21.53 27.87
N LEU A 890 -52.30 22.76 27.76
CA LEU A 890 -53.72 22.98 27.52
C LEU A 890 -54.03 23.81 26.29
N HIS A 891 -53.22 24.83 25.98
CA HIS A 891 -53.43 25.63 24.79
C HIS A 891 -52.42 25.16 23.74
N PHE A 892 -52.87 24.26 22.87
CA PHE A 892 -52.03 23.68 21.84
C PHE A 892 -52.65 23.69 20.45
N ASP A 893 -53.97 23.77 20.33
CA ASP A 893 -54.65 23.77 19.03
C ASP A 893 -55.59 24.96 18.96
N VAL A 894 -55.06 26.12 18.57
CA VAL A 894 -55.88 27.26 18.25
C VAL A 894 -55.94 27.38 16.74
N ASP A 895 -56.97 28.09 16.25
CA ASP A 895 -57.29 28.25 14.83
C ASP A 895 -57.52 26.89 14.15
N ASN A 896 -58.07 25.94 14.91
CA ASN A 896 -58.55 24.64 14.41
C ASN A 896 -57.47 23.82 13.72
N ILE A 897 -56.22 23.97 14.13
CA ILE A 897 -55.11 23.19 13.60
C ILE A 897 -54.39 22.55 14.78
N ASN A 898 -54.14 21.24 14.68
CA ASN A 898 -53.55 20.47 15.78
C ASN A 898 -52.03 20.47 15.66
N PHE A 899 -51.36 21.07 16.64
CA PHE A 899 -49.92 20.96 16.79
C PHE A 899 -49.50 20.06 17.94
N LYS A 900 -50.44 19.31 18.52
CA LYS A 900 -50.13 18.49 19.70
C LYS A 900 -49.14 17.38 19.37
N SER A 901 -49.27 16.79 18.18
CA SER A 901 -48.34 15.72 17.81
C SER A 901 -46.96 16.27 17.47
N LEU A 902 -46.89 17.52 16.98
CA LEU A 902 -45.63 18.11 16.57
C LEU A 902 -44.89 18.79 17.72
N VAL A 903 -45.57 19.12 18.81
CA VAL A 903 -45.01 19.90 19.91
C VAL A 903 -44.81 18.98 21.10
N GLY A 904 -43.57 18.90 21.58
CA GLY A 904 -43.26 18.11 22.75
C GLY A 904 -43.31 18.91 24.03
N CYS A 905 -43.13 18.19 25.14
CA CYS A 905 -43.14 18.68 26.52
C CYS A 905 -44.30 19.64 26.79
N LEU A 906 -45.51 19.09 26.66
CA LEU A 906 -46.75 19.85 26.84
C LEU A 906 -46.91 20.20 28.31
N GLY A 907 -46.59 21.44 28.66
CA GLY A 907 -46.68 21.89 30.03
C GLY A 907 -45.43 22.62 30.48
N PRO A 908 -45.26 22.77 31.79
CA PRO A 908 -44.05 23.42 32.34
C PRO A 908 -42.92 22.47 32.75
N HIS A 909 -43.03 21.18 32.44
CA HIS A 909 -42.03 20.19 32.85
C HIS A 909 -41.05 19.87 31.74
N CYS A 910 -40.67 20.85 30.94
CA CYS A 910 -39.83 20.63 29.76
C CYS A 910 -38.35 20.60 30.14
N GLY A 911 -38.01 19.64 31.01
CA GLY A 911 -36.64 19.45 31.45
C GLY A 911 -36.14 18.04 31.22
N SER A 912 -37.05 17.07 31.14
CA SER A 912 -36.68 15.67 31.02
C SER A 912 -36.63 15.23 29.55
N SER A 913 -37.75 15.31 28.85
CA SER A 913 -37.81 14.86 27.46
C SER A 913 -38.79 15.75 26.72
N SER A 914 -38.29 16.52 25.75
CA SER A 914 -39.11 17.39 24.93
C SER A 914 -39.47 16.76 23.59
N ARG A 915 -39.29 15.44 23.46
CA ARG A 915 -39.58 14.76 22.21
C ARG A 915 -41.08 14.76 21.94
N SER A 916 -41.44 15.12 20.71
CA SER A 916 -42.84 15.21 20.35
C SER A 916 -43.42 13.84 20.04
N PHE A 917 -44.75 13.78 19.96
CA PHE A 917 -45.43 12.55 19.59
C PHE A 917 -45.12 12.15 18.15
N PHE A 918 -44.90 13.13 17.28
CA PHE A 918 -44.52 12.84 15.90
C PHE A 918 -43.16 12.17 15.82
N GLU A 919 -42.20 12.62 16.64
CA GLU A 919 -40.87 12.05 16.61
C GLU A 919 -40.81 10.66 17.23
N ASP A 920 -41.84 10.26 17.98
CA ASP A 920 -41.85 8.94 18.60
C ASP A 920 -41.87 7.84 17.55
N LEU A 921 -42.67 8.02 16.49
CA LEU A 921 -42.71 7.03 15.41
C LEU A 921 -41.37 6.94 14.71
N LEU A 922 -40.71 8.08 14.47
CA LEU A 922 -39.41 8.08 13.82
C LEU A 922 -38.35 7.39 14.68
N PHE A 923 -38.34 7.68 15.98
CA PHE A 923 -37.31 7.13 16.84
C PHE A 923 -37.63 5.72 17.33
N ASP A 924 -38.83 5.21 17.07
CA ASP A 924 -39.12 3.81 17.34
C ASP A 924 -39.08 2.94 16.09
N LYS A 925 -39.17 3.54 14.89
CA LYS A 925 -39.01 2.76 13.67
C LYS A 925 -37.58 2.26 13.53
N VAL A 926 -36.60 3.07 13.92
CA VAL A 926 -35.20 2.67 13.95
C VAL A 926 -34.74 2.68 15.40
N LYS A 927 -34.05 1.62 15.81
CA LYS A 927 -33.57 1.49 17.18
C LYS A 927 -32.11 1.83 17.34
N LEU A 928 -31.37 1.96 16.24
CA LEU A 928 -29.92 2.21 16.31
C LEU A 928 -29.64 3.71 16.13
N SER A 929 -30.14 4.48 17.08
CA SER A 929 -29.80 5.89 17.19
C SER A 929 -28.63 6.03 18.15
N ASP A 930 -28.31 7.27 18.56
CA ASP A 930 -27.25 7.47 19.53
C ASP A 930 -27.61 6.88 20.88
N VAL A 931 -28.88 7.01 21.28
CA VAL A 931 -29.36 6.34 22.49
C VAL A 931 -29.33 4.84 22.30
N GLY A 932 -29.63 4.38 21.08
CA GLY A 932 -29.52 2.95 20.80
C GLY A 932 -28.09 2.45 20.89
N PHE A 933 -27.13 3.23 20.39
CA PHE A 933 -25.72 2.85 20.50
C PHE A 933 -25.27 2.83 21.97
N VAL A 934 -25.71 3.82 22.74
CA VAL A 934 -25.33 3.89 24.16
C VAL A 934 -25.91 2.70 24.92
N GLU A 935 -27.17 2.37 24.68
CA GLU A 935 -27.80 1.24 25.36
C GLU A 935 -27.23 -0.09 24.90
N ALA A 936 -26.79 -0.17 23.63
CA ALA A 936 -26.19 -1.40 23.15
C ALA A 936 -24.79 -1.60 23.73
N TYR A 937 -23.99 -0.54 23.80
CA TYR A 937 -22.66 -0.65 24.39
C TYR A 937 -22.74 -0.85 25.90
N ASN A 938 -23.80 -0.36 26.54
CA ASN A 938 -23.98 -0.59 27.97
C ASN A 938 -24.23 -2.07 28.26
N ASN A 939 -25.04 -2.73 27.43
CA ASN A 939 -25.39 -4.14 27.62
C ASN A 939 -24.35 -5.04 26.97
N CYS A 940 -23.08 -4.85 27.37
CA CYS A 940 -22.00 -5.58 26.72
C CYS A 940 -21.10 -6.29 27.73
N THR A 941 -20.96 -5.72 28.93
CA THR A 941 -20.11 -6.34 29.94
C THR A 941 -20.77 -7.59 30.52
N GLY A 942 -22.04 -7.51 30.87
CA GLY A 942 -22.75 -8.65 31.41
C GLY A 942 -23.85 -9.14 30.49
N GLY A 943 -23.63 -10.30 29.87
CA GLY A 943 -24.61 -10.83 28.94
C GLY A 943 -24.30 -12.27 28.60
N SER A 944 -25.29 -12.93 27.99
CA SER A 944 -25.17 -14.33 27.60
C SER A 944 -25.31 -14.51 26.10
N GLU A 945 -25.20 -13.43 25.33
CA GLU A 945 -25.33 -13.47 23.88
C GLU A 945 -23.99 -13.18 23.23
N ILE A 946 -23.71 -13.88 22.14
CA ILE A 946 -22.41 -13.78 21.48
C ILE A 946 -22.51 -13.37 20.01
N ARG A 947 -23.69 -13.46 19.39
CA ARG A 947 -23.80 -13.17 17.96
C ARG A 947 -23.93 -11.69 17.65
N ASP A 948 -23.96 -10.82 18.67
CA ASP A 948 -23.99 -9.39 18.43
C ASP A 948 -22.66 -8.90 17.86
N LEU A 949 -22.75 -7.98 16.89
CA LEU A 949 -21.56 -7.47 16.23
C LEU A 949 -20.97 -6.26 16.93
N LEU A 950 -21.79 -5.49 17.63
CA LEU A 950 -21.34 -4.24 18.24
C LEU A 950 -20.32 -4.50 19.35
N CYS A 951 -20.54 -5.55 20.16
CA CYS A 951 -19.59 -5.88 21.21
C CYS A 951 -18.24 -6.31 20.64
N VAL A 952 -18.25 -7.10 19.57
CA VAL A 952 -17.01 -7.53 18.93
C VAL A 952 -16.27 -6.33 18.35
N GLN A 953 -17.01 -5.44 17.68
CA GLN A 953 -16.40 -4.24 17.13
C GLN A 953 -15.81 -3.35 18.22
N SER A 954 -16.53 -3.20 19.33
CA SER A 954 -16.06 -2.34 20.42
C SER A 954 -14.84 -2.94 21.11
N PHE A 955 -14.79 -4.27 21.22
CA PHE A 955 -13.61 -4.92 21.77
C PHE A 955 -12.43 -4.88 20.80
N ASN A 956 -12.69 -4.74 19.50
CA ASN A 956 -11.62 -4.63 18.51
C ASN A 956 -11.29 -3.19 18.17
N GLY A 957 -11.63 -2.23 19.05
CA GLY A 957 -11.20 -0.87 18.89
C GLY A 957 -12.07 0.03 18.06
N ILE A 958 -13.13 -0.50 17.44
CA ILE A 958 -14.01 0.29 16.59
C ILE A 958 -15.26 0.64 17.39
N LYS A 959 -15.49 1.93 17.59
CA LYS A 959 -16.54 2.37 18.50
C LYS A 959 -17.16 3.66 17.96
N VAL A 960 -18.46 3.82 18.17
CA VAL A 960 -19.21 4.97 17.68
C VAL A 960 -19.55 5.82 18.89
N LEU A 961 -18.84 6.95 19.03
CA LEU A 961 -19.05 7.84 20.16
C LEU A 961 -20.34 8.64 19.98
N PRO A 962 -21.01 8.99 21.09
CA PRO A 962 -22.21 9.80 20.98
C PRO A 962 -21.87 11.22 20.54
N PRO A 963 -22.80 11.91 19.88
CA PRO A 963 -22.54 13.28 19.46
C PRO A 963 -22.52 14.24 20.65
N ILE A 964 -22.00 15.44 20.41
CA ILE A 964 -21.85 16.42 21.47
C ILE A 964 -23.19 16.97 21.94
N LEU A 965 -24.22 16.93 21.10
CA LEU A 965 -25.57 17.32 21.50
C LEU A 965 -26.48 16.10 21.42
N SER A 966 -27.21 15.84 22.50
CA SER A 966 -28.16 14.75 22.51
C SER A 966 -29.39 15.12 21.70
N GLU A 967 -30.08 14.09 21.19
CA GLU A 967 -31.24 14.30 20.35
C GLU A 967 -32.42 14.88 21.11
N SER A 968 -32.43 14.75 22.45
CA SER A 968 -33.45 15.42 23.25
C SER A 968 -33.33 16.94 23.14
N GLN A 969 -32.11 17.45 23.15
CA GLN A 969 -31.90 18.89 23.00
C GLN A 969 -32.33 19.37 21.62
N ILE A 970 -32.02 18.60 20.58
CA ILE A 970 -32.42 18.99 19.23
C ILE A 970 -33.93 18.92 19.08
N SER A 971 -34.56 17.93 19.72
CA SER A 971 -36.03 17.86 19.73
C SER A 971 -36.62 19.07 20.44
N GLY A 972 -36.01 19.49 21.55
CA GLY A 972 -36.43 20.71 22.21
C GLY A 972 -36.27 21.94 21.34
N TYR A 973 -35.20 21.97 20.55
CA TYR A 973 -34.98 23.11 19.64
C TYR A 973 -36.04 23.15 18.56
N THR A 974 -36.36 22.00 17.96
CA THR A 974 -37.40 21.95 16.94
C THR A 974 -38.77 22.29 17.51
N THR A 975 -39.05 21.81 18.73
CA THR A 975 -40.30 22.15 19.39
C THR A 975 -40.42 23.64 19.67
N ALA A 976 -39.32 24.25 20.14
CA ALA A 976 -39.33 25.69 20.40
C ALA A 976 -39.51 26.48 19.11
N ALA A 977 -38.88 26.05 18.03
CA ALA A 977 -39.05 26.71 16.74
C ALA A 977 -40.50 26.60 16.26
N THR A 978 -41.10 25.42 16.39
CA THR A 978 -42.49 25.24 15.96
C THR A 978 -43.46 26.07 16.78
N VAL A 979 -43.26 26.11 18.10
CA VAL A 979 -44.16 26.88 18.97
C VAL A 979 -44.02 28.38 18.70
N ALA A 980 -42.79 28.86 18.52
CA ALA A 980 -42.59 30.27 18.18
C ALA A 980 -43.15 30.60 16.81
N ALA A 981 -43.15 29.62 15.89
CA ALA A 981 -43.83 29.81 14.61
C ALA A 981 -45.33 29.94 14.80
N MET A 982 -45.89 29.20 15.77
CA MET A 982 -47.34 29.13 15.89
C MET A 982 -47.90 30.22 16.80
N PHE A 983 -47.39 30.32 18.05
CA PHE A 983 -47.96 31.21 19.05
C PHE A 983 -47.29 32.58 19.02
N PRO A 984 -47.99 33.64 19.45
CA PRO A 984 -47.37 34.96 19.49
C PRO A 984 -46.29 35.04 20.56
N PRO A 985 -45.22 35.83 20.34
CA PRO A 985 -44.93 36.59 19.12
C PRO A 985 -44.39 35.71 18.01
N TRP A 986 -44.97 35.86 16.82
CA TRP A 986 -44.75 34.93 15.71
C TRP A 986 -43.37 35.20 15.12
N SER A 987 -42.34 34.70 15.82
CA SER A 987 -40.96 34.97 15.44
C SER A 987 -40.58 34.25 14.16
N ALA A 988 -40.92 32.96 14.06
CA ALA A 988 -40.56 32.15 12.91
C ALA A 988 -41.60 32.20 11.80
N ALA A 989 -42.62 33.03 11.94
CA ALA A 989 -43.66 33.16 10.92
C ALA A 989 -43.87 34.62 10.53
N ALA A 990 -42.81 35.43 10.63
CA ALA A 990 -42.78 36.82 10.16
C ALA A 990 -43.85 37.70 10.83
N GLY A 991 -44.07 37.47 12.12
CA GLY A 991 -44.88 38.35 12.93
C GLY A 991 -46.35 38.47 12.55
N ILE A 992 -46.99 37.35 12.29
CA ILE A 992 -48.38 37.36 11.81
C ILE A 992 -49.03 36.04 12.23
N PRO A 993 -50.33 36.01 12.51
CA PRO A 993 -50.99 34.75 12.84
C PRO A 993 -50.85 33.69 11.76
N PHE A 994 -50.73 32.44 12.20
CA PHE A 994 -50.36 31.33 11.33
C PHE A 994 -51.41 31.07 10.26
N SER A 995 -52.70 31.12 10.63
CA SER A 995 -53.77 30.90 9.66
C SER A 995 -53.78 31.99 8.60
N LEU A 996 -53.54 33.25 9.00
CA LEU A 996 -53.42 34.32 8.02
C LEU A 996 -52.20 34.15 7.14
N ASN A 997 -51.12 33.57 7.69
CA ASN A 997 -49.95 33.27 6.87
C ASN A 997 -50.27 32.24 5.80
N VAL A 998 -51.03 31.19 6.17
CA VAL A 998 -51.48 30.20 5.19
C VAL A 998 -52.38 30.84 4.14
N GLN A 999 -53.28 31.73 4.59
CA GLN A 999 -54.18 32.42 3.67
C GLN A 999 -53.42 33.25 2.65
N TYR A 1000 -52.41 34.00 3.11
CA TYR A 1000 -51.66 34.85 2.21
C TYR A 1000 -50.76 34.03 1.30
N ARG A 1001 -50.21 32.92 1.80
CA ARG A 1001 -49.36 32.07 0.95
C ARG A 1001 -50.17 31.39 -0.13
N ILE A 1002 -51.41 30.99 0.16
CA ILE A 1002 -52.26 30.44 -0.88
C ILE A 1002 -52.71 31.53 -1.84
N ASN A 1003 -53.00 32.73 -1.33
CA ASN A 1003 -53.47 33.82 -2.19
C ASN A 1003 -52.38 34.29 -3.15
N GLY A 1004 -51.11 34.24 -2.73
CA GLY A 1004 -50.03 34.64 -3.61
C GLY A 1004 -49.86 33.76 -4.84
N LEU A 1005 -50.34 32.52 -4.77
CA LEU A 1005 -50.23 31.64 -5.94
C LEU A 1005 -51.21 32.02 -7.03
N GLY A 1006 -52.34 32.64 -6.67
CA GLY A 1006 -53.32 33.05 -7.66
C GLY A 1006 -54.74 32.88 -7.18
N VAL A 1007 -54.92 32.25 -6.02
CA VAL A 1007 -56.25 32.04 -5.47
C VAL A 1007 -56.80 33.36 -4.94
N THR A 1008 -58.03 33.69 -5.32
CA THR A 1008 -58.66 34.91 -4.84
C THR A 1008 -58.96 34.80 -3.34
N MET A 1009 -59.08 35.97 -2.70
CA MET A 1009 -59.25 36.01 -1.25
C MET A 1009 -60.70 35.84 -0.83
N ASP A 1010 -61.66 35.95 -1.75
CA ASP A 1010 -63.06 35.76 -1.37
C ASP A 1010 -63.32 34.31 -1.01
N VAL A 1011 -62.80 33.38 -1.80
CA VAL A 1011 -63.02 31.95 -1.53
C VAL A 1011 -62.11 31.42 -0.44
N LEU A 1012 -61.12 32.19 0.00
CA LEU A 1012 -60.16 31.67 0.97
C LEU A 1012 -60.71 31.74 2.39
N ASN A 1013 -61.26 32.88 2.79
CA ASN A 1013 -61.80 33.00 4.14
C ASN A 1013 -63.23 32.47 4.27
N LYS A 1014 -63.89 32.16 3.16
CA LYS A 1014 -65.15 31.44 3.20
C LYS A 1014 -64.96 29.93 3.19
N ASN A 1015 -63.71 29.47 3.05
CA ASN A 1015 -63.38 28.05 3.11
C ASN A 1015 -62.38 27.77 4.24
N GLN A 1016 -62.32 28.64 5.25
CA GLN A 1016 -61.29 28.53 6.28
C GLN A 1016 -61.45 27.28 7.11
N LYS A 1017 -62.69 26.88 7.40
CA LYS A 1017 -62.93 25.66 8.16
C LYS A 1017 -62.45 24.43 7.40
N LEU A 1018 -62.80 24.33 6.11
CA LEU A 1018 -62.36 23.18 5.33
C LEU A 1018 -60.88 23.27 5.00
N ILE A 1019 -60.30 24.47 4.96
CA ILE A 1019 -58.86 24.59 4.78
C ILE A 1019 -58.12 24.03 5.99
N ALA A 1020 -58.60 24.39 7.19
CA ALA A 1020 -58.00 23.84 8.42
C ALA A 1020 -58.22 22.33 8.51
N THR A 1021 -59.40 21.86 8.11
CA THR A 1021 -59.67 20.43 8.11
C THR A 1021 -58.77 19.69 7.13
N ALA A 1022 -58.53 20.27 5.95
CA ALA A 1022 -57.63 19.66 4.98
C ALA A 1022 -56.19 19.66 5.47
N PHE A 1023 -55.79 20.72 6.17
CA PHE A 1023 -54.44 20.78 6.71
C PHE A 1023 -54.24 19.71 7.79
N ASN A 1024 -55.24 19.55 8.66
CA ASN A 1024 -55.19 18.50 9.68
C ASN A 1024 -55.19 17.11 9.04
N ASN A 1025 -55.97 16.93 7.98
CA ASN A 1025 -56.00 15.66 7.27
C ASN A 1025 -54.66 15.35 6.63
N ALA A 1026 -54.02 16.36 6.04
CA ALA A 1026 -52.69 16.17 5.47
C ALA A 1026 -51.67 15.82 6.53
N LEU A 1027 -51.75 16.48 7.69
CA LEU A 1027 -50.85 16.16 8.80
C LEU A 1027 -51.07 14.75 9.31
N LEU A 1028 -52.33 14.32 9.41
CA LEU A 1028 -52.60 12.96 9.88
C LEU A 1028 -52.16 11.92 8.86
N SER A 1029 -52.31 12.22 7.56
CA SER A 1029 -51.87 11.30 6.52
C SER A 1029 -50.35 11.17 6.51
N ILE A 1030 -49.64 12.29 6.62
CA ILE A 1030 -48.18 12.23 6.66
C ILE A 1030 -47.69 11.63 7.97
N GLN A 1031 -48.51 11.68 9.03
CA GLN A 1031 -48.17 10.99 10.26
C GLN A 1031 -48.33 9.48 10.12
N ASN A 1032 -49.43 9.04 9.51
CA ASN A 1032 -49.71 7.62 9.38
C ASN A 1032 -48.92 6.95 8.26
N GLY A 1033 -48.37 7.72 7.32
CA GLY A 1033 -47.68 7.11 6.20
C GLY A 1033 -46.33 6.51 6.53
N PHE A 1034 -45.78 6.81 7.70
CA PHE A 1034 -44.49 6.23 8.09
C PHE A 1034 -44.59 4.76 8.46
N SER A 1035 -45.82 4.25 8.70
CA SER A 1035 -45.98 2.85 9.04
C SER A 1035 -45.70 1.94 7.84
N ALA A 1036 -45.86 2.45 6.63
CA ALA A 1036 -45.63 1.67 5.43
C ALA A 1036 -44.14 1.70 5.06
N THR A 1037 -43.81 1.20 3.87
CA THR A 1037 -42.44 1.27 3.35
C THR A 1037 -42.26 2.62 2.69
N ASN A 1038 -41.99 3.63 3.51
CA ASN A 1038 -41.89 5.00 3.04
C ASN A 1038 -40.49 5.27 2.49
N SER A 1039 -40.34 6.44 1.89
CA SER A 1039 -39.07 6.82 1.26
C SER A 1039 -38.13 7.55 2.21
N ALA A 1040 -38.66 8.24 3.23
CA ALA A 1040 -37.78 8.85 4.22
C ALA A 1040 -37.12 7.79 5.09
N LEU A 1041 -37.90 6.80 5.52
CA LEU A 1041 -37.33 5.67 6.24
C LEU A 1041 -36.35 4.89 5.38
N ALA A 1042 -36.55 4.89 4.06
CA ALA A 1042 -35.57 4.30 3.16
C ALA A 1042 -34.22 4.98 3.31
N LYS A 1043 -34.21 6.32 3.38
CA LYS A 1043 -32.95 7.04 3.57
C LYS A 1043 -32.36 6.82 4.95
N ILE A 1044 -33.21 6.79 5.99
CA ILE A 1044 -32.70 6.65 7.36
C ILE A 1044 -32.09 5.27 7.57
N GLN A 1045 -32.81 4.21 7.19
CA GLN A 1045 -32.21 2.89 7.26
C GLN A 1045 -31.10 2.70 6.24
N SER A 1046 -31.08 3.50 5.16
CA SER A 1046 -29.97 3.42 4.22
C SER A 1046 -28.68 3.91 4.84
N VAL A 1047 -28.71 5.07 5.51
CA VAL A 1047 -27.49 5.58 6.13
C VAL A 1047 -27.09 4.69 7.32
N VAL A 1048 -28.07 4.18 8.07
CA VAL A 1048 -27.75 3.31 9.20
C VAL A 1048 -27.12 2.00 8.72
N ASN A 1049 -27.70 1.38 7.69
CA ASN A 1049 -27.17 0.13 7.18
C ASN A 1049 -25.85 0.33 6.43
N SER A 1050 -25.64 1.50 5.82
CA SER A 1050 -24.36 1.76 5.18
C SER A 1050 -23.25 1.90 6.21
N ASN A 1051 -23.52 2.59 7.32
CA ASN A 1051 -22.54 2.66 8.40
C ASN A 1051 -22.28 1.28 8.99
N ALA A 1052 -23.34 0.48 9.17
CA ALA A 1052 -23.17 -0.86 9.71
C ALA A 1052 -22.37 -1.75 8.75
N GLN A 1053 -22.61 -1.62 7.45
CA GLN A 1053 -21.86 -2.39 6.46
C GLN A 1053 -20.40 -1.99 6.41
N ALA A 1054 -20.12 -0.69 6.53
CA ALA A 1054 -18.72 -0.24 6.57
C ALA A 1054 -18.00 -0.78 7.79
N LEU A 1055 -18.66 -0.74 8.96
CA LEU A 1055 -18.04 -1.28 10.17
C LEU A 1055 -17.87 -2.80 10.08
N ASN A 1056 -18.83 -3.48 9.47
CA ASN A 1056 -18.73 -4.93 9.29
C ASN A 1056 -17.58 -5.29 8.35
N SER A 1057 -17.40 -4.52 7.28
CA SER A 1057 -16.28 -4.77 6.37
C SER A 1057 -14.95 -4.52 7.04
N LEU A 1058 -14.86 -3.45 7.84
CA LEU A 1058 -13.62 -3.20 8.57
C LEU A 1058 -13.35 -4.27 9.61
N LEU A 1059 -14.40 -4.82 10.24
CA LEU A 1059 -14.21 -5.91 11.18
C LEU A 1059 -13.76 -7.18 10.47
N GLN A 1060 -14.34 -7.48 9.30
CA GLN A 1060 -13.96 -8.66 8.54
C GLN A 1060 -12.58 -8.53 7.91
N GLN A 1061 -12.05 -7.31 7.84
CA GLN A 1061 -10.68 -7.14 7.38
C GLN A 1061 -9.66 -7.77 8.32
N LEU A 1062 -10.03 -8.03 9.58
CA LEU A 1062 -9.12 -8.60 10.56
C LEU A 1062 -8.85 -10.09 10.33
N PHE A 1063 -9.60 -10.75 9.46
CA PHE A 1063 -9.46 -12.19 9.24
C PHE A 1063 -8.95 -12.48 7.82
N ASN A 1064 -8.02 -11.67 7.34
CA ASN A 1064 -7.40 -11.86 6.04
C ASN A 1064 -5.96 -12.30 6.24
N LYS A 1065 -5.56 -13.34 5.49
CA LYS A 1065 -4.23 -13.90 5.66
C LYS A 1065 -3.15 -12.96 5.15
N PHE A 1066 -3.42 -12.27 4.03
CA PHE A 1066 -2.47 -11.39 3.35
C PHE A 1066 -1.17 -12.12 2.98
N GLY A 1067 -1.30 -13.40 2.62
CA GLY A 1067 -0.16 -14.20 2.28
C GLY A 1067 0.58 -14.80 3.46
N ALA A 1068 0.17 -14.50 4.69
CA ALA A 1068 0.78 -15.11 5.86
C ALA A 1068 0.18 -16.49 6.10
N ILE A 1069 0.82 -17.25 6.99
CA ILE A 1069 0.37 -18.61 7.26
C ILE A 1069 -0.92 -18.62 8.07
N SER A 1070 -1.21 -17.55 8.81
CA SER A 1070 -2.43 -17.49 9.60
C SER A 1070 -2.91 -16.05 9.67
N SER A 1071 -4.24 -15.88 9.64
CA SER A 1071 -4.82 -14.56 9.79
C SER A 1071 -4.82 -14.07 11.23
N SER A 1072 -4.61 -14.98 12.19
CA SER A 1072 -4.62 -14.62 13.60
C SER A 1072 -3.19 -14.54 14.12
N LEU A 1073 -2.91 -13.52 14.92
CA LEU A 1073 -1.59 -13.34 15.48
C LEU A 1073 -1.23 -14.39 16.52
N GLN A 1074 -2.24 -15.01 17.14
CA GLN A 1074 -1.97 -16.00 18.19
C GLN A 1074 -1.33 -17.25 17.61
N GLU A 1075 -1.84 -17.74 16.48
CA GLU A 1075 -1.26 -18.93 15.84
C GLU A 1075 0.16 -18.65 15.34
N ILE A 1076 0.39 -17.45 14.81
CA ILE A 1076 1.72 -17.08 14.32
C ILE A 1076 2.70 -17.00 15.49
N LEU A 1077 2.30 -16.34 16.58
CA LEU A 1077 3.18 -16.22 17.73
C LEU A 1077 3.32 -17.52 18.51
N SER A 1078 2.44 -18.50 18.28
CA SER A 1078 2.58 -19.80 18.90
C SER A 1078 3.23 -20.84 17.98
N ARG A 1079 3.47 -20.50 16.71
CA ARG A 1079 4.10 -21.42 15.78
C ARG A 1079 5.48 -20.98 15.32
N LEU A 1080 5.81 -19.70 15.42
CA LEU A 1080 7.09 -19.17 14.97
C LEU A 1080 7.71 -18.35 16.10
N ASP A 1081 9.05 -18.21 16.04
CA ASP A 1081 9.79 -17.54 17.11
C ASP A 1081 10.68 -16.42 16.57
N ALA A 1082 10.07 -15.26 16.34
CA ALA A 1082 10.71 -13.94 16.19
C ALA A 1082 11.69 -13.85 15.02
N LEU A 1083 11.81 -14.87 14.18
CA LEU A 1083 12.69 -14.79 13.02
C LEU A 1083 11.92 -14.87 11.71
N GLU A 1084 11.17 -15.94 11.50
CA GLU A 1084 10.23 -15.98 10.39
C GLU A 1084 8.85 -15.49 10.80
N ALA A 1085 8.64 -15.22 12.08
CA ALA A 1085 7.39 -14.61 12.52
C ALA A 1085 7.29 -13.16 12.07
N GLN A 1086 8.44 -12.47 11.99
CA GLN A 1086 8.44 -11.03 11.76
C GLN A 1086 7.96 -10.69 10.35
N VAL A 1087 8.27 -11.51 9.35
CA VAL A 1087 7.81 -11.21 8.00
C VAL A 1087 6.30 -11.41 7.87
N GLN A 1088 5.76 -12.45 8.53
CA GLN A 1088 4.31 -12.65 8.53
C GLN A 1088 3.59 -11.52 9.26
N ILE A 1089 4.14 -11.10 10.40
CA ILE A 1089 3.55 -10.00 11.15
C ILE A 1089 3.64 -8.70 10.37
N ASP A 1090 4.74 -8.51 9.62
CA ASP A 1090 4.88 -7.35 8.76
C ASP A 1090 3.83 -7.36 7.64
N ARG A 1091 3.58 -8.52 7.06
CA ARG A 1091 2.54 -8.63 6.03
C ARG A 1091 1.16 -8.29 6.59
N LEU A 1092 0.86 -8.81 7.78
CA LEU A 1092 -0.43 -8.53 8.42
C LEU A 1092 -0.56 -7.04 8.74
N ILE A 1093 0.51 -6.43 9.25
CA ILE A 1093 0.49 -5.02 9.62
C ILE A 1093 0.33 -4.15 8.38
N ASN A 1094 1.03 -4.47 7.30
CA ASN A 1094 0.91 -3.68 6.08
C ASN A 1094 -0.49 -3.79 5.49
N GLY A 1095 -1.07 -5.00 5.48
CA GLY A 1095 -2.42 -5.15 4.98
C GLY A 1095 -3.45 -4.41 5.80
N ARG A 1096 -3.34 -4.49 7.13
CA ARG A 1096 -4.29 -3.80 7.99
C ARG A 1096 -4.13 -2.28 7.91
N LEU A 1097 -2.90 -1.79 7.75
CA LEU A 1097 -2.70 -0.36 7.59
C LEU A 1097 -3.24 0.14 6.26
N THR A 1098 -3.10 -0.65 5.20
CA THR A 1098 -3.71 -0.29 3.92
C THR A 1098 -5.22 -0.24 4.02
N ALA A 1099 -5.81 -1.21 4.72
CA ALA A 1099 -7.26 -1.21 4.93
C ALA A 1099 -7.71 0.01 5.72
N LEU A 1100 -6.95 0.38 6.76
CA LEU A 1100 -7.29 1.56 7.55
C LEU A 1100 -7.18 2.84 6.74
N ASN A 1101 -6.15 2.96 5.89
CA ASN A 1101 -6.00 4.15 5.07
C ASN A 1101 -7.14 4.27 4.05
N ALA A 1102 -7.52 3.15 3.43
CA ALA A 1102 -8.66 3.17 2.52
C ALA A 1102 -9.95 3.56 3.24
N TYR A 1103 -10.15 3.03 4.45
CA TYR A 1103 -11.35 3.34 5.21
C TYR A 1103 -11.40 4.81 5.60
N VAL A 1104 -10.27 5.39 6.02
CA VAL A 1104 -10.32 6.79 6.45
C VAL A 1104 -10.46 7.72 5.25
N SER A 1105 -9.94 7.35 4.08
CA SER A 1105 -10.18 8.15 2.88
C SER A 1105 -11.66 8.13 2.49
N GLN A 1106 -12.28 6.94 2.50
CA GLN A 1106 -13.70 6.84 2.20
C GLN A 1106 -14.54 7.57 3.25
N GLN A 1107 -14.11 7.53 4.51
CA GLN A 1107 -14.79 8.26 5.57
C GLN A 1107 -14.70 9.76 5.35
N LEU A 1108 -13.54 10.25 4.90
CA LEU A 1108 -13.39 11.68 4.60
C LEU A 1108 -14.35 12.11 3.50
N SER A 1109 -14.44 11.31 2.43
CA SER A 1109 -15.36 11.64 1.34
C SER A 1109 -16.82 11.62 1.81
N ASP A 1110 -17.19 10.60 2.60
CA ASP A 1110 -18.56 10.50 3.07
C ASP A 1110 -18.92 11.66 4.01
N ILE A 1111 -18.00 12.04 4.89
CA ILE A 1111 -18.27 13.13 5.82
C ILE A 1111 -18.34 14.47 5.08
N SER A 1112 -17.55 14.65 4.01
CA SER A 1112 -17.70 15.84 3.18
C SER A 1112 -19.08 15.90 2.54
N LEU A 1113 -19.58 14.76 2.04
CA LEU A 1113 -20.93 14.72 1.48
C LEU A 1113 -21.98 15.02 2.55
N VAL A 1114 -21.77 14.51 3.77
CA VAL A 1114 -22.68 14.78 4.88
C VAL A 1114 -22.71 16.26 5.21
N LYS A 1115 -21.54 16.91 5.19
CA LYS A 1115 -21.47 18.35 5.44
C LYS A 1115 -22.22 19.14 4.36
N LEU A 1116 -22.10 18.71 3.10
CA LEU A 1116 -22.83 19.38 2.03
C LEU A 1116 -24.33 19.23 2.19
N GLY A 1117 -24.79 18.02 2.54
CA GLY A 1117 -26.21 17.83 2.81
C GLY A 1117 -26.70 18.63 4.00
N ALA A 1118 -25.86 18.77 5.01
CA ALA A 1118 -26.21 19.56 6.19
C ALA A 1118 -26.28 21.05 5.85
N ALA A 1119 -25.43 21.53 4.95
CA ALA A 1119 -25.55 22.91 4.49
C ALA A 1119 -26.82 23.11 3.67
N LEU A 1120 -27.22 22.08 2.91
CA LEU A 1120 -28.51 22.13 2.23
C LEU A 1120 -29.66 22.22 3.23
N ALA A 1121 -29.56 21.47 4.33
CA ALA A 1121 -30.58 21.55 5.38
C ALA A 1121 -30.57 22.91 6.08
N MET A 1122 -29.38 23.47 6.27
CA MET A 1122 -29.22 24.84 6.79
C MET A 1122 -30.01 25.83 5.95
N GLU A 1123 -29.80 25.80 4.63
CA GLU A 1123 -30.52 26.70 3.73
C GLU A 1123 -32.01 26.38 3.69
N LYS A 1124 -32.38 25.10 3.80
CA LYS A 1124 -33.78 24.71 3.76
C LYS A 1124 -34.52 25.22 4.99
N VAL A 1125 -33.88 25.18 6.16
CA VAL A 1125 -34.46 25.76 7.36
C VAL A 1125 -34.56 27.27 7.23
N ASN A 1126 -33.52 27.91 6.70
CA ASN A 1126 -33.52 29.38 6.61
C ASN A 1126 -34.57 29.89 5.64
N GLU A 1127 -34.78 29.23 4.51
CA GLU A 1127 -35.55 29.82 3.42
C GLU A 1127 -36.95 29.25 3.25
N CYS A 1128 -37.24 28.06 3.77
CA CYS A 1128 -38.57 27.48 3.60
C CYS A 1128 -39.40 27.45 4.87
N VAL A 1129 -38.79 27.27 6.04
CA VAL A 1129 -39.52 27.13 7.28
C VAL A 1129 -39.79 28.49 7.90
N LYS A 1130 -38.72 29.24 8.19
CA LYS A 1130 -38.87 30.53 8.84
C LYS A 1130 -39.48 31.57 7.92
N SER A 1131 -39.19 31.51 6.63
CA SER A 1131 -39.74 32.46 5.67
C SER A 1131 -40.06 31.69 4.39
N GLN A 1132 -40.37 32.44 3.33
CA GLN A 1132 -40.68 31.85 2.01
C GLN A 1132 -40.02 32.72 0.95
N SER A 1133 -38.81 32.34 0.56
CA SER A 1133 -38.11 33.06 -0.50
C SER A 1133 -38.77 32.74 -1.84
N PRO A 1134 -38.83 33.71 -2.76
CA PRO A 1134 -39.44 33.45 -4.07
C PRO A 1134 -38.57 32.61 -4.98
N ARG A 1135 -38.41 31.33 -4.65
CA ARG A 1135 -37.67 30.38 -5.47
C ARG A 1135 -38.60 29.23 -5.83
N ILE A 1136 -38.82 29.04 -7.13
CA ILE A 1136 -39.80 28.07 -7.59
C ILE A 1136 -39.21 26.67 -7.47
N ASN A 1137 -39.98 25.76 -6.85
CA ASN A 1137 -39.62 24.35 -6.69
C ASN A 1137 -38.32 24.16 -5.93
N PHE A 1138 -38.09 25.01 -4.93
CA PHE A 1138 -36.96 24.78 -4.03
C PHE A 1138 -37.38 23.99 -2.79
N CYS A 1139 -38.51 24.36 -2.19
CA CYS A 1139 -38.98 23.65 -1.01
C CYS A 1139 -39.62 22.32 -1.39
N GLY A 1140 -40.69 22.37 -2.18
CA GLY A 1140 -41.39 21.16 -2.56
C GLY A 1140 -41.88 21.24 -3.99
N ASN A 1141 -42.19 20.06 -4.54
CA ASN A 1141 -42.68 19.98 -5.90
C ASN A 1141 -44.08 20.56 -6.00
N GLY A 1142 -44.29 21.42 -6.99
CA GLY A 1142 -45.57 22.08 -7.14
C GLY A 1142 -45.63 23.39 -6.41
N ASN A 1143 -46.87 23.89 -6.28
CA ASN A 1143 -47.11 25.16 -5.60
C ASN A 1143 -46.89 25.00 -4.11
N HIS A 1144 -45.85 25.65 -3.58
CA HIS A 1144 -45.51 25.53 -2.18
C HIS A 1144 -46.32 26.51 -1.35
N ILE A 1145 -46.61 26.11 -0.10
CA ILE A 1145 -47.35 26.97 0.81
C ILE A 1145 -46.46 27.34 1.99
N LEU A 1146 -46.05 26.34 2.76
CA LEU A 1146 -45.11 26.53 3.85
C LEU A 1146 -44.50 25.17 4.19
N SER A 1147 -43.67 25.15 5.22
CA SER A 1147 -43.03 23.92 5.65
C SER A 1147 -42.87 23.94 7.16
N LEU A 1148 -42.73 22.74 7.72
CA LEU A 1148 -42.48 22.56 9.14
C LEU A 1148 -41.33 21.57 9.32
N VAL A 1149 -40.61 21.70 10.42
CA VAL A 1149 -39.40 20.93 10.66
C VAL A 1149 -39.60 20.07 11.90
N GLN A 1150 -39.17 18.82 11.82
CA GLN A 1150 -39.19 17.90 12.95
C GLN A 1150 -37.86 17.17 13.03
N ASN A 1151 -37.47 16.81 14.25
CA ASN A 1151 -36.21 16.11 14.46
C ASN A 1151 -36.29 14.69 13.92
N ALA A 1152 -35.16 14.21 13.42
CA ALA A 1152 -35.03 12.89 12.82
C ALA A 1152 -33.71 12.29 13.28
N PRO A 1153 -33.59 10.96 13.22
CA PRO A 1153 -32.28 10.34 13.49
C PRO A 1153 -31.28 10.69 12.39
N TYR A 1154 -30.22 11.39 12.80
CA TYR A 1154 -29.14 11.86 11.91
C TYR A 1154 -29.68 12.76 10.80
N GLY A 1155 -30.33 13.83 11.21
CA GLY A 1155 -30.83 14.80 10.26
C GLY A 1155 -32.15 15.39 10.74
N LEU A 1156 -32.75 16.19 9.87
CA LEU A 1156 -34.05 16.79 10.12
C LEU A 1156 -35.09 16.19 9.18
N LEU A 1157 -36.35 16.43 9.52
CA LEU A 1157 -37.49 15.99 8.70
C LEU A 1157 -38.30 17.22 8.33
N PHE A 1158 -38.48 17.44 7.04
CA PHE A 1158 -39.27 18.55 6.52
C PHE A 1158 -40.56 18.03 5.96
N MET A 1159 -41.68 18.60 6.41
CA MET A 1159 -42.99 18.27 5.89
C MET A 1159 -43.50 19.46 5.08
N HIS A 1160 -43.25 19.42 3.77
CA HIS A 1160 -43.70 20.48 2.89
C HIS A 1160 -45.19 20.32 2.60
N PHE A 1161 -45.93 21.40 2.73
CA PHE A 1161 -47.35 21.43 2.46
C PHE A 1161 -47.59 22.21 1.19
N SER A 1162 -48.30 21.60 0.24
CA SER A 1162 -48.42 22.16 -1.10
C SER A 1162 -49.88 22.29 -1.51
N TYR A 1163 -50.18 23.36 -2.22
CA TYR A 1163 -51.50 23.56 -2.81
C TYR A 1163 -51.73 22.56 -3.93
N LYS A 1164 -52.97 22.08 -4.06
CA LYS A 1164 -53.25 21.05 -5.06
C LYS A 1164 -54.69 21.11 -5.54
N PRO A 1165 -54.92 21.31 -6.84
CA PRO A 1165 -56.27 21.24 -7.39
C PRO A 1165 -56.78 19.81 -7.48
N ILE A 1166 -58.10 19.68 -7.50
CA ILE A 1166 -58.76 18.39 -7.63
C ILE A 1166 -59.78 18.35 -8.76
N SER A 1167 -60.04 19.48 -9.42
CA SER A 1167 -60.99 19.53 -10.52
C SER A 1167 -60.59 20.66 -11.46
N PHE A 1168 -61.12 20.60 -12.68
CA PHE A 1168 -60.72 21.54 -13.71
C PHE A 1168 -61.92 21.97 -14.53
N LYS A 1169 -61.80 23.14 -15.15
CA LYS A 1169 -62.84 23.69 -16.02
C LYS A 1169 -62.16 24.37 -17.19
N THR A 1170 -62.67 24.13 -18.40
CA THR A 1170 -62.08 24.69 -19.61
C THR A 1170 -62.82 25.96 -19.97
N VAL A 1171 -62.09 27.08 -20.01
CA VAL A 1171 -62.65 28.38 -20.37
C VAL A 1171 -61.75 29.04 -21.39
N LEU A 1172 -62.30 30.04 -22.08
CA LEU A 1172 -61.56 30.81 -23.06
C LEU A 1172 -61.00 32.06 -22.40
N VAL A 1173 -59.70 32.27 -22.54
CA VAL A 1173 -59.02 33.35 -21.84
C VAL A 1173 -58.43 34.35 -22.82
N SER A 1174 -57.79 35.41 -22.30
CA SER A 1174 -57.13 36.40 -23.12
C SER A 1174 -56.04 37.06 -22.28
N PRO A 1175 -54.81 37.14 -22.78
CA PRO A 1175 -53.72 37.73 -21.99
C PRO A 1175 -53.73 39.25 -21.94
N GLY A 1176 -54.62 39.91 -22.66
CA GLY A 1176 -54.68 41.36 -22.61
C GLY A 1176 -55.65 41.88 -23.65
N LEU A 1177 -55.95 43.17 -23.52
CA LEU A 1177 -56.88 43.82 -24.43
C LEU A 1177 -56.71 45.33 -24.35
N CYS A 1178 -57.03 46.00 -25.46
CA CYS A 1178 -56.99 47.46 -25.55
C CYS A 1178 -58.40 47.98 -25.31
N ILE A 1179 -58.54 48.89 -24.35
CA ILE A 1179 -59.86 49.31 -23.87
C ILE A 1179 -60.16 50.78 -24.16
N SER A 1180 -59.20 51.57 -24.60
CA SER A 1180 -59.41 53.01 -24.76
C SER A 1180 -58.53 53.47 -25.92
N GLY A 1181 -58.24 54.77 -25.95
CA GLY A 1181 -57.46 55.36 -27.02
C GLY A 1181 -56.00 54.95 -26.98
N ASP A 1182 -55.76 53.68 -27.35
CA ASP A 1182 -54.44 53.04 -27.36
C ASP A 1182 -53.81 53.02 -25.98
N VAL A 1183 -54.47 52.28 -25.08
CA VAL A 1183 -53.94 52.01 -23.75
C VAL A 1183 -53.94 50.49 -23.57
N GLY A 1184 -53.05 50.01 -22.72
CA GLY A 1184 -52.90 48.58 -22.55
C GLY A 1184 -53.07 48.11 -21.12
N ILE A 1185 -53.81 47.02 -20.93
CA ILE A 1185 -54.01 46.42 -19.62
C ILE A 1185 -53.69 44.93 -19.71
N ALA A 1186 -53.05 44.40 -18.67
CA ALA A 1186 -52.69 43.01 -18.57
C ALA A 1186 -52.99 42.52 -17.16
N PRO A 1187 -53.35 41.25 -16.99
CA PRO A 1187 -53.63 40.76 -15.64
C PRO A 1187 -52.36 40.66 -14.81
N LYS A 1188 -52.53 40.86 -13.49
CA LYS A 1188 -51.40 40.74 -12.58
C LYS A 1188 -50.96 39.28 -12.46
N GLN A 1189 -51.86 38.43 -11.98
CA GLN A 1189 -51.65 36.97 -11.96
C GLN A 1189 -53.00 36.34 -12.27
N GLY A 1190 -53.26 36.11 -13.54
CA GLY A 1190 -54.54 35.57 -13.96
C GLY A 1190 -54.78 35.84 -15.43
N TYR A 1191 -56.06 35.78 -15.81
CA TYR A 1191 -56.46 35.93 -17.20
C TYR A 1191 -57.76 36.75 -17.27
N PHE A 1192 -58.03 37.27 -18.46
CA PHE A 1192 -59.30 37.91 -18.77
C PHE A 1192 -60.20 36.90 -19.47
N ILE A 1193 -61.46 36.83 -19.04
CA ILE A 1193 -62.40 35.88 -19.62
C ILE A 1193 -63.62 36.63 -20.11
N LYS A 1194 -64.34 36.00 -21.04
CA LYS A 1194 -65.52 36.58 -21.66
C LYS A 1194 -66.76 36.16 -20.90
N HIS A 1195 -67.60 37.13 -20.52
CA HIS A 1195 -68.83 36.83 -19.78
C HIS A 1195 -69.86 37.89 -20.16
N ASN A 1196 -70.69 37.56 -21.16
CA ASN A 1196 -71.84 38.35 -21.58
C ASN A 1196 -71.45 39.77 -21.99
N ASP A 1197 -70.61 39.84 -23.02
CA ASP A 1197 -70.21 41.09 -23.69
C ASP A 1197 -69.49 42.06 -22.74
N HIS A 1198 -68.85 41.52 -21.71
CA HIS A 1198 -67.97 42.31 -20.85
C HIS A 1198 -66.97 41.38 -20.21
N TRP A 1199 -65.74 41.86 -20.04
CA TRP A 1199 -64.64 41.04 -19.59
C TRP A 1199 -64.53 41.06 -18.06
N MET A 1200 -64.07 39.95 -17.49
CA MET A 1200 -63.83 39.85 -16.06
C MET A 1200 -62.51 39.15 -15.81
N PHE A 1201 -61.91 39.46 -14.66
CA PHE A 1201 -60.66 38.87 -14.24
C PHE A 1201 -60.91 37.55 -13.51
N THR A 1202 -60.00 36.60 -13.71
CA THR A 1202 -60.04 35.31 -13.02
C THR A 1202 -58.65 35.00 -12.49
N GLY A 1203 -58.60 34.39 -11.31
CA GLY A 1203 -57.33 33.93 -10.79
C GLY A 1203 -56.76 32.80 -11.62
N SER A 1204 -55.44 32.67 -11.59
CA SER A 1204 -54.77 31.66 -12.40
C SER A 1204 -54.75 30.29 -11.75
N SER A 1205 -55.29 30.15 -10.54
CA SER A 1205 -55.35 28.87 -9.86
C SER A 1205 -56.70 28.59 -9.24
N TYR A 1206 -57.70 29.44 -9.46
CA TYR A 1206 -59.06 29.17 -9.01
C TYR A 1206 -60.02 29.95 -9.90
N TYR A 1207 -61.04 29.27 -10.39
CA TYR A 1207 -61.99 29.89 -11.31
C TYR A 1207 -63.01 30.68 -10.51
N TYR A 1208 -62.93 32.00 -10.59
CA TYR A 1208 -63.88 32.90 -9.94
C TYR A 1208 -63.91 34.23 -10.67
N PRO A 1209 -65.02 34.58 -11.32
CA PRO A 1209 -65.09 35.86 -12.03
C PRO A 1209 -65.18 37.04 -11.07
N GLU A 1210 -64.31 38.02 -11.27
CA GLU A 1210 -64.24 39.24 -10.49
C GLU A 1210 -64.32 40.45 -11.41
N PRO A 1211 -64.89 41.57 -10.95
CA PRO A 1211 -64.98 42.75 -11.81
C PRO A 1211 -63.61 43.36 -12.08
N ILE A 1212 -63.57 44.19 -13.11
CA ILE A 1212 -62.31 44.80 -13.54
C ILE A 1212 -61.92 45.87 -12.53
N SER A 1213 -60.72 45.73 -11.96
CA SER A 1213 -60.19 46.69 -11.00
C SER A 1213 -58.81 47.13 -11.47
N ASP A 1214 -58.22 48.08 -10.74
CA ASP A 1214 -56.85 48.49 -10.97
C ASP A 1214 -55.87 47.87 -9.99
N LYS A 1215 -56.35 47.03 -9.08
CA LYS A 1215 -55.48 46.31 -8.15
C LYS A 1215 -55.02 44.96 -8.67
N ASN A 1216 -55.57 44.52 -9.80
CA ASN A 1216 -55.17 43.26 -10.43
C ASN A 1216 -54.66 43.45 -11.85
N VAL A 1217 -54.36 44.69 -12.24
CA VAL A 1217 -54.09 45.04 -13.63
C VAL A 1217 -52.82 45.88 -13.69
N VAL A 1218 -51.88 45.47 -14.55
CA VAL A 1218 -50.70 46.26 -14.85
C VAL A 1218 -51.02 47.15 -16.05
N PHE A 1219 -50.88 48.45 -15.87
CA PHE A 1219 -51.17 49.40 -16.95
C PHE A 1219 -50.03 49.43 -17.96
N MET A 1220 -50.37 49.86 -19.18
CA MET A 1220 -49.40 50.09 -20.24
C MET A 1220 -49.71 51.43 -20.91
N ASN A 1221 -48.66 52.10 -21.39
CA ASN A 1221 -48.86 53.32 -22.16
C ASN A 1221 -49.51 53.01 -23.50
N THR A 1222 -49.10 51.92 -24.14
CA THR A 1222 -49.74 51.43 -25.36
C THR A 1222 -49.82 49.92 -25.31
N CYS A 1223 -50.81 49.37 -26.01
CA CYS A 1223 -51.05 47.94 -26.03
C CYS A 1223 -50.37 47.30 -27.23
N SER A 1224 -50.25 45.96 -27.17
CA SER A 1224 -49.63 45.22 -28.26
C SER A 1224 -50.55 45.16 -29.47
N VAL A 1225 -49.97 44.79 -30.61
CA VAL A 1225 -50.71 44.79 -31.87
C VAL A 1225 -51.75 43.68 -31.89
N ASN A 1226 -51.48 42.55 -31.22
CA ASN A 1226 -52.37 41.40 -31.25
C ASN A 1226 -53.24 41.29 -30.01
N PHE A 1227 -53.33 42.34 -29.21
CA PHE A 1227 -54.29 42.38 -28.12
C PHE A 1227 -55.70 42.51 -28.69
N THR A 1228 -56.68 42.05 -27.92
CA THR A 1228 -58.07 42.14 -28.34
C THR A 1228 -58.56 43.58 -28.26
N LYS A 1229 -59.39 43.98 -29.23
CA LYS A 1229 -59.93 45.33 -29.28
C LYS A 1229 -61.33 45.34 -28.70
N ALA A 1230 -61.56 46.18 -27.69
CA ALA A 1230 -62.85 46.28 -27.03
C ALA A 1230 -62.96 47.64 -26.36
N PRO A 1231 -63.47 48.64 -27.08
CA PRO A 1231 -63.62 49.97 -26.49
C PRO A 1231 -64.91 50.22 -25.72
N LEU A 1232 -65.69 49.20 -25.36
CA LEU A 1232 -66.78 49.40 -24.43
C LEU A 1232 -66.27 49.43 -22.99
N VAL A 1233 -65.18 48.71 -22.71
CA VAL A 1233 -64.64 48.63 -21.36
C VAL A 1233 -63.97 49.95 -21.00
N TYR A 1234 -64.32 50.48 -19.83
CA TYR A 1234 -63.76 51.72 -19.32
C TYR A 1234 -63.04 51.48 -18.01
N LEU A 1235 -61.95 52.20 -17.78
CA LEU A 1235 -61.25 52.15 -16.50
C LEU A 1235 -60.49 53.46 -16.26
N VAL B 25 54.72 5.08 -30.98
CA VAL B 25 54.93 3.72 -31.45
C VAL B 25 53.78 2.82 -30.96
N ILE B 26 53.26 1.99 -31.85
CA ILE B 26 52.13 1.13 -31.53
C ILE B 26 52.51 -0.35 -31.41
N GLY B 27 53.64 -0.77 -31.99
CA GLY B 27 54.06 -2.15 -31.89
C GLY B 27 55.44 -2.30 -31.30
N ASP B 28 56.10 -3.43 -31.59
CA ASP B 28 57.47 -3.62 -31.14
C ASP B 28 58.36 -4.24 -32.21
N PHE B 29 57.86 -4.46 -33.42
CA PHE B 29 58.64 -5.06 -34.50
C PHE B 29 59.17 -3.96 -35.42
N ASN B 30 60.46 -4.03 -35.74
CA ASN B 30 61.09 -3.06 -36.63
C ASN B 30 61.04 -3.61 -38.05
N CYS B 31 60.06 -3.17 -38.83
CA CYS B 31 59.94 -3.64 -40.20
C CYS B 31 60.87 -2.88 -41.14
N THR B 32 60.76 -1.56 -41.17
CA THR B 32 61.60 -0.73 -42.04
C THR B 32 61.75 0.64 -41.41
N ASN B 33 62.60 1.46 -42.03
CA ASN B 33 62.87 2.81 -41.53
C ASN B 33 62.94 3.82 -42.67
N PHE B 34 62.24 3.55 -43.77
CA PHE B 34 62.30 4.42 -44.94
C PHE B 34 61.32 5.56 -44.80
N ALA B 35 61.77 6.76 -45.19
CA ALA B 35 60.97 7.98 -45.27
C ALA B 35 60.33 8.32 -43.92
N ILE B 36 61.19 8.52 -42.93
CA ILE B 36 60.77 8.86 -41.57
C ILE B 36 61.43 10.18 -41.17
N ASN B 37 60.64 11.08 -40.59
CA ASN B 37 61.15 12.32 -40.05
C ASN B 37 60.66 12.49 -38.61
N ASP B 38 61.58 12.92 -37.74
CA ASP B 38 61.27 13.09 -36.33
C ASP B 38 61.86 14.38 -35.79
N LEU B 39 62.05 15.38 -36.66
CA LEU B 39 62.68 16.64 -36.26
C LEU B 39 61.64 17.63 -35.74
N ASN B 40 60.82 17.16 -34.80
CA ASN B 40 59.81 17.97 -34.09
C ASN B 40 58.87 18.69 -35.06
N THR B 41 58.42 17.98 -36.10
CA THR B 41 57.45 18.52 -37.04
C THR B 41 56.09 18.52 -36.35
N THR B 42 55.88 19.53 -35.50
CA THR B 42 54.76 19.56 -34.58
C THR B 42 53.61 20.40 -35.15
N ILE B 43 52.90 19.80 -36.10
CA ILE B 43 51.62 20.36 -36.54
C ILE B 43 50.56 19.25 -36.44
N PRO B 44 50.12 18.86 -35.23
CA PRO B 44 48.96 17.95 -35.16
C PRO B 44 47.65 18.71 -35.00
N ARG B 45 46.68 18.44 -35.87
CA ARG B 45 45.39 19.09 -35.81
C ARG B 45 44.29 18.05 -35.67
N ILE B 46 43.47 18.18 -34.63
CA ILE B 46 42.33 17.33 -34.39
C ILE B 46 41.09 18.18 -34.61
N SER B 47 40.32 17.87 -35.65
CA SER B 47 39.13 18.64 -35.95
C SER B 47 37.97 18.18 -35.06
N GLU B 48 37.03 19.10 -34.84
CA GLU B 48 35.86 18.82 -34.03
C GLU B 48 34.58 18.99 -34.83
N TYR B 49 33.53 18.35 -34.35
CA TYR B 49 32.24 18.33 -35.04
C TYR B 49 31.18 17.94 -34.02
N VAL B 50 30.17 18.79 -33.85
CA VAL B 50 29.16 18.54 -32.83
C VAL B 50 28.28 17.36 -33.26
N VAL B 51 27.82 16.59 -32.27
CA VAL B 51 27.06 15.38 -32.52
C VAL B 51 25.58 15.70 -32.50
N ASP B 52 24.91 15.48 -33.63
CA ASP B 52 23.48 15.74 -33.79
C ASP B 52 22.76 14.40 -33.87
N VAL B 53 22.18 13.97 -32.76
CA VAL B 53 21.47 12.71 -32.69
C VAL B 53 20.02 12.84 -33.17
N SER B 54 19.52 14.07 -33.31
CA SER B 54 18.10 14.33 -33.53
C SER B 54 17.59 13.87 -34.90
N TYR B 55 18.40 13.19 -35.71
CA TYR B 55 17.92 12.60 -36.95
C TYR B 55 18.27 11.12 -37.10
N GLY B 56 18.94 10.53 -36.13
CA GLY B 56 19.20 9.09 -36.18
C GLY B 56 20.66 8.72 -36.09
N LEU B 57 21.53 9.70 -35.88
CA LEU B 57 22.96 9.41 -35.76
C LEU B 57 23.25 8.66 -34.47
N GLY B 58 24.06 7.61 -34.58
CA GLY B 58 24.43 6.85 -33.42
C GLY B 58 23.36 5.92 -32.90
N THR B 59 22.32 5.65 -33.67
CA THR B 59 21.22 4.78 -33.27
C THR B 59 21.28 3.49 -34.08
N TYR B 60 21.03 2.37 -33.41
CA TYR B 60 21.04 1.07 -34.07
C TYR B 60 19.69 0.38 -33.90
N TYR B 61 19.42 -0.54 -34.82
CA TYR B 61 18.21 -1.34 -34.75
C TYR B 61 18.36 -2.45 -33.72
N ILE B 62 17.27 -2.71 -32.99
CA ILE B 62 17.26 -3.86 -32.08
C ILE B 62 17.23 -5.15 -32.89
N LEU B 63 17.72 -6.23 -32.27
CA LEU B 63 18.09 -7.44 -33.00
C LEU B 63 16.89 -8.15 -33.63
N ASP B 64 15.71 -8.07 -33.01
CA ASP B 64 14.56 -8.78 -33.57
C ASP B 64 13.27 -7.98 -33.48
N ARG B 65 13.36 -6.67 -33.30
CA ARG B 65 12.20 -5.84 -32.97
C ARG B 65 11.77 -5.03 -34.18
N VAL B 66 10.48 -5.07 -34.49
CA VAL B 66 9.87 -4.15 -35.45
C VAL B 66 8.89 -3.28 -34.68
N TYR B 67 9.11 -1.97 -34.71
CA TYR B 67 8.18 -1.01 -34.15
C TYR B 67 7.67 -0.13 -35.28
N LEU B 68 6.36 0.10 -35.31
CA LEU B 68 5.74 0.85 -36.38
C LEU B 68 4.92 1.99 -35.79
N ASN B 69 5.25 3.22 -36.19
CA ASN B 69 4.45 4.41 -35.89
C ASN B 69 4.30 4.63 -34.38
N THR B 70 5.35 4.33 -33.63
CA THR B 70 5.33 4.42 -32.18
C THR B 70 6.61 5.09 -31.68
N THR B 71 6.60 5.46 -30.41
CA THR B 71 7.72 6.12 -29.76
C THR B 71 8.12 5.29 -28.54
N ILE B 72 9.38 4.89 -28.49
CA ILE B 72 9.86 3.90 -27.52
C ILE B 72 11.07 4.45 -26.80
N LEU B 73 11.05 4.38 -25.47
CA LEU B 73 12.23 4.68 -24.66
C LEU B 73 13.11 3.45 -24.58
N PHE B 74 14.38 3.59 -24.96
CA PHE B 74 15.29 2.45 -25.00
C PHE B 74 16.65 2.86 -24.45
N THR B 75 17.27 1.95 -23.70
CA THR B 75 18.60 2.15 -23.15
C THR B 75 19.60 1.29 -23.90
N GLY B 76 20.75 1.88 -24.23
CA GLY B 76 21.77 1.12 -24.93
C GLY B 76 23.06 1.89 -25.02
N TYR B 77 24.06 1.25 -25.59
CA TYR B 77 25.37 1.88 -25.81
C TYR B 77 25.23 2.91 -26.92
N PHE B 78 25.24 4.18 -26.55
CA PHE B 78 24.96 5.28 -27.46
C PHE B 78 26.00 6.39 -27.30
N PRO B 79 26.24 7.16 -28.36
CA PRO B 79 27.06 8.37 -28.19
C PRO B 79 26.26 9.45 -27.50
N LYS B 80 26.98 10.34 -26.81
CA LYS B 80 26.35 11.41 -26.04
C LYS B 80 26.13 12.62 -26.93
N SER B 81 24.89 13.11 -26.97
CA SER B 81 24.58 14.29 -27.75
C SER B 81 25.17 15.54 -27.10
N GLY B 82 25.51 16.50 -27.94
CA GLY B 82 26.18 17.71 -27.47
C GLY B 82 27.66 17.57 -27.30
N ALA B 83 28.22 16.39 -27.52
CA ALA B 83 29.66 16.17 -27.44
C ALA B 83 30.29 16.55 -28.78
N ASN B 84 31.56 16.20 -28.96
CA ASN B 84 32.29 16.55 -30.17
C ASN B 84 32.82 15.29 -30.83
N PHE B 85 32.84 15.31 -32.16
CA PHE B 85 33.50 14.26 -32.92
C PHE B 85 35.01 14.49 -32.92
N ARG B 86 35.74 13.63 -33.61
CA ARG B 86 37.19 13.73 -33.65
C ARG B 86 37.69 13.15 -34.95
N ASP B 87 38.31 13.99 -35.79
CA ASP B 87 38.78 13.56 -37.10
C ASP B 87 40.19 12.99 -36.95
N LEU B 88 40.28 11.67 -36.90
CA LEU B 88 41.56 10.99 -36.79
C LEU B 88 42.09 10.50 -38.12
N SER B 89 41.52 10.97 -39.24
CA SER B 89 41.92 10.52 -40.56
C SER B 89 43.22 11.21 -40.94
N LEU B 90 44.34 10.54 -40.68
CA LEU B 90 45.64 11.06 -41.11
C LEU B 90 45.80 10.89 -42.62
N LYS B 91 46.77 11.61 -43.17
CA LYS B 91 47.03 11.59 -44.60
C LYS B 91 48.48 11.95 -44.85
N GLY B 92 49.17 11.12 -45.65
CA GLY B 92 50.55 11.38 -46.01
C GLY B 92 50.81 10.98 -47.44
N THR B 93 51.97 11.41 -47.94
CA THR B 93 52.40 11.08 -49.29
C THR B 93 53.62 10.17 -49.28
N THR B 94 54.72 10.60 -48.67
CA THR B 94 55.90 9.77 -48.51
C THR B 94 56.35 9.63 -47.07
N LYS B 95 56.46 10.74 -46.34
CA LYS B 95 57.08 10.74 -45.02
C LYS B 95 56.13 10.14 -43.98
N LEU B 96 56.73 9.47 -42.99
CA LEU B 96 56.01 9.00 -41.81
C LEU B 96 56.60 9.69 -40.59
N SER B 97 55.85 10.61 -40.01
CA SER B 97 56.29 11.32 -38.83
C SER B 97 56.18 10.44 -37.59
N THR B 98 57.01 10.74 -36.59
CA THR B 98 56.97 9.99 -35.34
C THR B 98 55.86 10.47 -34.43
N LEU B 99 55.22 11.59 -34.73
CA LEU B 99 54.14 12.13 -33.93
C LEU B 99 52.79 11.52 -34.26
N TRP B 100 52.74 10.61 -35.22
CA TRP B 100 51.49 9.97 -35.64
C TRP B 100 51.18 8.71 -34.84
N TYR B 101 52.05 8.30 -33.92
CA TYR B 101 51.88 7.04 -33.21
C TYR B 101 51.95 7.23 -31.70
N GLN B 102 51.48 8.37 -31.20
CA GLN B 102 51.34 8.58 -29.76
C GLN B 102 49.98 9.18 -29.45
N LYS B 103 49.75 9.54 -28.19
CA LYS B 103 48.54 10.26 -27.85
C LYS B 103 48.57 11.67 -28.45
N PRO B 104 47.40 12.22 -28.82
CA PRO B 104 46.05 11.70 -28.67
C PRO B 104 45.59 10.82 -29.83
N PHE B 105 46.49 10.50 -30.76
CA PHE B 105 46.11 9.63 -31.86
C PHE B 105 45.90 8.19 -31.38
N LEU B 106 46.79 7.69 -30.52
CA LEU B 106 46.56 6.40 -29.87
C LEU B 106 45.58 6.67 -28.74
N SER B 107 44.31 6.58 -29.10
CA SER B 107 43.22 7.09 -28.26
C SER B 107 42.76 6.04 -27.26
N ASP B 108 41.64 6.30 -26.60
CA ASP B 108 41.17 5.52 -25.47
C ASP B 108 39.91 4.75 -25.84
N PHE B 109 39.98 3.43 -25.72
CA PHE B 109 38.83 2.53 -25.93
C PHE B 109 38.46 1.98 -24.56
N ASN B 110 37.59 2.70 -23.86
CA ASN B 110 37.19 2.28 -22.52
C ASN B 110 35.94 1.41 -22.55
N ASN B 111 34.91 1.84 -23.29
CA ASN B 111 33.65 1.13 -23.33
C ASN B 111 33.24 0.83 -24.77
N GLY B 112 33.53 1.75 -25.67
CA GLY B 112 33.18 1.58 -27.06
C GLY B 112 33.13 2.92 -27.78
N ILE B 113 33.15 2.85 -29.11
CA ILE B 113 33.19 4.03 -29.93
C ILE B 113 32.14 3.93 -31.03
N PHE B 114 31.70 5.09 -31.52
CA PHE B 114 30.82 5.20 -32.66
C PHE B 114 31.56 5.95 -33.76
N SER B 115 31.62 5.35 -34.94
CA SER B 115 32.44 5.87 -36.03
C SER B 115 31.57 6.36 -37.17
N ARG B 116 32.04 7.41 -37.85
CA ARG B 116 31.39 7.96 -39.03
C ARG B 116 32.46 8.25 -40.06
N VAL B 117 32.41 7.55 -41.19
CA VAL B 117 33.51 7.53 -42.15
C VAL B 117 33.04 8.10 -43.47
N LYS B 118 33.86 8.95 -44.06
CA LYS B 118 33.62 9.41 -45.44
C LYS B 118 34.13 8.38 -46.42
N ASN B 119 33.37 8.19 -47.50
CA ASN B 119 33.73 7.25 -48.56
C ASN B 119 34.32 8.05 -49.72
N THR B 120 35.65 8.07 -49.79
CA THR B 120 36.35 8.82 -50.83
C THR B 120 36.26 8.10 -52.16
N LYS B 121 35.75 8.79 -53.17
CA LYS B 121 35.61 8.24 -54.51
C LYS B 121 36.71 8.78 -55.41
N LEU B 122 37.47 7.87 -56.02
CA LEU B 122 38.53 8.23 -56.96
C LEU B 122 38.09 7.84 -58.37
N TYR B 123 38.22 8.77 -59.31
CA TYR B 123 37.82 8.55 -60.70
C TYR B 123 39.08 8.42 -61.54
N VAL B 124 39.58 7.19 -61.63
CA VAL B 124 40.74 6.87 -62.45
C VAL B 124 40.26 6.07 -63.66
N ASN B 125 40.53 6.59 -64.86
CA ASN B 125 40.14 5.97 -66.13
C ASN B 125 38.63 5.74 -66.20
N LYS B 126 37.86 6.74 -65.75
CA LYS B 126 36.40 6.71 -65.74
C LYS B 126 35.86 5.52 -64.95
N THR B 127 36.52 5.20 -63.84
CA THR B 127 36.15 4.06 -63.01
C THR B 127 36.11 4.52 -61.55
N LEU B 128 35.05 4.15 -60.85
CA LEU B 128 34.92 4.51 -59.44
C LEU B 128 35.90 3.69 -58.61
N TYR B 129 36.48 4.34 -57.59
CA TYR B 129 37.38 3.68 -56.66
C TYR B 129 37.10 4.21 -55.26
N SER B 130 36.63 3.35 -54.37
CA SER B 130 36.33 3.71 -52.99
C SER B 130 37.44 3.21 -52.08
N GLU B 131 37.93 4.10 -51.22
CA GLU B 131 39.00 3.76 -50.29
C GLU B 131 38.98 4.74 -49.14
N PHE B 132 39.15 4.23 -47.93
CA PHE B 132 39.26 5.08 -46.74
C PHE B 132 40.13 4.37 -45.72
N SER B 133 40.08 4.86 -44.48
CA SER B 133 41.07 4.50 -43.47
C SER B 133 40.83 3.09 -42.92
N THR B 134 41.87 2.56 -42.28
CA THR B 134 41.87 1.22 -41.69
C THR B 134 42.04 1.36 -40.18
N ILE B 135 41.13 0.76 -39.42
CA ILE B 135 41.09 0.91 -37.97
C ILE B 135 41.50 -0.40 -37.33
N VAL B 136 42.37 -0.31 -36.32
CA VAL B 136 42.81 -1.47 -35.55
C VAL B 136 42.39 -1.28 -34.09
N ILE B 137 41.92 -2.35 -33.47
CA ILE B 137 41.45 -2.34 -32.09
C ILE B 137 42.19 -3.43 -31.33
N GLY B 138 42.80 -3.06 -30.20
CA GLY B 138 43.51 -4.03 -29.40
C GLY B 138 43.71 -3.54 -27.99
N SER B 139 44.57 -4.24 -27.25
CA SER B 139 44.93 -3.84 -25.90
C SER B 139 46.41 -3.50 -25.79
N VAL B 140 47.30 -4.40 -26.18
CA VAL B 140 48.73 -4.18 -26.06
C VAL B 140 49.43 -4.13 -27.42
N PHE B 141 48.82 -4.74 -28.45
CA PHE B 141 49.30 -4.76 -29.84
C PHE B 141 50.62 -5.54 -29.98
N ILE B 142 50.63 -6.77 -29.45
CA ILE B 142 51.68 -7.73 -29.71
C ILE B 142 51.04 -9.07 -30.01
N ASN B 143 51.87 -10.06 -30.35
CA ASN B 143 51.40 -11.31 -30.93
C ASN B 143 51.05 -12.36 -29.89
N ASN B 144 50.74 -11.98 -28.66
CA ASN B 144 50.14 -12.88 -27.69
C ASN B 144 48.81 -12.36 -27.17
N SER B 145 48.34 -11.23 -27.71
CA SER B 145 47.02 -10.68 -27.41
C SER B 145 46.34 -10.35 -28.73
N TYR B 146 45.03 -10.55 -28.78
CA TYR B 146 44.30 -10.43 -30.04
C TYR B 146 44.14 -8.96 -30.44
N THR B 147 43.97 -8.74 -31.74
CA THR B 147 43.83 -7.40 -32.29
C THR B 147 42.82 -7.43 -33.42
N ILE B 148 41.71 -6.69 -33.25
CA ILE B 148 40.66 -6.66 -34.25
C ILE B 148 41.02 -5.64 -35.31
N VAL B 149 41.08 -6.08 -36.57
CA VAL B 149 41.48 -5.24 -37.69
C VAL B 149 40.33 -5.17 -38.68
N VAL B 150 39.98 -3.96 -39.10
CA VAL B 150 38.98 -3.72 -40.14
C VAL B 150 39.68 -3.01 -41.29
N GLN B 151 39.62 -3.60 -42.48
CA GLN B 151 40.32 -3.03 -43.62
C GLN B 151 39.55 -3.25 -44.92
N PRO B 152 39.17 -2.18 -45.63
CA PRO B 152 38.43 -2.33 -46.88
C PRO B 152 39.33 -2.70 -48.04
N HIS B 153 38.73 -3.34 -49.04
CA HIS B 153 39.39 -3.61 -50.31
C HIS B 153 38.38 -3.40 -51.44
N ASN B 154 38.28 -2.15 -51.91
CA ASN B 154 37.49 -1.77 -53.09
C ASN B 154 36.04 -2.21 -52.99
N GLY B 155 35.47 -2.11 -51.79
CA GLY B 155 34.09 -2.49 -51.57
C GLY B 155 33.89 -3.77 -50.78
N VAL B 156 34.95 -4.41 -50.31
CA VAL B 156 34.85 -5.61 -49.48
C VAL B 156 35.49 -5.29 -48.13
N LEU B 157 34.71 -5.44 -47.07
CA LEU B 157 35.16 -5.08 -45.72
C LEU B 157 35.75 -6.32 -45.05
N GLU B 158 37.08 -6.35 -44.93
CA GLU B 158 37.75 -7.44 -44.25
C GLU B 158 37.81 -7.13 -42.76
N ILE B 159 37.16 -7.96 -41.95
CA ILE B 159 37.17 -7.82 -40.50
C ILE B 159 37.79 -9.09 -39.94
N THR B 160 39.05 -9.00 -39.54
CA THR B 160 39.79 -10.11 -38.96
C THR B 160 40.26 -9.74 -37.56
N ALA B 161 40.54 -10.76 -36.76
CA ALA B 161 40.97 -10.55 -35.37
C ALA B 161 41.93 -11.67 -35.00
N CYS B 162 43.23 -11.40 -35.13
CA CYS B 162 44.25 -12.40 -34.79
C CYS B 162 45.40 -11.72 -34.07
N GLN B 163 46.41 -12.53 -33.72
CA GLN B 163 47.59 -12.05 -33.01
C GLN B 163 48.60 -11.52 -34.02
N TYR B 164 48.30 -10.34 -34.55
CA TYR B 164 49.10 -9.77 -35.62
C TYR B 164 50.43 -9.26 -35.08
N THR B 165 51.50 -9.52 -35.85
CA THR B 165 52.83 -9.02 -35.52
C THR B 165 53.03 -7.68 -36.23
N MET B 166 52.33 -6.67 -35.73
CA MET B 166 52.32 -5.37 -36.39
C MET B 166 53.63 -4.64 -36.15
N CYS B 167 53.99 -3.80 -37.12
CA CYS B 167 55.25 -3.09 -37.06
C CYS B 167 55.20 -1.98 -36.03
N GLU B 168 56.38 -1.45 -35.70
CA GLU B 168 56.46 -0.31 -34.79
C GLU B 168 55.78 0.91 -35.38
N TYR B 169 55.98 1.15 -36.67
CA TYR B 169 55.36 2.27 -37.38
C TYR B 169 54.49 1.71 -38.50
N PRO B 170 53.18 1.63 -38.30
CA PRO B 170 52.31 1.02 -39.30
C PRO B 170 52.14 1.91 -40.53
N HIS B 171 51.50 1.35 -41.54
CA HIS B 171 51.41 1.99 -42.85
C HIS B 171 50.25 1.39 -43.62
N THR B 172 49.61 2.23 -44.44
CA THR B 172 48.54 1.79 -45.33
C THR B 172 48.72 2.52 -46.65
N ILE B 173 48.42 1.83 -47.76
CA ILE B 173 48.65 2.41 -49.08
C ILE B 173 47.35 2.53 -49.85
N CYS B 174 47.47 3.01 -51.08
CA CYS B 174 46.33 3.32 -51.94
C CYS B 174 46.33 2.35 -53.11
N LYS B 175 45.27 1.56 -53.24
CA LYS B 175 45.23 0.55 -54.30
C LYS B 175 44.97 1.16 -55.67
N SER B 176 44.26 2.29 -55.73
CA SER B 176 43.96 2.91 -57.02
C SER B 176 45.22 3.47 -57.67
N ILE B 177 46.01 4.23 -56.90
CA ILE B 177 47.28 4.75 -57.38
C ILE B 177 48.35 4.38 -56.36
N GLY B 178 49.37 3.65 -56.80
CA GLY B 178 50.42 3.23 -55.90
C GLY B 178 51.24 4.41 -55.40
N SER B 179 51.56 4.37 -54.11
CA SER B 179 52.35 5.43 -53.48
C SER B 179 53.82 5.07 -53.57
N SER B 180 54.66 5.80 -52.84
CA SER B 180 56.10 5.57 -52.86
C SER B 180 56.52 4.37 -52.05
N ARG B 181 55.63 3.79 -51.24
CA ARG B 181 55.96 2.66 -50.39
C ARG B 181 54.91 1.58 -50.53
N ASN B 182 55.27 0.37 -50.10
CA ASN B 182 54.35 -0.75 -50.07
C ASN B 182 53.57 -0.76 -48.76
N GLU B 183 52.51 -1.57 -48.72
CA GLU B 183 51.72 -1.70 -47.50
C GLU B 183 52.49 -2.56 -46.50
N SER B 184 52.64 -2.04 -45.29
CA SER B 184 53.39 -2.74 -44.25
C SER B 184 52.78 -2.37 -42.90
N TRP B 185 51.90 -3.24 -42.39
CA TRP B 185 51.41 -3.07 -41.03
C TRP B 185 51.37 -4.37 -40.25
N HIS B 186 51.91 -5.47 -40.79
CA HIS B 186 52.10 -6.71 -40.05
C HIS B 186 53.16 -7.53 -40.74
N PHE B 187 53.78 -8.44 -39.99
CA PHE B 187 54.85 -9.29 -40.48
C PHE B 187 54.48 -10.77 -40.29
N ASP B 188 53.24 -11.12 -40.61
CA ASP B 188 52.78 -12.50 -40.47
C ASP B 188 53.08 -13.24 -41.77
N LYS B 189 54.26 -13.87 -41.82
CA LYS B 189 54.60 -14.68 -42.99
C LYS B 189 53.75 -15.94 -43.06
N SER B 190 53.31 -16.45 -41.93
CA SER B 190 52.31 -17.51 -41.85
C SER B 190 51.11 -16.99 -41.08
N GLU B 191 49.93 -17.49 -41.43
CA GLU B 191 48.70 -17.01 -40.83
C GLU B 191 48.62 -17.45 -39.37
N PRO B 192 48.52 -16.54 -38.41
CA PRO B 192 48.45 -16.94 -37.01
C PRO B 192 47.12 -17.60 -36.67
N LEU B 193 47.17 -18.53 -35.72
CA LEU B 193 45.96 -19.19 -35.25
C LEU B 193 45.09 -18.18 -34.50
N CYS B 194 43.81 -18.14 -34.84
CA CYS B 194 42.92 -17.12 -34.31
C CYS B 194 41.48 -17.58 -34.50
N LEU B 195 40.54 -16.66 -34.28
CA LEU B 195 39.13 -17.00 -34.12
C LEU B 195 38.26 -16.49 -35.26
N PHE B 196 38.28 -15.18 -35.54
CA PHE B 196 37.32 -14.57 -36.45
C PHE B 196 38.02 -14.13 -37.73
N LYS B 197 37.41 -14.46 -38.87
CA LYS B 197 37.86 -13.99 -40.18
C LYS B 197 36.69 -14.12 -41.14
N LYS B 198 36.20 -13.00 -41.65
CA LYS B 198 35.03 -13.01 -42.51
C LYS B 198 35.10 -11.84 -43.49
N ASN B 199 34.32 -11.95 -44.56
CA ASN B 199 34.24 -10.92 -45.58
C ASN B 199 32.82 -10.36 -45.64
N PHE B 200 32.72 -9.05 -45.83
CA PHE B 200 31.43 -8.37 -45.94
C PHE B 200 31.47 -7.41 -47.12
N THR B 201 30.34 -7.26 -47.79
CA THR B 201 30.22 -6.35 -48.92
C THR B 201 29.20 -5.27 -48.59
N TYR B 202 29.22 -4.21 -49.40
CA TYR B 202 28.34 -3.07 -49.18
C TYR B 202 28.18 -2.32 -50.49
N ASN B 203 27.24 -1.38 -50.51
CA ASN B 203 27.03 -0.51 -51.66
C ASN B 203 28.23 0.40 -51.78
N VAL B 204 29.08 0.13 -52.78
CA VAL B 204 30.35 0.84 -52.92
C VAL B 204 30.15 2.29 -53.33
N SER B 205 28.99 2.63 -53.89
CA SER B 205 28.69 4.01 -54.29
C SER B 205 27.85 4.71 -53.22
N THR B 206 28.45 4.86 -52.04
CA THR B 206 27.82 5.58 -50.93
C THR B 206 28.70 6.72 -50.49
N ASP B 207 28.13 7.60 -49.66
CA ASP B 207 28.82 8.79 -49.21
C ASP B 207 29.37 8.68 -47.78
N TRP B 208 28.56 8.16 -46.86
CA TRP B 208 29.00 8.05 -45.47
C TRP B 208 28.61 6.69 -44.90
N LEU B 209 29.53 6.09 -44.16
CA LEU B 209 29.30 4.82 -43.47
C LEU B 209 29.38 5.04 -41.97
N TYR B 210 28.59 4.26 -41.22
CA TYR B 210 28.51 4.41 -39.78
C TYR B 210 28.81 3.08 -39.11
N PHE B 211 29.61 3.12 -38.05
CA PHE B 211 30.10 1.92 -37.38
C PHE B 211 29.86 2.05 -35.89
N HIS B 212 29.28 1.01 -35.29
CA HIS B 212 29.16 0.89 -33.84
C HIS B 212 30.09 -0.21 -33.38
N PHE B 213 31.00 0.11 -32.47
CA PHE B 213 31.88 -0.88 -31.86
C PHE B 213 31.83 -0.70 -30.36
N TYR B 214 31.50 -1.76 -29.63
CA TYR B 214 31.50 -1.72 -28.18
C TYR B 214 31.71 -3.13 -27.66
N GLN B 215 32.08 -3.21 -26.37
CA GLN B 215 32.34 -4.48 -25.71
C GLN B 215 31.50 -4.57 -24.45
N GLU B 216 31.18 -5.79 -24.06
CA GLU B 216 30.31 -6.02 -22.91
C GLU B 216 30.57 -7.42 -22.37
N ARG B 217 31.13 -7.49 -21.16
CA ARG B 217 31.35 -8.74 -20.43
C ARG B 217 32.23 -9.71 -21.21
N GLY B 218 33.27 -9.18 -21.86
CA GLY B 218 34.24 -10.01 -22.56
C GLY B 218 33.86 -10.39 -23.98
N THR B 219 32.75 -9.88 -24.50
CA THR B 219 32.34 -10.15 -25.87
C THR B 219 32.36 -8.84 -26.66
N PHE B 220 32.99 -8.87 -27.82
CA PHE B 220 33.14 -7.70 -28.67
C PHE B 220 32.01 -7.68 -29.70
N TYR B 221 31.27 -6.59 -29.74
CA TYR B 221 30.14 -6.44 -30.65
C TYR B 221 30.48 -5.45 -31.75
N ALA B 222 29.69 -5.50 -32.83
CA ALA B 222 29.92 -4.62 -33.97
C ALA B 222 28.64 -4.49 -34.76
N TYR B 223 28.26 -3.25 -35.07
CA TYR B 223 27.10 -2.93 -35.89
C TYR B 223 27.55 -2.14 -37.11
N TYR B 224 26.76 -2.21 -38.17
CA TYR B 224 27.16 -1.61 -39.43
C TYR B 224 25.95 -0.96 -40.12
N ALA B 225 26.23 0.08 -40.89
CA ALA B 225 25.24 0.71 -41.76
C ALA B 225 25.96 1.41 -42.89
N ASP B 226 25.44 1.28 -44.11
CA ASP B 226 25.94 2.02 -45.26
C ASP B 226 24.92 2.99 -45.82
N SER B 227 23.71 2.52 -46.09
CA SER B 227 22.63 3.35 -46.59
C SER B 227 21.68 3.65 -45.44
N GLY B 228 21.49 4.93 -45.13
CA GLY B 228 20.69 5.33 -44.01
C GLY B 228 21.51 5.45 -42.74
N MET B 229 21.18 6.43 -41.92
CA MET B 229 21.92 6.72 -40.68
C MET B 229 21.66 5.75 -39.53
N PRO B 230 20.45 5.19 -39.34
CA PRO B 230 20.32 4.10 -38.36
C PRO B 230 21.15 2.88 -38.74
N THR B 231 21.58 2.16 -37.71
CA THR B 231 22.57 1.09 -37.83
C THR B 231 21.89 -0.26 -37.61
N THR B 232 22.48 -1.32 -38.17
CA THR B 232 21.97 -2.67 -37.98
C THR B 232 23.09 -3.61 -37.57
N PHE B 233 22.70 -4.77 -37.05
CA PHE B 233 23.65 -5.71 -36.47
C PHE B 233 24.54 -6.34 -37.54
N LEU B 234 25.80 -6.57 -37.18
CA LEU B 234 26.74 -7.23 -38.09
C LEU B 234 27.21 -8.57 -37.55
N PHE B 235 27.85 -8.60 -36.39
CA PHE B 235 28.34 -9.85 -35.79
C PHE B 235 28.65 -9.60 -34.32
N SER B 236 29.20 -10.62 -33.68
CA SER B 236 29.56 -10.55 -32.26
C SER B 236 30.60 -11.61 -31.97
N LEU B 237 31.76 -11.19 -31.48
CA LEU B 237 32.90 -12.07 -31.26
C LEU B 237 33.29 -12.07 -29.79
N TYR B 238 33.59 -13.26 -29.26
CA TYR B 238 34.01 -13.43 -27.88
C TYR B 238 35.52 -13.52 -27.81
N LEU B 239 36.11 -12.80 -26.86
CA LEU B 239 37.56 -12.76 -26.70
C LEU B 239 38.04 -13.25 -25.35
N GLY B 240 37.33 -12.90 -24.27
CA GLY B 240 37.74 -13.27 -22.93
C GLY B 240 38.51 -12.21 -22.19
N THR B 241 38.99 -11.17 -22.88
CA THR B 241 39.70 -10.07 -22.23
C THR B 241 39.05 -8.75 -22.58
N LEU B 242 39.68 -7.64 -22.22
CA LEU B 242 39.15 -6.31 -22.46
C LEU B 242 39.95 -5.59 -23.54
N LEU B 243 39.32 -4.60 -24.14
CA LEU B 243 39.95 -3.75 -25.13
C LEU B 243 40.32 -2.41 -24.49
N SER B 244 41.51 -1.92 -24.83
CA SER B 244 42.05 -0.73 -24.17
C SER B 244 42.22 0.45 -25.11
N HIS B 245 42.88 0.25 -26.26
CA HIS B 245 43.20 1.36 -27.14
C HIS B 245 42.87 1.00 -28.58
N TYR B 246 42.40 2.00 -29.33
CA TYR B 246 42.18 1.87 -30.76
C TYR B 246 42.95 2.99 -31.47
N TYR B 247 43.23 2.77 -32.75
CA TYR B 247 44.00 3.73 -33.51
C TYR B 247 43.62 3.65 -34.98
N VAL B 248 43.39 4.81 -35.60
CA VAL B 248 43.11 4.91 -37.02
C VAL B 248 44.44 5.01 -37.76
N LEU B 249 44.70 4.07 -38.65
CA LEU B 249 45.99 4.02 -39.33
C LEU B 249 46.08 5.14 -40.37
N PRO B 250 47.25 5.76 -40.53
CA PRO B 250 47.43 6.73 -41.60
C PRO B 250 47.40 6.09 -42.96
N LEU B 251 46.92 6.85 -43.95
CA LEU B 251 46.78 6.37 -45.32
C LEU B 251 47.71 7.17 -46.22
N THR B 252 48.28 6.50 -47.22
CA THR B 252 49.18 7.13 -48.18
C THR B 252 48.62 6.95 -49.58
N CYS B 253 48.22 8.06 -50.20
CA CYS B 253 47.73 8.07 -51.56
C CYS B 253 48.21 9.34 -52.24
N ASN B 254 48.29 9.30 -53.57
CA ASN B 254 48.83 10.42 -54.33
C ASN B 254 47.76 11.24 -55.06
N ALA B 255 46.62 10.66 -55.38
CA ALA B 255 45.54 11.39 -56.06
C ALA B 255 44.63 12.11 -55.09
N ILE B 256 44.86 11.99 -53.79
CA ILE B 256 43.97 12.60 -52.79
C ILE B 256 44.49 13.96 -52.36
N SER B 257 45.76 14.07 -52.03
CA SER B 257 46.36 15.33 -51.59
C SER B 257 47.12 16.03 -52.72
N SER B 258 46.65 15.89 -53.95
CA SER B 258 47.30 16.51 -55.11
C SER B 258 46.87 17.98 -55.17
N ASN B 259 47.70 18.83 -54.58
CA ASN B 259 47.52 20.29 -54.50
C ASN B 259 46.23 20.69 -53.78
N THR B 260 45.69 19.80 -52.96
CA THR B 260 44.50 19.98 -52.13
C THR B 260 43.25 20.35 -52.93
N ASP B 261 43.25 20.16 -54.25
CA ASP B 261 42.06 20.42 -55.04
C ASP B 261 41.12 19.22 -55.05
N ASN B 262 41.64 18.03 -54.81
CA ASN B 262 40.85 16.81 -54.81
C ASN B 262 40.22 16.60 -53.44
N GLU B 263 39.64 15.43 -53.22
CA GLU B 263 38.94 15.13 -51.99
C GLU B 263 39.91 14.83 -50.85
N THR B 264 39.36 14.51 -49.69
CA THR B 264 40.15 14.27 -48.48
C THR B 264 39.56 13.07 -47.75
N LEU B 265 40.05 12.85 -46.53
CA LEU B 265 39.59 11.75 -45.68
C LEU B 265 38.95 12.31 -44.42
N GLN B 266 37.81 11.73 -44.04
CA GLN B 266 37.09 12.13 -42.83
C GLN B 266 36.73 10.89 -42.05
N TYR B 267 37.40 10.66 -40.92
CA TYR B 267 37.13 9.55 -40.03
C TYR B 267 36.79 10.13 -38.66
N TRP B 268 35.50 10.17 -38.33
CA TRP B 268 35.02 10.84 -37.12
C TRP B 268 34.62 9.80 -36.08
N VAL B 269 35.16 9.94 -34.86
CA VAL B 269 34.99 8.97 -33.80
C VAL B 269 34.52 9.70 -32.53
N THR B 270 33.55 9.12 -31.84
CA THR B 270 33.09 9.59 -30.54
C THR B 270 32.94 8.42 -29.58
N PRO B 271 33.17 8.63 -28.29
CA PRO B 271 32.98 7.54 -27.32
C PRO B 271 31.52 7.22 -27.09
N LEU B 272 31.29 6.01 -26.59
CA LEU B 272 29.96 5.49 -26.33
C LEU B 272 29.64 5.50 -24.84
N SER B 273 28.34 5.54 -24.54
CA SER B 273 27.88 5.54 -23.16
C SER B 273 26.52 4.85 -23.09
N LYS B 274 26.17 4.38 -21.90
CA LYS B 274 24.89 3.69 -21.68
C LYS B 274 23.90 4.72 -21.13
N ARG B 275 23.11 5.30 -22.02
CA ARG B 275 22.13 6.31 -21.66
C ARG B 275 20.82 6.03 -22.37
N GLN B 276 19.73 6.47 -21.75
CA GLN B 276 18.40 6.20 -22.27
C GLN B 276 18.13 7.07 -23.49
N TYR B 277 17.60 6.46 -24.55
CA TYR B 277 17.24 7.15 -25.78
C TYR B 277 15.75 7.04 -26.03
N LEU B 278 15.19 8.10 -26.62
CA LEU B 278 13.84 8.09 -27.15
C LEU B 278 13.90 8.01 -28.66
N LEU B 279 13.20 7.04 -29.24
CA LEU B 279 13.28 6.77 -30.66
C LEU B 279 11.90 6.87 -31.30
N LYS B 280 11.88 7.30 -32.56
CA LYS B 280 10.66 7.43 -33.33
C LYS B 280 10.72 6.54 -34.55
N PHE B 281 9.64 5.81 -34.82
CA PHE B 281 9.55 4.92 -35.95
C PHE B 281 8.43 5.38 -36.88
N ASP B 282 8.64 5.23 -38.18
CA ASP B 282 7.63 5.57 -39.17
C ASP B 282 6.88 4.30 -39.58
N ASP B 283 6.07 4.40 -40.64
CA ASP B 283 5.26 3.27 -41.07
C ASP B 283 6.09 2.16 -41.69
N ARG B 284 7.31 2.44 -42.12
CA ARG B 284 8.18 1.42 -42.71
C ARG B 284 9.08 0.74 -41.68
N GLY B 285 9.11 1.25 -40.45
CA GLY B 285 10.00 0.69 -39.43
C GLY B 285 11.37 1.31 -39.37
N VAL B 286 11.55 2.49 -39.96
CA VAL B 286 12.86 3.15 -40.03
C VAL B 286 12.91 4.21 -38.93
N ILE B 287 14.03 4.25 -38.21
CA ILE B 287 14.22 5.22 -37.14
C ILE B 287 14.45 6.60 -37.77
N THR B 288 13.51 7.52 -37.55
CA THR B 288 13.60 8.85 -38.12
C THR B 288 14.23 9.88 -37.20
N ASN B 289 14.01 9.78 -35.89
CA ASN B 289 14.48 10.78 -34.95
C ASN B 289 14.95 10.10 -33.68
N ALA B 290 15.78 10.81 -32.92
CA ALA B 290 16.27 10.31 -31.64
C ALA B 290 16.48 11.47 -30.69
N VAL B 291 16.30 11.20 -29.39
CA VAL B 291 16.48 12.19 -28.33
C VAL B 291 17.46 11.63 -27.31
N ASP B 292 18.34 12.49 -26.79
CA ASP B 292 19.37 12.04 -25.87
C ASP B 292 18.82 11.73 -24.47
N CYS B 293 17.73 12.40 -24.07
CA CYS B 293 17.02 12.26 -22.80
C CYS B 293 17.83 12.74 -21.60
N SER B 294 19.08 13.15 -21.80
CA SER B 294 19.90 13.67 -20.72
C SER B 294 20.82 14.80 -21.15
N SER B 295 20.75 15.26 -22.40
CA SER B 295 21.65 16.31 -22.86
C SER B 295 21.31 17.66 -22.24
N SER B 296 20.03 18.02 -22.25
CA SER B 296 19.61 19.35 -21.85
C SER B 296 18.21 19.27 -21.24
N PHE B 297 17.71 20.44 -20.82
CA PHE B 297 16.35 20.50 -20.28
C PHE B 297 15.31 20.19 -21.34
N PHE B 298 15.53 20.67 -22.56
CA PHE B 298 14.55 20.47 -23.64
C PHE B 298 14.43 18.99 -23.99
N SER B 299 15.55 18.27 -24.02
CA SER B 299 15.52 16.84 -24.26
C SER B 299 14.81 16.11 -23.14
N GLU B 300 14.98 16.55 -21.89
CA GLU B 300 14.30 15.92 -20.77
C GLU B 300 12.80 16.16 -20.84
N ILE B 301 12.39 17.36 -21.28
CA ILE B 301 10.97 17.62 -21.49
C ILE B 301 10.42 16.72 -22.59
N GLN B 302 11.18 16.55 -23.68
CA GLN B 302 10.74 15.69 -24.77
C GLN B 302 10.61 14.24 -24.33
N CYS B 303 11.53 13.77 -23.48
CA CYS B 303 11.49 12.39 -23.04
C CYS B 303 10.43 12.14 -21.97
N LYS B 304 10.14 13.14 -21.13
CA LYS B 304 9.01 13.01 -20.21
C LYS B 304 7.68 13.01 -20.97
N THR B 305 7.57 13.88 -21.98
CA THR B 305 6.34 13.98 -22.76
C THR B 305 6.20 12.81 -23.74
N LYS B 306 7.30 12.12 -24.04
CA LYS B 306 7.37 11.03 -25.02
C LYS B 306 7.00 11.51 -26.43
N SER B 307 7.23 12.80 -26.69
CA SER B 307 6.98 13.40 -27.99
C SER B 307 8.14 14.31 -28.34
N LEU B 308 8.14 14.81 -29.58
CA LEU B 308 9.17 15.73 -30.03
C LEU B 308 8.72 17.18 -30.05
N LEU B 309 7.42 17.43 -30.15
CA LEU B 309 6.88 18.79 -30.13
C LEU B 309 5.80 18.84 -29.06
N PRO B 310 6.19 19.02 -27.79
CA PRO B 310 5.20 19.09 -26.72
C PRO B 310 4.37 20.36 -26.80
N ASN B 311 3.19 20.30 -26.20
CA ASN B 311 2.30 21.45 -26.21
C ASN B 311 2.84 22.55 -25.30
N THR B 312 2.32 23.76 -25.51
CA THR B 312 2.76 24.92 -24.76
C THR B 312 2.36 24.79 -23.29
N GLY B 313 3.32 24.85 -22.40
CA GLY B 313 3.04 24.73 -20.98
C GLY B 313 4.31 24.87 -20.18
N VAL B 314 4.14 24.83 -18.86
CA VAL B 314 5.25 24.96 -17.91
C VAL B 314 5.60 23.58 -17.39
N TYR B 315 6.88 23.25 -17.43
CA TYR B 315 7.36 21.94 -17.01
C TYR B 315 8.36 22.09 -15.87
N ASP B 316 8.23 21.25 -14.86
CA ASP B 316 9.14 21.23 -13.73
C ASP B 316 10.12 20.08 -13.88
N LEU B 317 11.41 20.38 -13.83
CA LEU B 317 12.46 19.40 -14.03
C LEU B 317 13.24 19.22 -12.74
N SER B 318 13.30 17.99 -12.25
CA SER B 318 14.00 17.69 -11.02
C SER B 318 15.42 17.22 -11.31
N GLY B 319 16.11 16.75 -10.29
CA GLY B 319 17.50 16.34 -10.44
C GLY B 319 18.41 17.54 -10.54
N PHE B 320 18.35 18.42 -9.54
CA PHE B 320 19.09 19.68 -9.54
C PHE B 320 19.79 19.87 -8.19
N THR B 321 20.50 18.83 -7.74
CA THR B 321 21.35 18.94 -6.57
C THR B 321 22.71 19.47 -7.00
N VAL B 322 23.22 20.46 -6.27
CA VAL B 322 24.49 21.09 -6.65
C VAL B 322 25.63 20.12 -6.41
N LYS B 323 26.52 20.00 -7.40
CA LYS B 323 27.62 19.08 -7.29
C LYS B 323 28.67 19.62 -6.31
N PRO B 324 29.31 18.74 -5.53
CA PRO B 324 30.38 19.21 -4.63
C PRO B 324 31.60 19.65 -5.41
N VAL B 325 32.34 20.60 -4.81
CA VAL B 325 33.52 21.16 -5.44
C VAL B 325 34.81 20.68 -4.80
N ALA B 326 34.75 20.06 -3.63
CA ALA B 326 35.96 19.59 -2.95
C ALA B 326 35.59 18.40 -2.07
N THR B 327 36.60 17.88 -1.37
CA THR B 327 36.41 16.78 -0.44
C THR B 327 37.23 17.06 0.81
N VAL B 328 36.63 16.84 1.98
CA VAL B 328 37.32 16.98 3.26
C VAL B 328 37.31 15.61 3.94
N HIS B 329 38.48 15.20 4.43
CA HIS B 329 38.68 13.89 5.03
C HIS B 329 39.43 14.07 6.33
N ARG B 330 38.77 13.81 7.46
CA ARG B 330 39.33 14.06 8.78
C ARG B 330 39.59 12.74 9.49
N ARG B 331 40.82 12.56 9.96
CA ARG B 331 41.21 11.41 10.75
C ARG B 331 41.96 11.89 11.98
N ILE B 332 41.83 11.13 13.07
CA ILE B 332 42.68 11.35 14.24
C ILE B 332 44.13 11.04 13.86
N PRO B 333 45.12 11.82 14.33
CA PRO B 333 46.52 11.54 13.94
C PRO B 333 47.06 10.23 14.50
N ASP B 334 48.36 10.00 14.27
CA ASP B 334 49.01 8.69 14.35
C ASP B 334 48.75 7.94 15.65
N LEU B 335 48.00 6.84 15.53
CA LEU B 335 47.64 5.89 16.56
C LEU B 335 48.46 4.61 16.38
N PRO B 336 48.73 3.89 17.46
CA PRO B 336 49.55 2.67 17.33
C PRO B 336 48.82 1.57 16.57
N ASP B 337 49.60 0.59 16.12
CA ASP B 337 49.04 -0.54 15.40
C ASP B 337 48.26 -1.44 16.36
N CYS B 338 47.19 -2.04 15.84
CA CYS B 338 46.36 -2.90 16.67
C CYS B 338 47.03 -4.25 16.92
N ASP B 339 47.80 -4.74 15.96
CA ASP B 339 48.37 -6.10 15.97
C ASP B 339 47.29 -7.15 16.18
N ILE B 340 46.26 -7.10 15.32
CA ILE B 340 45.24 -8.14 15.32
C ILE B 340 45.83 -9.47 14.89
N ASP B 341 46.80 -9.43 13.96
CA ASP B 341 47.47 -10.66 13.53
C ASP B 341 48.28 -11.28 14.66
N LYS B 342 48.88 -10.46 15.52
CA LYS B 342 49.70 -10.98 16.60
C LYS B 342 48.87 -11.62 17.71
N TRP B 343 47.60 -11.25 17.83
CA TRP B 343 46.72 -11.88 18.81
C TRP B 343 45.95 -13.05 18.22
N LEU B 344 45.56 -12.95 16.95
CA LEU B 344 44.86 -14.06 16.30
C LEU B 344 45.77 -15.26 16.13
N ASN B 345 47.04 -15.01 15.79
CA ASN B 345 48.01 -16.08 15.58
C ASN B 345 48.77 -16.44 16.86
N ASN B 346 48.15 -16.23 18.02
CA ASN B 346 48.76 -16.68 19.27
C ASN B 346 48.72 -18.20 19.33
N PHE B 347 49.66 -18.76 20.10
CA PHE B 347 49.86 -20.20 20.14
C PHE B 347 49.11 -20.87 21.29
N ASN B 348 48.23 -20.13 21.96
CA ASN B 348 47.40 -20.67 23.04
C ASN B 348 45.93 -20.43 22.65
N VAL B 349 45.39 -21.34 21.86
CA VAL B 349 44.02 -21.22 21.37
C VAL B 349 43.09 -21.91 22.37
N PRO B 350 42.00 -21.25 22.80
CA PRO B 350 41.14 -21.84 23.82
C PRO B 350 39.96 -22.60 23.24
N SER B 351 39.14 -23.18 24.11
CA SER B 351 37.96 -23.96 23.79
C SER B 351 36.75 -23.05 23.63
N PRO B 352 35.69 -23.53 22.97
CA PRO B 352 34.42 -22.78 22.97
C PRO B 352 33.79 -22.66 24.35
N LEU B 353 34.15 -23.52 25.30
CA LEU B 353 33.68 -23.38 26.67
C LEU B 353 34.19 -22.10 27.31
N ASN B 354 35.47 -21.79 27.10
CA ASN B 354 36.07 -20.54 27.57
C ASN B 354 36.67 -19.80 26.37
N TRP B 355 35.84 -19.04 25.68
CA TRP B 355 36.32 -18.26 24.56
C TRP B 355 36.91 -16.95 25.06
N GLU B 356 38.00 -16.53 24.45
CA GLU B 356 38.66 -15.29 24.83
C GLU B 356 38.06 -14.11 24.09
N ARG B 357 38.45 -12.91 24.52
CA ARG B 357 37.96 -11.69 23.91
C ARG B 357 38.98 -10.59 24.14
N LYS B 358 39.28 -9.82 23.10
CA LYS B 358 40.17 -8.67 23.19
C LYS B 358 39.51 -7.50 22.48
N ILE B 359 39.30 -6.41 23.20
CA ILE B 359 38.65 -5.23 22.65
C ILE B 359 39.71 -4.29 22.09
N PHE B 360 39.51 -3.82 20.86
CA PHE B 360 40.45 -2.94 20.19
C PHE B 360 39.84 -1.55 20.06
N SER B 361 40.59 -0.54 20.49
CA SER B 361 40.16 0.84 20.36
C SER B 361 41.38 1.73 20.21
N ASN B 362 41.17 2.89 19.60
CA ASN B 362 42.19 3.93 19.38
C ASN B 362 43.40 3.38 18.63
N CYS B 363 43.15 2.57 17.60
CA CYS B 363 44.23 2.00 16.80
C CYS B 363 43.76 1.86 15.36
N ASN B 364 44.72 1.96 14.44
CA ASN B 364 44.45 1.81 13.02
C ASN B 364 44.85 0.40 12.56
N PHE B 365 44.11 -0.11 11.59
CA PHE B 365 44.31 -1.47 11.10
C PHE B 365 44.12 -1.52 9.59
N ASN B 366 44.85 -2.43 8.96
CA ASN B 366 44.68 -2.74 7.55
C ASN B 366 43.96 -4.07 7.45
N LEU B 367 42.79 -4.07 6.80
CA LEU B 367 42.01 -5.31 6.70
C LEU B 367 42.65 -6.27 5.72
N SER B 368 43.20 -5.76 4.62
CA SER B 368 43.80 -6.63 3.61
C SER B 368 45.04 -7.33 4.13
N THR B 369 45.90 -6.61 4.85
CA THR B 369 47.09 -7.22 5.42
C THR B 369 46.73 -8.23 6.50
N LEU B 370 45.72 -7.92 7.32
CA LEU B 370 45.25 -8.84 8.34
C LEU B 370 44.70 -10.11 7.74
N LEU B 371 43.92 -9.99 6.65
CA LEU B 371 43.40 -11.17 5.97
C LEU B 371 44.51 -11.96 5.28
N ARG B 372 45.54 -11.26 4.78
CA ARG B 372 46.59 -11.93 4.05
C ARG B 372 47.53 -12.71 4.96
N LEU B 373 47.92 -12.12 6.09
CA LEU B 373 48.97 -12.72 6.91
C LEU B 373 48.48 -13.98 7.61
N VAL B 374 47.26 -13.98 8.10
CA VAL B 374 46.69 -15.19 8.67
C VAL B 374 46.21 -16.08 7.52
N HIS B 375 46.33 -17.40 7.70
CA HIS B 375 45.95 -18.34 6.65
C HIS B 375 44.44 -18.55 6.72
N THR B 376 43.72 -17.56 6.19
CA THR B 376 42.27 -17.60 6.21
C THR B 376 41.73 -18.57 5.17
N ASP B 377 40.52 -19.05 5.43
CA ASP B 377 39.79 -19.91 4.51
C ASP B 377 38.46 -19.31 4.07
N SER B 378 37.73 -18.69 4.98
CA SER B 378 36.47 -18.05 4.67
C SER B 378 36.32 -16.81 5.55
N PHE B 379 35.66 -15.79 5.02
CA PHE B 379 35.42 -14.58 5.79
C PHE B 379 34.14 -13.93 5.25
N SER B 380 33.04 -14.17 5.94
CA SER B 380 31.73 -13.68 5.53
C SER B 380 31.09 -12.94 6.70
N CYS B 381 30.14 -12.06 6.37
CA CYS B 381 29.49 -11.22 7.37
C CYS B 381 27.99 -11.23 7.20
N ASN B 382 27.28 -10.96 8.29
CA ASN B 382 25.83 -10.80 8.28
C ASN B 382 25.47 -9.40 8.76
N ASN B 383 24.45 -8.82 8.12
CA ASN B 383 24.00 -7.44 8.29
C ASN B 383 25.09 -6.41 7.94
N PHE B 384 26.14 -6.85 7.25
CA PHE B 384 27.25 -6.00 6.85
C PHE B 384 28.00 -6.73 5.75
N ASP B 385 28.79 -5.99 4.98
CA ASP B 385 29.44 -6.57 3.82
C ASP B 385 30.93 -6.28 3.84
N GLU B 386 31.62 -6.87 2.86
CA GLU B 386 33.07 -6.82 2.82
C GLU B 386 33.58 -5.46 2.35
N SER B 387 32.91 -4.87 1.37
CA SER B 387 33.42 -3.70 0.69
C SER B 387 33.28 -2.41 1.49
N LYS B 388 32.54 -2.43 2.60
CA LYS B 388 32.32 -1.24 3.40
C LYS B 388 33.22 -1.17 4.63
N ILE B 389 34.17 -2.09 4.76
CA ILE B 389 35.09 -2.06 5.89
C ILE B 389 36.31 -1.21 5.58
N TYR B 390 36.77 -1.22 4.33
CA TYR B 390 37.91 -0.41 3.95
C TYR B 390 37.55 1.08 4.00
N GLY B 391 38.38 1.86 4.68
CA GLY B 391 38.12 3.28 4.84
C GLY B 391 36.89 3.60 5.66
N SER B 392 36.68 2.89 6.77
CA SER B 392 35.53 3.11 7.63
C SER B 392 35.98 3.12 9.08
N CYS B 393 35.20 3.79 9.91
CA CYS B 393 35.51 3.98 11.31
C CYS B 393 34.52 3.22 12.19
N PHE B 394 35.01 2.70 13.30
CA PHE B 394 34.18 1.98 14.27
C PHE B 394 34.54 2.46 15.68
N LYS B 395 33.55 2.43 16.57
CA LYS B 395 33.79 2.79 17.96
C LYS B 395 34.73 1.80 18.62
N SER B 396 34.51 0.51 18.38
CA SER B 396 35.38 -0.54 18.88
C SER B 396 35.17 -1.77 18.02
N ILE B 397 36.16 -2.65 18.03
CA ILE B 397 36.07 -3.94 17.37
C ILE B 397 36.25 -5.02 18.43
N VAL B 398 35.22 -5.83 18.63
CA VAL B 398 35.23 -6.90 19.61
C VAL B 398 35.47 -8.20 18.87
N LEU B 399 36.53 -8.91 19.26
CA LEU B 399 36.95 -10.12 18.60
C LEU B 399 36.94 -11.28 19.59
N ASP B 400 36.28 -12.37 19.21
CA ASP B 400 36.26 -13.60 20.01
C ASP B 400 36.91 -14.71 19.22
N LYS B 401 37.50 -15.67 19.94
CA LYS B 401 38.30 -16.71 19.29
C LYS B 401 38.22 -18.01 20.08
N PHE B 402 37.93 -19.10 19.38
CA PHE B 402 38.02 -20.43 19.96
C PHE B 402 38.24 -21.45 18.85
N ALA B 403 38.76 -22.61 19.23
CA ALA B 403 38.99 -23.69 18.28
C ALA B 403 37.70 -24.42 17.97
N ILE B 404 37.64 -25.04 16.80
CA ILE B 404 36.46 -25.74 16.31
C ILE B 404 36.72 -27.24 16.40
N PRO B 405 35.94 -27.99 17.17
CA PRO B 405 35.98 -29.45 17.04
C PRO B 405 35.41 -29.88 15.70
N ASN B 406 35.92 -30.98 15.18
CA ASN B 406 35.51 -31.42 13.86
C ASN B 406 34.10 -32.00 13.86
N SER B 407 33.66 -32.56 14.99
CA SER B 407 32.32 -33.13 15.06
C SER B 407 31.25 -32.05 14.95
N ARG B 408 31.46 -30.91 15.60
CA ARG B 408 30.49 -29.82 15.63
C ARG B 408 30.89 -28.67 14.71
N ARG B 409 31.50 -28.98 13.56
CA ARG B 409 31.86 -27.95 12.60
C ARG B 409 30.62 -27.30 12.00
N SER B 410 29.60 -28.09 11.69
CA SER B 410 28.37 -27.56 11.12
C SER B 410 27.51 -26.82 12.14
N ASP B 411 27.85 -26.91 13.43
CA ASP B 411 27.07 -26.22 14.46
C ASP B 411 27.19 -24.71 14.37
N LEU B 412 28.27 -24.19 13.78
CA LEU B 412 28.55 -22.77 13.80
C LEU B 412 27.81 -22.00 12.71
N GLN B 413 27.00 -22.67 11.90
CA GLN B 413 26.17 -21.96 10.93
C GLN B 413 25.13 -21.11 11.65
N LEU B 414 24.81 -19.97 11.05
CA LEU B 414 23.90 -19.02 11.66
C LEU B 414 22.49 -19.58 11.74
N GLY B 415 21.83 -19.37 12.88
CA GLY B 415 20.50 -19.86 13.09
C GLY B 415 20.40 -21.31 13.51
N SER B 416 21.52 -22.02 13.62
CA SER B 416 21.52 -23.41 14.02
C SER B 416 21.63 -23.53 15.53
N SER B 417 20.76 -24.34 16.12
CA SER B 417 20.75 -24.55 17.58
C SER B 417 21.47 -25.86 17.89
N GLY B 418 22.80 -25.80 17.81
CA GLY B 418 23.64 -26.94 18.12
C GLY B 418 24.20 -26.87 19.53
N PHE B 419 25.03 -27.86 19.85
CA PHE B 419 25.62 -27.94 21.17
C PHE B 419 26.64 -26.83 21.40
N LEU B 420 27.28 -26.34 20.34
CA LEU B 420 28.16 -25.19 20.48
C LEU B 420 27.37 -23.90 20.66
N GLN B 421 26.29 -23.74 19.90
CA GLN B 421 25.53 -22.49 19.92
C GLN B 421 24.65 -22.35 21.16
N SER B 422 24.17 -23.47 21.71
CA SER B 422 23.21 -23.43 22.80
C SER B 422 23.85 -23.58 24.18
N SER B 423 25.14 -23.91 24.24
CA SER B 423 25.79 -24.10 25.53
C SER B 423 27.17 -23.45 25.64
N ASN B 424 27.81 -23.06 24.56
CA ASN B 424 29.17 -22.56 24.63
C ASN B 424 29.34 -21.15 24.07
N TYR B 425 28.73 -20.84 22.93
CA TYR B 425 28.92 -19.54 22.31
C TYR B 425 27.73 -19.23 21.43
N LYS B 426 26.97 -18.20 21.77
CA LYS B 426 25.81 -17.78 20.98
C LYS B 426 26.22 -16.64 20.06
N ILE B 427 25.84 -16.74 18.80
CA ILE B 427 26.17 -15.73 17.79
C ILE B 427 24.96 -14.84 17.62
N ASP B 428 25.13 -13.54 17.88
CA ASP B 428 24.04 -12.60 17.70
C ASP B 428 23.74 -12.41 16.22
N THR B 429 22.45 -12.30 15.90
CA THR B 429 22.01 -12.13 14.52
C THR B 429 21.43 -10.75 14.24
N THR B 430 21.23 -9.92 15.26
CA THR B 430 20.71 -8.57 15.07
C THR B 430 21.78 -7.51 15.11
N SER B 431 23.06 -7.91 15.15
CA SER B 431 24.17 -6.98 15.17
C SER B 431 25.05 -7.22 13.95
N SER B 432 25.65 -6.13 13.46
CA SER B 432 26.53 -6.19 12.30
C SER B 432 27.81 -6.91 12.69
N SER B 433 27.94 -8.18 12.28
CA SER B 433 29.04 -9.03 12.70
C SER B 433 29.67 -9.71 11.49
N CYS B 434 30.93 -10.10 11.64
CA CYS B 434 31.68 -10.79 10.61
C CYS B 434 32.26 -12.07 11.19
N GLN B 435 32.12 -13.18 10.46
CA GLN B 435 32.65 -14.46 10.88
C GLN B 435 33.92 -14.76 10.08
N LEU B 436 34.95 -15.22 10.76
CA LEU B 436 36.23 -15.52 10.14
C LEU B 436 36.65 -16.94 10.46
N TYR B 437 36.99 -17.70 9.43
CA TYR B 437 37.50 -19.05 9.57
C TYR B 437 38.94 -19.09 9.07
N TYR B 438 39.83 -19.68 9.86
CA TYR B 438 41.23 -19.79 9.46
C TYR B 438 41.82 -21.02 10.14
N SER B 439 43.12 -21.21 9.96
CA SER B 439 43.81 -22.35 10.54
C SER B 439 45.26 -21.99 10.78
N LEU B 440 45.79 -22.48 11.88
CA LEU B 440 47.18 -22.40 12.30
C LEU B 440 47.82 -23.77 12.10
N PRO B 441 49.14 -23.84 11.84
CA PRO B 441 49.80 -25.15 11.72
C PRO B 441 49.68 -25.97 13.00
N ALA B 442 49.68 -27.29 12.82
CA ALA B 442 49.34 -28.20 13.92
C ALA B 442 50.33 -28.12 15.06
N ILE B 443 51.63 -28.02 14.75
CA ILE B 443 52.64 -27.82 15.77
C ILE B 443 52.58 -26.38 16.24
N ASN B 444 53.27 -26.10 17.35
CA ASN B 444 53.26 -24.78 18.02
C ASN B 444 51.83 -24.39 18.45
N VAL B 445 51.05 -25.37 18.88
CA VAL B 445 49.68 -25.15 19.31
C VAL B 445 49.46 -25.83 20.66
N THR B 446 48.97 -25.08 21.63
CA THR B 446 48.53 -25.60 22.91
C THR B 446 47.07 -25.26 23.12
N ILE B 447 46.35 -26.14 23.81
CA ILE B 447 44.93 -25.98 24.05
C ILE B 447 44.73 -25.67 25.52
N ASN B 448 44.05 -24.55 25.79
CA ASN B 448 43.80 -24.10 27.16
C ASN B 448 42.38 -24.51 27.55
N ASN B 449 42.29 -25.47 28.48
CA ASN B 449 41.00 -25.98 28.96
C ASN B 449 40.82 -25.54 30.41
N TYR B 450 39.81 -24.70 30.63
CA TYR B 450 39.57 -24.11 31.95
C TYR B 450 38.11 -23.65 31.97
N ASN B 451 37.28 -24.31 32.75
CA ASN B 451 35.86 -23.94 32.76
C ASN B 451 35.65 -22.70 33.62
N PRO B 452 34.91 -21.71 33.14
CA PRO B 452 34.71 -20.45 33.90
C PRO B 452 33.48 -20.49 34.79
N SER B 453 33.42 -21.50 35.66
CA SER B 453 32.29 -21.70 36.55
C SER B 453 32.78 -21.66 38.00
N SER B 454 32.49 -20.55 38.68
CA SER B 454 32.86 -20.43 40.10
C SER B 454 32.07 -21.41 40.96
N TRP B 455 30.84 -21.72 40.56
CA TRP B 455 30.06 -22.74 41.25
C TRP B 455 30.70 -24.12 41.16
N ASN B 456 31.23 -24.49 39.99
CA ASN B 456 31.92 -25.76 39.89
C ASN B 456 33.24 -25.75 40.65
N ARG B 457 33.93 -24.62 40.66
CA ARG B 457 35.20 -24.52 41.38
C ARG B 457 35.01 -24.54 42.89
N ARG B 458 33.86 -24.08 43.38
CA ARG B 458 33.64 -24.00 44.81
C ARG B 458 33.55 -25.37 45.46
N TYR B 459 33.01 -26.36 44.74
CA TYR B 459 32.76 -27.69 45.29
C TYR B 459 33.70 -28.74 44.70
N GLY B 460 34.97 -28.36 44.51
CA GLY B 460 36.00 -29.32 44.18
C GLY B 460 36.06 -29.77 42.74
N PHE B 461 36.35 -28.84 41.83
CA PHE B 461 36.64 -29.17 40.45
C PHE B 461 38.03 -28.67 40.11
N ASN B 462 38.95 -29.59 39.82
CA ASN B 462 40.31 -29.24 39.48
C ASN B 462 40.45 -29.07 37.96
N ASN B 463 41.68 -29.01 37.48
CA ASN B 463 41.95 -28.89 36.06
C ASN B 463 41.63 -30.19 35.33
N PHE B 464 41.64 -30.12 34.01
CA PHE B 464 41.32 -31.28 33.17
C PHE B 464 42.52 -32.21 33.06
N ASN B 465 42.23 -33.42 32.56
CA ASN B 465 43.27 -34.40 32.22
C ASN B 465 42.96 -34.87 30.80
N LEU B 466 43.42 -34.11 29.82
CA LEU B 466 43.17 -34.38 28.41
C LEU B 466 44.46 -34.20 27.63
N SER B 467 44.53 -34.88 26.49
CA SER B 467 45.72 -34.82 25.66
C SER B 467 45.81 -33.47 24.92
N SER B 468 46.92 -33.27 24.23
CA SER B 468 47.10 -32.07 23.44
C SER B 468 46.17 -32.09 22.22
N HIS B 469 45.78 -30.89 21.78
CA HIS B 469 44.86 -30.68 20.65
C HIS B 469 43.53 -31.40 20.88
N SER B 470 43.07 -31.40 22.13
CA SER B 470 41.78 -31.95 22.51
C SER B 470 40.88 -30.79 22.94
N VAL B 471 39.88 -30.49 22.14
CA VAL B 471 39.01 -29.33 22.36
C VAL B 471 37.76 -29.81 23.08
N VAL B 472 37.48 -29.22 24.24
CA VAL B 472 36.37 -29.63 25.10
C VAL B 472 35.23 -28.63 24.94
N TYR B 473 34.00 -29.14 24.85
CA TYR B 473 32.81 -28.33 24.75
C TYR B 473 31.74 -28.88 25.67
N SER B 474 30.91 -27.98 26.21
CA SER B 474 29.86 -28.38 27.13
C SER B 474 28.56 -28.65 26.38
N ARG B 475 27.81 -29.64 26.88
CA ARG B 475 26.55 -30.02 26.27
C ARG B 475 25.34 -29.48 27.01
N TYR B 476 25.43 -29.27 28.32
CA TYR B 476 24.34 -28.68 29.09
C TYR B 476 24.92 -27.78 30.17
N CYS B 477 24.31 -26.61 30.36
CA CYS B 477 24.73 -25.66 31.37
C CYS B 477 23.62 -25.50 32.41
N PHE B 478 24.02 -25.50 33.68
CA PHE B 478 23.09 -25.46 34.79
C PHE B 478 23.41 -24.28 35.70
N SER B 479 22.37 -23.59 36.16
CA SER B 479 22.51 -22.44 37.04
C SER B 479 21.77 -22.70 38.35
N VAL B 480 22.43 -22.40 39.46
CA VAL B 480 21.87 -22.59 40.79
C VAL B 480 21.86 -21.24 41.50
N ASN B 481 21.18 -21.21 42.65
CA ASN B 481 21.17 -20.03 43.48
C ASN B 481 22.44 -19.96 44.33
N ASN B 482 22.59 -18.85 45.05
CA ASN B 482 23.77 -18.63 45.87
C ASN B 482 23.82 -19.57 47.07
N THR B 483 22.66 -20.00 47.55
CA THR B 483 22.57 -20.79 48.77
C THR B 483 22.66 -22.30 48.53
N PHE B 484 23.20 -22.71 47.38
CA PHE B 484 23.25 -24.13 47.06
C PHE B 484 24.34 -24.84 47.86
N CYS B 485 24.09 -26.12 48.15
CA CYS B 485 24.98 -26.93 48.99
C CYS B 485 24.81 -28.39 48.61
N PRO B 486 25.72 -28.95 47.81
CA PRO B 486 25.53 -30.33 47.33
C PRO B 486 25.85 -31.41 48.35
N CYS B 487 25.37 -31.27 49.58
CA CYS B 487 25.60 -32.27 50.62
C CYS B 487 24.34 -32.40 51.46
N ALA B 488 24.22 -33.56 52.13
CA ALA B 488 23.10 -33.84 53.00
C ALA B 488 23.44 -33.48 54.45
N LYS B 489 22.39 -33.29 55.24
CA LYS B 489 22.57 -32.94 56.65
C LYS B 489 23.13 -34.13 57.41
N PRO B 490 24.23 -33.95 58.16
CA PRO B 490 24.78 -35.07 58.94
C PRO B 490 23.84 -35.61 60.00
N SER B 491 23.03 -34.73 60.61
CA SER B 491 22.04 -35.18 61.58
C SER B 491 20.99 -36.08 60.92
N PHE B 492 20.55 -35.72 59.72
CA PHE B 492 19.64 -36.57 58.97
C PHE B 492 20.37 -37.77 58.38
N ALA B 493 21.66 -37.63 58.08
CA ALA B 493 22.44 -38.76 57.57
C ALA B 493 22.62 -39.84 58.63
N SER B 494 22.69 -39.44 59.90
CA SER B 494 22.85 -40.43 60.98
C SER B 494 21.61 -41.30 61.12
N SER B 495 20.42 -40.72 60.93
CA SER B 495 19.19 -41.49 61.08
C SER B 495 18.95 -42.42 59.90
N CYS B 496 19.43 -42.06 58.71
CA CYS B 496 19.21 -42.88 57.52
C CYS B 496 20.07 -44.13 57.58
N LYS B 497 19.44 -45.30 57.47
CA LYS B 497 20.16 -46.57 57.47
C LYS B 497 20.08 -47.31 56.14
N SER B 498 19.06 -47.05 55.33
CA SER B 498 18.92 -47.66 54.02
C SER B 498 19.10 -46.58 52.97
N HIS B 499 20.04 -46.80 52.03
CA HIS B 499 20.41 -45.84 51.00
C HIS B 499 20.81 -44.49 51.59
N LYS B 500 21.71 -44.55 52.58
CA LYS B 500 22.15 -43.34 53.26
C LYS B 500 23.08 -42.54 52.36
N PRO B 501 22.76 -41.28 52.06
CA PRO B 501 23.60 -40.48 51.16
C PRO B 501 24.87 -40.03 51.87
N PRO B 502 25.93 -39.74 51.12
CA PRO B 502 27.13 -39.18 51.73
C PRO B 502 26.87 -37.78 52.27
N SER B 503 27.59 -37.44 53.34
CA SER B 503 27.35 -36.20 54.07
C SER B 503 28.65 -35.44 54.27
N ALA B 504 28.53 -34.11 54.31
CA ALA B 504 29.65 -33.22 54.59
C ALA B 504 29.08 -31.93 55.16
N SER B 505 29.92 -30.89 55.26
CA SER B 505 29.54 -29.63 55.89
C SER B 505 29.97 -28.47 54.99
N CYS B 506 29.03 -27.97 54.18
CA CYS B 506 29.27 -26.78 53.40
C CYS B 506 29.28 -25.55 54.29
N PRO B 507 29.93 -24.46 53.85
CA PRO B 507 29.97 -23.24 54.66
C PRO B 507 28.59 -22.62 54.88
N ILE B 508 28.57 -21.65 55.78
CA ILE B 508 27.31 -21.09 56.28
C ILE B 508 26.62 -20.27 55.19
N GLY B 509 25.32 -20.05 55.40
CA GLY B 509 24.49 -19.36 54.43
C GLY B 509 23.97 -20.22 53.30
N THR B 510 24.26 -21.52 53.31
CA THR B 510 23.85 -22.42 52.25
C THR B 510 22.84 -23.42 52.80
N ASN B 511 21.70 -23.53 52.15
CA ASN B 511 20.71 -24.54 52.51
C ASN B 511 21.11 -25.89 51.93
N TYR B 512 20.93 -26.94 52.72
CA TYR B 512 21.42 -28.26 52.37
C TYR B 512 20.50 -28.91 51.34
N ARG B 513 20.69 -30.21 51.09
CA ARG B 513 19.83 -30.95 50.19
C ARG B 513 18.43 -31.10 50.78
N SER B 514 17.48 -31.43 49.91
CA SER B 514 16.09 -31.66 50.31
C SER B 514 15.79 -33.13 50.56
N CYS B 515 16.77 -33.88 51.06
CA CYS B 515 16.57 -35.29 51.37
C CYS B 515 15.60 -35.43 52.54
N GLU B 516 14.60 -36.30 52.37
CA GLU B 516 13.59 -36.53 53.38
C GLU B 516 13.30 -38.03 53.47
N SER B 517 12.86 -38.46 54.65
CA SER B 517 12.65 -39.86 54.94
C SER B 517 11.16 -40.20 54.91
N THR B 518 10.88 -41.45 54.56
CA THR B 518 9.50 -41.95 54.49
C THR B 518 9.52 -43.46 54.70
N THR B 519 8.38 -44.08 54.44
CA THR B 519 8.24 -45.53 54.55
C THR B 519 7.69 -46.05 53.23
N VAL B 520 8.36 -47.07 52.67
CA VAL B 520 8.02 -47.60 51.36
C VAL B 520 7.31 -48.94 51.52
N LEU B 521 6.60 -49.09 52.63
CA LEU B 521 5.69 -50.19 53.00
C LEU B 521 6.37 -51.56 53.06
N ASP B 522 7.69 -51.61 52.90
CA ASP B 522 8.46 -52.82 53.17
C ASP B 522 9.78 -52.52 53.87
N HIS B 523 10.11 -51.26 54.10
CA HIS B 523 11.26 -50.84 54.89
C HIS B 523 10.79 -49.92 56.00
N THR B 524 11.45 -50.02 57.16
CA THR B 524 11.08 -49.19 58.30
C THR B 524 11.41 -47.72 58.05
N ASP B 525 12.52 -47.45 57.37
CA ASP B 525 12.94 -46.08 57.12
C ASP B 525 13.69 -46.04 55.80
N TRP B 526 13.03 -45.55 54.75
CA TRP B 526 13.66 -45.30 53.46
C TRP B 526 13.65 -43.80 53.21
N CYS B 527 14.83 -43.24 52.95
CA CYS B 527 14.97 -41.81 52.71
C CYS B 527 15.49 -41.57 51.30
N ARG B 528 14.81 -40.70 50.57
CA ARG B 528 15.17 -40.34 49.20
C ARG B 528 15.61 -38.89 49.15
N CYS B 529 16.29 -38.54 48.07
CA CYS B 529 16.83 -37.20 47.87
C CYS B 529 16.29 -36.61 46.56
N SER B 530 16.64 -35.36 46.33
CA SER B 530 16.22 -34.67 45.12
C SER B 530 17.18 -34.95 43.96
N CYS B 531 16.71 -34.68 42.75
CA CYS B 531 17.48 -34.83 41.51
C CYS B 531 18.00 -36.26 41.33
N LEU B 532 17.14 -37.24 41.59
CA LEU B 532 17.52 -38.64 41.43
C LEU B 532 17.45 -39.04 39.96
N PRO B 533 18.52 -39.62 39.38
CA PRO B 533 19.83 -39.81 40.03
C PRO B 533 20.82 -38.68 39.70
N ASP B 534 20.53 -37.95 38.64
CA ASP B 534 21.35 -36.84 38.16
C ASP B 534 20.43 -35.72 37.72
N PRO B 535 20.91 -34.47 37.72
CA PRO B 535 20.08 -33.37 37.22
C PRO B 535 19.71 -33.49 35.76
N ILE B 536 20.50 -34.23 34.97
CA ILE B 536 20.19 -34.41 33.55
C ILE B 536 18.96 -35.28 33.38
N THR B 537 18.90 -36.39 34.11
CA THR B 537 17.83 -37.36 33.90
C THR B 537 17.07 -37.46 35.23
N ALA B 538 16.70 -36.30 35.77
CA ALA B 538 15.92 -36.26 36.99
C ALA B 538 14.44 -36.46 36.66
N TYR B 539 13.81 -37.43 37.33
CA TYR B 539 12.40 -37.70 37.10
C TYR B 539 11.51 -36.59 37.61
N ASP B 540 11.98 -35.80 38.58
CA ASP B 540 11.24 -34.66 39.12
C ASP B 540 12.13 -33.43 39.02
N PRO B 541 12.22 -32.80 37.84
CA PRO B 541 13.07 -31.61 37.72
C PRO B 541 12.52 -30.39 38.46
N ARG B 542 11.24 -30.39 38.83
CA ARG B 542 10.67 -29.22 39.49
C ARG B 542 11.23 -29.04 40.90
N SER B 543 11.36 -30.14 41.65
CA SER B 543 11.94 -30.06 42.98
C SER B 543 13.46 -30.01 42.96
N CYS B 544 14.08 -30.28 41.82
CA CYS B 544 15.52 -30.18 41.71
C CYS B 544 15.96 -28.72 41.72
N SER B 545 16.95 -28.41 42.55
CA SER B 545 17.39 -27.02 42.68
C SER B 545 18.15 -26.57 41.43
N GLN B 546 19.06 -27.40 40.94
CA GLN B 546 19.79 -27.07 39.73
C GLN B 546 18.91 -27.28 38.51
N LYS B 547 18.86 -26.27 37.64
CA LYS B 547 17.97 -26.25 36.49
C LYS B 547 18.78 -26.17 35.20
N LYS B 548 18.28 -26.81 34.15
CA LYS B 548 18.89 -26.69 32.84
C LYS B 548 18.63 -25.29 32.29
N SER B 549 19.70 -24.65 31.80
CA SER B 549 19.62 -23.26 31.40
C SER B 549 20.31 -23.07 30.05
N LEU B 550 19.89 -22.03 29.35
CA LEU B 550 20.47 -21.65 28.08
C LEU B 550 21.69 -20.74 28.34
N VAL B 551 22.25 -20.19 27.27
CA VAL B 551 23.35 -19.25 27.37
C VAL B 551 23.04 -18.03 26.51
N GLY B 552 23.30 -16.85 27.06
CA GLY B 552 23.09 -15.62 26.32
C GLY B 552 24.31 -15.21 25.53
N VAL B 553 24.13 -14.17 24.71
CA VAL B 553 25.23 -13.64 23.92
C VAL B 553 26.19 -12.88 24.83
N GLY B 554 27.48 -13.10 24.63
CA GLY B 554 28.48 -12.46 25.46
C GLY B 554 28.62 -13.03 26.85
N GLU B 555 28.19 -14.28 27.06
CA GLU B 555 28.29 -14.92 28.36
C GLU B 555 28.80 -16.34 28.20
N HIS B 556 29.45 -16.84 29.25
CA HIS B 556 29.99 -18.18 29.25
C HIS B 556 28.96 -19.18 29.75
N CYS B 557 29.36 -20.44 29.86
CA CYS B 557 28.48 -21.47 30.39
C CYS B 557 28.24 -21.24 31.88
N ALA B 558 27.01 -21.53 32.32
CA ALA B 558 26.65 -21.30 33.72
C ALA B 558 27.36 -22.26 34.64
N GLY B 559 27.50 -23.52 34.24
CA GLY B 559 28.16 -24.50 35.07
C GLY B 559 27.89 -25.91 34.58
N PHE B 560 28.42 -26.86 35.34
CA PHE B 560 28.26 -28.28 35.06
C PHE B 560 27.42 -28.93 36.15
N GLY B 561 26.35 -29.61 35.74
CA GLY B 561 25.47 -30.27 36.70
C GLY B 561 26.15 -31.42 37.41
N VAL B 562 26.45 -31.24 38.68
CA VAL B 562 27.15 -32.24 39.47
C VAL B 562 26.18 -33.32 39.93
N ASP B 563 26.64 -34.57 39.92
CA ASP B 563 25.84 -35.67 40.43
C ASP B 563 25.82 -35.60 41.96
N GLU B 564 24.61 -35.48 42.53
CA GLU B 564 24.49 -35.25 43.97
C GLU B 564 24.91 -36.47 44.77
N GLU B 565 24.40 -37.65 44.41
CA GLU B 565 24.63 -38.85 45.22
C GLU B 565 26.03 -39.40 45.01
N LYS B 566 26.55 -39.37 43.78
CA LYS B 566 27.85 -39.97 43.50
C LYS B 566 29.00 -39.20 44.14
N CYS B 567 28.82 -37.92 44.44
CA CYS B 567 29.86 -37.12 45.06
C CYS B 567 29.53 -36.89 46.53
N GLY B 568 30.57 -36.78 47.34
CA GLY B 568 30.44 -36.61 48.77
C GLY B 568 31.27 -37.64 49.52
N VAL B 569 31.28 -37.49 50.85
CA VAL B 569 32.04 -38.35 51.74
C VAL B 569 31.05 -39.16 52.57
N LEU B 570 31.22 -40.48 52.55
CA LEU B 570 30.36 -41.35 53.34
C LEU B 570 30.68 -41.20 54.82
N ASP B 571 29.63 -41.01 55.63
CA ASP B 571 29.72 -40.83 57.09
C ASP B 571 30.62 -39.65 57.45
N GLY B 572 30.19 -38.46 57.02
CA GLY B 572 30.87 -37.23 57.38
C GLY B 572 29.99 -36.34 58.23
N SER B 573 30.37 -36.15 59.49
CA SER B 573 29.54 -35.46 60.48
C SER B 573 30.23 -34.19 60.95
N TYR B 574 29.98 -33.09 60.23
CA TYR B 574 30.38 -31.74 60.63
C TYR B 574 31.90 -31.60 60.79
N ASN B 575 32.67 -32.34 60.01
CA ASN B 575 34.12 -32.27 60.09
C ASN B 575 34.82 -32.15 58.75
N VAL B 576 34.13 -32.40 57.64
CA VAL B 576 34.71 -32.34 56.31
C VAL B 576 33.90 -31.35 55.48
N SER B 577 34.60 -30.41 54.85
CA SER B 577 33.93 -29.47 53.96
C SER B 577 33.45 -30.19 52.70
N CYS B 578 32.47 -29.58 52.04
CA CYS B 578 31.83 -30.22 50.89
C CYS B 578 32.75 -30.22 49.68
N LEU B 579 33.00 -31.42 49.15
CA LEU B 579 33.79 -31.59 47.95
C LEU B 579 33.11 -32.65 47.10
N CYS B 580 33.39 -32.63 45.80
CA CYS B 580 32.83 -33.62 44.90
C CYS B 580 33.91 -34.10 43.94
N SER B 581 33.75 -35.33 43.47
CA SER B 581 34.74 -35.98 42.61
C SER B 581 34.76 -35.34 41.23
N THR B 582 35.86 -35.61 40.50
CA THR B 582 35.98 -35.10 39.14
C THR B 582 34.97 -35.77 38.21
N ASP B 583 34.73 -37.07 38.40
CA ASP B 583 33.76 -37.79 37.56
C ASP B 583 32.32 -37.43 37.89
N ALA B 584 32.07 -36.75 39.01
CA ALA B 584 30.71 -36.31 39.32
C ALA B 584 30.21 -35.29 38.32
N PHE B 585 31.07 -34.35 37.91
CA PHE B 585 30.69 -33.40 36.87
C PHE B 585 30.64 -34.11 35.53
N LEU B 586 29.53 -33.96 34.82
CA LEU B 586 29.34 -34.64 33.55
C LEU B 586 28.38 -33.83 32.69
N GLY B 587 28.39 -34.13 31.39
CA GLY B 587 27.61 -33.37 30.44
C GLY B 587 28.49 -32.64 29.44
N TRP B 588 29.65 -33.23 29.13
CA TRP B 588 30.56 -32.65 28.16
C TRP B 588 31.28 -33.76 27.41
N SER B 589 31.68 -33.45 26.18
CA SER B 589 32.47 -34.35 25.36
C SER B 589 33.46 -33.52 24.56
N TYR B 590 34.51 -34.17 24.08
CA TYR B 590 35.63 -33.48 23.47
C TYR B 590 36.01 -34.11 22.14
N ASP B 591 36.64 -33.30 21.29
CA ASP B 591 37.15 -33.75 19.99
C ASP B 591 38.44 -33.00 19.71
N THR B 592 38.96 -33.14 18.49
CA THR B 592 40.24 -32.56 18.10
C THR B 592 40.04 -31.50 17.04
N CYS B 593 41.08 -30.67 16.89
CA CYS B 593 41.08 -29.58 15.92
C CYS B 593 41.75 -29.93 14.60
N VAL B 594 42.46 -31.06 14.54
CA VAL B 594 43.35 -31.33 13.42
C VAL B 594 42.55 -31.66 12.16
N SER B 595 42.88 -31.00 11.07
CA SER B 595 42.31 -31.29 9.75
C SER B 595 43.37 -30.94 8.73
N ASN B 596 44.01 -31.97 8.15
CA ASN B 596 45.16 -31.83 7.24
C ASN B 596 46.28 -31.04 7.90
N ASN B 597 46.59 -31.40 9.15
CA ASN B 597 47.71 -30.85 9.93
C ASN B 597 47.60 -29.34 10.14
N ARG B 598 46.37 -28.82 10.17
CA ARG B 598 46.13 -27.39 10.38
C ARG B 598 44.87 -27.28 11.24
N CYS B 599 45.05 -26.98 12.53
CA CYS B 599 43.92 -26.86 13.44
C CYS B 599 43.10 -25.63 13.11
N ASN B 600 41.83 -25.84 12.80
CA ASN B 600 40.94 -24.76 12.40
C ASN B 600 40.47 -23.99 13.62
N ILE B 601 40.43 -22.66 13.49
CA ILE B 601 40.08 -21.76 14.59
C ILE B 601 38.96 -20.84 14.10
N PHE B 602 37.94 -20.65 14.93
CA PHE B 602 36.86 -19.73 14.63
C PHE B 602 37.19 -18.35 15.18
N SER B 603 36.69 -17.32 14.50
CA SER B 603 36.77 -15.95 14.99
C SER B 603 35.52 -15.21 14.60
N ASN B 604 35.08 -14.32 15.48
CA ASN B 604 33.84 -13.58 15.31
C ASN B 604 34.11 -12.10 15.52
N PHE B 605 34.03 -11.33 14.45
CA PHE B 605 34.18 -9.88 14.53
C PHE B 605 32.85 -9.28 14.96
N ILE B 606 32.87 -8.46 16.02
CA ILE B 606 31.67 -7.79 16.50
C ILE B 606 31.90 -6.30 16.32
N LEU B 607 31.34 -5.74 15.26
CA LEU B 607 31.48 -4.31 14.95
C LEU B 607 30.31 -3.56 15.56
N ASN B 608 30.60 -2.70 16.52
CA ASN B 608 29.60 -1.84 17.12
C ASN B 608 30.03 -0.39 17.01
N GLY B 609 29.05 0.51 16.90
CA GLY B 609 29.34 1.89 16.61
C GLY B 609 29.80 2.05 15.17
N ILE B 610 28.90 1.76 14.23
CA ILE B 610 29.23 1.78 12.82
C ILE B 610 29.32 3.23 12.33
N ASN B 611 30.37 3.51 11.55
CA ASN B 611 30.62 4.82 10.93
C ASN B 611 30.75 5.93 11.98
N SER B 612 31.37 5.60 13.11
CA SER B 612 31.66 6.55 14.18
C SER B 612 32.66 5.91 15.13
N GLY B 613 33.68 6.67 15.52
CA GLY B 613 34.62 6.18 16.49
C GLY B 613 36.08 6.44 16.18
N THR B 614 36.97 5.97 17.05
CA THR B 614 38.40 6.20 16.92
C THR B 614 39.15 5.02 16.31
N THR B 615 38.47 3.94 15.96
CA THR B 615 39.09 2.79 15.32
C THR B 615 38.71 2.81 13.85
N CYS B 616 39.62 3.30 13.02
CA CYS B 616 39.38 3.45 11.59
C CYS B 616 40.37 2.62 10.78
N SER B 617 39.92 2.15 9.63
CA SER B 617 40.75 1.38 8.73
C SER B 617 41.52 2.30 7.79
N ASN B 618 42.74 1.89 7.44
CA ASN B 618 43.63 2.68 6.60
C ASN B 618 43.90 2.04 5.25
N ASP B 619 43.07 1.10 4.82
CA ASP B 619 43.26 0.50 3.51
C ASP B 619 42.98 1.49 2.39
N LEU B 620 41.91 2.28 2.52
CA LEU B 620 41.66 3.39 1.60
C LEU B 620 42.42 4.59 2.15
N LEU B 621 43.73 4.60 1.90
CA LEU B 621 44.59 5.63 2.47
C LEU B 621 44.32 6.96 1.79
N GLN B 622 44.14 8.00 2.62
CA GLN B 622 43.84 9.33 2.13
C GLN B 622 44.45 10.31 3.13
N PRO B 623 45.21 11.29 2.67
CA PRO B 623 45.78 12.27 3.60
C PRO B 623 44.71 13.15 4.22
N ASN B 624 44.99 13.63 5.43
CA ASN B 624 44.04 14.47 6.13
C ASN B 624 43.94 15.83 5.45
N THR B 625 42.72 16.33 5.31
CA THR B 625 42.44 17.60 4.66
C THR B 625 41.73 18.52 5.64
N GLU B 626 42.13 19.79 5.64
CA GLU B 626 41.51 20.77 6.52
C GLU B 626 40.08 21.06 6.09
N VAL B 627 39.29 21.52 7.04
CA VAL B 627 37.86 21.77 6.81
C VAL B 627 37.71 23.07 6.03
N PHE B 628 36.93 23.02 4.96
CA PHE B 628 36.64 24.22 4.17
C PHE B 628 35.34 24.86 4.64
N THR B 629 35.13 26.10 4.22
CA THR B 629 34.01 26.90 4.71
C THR B 629 33.21 27.45 3.54
N ASP B 630 31.88 27.38 3.66
CA ASP B 630 30.92 27.99 2.74
C ASP B 630 31.00 27.42 1.33
N VAL B 631 31.41 26.16 1.20
CA VAL B 631 31.38 25.44 -0.07
C VAL B 631 30.70 24.10 0.14
N CYS B 632 29.93 23.66 -0.84
CA CYS B 632 29.28 22.35 -0.79
C CYS B 632 30.34 21.28 -0.95
N VAL B 633 30.61 20.52 0.11
CA VAL B 633 31.74 19.62 0.17
C VAL B 633 31.30 18.30 0.79
N ASP B 634 31.74 17.18 0.19
CA ASP B 634 31.55 15.88 0.81
C ASP B 634 32.51 15.72 1.96
N TYR B 635 32.04 15.12 3.05
CA TYR B 635 32.84 15.01 4.26
C TYR B 635 32.92 13.57 4.74
N ASP B 636 34.02 13.27 5.44
CA ASP B 636 34.29 11.99 6.07
C ASP B 636 34.77 12.22 7.51
N LEU B 637 34.01 13.01 8.25
CA LEU B 637 34.44 13.46 9.58
C LEU B 637 34.39 12.33 10.59
N TYR B 638 35.49 11.56 10.66
CA TYR B 638 35.67 10.47 11.63
C TYR B 638 34.56 9.42 11.52
N GLY B 639 34.27 9.00 10.29
CA GLY B 639 33.30 7.97 10.02
C GLY B 639 31.96 8.50 9.54
N ILE B 640 31.61 9.73 9.89
CA ILE B 640 30.33 10.31 9.46
C ILE B 640 30.50 10.83 8.04
N THR B 641 29.69 10.33 7.12
CA THR B 641 29.74 10.69 5.72
C THR B 641 28.54 11.54 5.34
N GLY B 642 28.56 12.02 4.09
CA GLY B 642 27.53 12.87 3.54
C GLY B 642 28.12 14.11 2.93
N GLN B 643 27.25 15.02 2.49
CA GLN B 643 27.67 16.29 1.94
C GLN B 643 26.95 17.41 2.67
N GLY B 644 27.56 18.59 2.66
CA GLY B 644 26.97 19.72 3.35
C GLY B 644 27.84 20.94 3.22
N ILE B 645 27.42 22.00 3.90
CA ILE B 645 28.10 23.29 3.90
C ILE B 645 28.53 23.60 5.33
N PHE B 646 29.80 23.91 5.51
CA PHE B 646 30.35 24.20 6.83
C PHE B 646 30.40 25.71 7.04
N LYS B 647 29.89 26.16 8.18
CA LYS B 647 29.99 27.55 8.61
C LYS B 647 30.48 27.54 10.05
N GLU B 648 31.72 28.00 10.26
CA GLU B 648 32.34 27.92 11.58
C GLU B 648 31.75 28.96 12.53
N VAL B 649 31.36 28.51 13.72
CA VAL B 649 30.84 29.39 14.76
C VAL B 649 31.65 29.16 16.02
N SER B 650 31.39 30.00 17.03
CA SER B 650 32.07 29.96 18.32
C SER B 650 31.04 29.68 19.40
N ALA B 651 30.84 28.41 19.72
CA ALA B 651 29.88 27.99 20.72
C ALA B 651 30.53 26.95 21.63
N VAL B 652 30.24 27.03 22.92
CA VAL B 652 30.99 26.28 23.93
C VAL B 652 30.09 25.34 24.72
N TYR B 653 28.99 24.89 24.12
CA TYR B 653 28.13 23.94 24.82
C TYR B 653 28.68 22.52 24.81
N TYR B 654 29.74 22.25 24.06
CA TYR B 654 30.36 20.93 24.08
C TYR B 654 31.12 20.74 25.38
N ASN B 655 30.85 19.64 26.07
CA ASN B 655 31.61 19.29 27.26
C ASN B 655 32.78 18.38 26.87
N SER B 656 33.44 17.78 27.85
CA SER B 656 34.59 16.92 27.56
C SER B 656 34.17 15.67 26.81
N TRP B 657 33.07 15.04 27.23
CA TRP B 657 32.58 13.86 26.54
C TRP B 657 31.74 14.23 25.31
N GLN B 658 31.01 15.34 25.38
CA GLN B 658 30.13 15.74 24.29
C GLN B 658 30.94 16.24 23.11
N ASN B 659 30.68 15.70 21.92
CA ASN B 659 31.48 16.06 20.74
C ASN B 659 30.67 16.27 19.48
N LEU B 660 29.41 15.85 19.41
CA LEU B 660 28.59 15.99 18.22
C LEU B 660 27.22 16.54 18.59
N LEU B 661 26.67 17.38 17.71
CA LEU B 661 25.37 18.01 17.92
C LEU B 661 24.37 17.44 16.92
N TYR B 662 23.25 16.95 17.44
CA TYR B 662 22.19 16.37 16.61
C TYR B 662 20.90 17.18 16.67
N ASP B 663 20.08 16.98 15.65
CA ASP B 663 18.73 17.51 15.59
C ASP B 663 17.81 16.64 16.46
N PHE B 664 16.50 16.93 16.43
CA PHE B 664 15.60 16.20 17.28
C PHE B 664 15.33 14.78 16.78
N ASN B 665 15.54 14.50 15.50
CA ASN B 665 15.40 13.13 14.97
C ASN B 665 16.64 12.76 14.14
N GLY B 666 17.69 12.34 14.83
CA GLY B 666 18.82 11.62 14.23
C GLY B 666 19.53 12.30 13.08
N ASN B 667 19.72 13.61 13.15
CA ASN B 667 20.35 14.35 12.07
C ASN B 667 21.50 15.19 12.59
N ILE B 668 22.68 15.00 12.00
CA ILE B 668 23.83 15.83 12.32
C ILE B 668 23.59 17.25 11.82
N ILE B 669 23.83 18.23 12.69
CA ILE B 669 23.62 19.63 12.33
C ILE B 669 24.82 20.46 12.75
N GLY B 670 25.92 19.79 13.04
CA GLY B 670 27.14 20.47 13.45
C GLY B 670 27.94 19.61 14.40
N PHE B 671 29.25 19.81 14.41
CA PHE B 671 30.16 19.01 15.21
C PHE B 671 31.29 19.90 15.70
N LYS B 672 32.17 19.31 16.51
CA LYS B 672 33.37 19.96 17.01
C LYS B 672 34.55 19.07 16.68
N ASP B 673 35.60 19.66 16.11
CA ASP B 673 36.74 18.89 15.63
C ASP B 673 37.50 18.27 16.81
N PHE B 674 38.15 17.14 16.52
CA PHE B 674 38.91 16.43 17.56
C PHE B 674 40.13 17.21 17.97
N VAL B 675 40.92 17.68 17.00
CA VAL B 675 42.23 18.24 17.28
C VAL B 675 42.15 19.74 17.52
N THR B 676 41.55 20.49 16.60
CA THR B 676 41.55 21.94 16.68
C THR B 676 40.52 22.48 17.67
N ASN B 677 39.57 21.66 18.12
CA ASN B 677 38.52 22.05 19.07
C ASN B 677 37.71 23.24 18.58
N LYS B 678 37.46 23.30 17.28
CA LYS B 678 36.72 24.40 16.68
C LYS B 678 35.31 23.96 16.34
N THR B 679 34.33 24.77 16.75
CA THR B 679 32.94 24.43 16.56
C THR B 679 32.53 24.73 15.12
N TYR B 680 31.84 23.77 14.49
CA TYR B 680 31.36 23.91 13.13
C TYR B 680 29.88 23.58 13.08
N ASN B 681 29.21 24.12 12.05
CA ASN B 681 27.82 23.81 11.77
C ASN B 681 27.71 23.27 10.35
N ILE B 682 26.85 22.27 10.18
CA ILE B 682 26.66 21.62 8.88
C ILE B 682 25.29 21.98 8.35
N PHE B 683 25.25 22.64 7.20
CA PHE B 683 24.03 23.04 6.52
C PHE B 683 23.84 22.26 5.23
N PRO B 684 22.61 21.94 4.85
CA PRO B 684 22.39 21.19 3.61
C PRO B 684 22.66 22.04 2.38
N CYS B 685 23.13 21.39 1.32
CA CYS B 685 23.39 22.05 0.07
C CYS B 685 22.09 22.33 -0.67
N TYR B 686 22.16 23.23 -1.65
CA TYR B 686 20.97 23.67 -2.36
C TYR B 686 20.44 22.58 -3.27
N ALA B 687 19.13 22.33 -3.20
CA ALA B 687 18.50 21.25 -3.94
C ALA B 687 17.17 21.72 -4.52
N GLY B 688 17.18 22.90 -5.15
CA GLY B 688 15.97 23.45 -5.74
C GLY B 688 15.62 22.78 -7.05
N ARG B 689 14.63 23.37 -7.72
CA ARG B 689 14.19 22.93 -9.03
C ARG B 689 14.31 24.09 -10.03
N VAL B 690 14.19 23.74 -11.31
CA VAL B 690 14.20 24.72 -12.39
C VAL B 690 12.91 24.56 -13.19
N SER B 691 12.28 25.68 -13.51
CA SER B 691 11.10 25.68 -14.34
C SER B 691 11.49 25.90 -15.79
N ALA B 692 10.55 25.63 -16.70
CA ALA B 692 10.81 25.81 -18.12
C ALA B 692 9.51 26.19 -18.81
N ALA B 693 9.48 27.36 -19.43
CA ALA B 693 8.34 27.82 -20.20
C ALA B 693 8.62 27.56 -21.67
N PHE B 694 7.78 26.74 -22.30
CA PHE B 694 7.96 26.34 -23.68
C PHE B 694 6.77 26.76 -24.52
N HIS B 695 7.06 27.28 -25.71
CA HIS B 695 6.04 27.55 -26.71
C HIS B 695 6.30 26.66 -27.91
N GLN B 696 5.22 26.31 -28.62
CA GLN B 696 5.33 25.35 -29.72
C GLN B 696 6.14 25.91 -30.87
N ASN B 697 6.02 27.20 -31.15
CA ASN B 697 6.71 27.80 -32.28
C ASN B 697 8.16 28.13 -31.99
N ALA B 698 8.58 28.09 -30.73
CA ALA B 698 9.96 28.41 -30.36
C ALA B 698 10.72 27.14 -30.02
N SER B 699 11.95 27.04 -30.54
CA SER B 699 12.80 25.90 -30.28
C SER B 699 13.63 26.04 -29.02
N SER B 700 13.56 27.19 -28.34
CA SER B 700 14.32 27.44 -27.13
C SER B 700 13.42 27.29 -25.91
N LEU B 701 13.96 27.63 -24.74
CA LEU B 701 13.24 27.54 -23.48
C LEU B 701 13.36 28.86 -22.73
N ALA B 702 12.39 29.11 -21.87
CA ALA B 702 12.39 30.27 -20.97
C ALA B 702 12.50 29.72 -19.55
N LEU B 703 13.71 29.69 -19.02
CA LEU B 703 13.95 29.08 -17.72
C LEU B 703 13.58 30.04 -16.60
N LEU B 704 13.50 29.49 -15.39
CA LEU B 704 13.20 30.28 -14.19
C LEU B 704 13.72 29.53 -12.98
N TYR B 705 14.76 30.06 -12.35
CA TYR B 705 15.26 29.52 -11.08
C TYR B 705 14.58 30.30 -9.97
N ARG B 706 13.61 29.67 -9.32
CA ARG B 706 12.74 30.38 -8.40
C ARG B 706 13.46 30.72 -7.09
N ASN B 707 13.18 31.92 -6.58
CA ASN B 707 13.64 32.40 -5.27
C ASN B 707 15.17 32.47 -5.18
N LEU B 708 15.83 32.69 -6.31
CA LEU B 708 17.29 32.83 -6.34
C LEU B 708 17.65 34.19 -6.93
N LYS B 709 18.93 34.54 -6.75
CA LYS B 709 19.50 35.73 -7.35
C LYS B 709 20.47 35.30 -8.45
N CYS B 710 20.57 36.14 -9.49
CA CYS B 710 21.32 35.76 -10.69
C CYS B 710 22.82 35.63 -10.41
N SER B 711 23.33 36.37 -9.44
CA SER B 711 24.74 36.26 -9.06
C SER B 711 25.04 34.87 -8.50
N TYR B 712 24.13 34.33 -7.69
CA TYR B 712 24.33 32.99 -7.16
C TYR B 712 24.16 31.92 -8.24
N VAL B 713 23.29 32.17 -9.22
CA VAL B 713 23.11 31.21 -10.30
C VAL B 713 24.35 31.17 -11.21
N LEU B 714 24.97 32.32 -11.44
CA LEU B 714 26.06 32.39 -12.41
C LEU B 714 27.30 31.66 -11.93
N ASN B 715 27.89 32.11 -10.82
CA ASN B 715 29.18 31.57 -10.42
C ASN B 715 29.07 30.20 -9.77
N ASN B 716 27.93 29.89 -9.14
CA ASN B 716 27.83 28.68 -8.34
C ASN B 716 27.09 27.54 -9.02
N ILE B 717 26.32 27.81 -10.08
CA ILE B 717 25.56 26.74 -10.73
C ILE B 717 26.06 26.54 -12.16
N SER B 718 25.91 27.55 -13.01
CA SER B 718 26.30 27.43 -14.41
C SER B 718 26.48 28.80 -15.01
N LEU B 719 27.29 28.87 -16.07
CA LEU B 719 27.46 30.10 -16.82
C LEU B 719 26.33 30.28 -17.82
N ALA B 720 26.05 31.55 -18.15
CA ALA B 720 24.90 31.90 -18.97
C ALA B 720 25.35 32.18 -20.39
N THR B 721 24.89 31.33 -21.32
CA THR B 721 25.07 31.57 -22.75
C THR B 721 23.89 32.30 -23.36
N GLN B 722 22.90 32.68 -22.54
CA GLN B 722 21.70 33.37 -22.94
C GLN B 722 21.48 34.58 -22.05
N PRO B 723 20.78 35.61 -22.53
CA PRO B 723 20.58 36.81 -21.70
C PRO B 723 19.73 36.52 -20.48
N TYR B 724 20.28 36.85 -19.31
CA TYR B 724 19.65 36.58 -18.03
C TYR B 724 19.28 37.90 -17.36
N PHE B 725 18.21 37.86 -16.56
CA PHE B 725 17.76 39.05 -15.85
C PHE B 725 17.17 38.63 -14.51
N ASP B 726 17.14 39.59 -13.59
CA ASP B 726 16.62 39.36 -12.25
C ASP B 726 15.19 39.84 -12.17
N SER B 727 14.32 39.03 -11.57
CA SER B 727 12.91 39.36 -11.41
C SER B 727 12.50 39.07 -9.97
N TYR B 728 11.21 39.31 -9.69
CA TYR B 728 10.70 39.12 -8.34
C TYR B 728 10.64 37.65 -7.96
N LEU B 729 10.24 36.79 -8.90
CA LEU B 729 10.10 35.36 -8.61
C LEU B 729 11.42 34.63 -8.63
N GLY B 730 12.49 35.25 -9.10
CA GLY B 730 13.79 34.60 -9.17
C GLY B 730 14.58 35.18 -10.33
N CYS B 731 15.48 34.36 -10.86
CA CYS B 731 16.31 34.74 -12.00
C CYS B 731 15.76 34.09 -13.26
N VAL B 732 15.52 34.90 -14.29
CA VAL B 732 14.92 34.45 -15.54
C VAL B 732 16.02 34.32 -16.58
N PHE B 733 16.03 33.21 -17.30
CA PHE B 733 17.01 32.93 -18.32
C PHE B 733 16.35 32.89 -19.70
N ASN B 734 17.07 33.39 -20.70
CA ASN B 734 16.64 33.42 -22.11
C ASN B 734 15.32 34.15 -22.29
N ALA B 735 15.10 35.20 -21.49
CA ALA B 735 13.90 36.03 -21.64
C ALA B 735 14.24 37.40 -21.06
N ASP B 736 14.14 38.43 -21.89
CA ASP B 736 14.48 39.77 -21.44
C ASP B 736 13.43 40.30 -20.46
N ASN B 737 13.87 41.23 -19.62
CA ASN B 737 13.03 41.81 -18.58
C ASN B 737 12.33 43.05 -19.14
N LEU B 738 11.02 42.95 -19.37
CA LEU B 738 10.24 44.05 -19.91
C LEU B 738 8.88 44.13 -19.20
N THR B 739 8.91 44.04 -17.86
CA THR B 739 7.68 44.03 -17.07
C THR B 739 7.03 45.42 -17.02
N ASP B 740 6.56 45.89 -18.17
CA ASP B 740 5.83 47.16 -18.24
C ASP B 740 4.54 46.96 -19.02
N TYR B 741 4.56 46.00 -19.94
CA TYR B 741 3.39 45.70 -20.77
C TYR B 741 2.41 44.81 -20.01
N SER B 742 1.15 44.90 -20.42
CA SER B 742 0.08 44.09 -19.85
C SER B 742 -0.51 43.21 -20.95
N VAL B 743 -0.64 41.92 -20.66
CA VAL B 743 -1.22 40.95 -21.57
C VAL B 743 -2.40 40.30 -20.88
N SER B 744 -3.55 40.27 -21.57
CA SER B 744 -4.79 39.78 -20.99
C SER B 744 -4.98 38.27 -21.17
N SER B 745 -4.05 37.58 -21.80
CA SER B 745 -4.20 36.14 -22.02
C SER B 745 -2.82 35.53 -22.18
N CYS B 746 -2.39 34.76 -21.19
CA CYS B 746 -1.10 34.09 -21.22
C CYS B 746 -1.31 32.60 -21.00
N ALA B 747 -0.72 31.79 -21.87
CA ALA B 747 -0.74 30.35 -21.72
C ALA B 747 0.43 29.83 -20.90
N LEU B 748 1.32 30.71 -20.47
CA LEU B 748 2.53 30.35 -19.71
C LEU B 748 2.61 31.28 -18.51
N ARG B 749 2.00 30.88 -17.40
CA ARG B 749 1.98 31.69 -16.18
C ARG B 749 2.94 31.08 -15.16
N MET B 750 3.82 31.92 -14.62
CA MET B 750 4.76 31.47 -13.59
C MET B 750 4.30 31.81 -12.18
N GLY B 751 3.37 32.75 -12.02
CA GLY B 751 2.87 33.08 -10.70
C GLY B 751 3.02 34.54 -10.33
N SER B 752 2.18 35.00 -9.41
CA SER B 752 2.17 36.39 -8.91
C SER B 752 2.00 37.40 -10.04
N GLY B 753 1.13 37.08 -10.99
CA GLY B 753 0.81 38.02 -12.05
C GLY B 753 1.86 38.19 -13.12
N PHE B 754 2.79 37.24 -13.24
CA PHE B 754 3.84 37.31 -14.25
C PHE B 754 3.66 36.14 -15.22
N CYS B 755 3.59 36.45 -16.52
CA CYS B 755 3.46 35.44 -17.55
C CYS B 755 4.53 35.66 -18.62
N VAL B 756 4.91 34.57 -19.28
CA VAL B 756 5.93 34.62 -20.32
C VAL B 756 5.30 34.29 -21.67
N ASP B 757 4.88 35.32 -22.40
CA ASP B 757 4.39 35.07 -23.75
C ASP B 757 5.56 34.93 -24.72
N TYR B 758 5.25 34.54 -25.95
CA TYR B 758 6.26 34.32 -26.98
C TYR B 758 6.00 35.23 -28.16
N ASN B 759 7.05 35.87 -28.66
CA ASN B 759 6.98 36.68 -29.87
C ASN B 759 8.34 36.76 -30.55
N SER B 776 12.35 37.01 -28.36
CA SER B 776 11.47 35.85 -28.45
C SER B 776 10.56 35.78 -27.22
N TYR B 777 11.04 35.13 -26.16
CA TYR B 777 10.26 34.99 -24.94
C TYR B 777 10.25 36.31 -24.18
N ARG B 778 9.08 36.94 -24.09
CA ARG B 778 8.92 38.21 -23.40
C ARG B 778 8.30 37.97 -22.04
N PHE B 779 8.94 38.51 -21.00
CA PHE B 779 8.50 38.34 -19.62
C PHE B 779 7.70 39.58 -19.23
N VAL B 780 6.37 39.45 -19.15
CA VAL B 780 5.49 40.58 -18.96
C VAL B 780 4.52 40.30 -17.82
N THR B 781 3.80 41.35 -17.41
CA THR B 781 2.80 41.25 -16.37
C THR B 781 1.50 40.66 -16.92
N PHE B 782 0.72 40.07 -16.02
CA PHE B 782 -0.53 39.40 -16.36
C PHE B 782 -1.67 40.16 -15.70
N GLU B 783 -2.36 41.00 -16.48
CA GLU B 783 -3.53 41.74 -16.02
C GLU B 783 -4.72 41.28 -16.86
N PRO B 784 -5.49 40.31 -16.38
CA PRO B 784 -6.59 39.78 -17.20
C PRO B 784 -7.88 40.57 -17.09
N PHE B 785 -8.04 41.34 -16.02
CA PHE B 785 -9.29 42.04 -15.74
C PHE B 785 -9.00 43.49 -15.40
N ASN B 786 -9.80 44.40 -15.95
CA ASN B 786 -9.71 45.80 -15.60
C ASN B 786 -11.06 46.46 -15.81
N VAL B 787 -11.24 47.61 -15.18
CA VAL B 787 -12.52 48.29 -15.19
C VAL B 787 -12.66 49.12 -16.47
N SER B 788 -13.90 49.42 -16.82
CA SER B 788 -14.22 50.28 -17.95
C SER B 788 -14.45 51.70 -17.45
N PHE B 789 -13.83 52.67 -18.11
CA PHE B 789 -13.84 54.04 -17.66
C PHE B 789 -14.84 54.89 -18.43
N VAL B 790 -15.46 55.83 -17.73
CA VAL B 790 -16.42 56.76 -18.30
C VAL B 790 -16.04 58.18 -17.87
N ASN B 791 -15.91 59.07 -18.86
CA ASN B 791 -15.53 60.46 -18.61
C ASN B 791 -16.77 61.23 -18.16
N ASP B 792 -16.92 61.40 -16.85
CA ASP B 792 -18.04 62.14 -16.30
C ASP B 792 -17.65 62.74 -14.96
N SER B 793 -18.38 63.77 -14.56
CA SER B 793 -18.16 64.41 -13.28
C SER B 793 -18.65 63.53 -12.15
N ILE B 794 -18.07 63.71 -10.96
CA ILE B 794 -18.42 62.90 -9.79
C ILE B 794 -18.91 63.80 -8.67
N GLU B 795 -19.50 64.93 -9.01
CA GLU B 795 -20.02 65.87 -8.02
C GLU B 795 -21.42 66.33 -8.44
N SER B 796 -22.19 66.74 -7.44
CA SER B 796 -23.56 67.19 -7.65
C SER B 796 -23.56 68.70 -7.87
N VAL B 797 -23.57 69.12 -9.13
CA VAL B 797 -23.70 70.52 -9.47
C VAL B 797 -25.16 70.82 -9.81
N GLY B 798 -25.71 71.85 -9.17
CA GLY B 798 -27.12 72.15 -9.30
C GLY B 798 -28.04 71.07 -8.80
N GLY B 799 -27.57 70.25 -7.86
CA GLY B 799 -28.37 69.13 -7.38
C GLY B 799 -28.46 67.97 -8.34
N LEU B 800 -27.58 67.91 -9.34
CA LEU B 800 -27.66 66.90 -10.39
C LEU B 800 -26.32 66.21 -10.55
N TYR B 801 -26.35 64.90 -10.78
CA TYR B 801 -25.19 64.11 -11.10
C TYR B 801 -25.08 63.95 -12.62
N GLU B 802 -24.16 63.11 -13.06
CA GLU B 802 -23.97 62.82 -14.48
C GLU B 802 -23.80 61.33 -14.67
N ILE B 803 -24.57 60.75 -15.58
CA ILE B 803 -24.57 59.31 -15.80
C ILE B 803 -24.96 59.04 -17.25
N LYS B 804 -24.54 57.88 -17.76
CA LYS B 804 -24.75 57.50 -19.15
C LYS B 804 -25.94 56.55 -19.23
N ILE B 805 -27.09 57.08 -19.61
CA ILE B 805 -28.27 56.25 -19.86
C ILE B 805 -28.18 55.68 -21.26
N PRO B 806 -28.33 54.37 -21.44
CA PRO B 806 -28.31 53.79 -22.79
C PRO B 806 -29.48 54.28 -23.64
N THR B 807 -29.24 54.37 -24.95
CA THR B 807 -30.24 54.83 -25.89
C THR B 807 -30.57 53.83 -26.98
N ASN B 808 -29.80 52.76 -27.11
CA ASN B 808 -30.07 51.73 -28.11
C ASN B 808 -29.66 50.39 -27.56
N PHE B 809 -30.42 49.35 -27.88
CA PHE B 809 -30.24 48.05 -27.24
C PHE B 809 -30.33 46.93 -28.26
N THR B 810 -29.82 45.77 -27.87
CA THR B 810 -29.93 44.55 -28.66
C THR B 810 -30.08 43.38 -27.71
N ILE B 811 -30.31 42.20 -28.28
CA ILE B 811 -30.42 40.96 -27.53
C ILE B 811 -29.28 40.06 -27.95
N VAL B 812 -28.49 39.60 -26.97
CA VAL B 812 -27.35 38.73 -27.23
C VAL B 812 -27.57 37.43 -26.47
N GLY B 813 -26.76 36.43 -26.81
CA GLY B 813 -26.87 35.12 -26.19
C GLY B 813 -25.52 34.62 -25.72
N GLN B 814 -25.57 33.60 -24.87
CA GLN B 814 -24.37 32.99 -24.33
C GLN B 814 -24.70 31.59 -23.86
N GLU B 815 -23.84 30.64 -24.19
CA GLU B 815 -24.03 29.25 -23.80
C GLU B 815 -23.22 28.92 -22.56
N GLU B 816 -23.61 27.83 -21.89
CA GLU B 816 -22.94 27.37 -20.69
C GLU B 816 -23.21 25.89 -20.51
N PHE B 817 -22.16 25.11 -20.32
CA PHE B 817 -22.28 23.66 -20.19
C PHE B 817 -22.00 23.27 -18.74
N ILE B 818 -22.97 22.59 -18.12
CA ILE B 818 -22.85 22.08 -16.76
C ILE B 818 -22.86 20.56 -16.83
N GLN B 819 -21.83 19.93 -16.27
CA GLN B 819 -21.70 18.48 -16.36
C GLN B 819 -22.62 17.82 -15.34
N THR B 820 -23.55 17.00 -15.85
CA THR B 820 -24.51 16.30 -15.01
C THR B 820 -24.17 14.82 -14.86
N ASN B 821 -23.87 14.14 -15.96
CA ASN B 821 -23.53 12.73 -15.94
C ASN B 821 -22.04 12.54 -16.17
N SER B 822 -21.56 11.36 -15.82
CA SER B 822 -20.20 10.91 -16.05
C SER B 822 -20.26 9.47 -16.54
N PRO B 823 -19.25 9.02 -17.29
CA PRO B 823 -19.20 7.60 -17.68
C PRO B 823 -19.12 6.68 -16.47
N LYS B 824 -19.77 5.53 -16.59
CA LYS B 824 -19.86 4.56 -15.49
C LYS B 824 -18.92 3.40 -15.80
N VAL B 825 -17.85 3.29 -15.02
CA VAL B 825 -16.78 2.32 -15.27
C VAL B 825 -16.89 1.19 -14.27
N THR B 826 -16.65 -0.04 -14.72
CA THR B 826 -16.66 -1.23 -13.87
C THR B 826 -15.37 -2.00 -14.05
N ILE B 827 -14.73 -2.34 -12.92
CA ILE B 827 -13.45 -3.04 -12.91
C ILE B 827 -13.60 -4.27 -12.02
N ASP B 828 -13.13 -5.41 -12.50
CA ASP B 828 -13.12 -6.64 -11.71
C ASP B 828 -11.72 -7.21 -11.58
N CYS B 829 -11.43 -7.82 -10.43
CA CYS B 829 -10.11 -8.39 -10.19
C CYS B 829 -9.84 -9.61 -11.06
N SER B 830 -10.86 -10.43 -11.29
CA SER B 830 -10.67 -11.70 -12.00
C SER B 830 -10.36 -11.53 -13.48
N LEU B 831 -10.23 -10.32 -13.98
CA LEU B 831 -9.71 -10.04 -15.29
C LEU B 831 -8.51 -9.10 -15.27
N PHE B 832 -8.54 -8.09 -14.39
CA PHE B 832 -7.48 -7.09 -14.35
C PHE B 832 -6.24 -7.62 -13.66
N VAL B 833 -6.36 -7.98 -12.38
CA VAL B 833 -5.20 -8.41 -11.59
C VAL B 833 -4.70 -9.76 -12.07
N CYS B 834 -5.60 -10.71 -12.29
CA CYS B 834 -5.26 -12.05 -12.73
C CYS B 834 -6.20 -12.42 -13.85
N SER B 835 -5.67 -12.59 -15.07
CA SER B 835 -6.54 -12.66 -16.23
C SER B 835 -7.18 -14.03 -16.40
N ASN B 836 -6.36 -15.06 -16.59
CA ASN B 836 -6.89 -16.42 -16.76
C ASN B 836 -5.93 -17.46 -16.21
N TYR B 837 -5.17 -17.13 -15.17
CA TYR B 837 -4.13 -18.01 -14.65
C TYR B 837 -4.57 -18.55 -13.29
N ALA B 838 -4.40 -19.85 -13.09
CA ALA B 838 -4.94 -20.51 -11.90
C ALA B 838 -4.15 -20.14 -10.64
N ALA B 839 -2.83 -20.04 -10.76
CA ALA B 839 -2.00 -19.69 -9.59
C ALA B 839 -2.28 -18.28 -9.12
N CYS B 840 -2.44 -17.34 -10.06
CA CYS B 840 -2.75 -15.96 -9.70
C CYS B 840 -4.12 -15.86 -9.04
N HIS B 841 -5.11 -16.58 -9.57
CA HIS B 841 -6.45 -16.57 -9.00
C HIS B 841 -6.48 -17.23 -7.62
N ASP B 842 -5.63 -18.25 -7.42
CA ASP B 842 -5.56 -18.89 -6.12
C ASP B 842 -4.89 -17.99 -5.09
N LEU B 843 -3.85 -17.26 -5.50
CA LEU B 843 -3.20 -16.33 -4.58
C LEU B 843 -4.07 -15.12 -4.29
N LEU B 844 -4.96 -14.76 -5.21
CA LEU B 844 -5.85 -13.63 -5.00
C LEU B 844 -6.94 -13.91 -3.96
N SER B 845 -7.13 -15.17 -3.56
CA SER B 845 -8.18 -15.51 -2.60
C SER B 845 -7.92 -14.91 -1.23
N GLU B 846 -6.66 -14.66 -0.88
CA GLU B 846 -6.35 -14.01 0.40
C GLU B 846 -6.79 -12.56 0.40
N TYR B 847 -6.61 -11.86 -0.73
CA TYR B 847 -6.96 -10.45 -0.86
C TYR B 847 -8.35 -10.25 -1.45
N GLY B 848 -9.23 -11.25 -1.36
CA GLY B 848 -10.55 -11.15 -1.95
C GLY B 848 -11.45 -10.12 -1.32
N THR B 849 -11.18 -9.76 -0.05
CA THR B 849 -11.96 -8.72 0.60
C THR B 849 -11.72 -7.37 -0.06
N PHE B 850 -10.49 -7.11 -0.52
CA PHE B 850 -10.21 -5.89 -1.29
C PHE B 850 -11.02 -5.85 -2.58
N CYS B 851 -11.12 -6.98 -3.27
CA CYS B 851 -11.88 -7.02 -4.51
C CYS B 851 -13.37 -6.84 -4.26
N ASP B 852 -13.89 -7.44 -3.20
CA ASP B 852 -15.29 -7.23 -2.84
C ASP B 852 -15.55 -5.77 -2.48
N ASN B 853 -14.63 -5.14 -1.75
CA ASN B 853 -14.76 -3.73 -1.41
C ASN B 853 -14.71 -2.84 -2.65
N ILE B 854 -13.82 -3.16 -3.59
CA ILE B 854 -13.70 -2.37 -4.82
C ILE B 854 -14.98 -2.47 -5.64
N ASN B 855 -15.49 -3.69 -5.81
CA ASN B 855 -16.73 -3.88 -6.56
C ASN B 855 -17.91 -3.22 -5.88
N SER B 856 -17.98 -3.30 -4.55
CA SER B 856 -19.06 -2.64 -3.82
C SER B 856 -18.99 -1.13 -3.93
N ILE B 857 -17.78 -0.56 -3.84
CA ILE B 857 -17.62 0.89 -3.93
C ILE B 857 -18.03 1.37 -5.32
N LEU B 858 -17.60 0.65 -6.37
CA LEU B 858 -18.00 1.02 -7.72
C LEU B 858 -19.50 0.86 -7.92
N ASP B 859 -20.10 -0.15 -7.28
CA ASP B 859 -21.55 -0.34 -7.38
C ASP B 859 -22.31 0.82 -6.75
N GLU B 860 -21.89 1.27 -5.56
CA GLU B 860 -22.57 2.40 -4.95
C GLU B 860 -22.32 3.70 -5.71
N VAL B 861 -21.14 3.84 -6.33
CA VAL B 861 -20.88 5.01 -7.17
C VAL B 861 -21.82 5.05 -8.35
N ASN B 862 -21.98 3.90 -9.04
CA ASN B 862 -22.88 3.84 -10.18
C ASN B 862 -24.34 4.01 -9.75
N GLY B 863 -24.70 3.52 -8.57
CA GLY B 863 -26.04 3.75 -8.06
C GLY B 863 -26.31 5.21 -7.77
N LEU B 864 -25.32 5.92 -7.22
CA LEU B 864 -25.46 7.35 -7.00
C LEU B 864 -25.59 8.11 -8.32
N LEU B 865 -24.82 7.70 -9.33
CA LEU B 865 -24.92 8.33 -10.64
C LEU B 865 -26.30 8.09 -11.27
N ASP B 866 -26.83 6.88 -11.13
CA ASP B 866 -28.15 6.57 -11.69
C ASP B 866 -29.24 7.34 -10.97
N THR B 867 -29.15 7.45 -9.64
CA THR B 867 -30.12 8.23 -8.89
C THR B 867 -30.06 9.70 -9.28
N THR B 868 -28.85 10.23 -9.49
CA THR B 868 -28.70 11.61 -9.92
C THR B 868 -29.30 11.84 -11.30
N GLN B 869 -29.09 10.91 -12.22
CA GLN B 869 -29.68 11.02 -13.55
C GLN B 869 -31.20 10.97 -13.49
N LEU B 870 -31.76 10.10 -12.63
CA LEU B 870 -33.21 10.05 -12.46
C LEU B 870 -33.74 11.35 -11.87
N HIS B 871 -33.02 11.94 -10.92
CA HIS B 871 -33.45 13.21 -10.34
C HIS B 871 -33.43 14.34 -11.36
N VAL B 872 -32.41 14.37 -12.22
CA VAL B 872 -32.34 15.39 -13.25
C VAL B 872 -33.47 15.21 -14.27
N ALA B 873 -33.74 13.95 -14.65
CA ALA B 873 -34.83 13.69 -15.59
C ALA B 873 -36.19 14.06 -14.99
N ASP B 874 -36.36 13.83 -13.68
CA ASP B 874 -37.61 14.22 -13.04
C ASP B 874 -37.75 15.74 -12.94
N THR B 875 -36.67 16.43 -12.59
CA THR B 875 -36.76 17.89 -12.47
C THR B 875 -36.78 18.61 -13.81
N LEU B 876 -36.51 17.90 -14.91
CA LEU B 876 -36.77 18.47 -16.22
C LEU B 876 -38.25 18.64 -16.50
N MET B 877 -39.12 17.85 -15.86
CA MET B 877 -40.56 17.89 -16.10
C MET B 877 -41.26 17.80 -14.75
N GLN B 878 -41.58 18.96 -14.17
CA GLN B 878 -42.28 19.02 -12.90
C GLN B 878 -43.76 19.30 -13.08
N GLY B 879 -44.09 20.44 -13.68
CA GLY B 879 -45.48 20.80 -13.91
C GLY B 879 -45.78 20.90 -15.38
N VAL B 880 -45.11 20.06 -16.17
CA VAL B 880 -45.25 20.10 -17.62
C VAL B 880 -46.65 19.62 -18.03
N THR B 881 -47.15 20.19 -19.13
CA THR B 881 -48.49 19.85 -19.62
C THR B 881 -48.53 20.14 -21.11
N LEU B 882 -48.74 19.12 -21.92
CA LEU B 882 -48.78 19.26 -23.36
C LEU B 882 -50.20 19.08 -23.88
N SER B 883 -50.42 19.53 -25.11
CA SER B 883 -51.70 19.39 -25.78
C SER B 883 -51.67 18.20 -26.73
N SER B 884 -52.77 17.44 -26.75
CA SER B 884 -52.83 16.27 -27.63
C SER B 884 -52.86 16.67 -29.09
N ASN B 885 -53.60 17.74 -29.43
CA ASN B 885 -53.70 18.20 -30.80
C ASN B 885 -52.49 19.07 -31.15
N LEU B 886 -51.34 18.40 -31.25
CA LEU B 886 -50.05 19.07 -31.45
C LEU B 886 -49.29 18.32 -32.53
N ASN B 887 -49.51 18.72 -33.79
CA ASN B 887 -48.78 18.16 -34.94
C ASN B 887 -47.53 19.00 -35.13
N THR B 888 -46.45 18.60 -34.48
CA THR B 888 -45.23 19.39 -34.30
C THR B 888 -44.42 19.60 -35.59
N ASN B 889 -44.87 19.22 -36.79
CA ASN B 889 -44.07 19.43 -37.99
C ASN B 889 -44.42 20.70 -38.75
N LEU B 890 -45.61 21.27 -38.54
CA LEU B 890 -46.03 22.42 -39.33
C LEU B 890 -46.18 23.69 -38.52
N HIS B 891 -46.65 23.61 -37.28
CA HIS B 891 -46.76 24.79 -36.42
C HIS B 891 -45.59 24.74 -35.44
N PHE B 892 -44.52 25.45 -35.78
CA PHE B 892 -43.30 25.47 -34.97
C PHE B 892 -42.77 26.86 -34.70
N ASP B 893 -43.09 27.85 -35.52
CA ASP B 893 -42.58 29.21 -35.34
C ASP B 893 -43.72 30.25 -35.39
N VAL B 894 -44.35 30.45 -34.24
CA VAL B 894 -45.31 31.53 -34.08
C VAL B 894 -44.62 32.65 -33.33
N ASP B 895 -45.20 33.86 -33.46
CA ASP B 895 -44.64 35.11 -32.91
C ASP B 895 -43.22 35.38 -33.41
N ASN B 896 -42.94 34.96 -34.65
CA ASN B 896 -41.72 35.28 -35.39
C ASN B 896 -40.45 34.84 -34.67
N ILE B 897 -40.52 33.73 -33.94
CA ILE B 897 -39.34 33.15 -33.30
C ILE B 897 -39.22 31.70 -33.75
N ASN B 898 -38.03 31.33 -34.21
CA ASN B 898 -37.79 29.99 -34.77
C ASN B 898 -37.37 29.05 -33.67
N PHE B 899 -38.20 28.03 -33.41
CA PHE B 899 -37.83 26.94 -32.52
C PHE B 899 -37.71 25.61 -33.26
N LYS B 900 -37.59 25.65 -34.59
CA LYS B 900 -37.44 24.42 -35.37
C LYS B 900 -36.13 23.71 -35.03
N SER B 901 -35.06 24.47 -34.81
CA SER B 901 -33.77 23.85 -34.50
C SER B 901 -33.74 23.29 -33.09
N LEU B 902 -34.50 23.88 -32.16
CA LEU B 902 -34.47 23.45 -30.78
C LEU B 902 -35.44 22.32 -30.47
N VAL B 903 -36.44 22.10 -31.32
CA VAL B 903 -37.51 21.15 -31.06
C VAL B 903 -37.31 19.94 -31.96
N GLY B 904 -37.17 18.76 -31.36
CA GLY B 904 -37.02 17.54 -32.11
C GLY B 904 -38.36 16.86 -32.38
N CYS B 905 -38.27 15.77 -33.15
CA CYS B 905 -39.40 14.93 -33.60
C CYS B 905 -40.60 15.75 -34.08
N LEU B 906 -40.35 16.55 -35.11
CA LEU B 906 -41.38 17.42 -35.68
C LEU B 906 -42.43 16.56 -36.38
N GLY B 907 -43.59 16.42 -35.76
CA GLY B 907 -44.66 15.60 -36.29
C GLY B 907 -45.24 14.68 -35.24
N PRO B 908 -46.03 13.70 -35.66
CA PRO B 908 -46.59 12.71 -34.72
C PRO B 908 -45.80 11.42 -34.59
N HIS B 909 -44.61 11.34 -35.18
CA HIS B 909 -43.80 10.12 -35.17
C HIS B 909 -42.69 10.17 -34.12
N CYS B 910 -42.96 10.75 -32.96
CA CYS B 910 -41.96 10.94 -31.91
C CYS B 910 -41.77 9.68 -31.07
N GLY B 911 -41.34 8.62 -31.76
CA GLY B 911 -41.07 7.35 -31.12
C GLY B 911 -39.68 6.82 -31.39
N SER B 912 -39.08 7.26 -32.49
CA SER B 912 -37.78 6.75 -32.91
C SER B 912 -36.63 7.61 -32.40
N SER B 913 -36.60 8.88 -32.79
CA SER B 913 -35.53 9.78 -32.38
C SER B 913 -36.09 11.18 -32.23
N SER B 914 -36.06 11.71 -31.01
CA SER B 914 -36.56 13.04 -30.71
C SER B 914 -35.44 14.07 -30.63
N ARG B 915 -34.25 13.73 -31.11
CA ARG B 915 -33.12 14.64 -31.04
C ARG B 915 -33.34 15.85 -31.95
N SER B 916 -33.09 17.03 -31.43
CA SER B 916 -33.32 18.26 -32.17
C SER B 916 -32.17 18.53 -33.13
N PHE B 917 -32.41 19.49 -34.03
CA PHE B 917 -31.37 19.90 -34.98
C PHE B 917 -30.22 20.59 -34.25
N PHE B 918 -30.51 21.30 -33.16
CA PHE B 918 -29.47 21.93 -32.36
C PHE B 918 -28.55 20.90 -31.72
N GLU B 919 -29.12 19.81 -31.21
CA GLU B 919 -28.32 18.78 -30.57
C GLU B 919 -27.51 17.95 -31.56
N ASP B 920 -27.83 18.02 -32.85
CA ASP B 920 -27.09 17.25 -33.85
C ASP B 920 -25.64 17.72 -33.94
N LEU B 921 -25.42 19.04 -33.89
CA LEU B 921 -24.06 19.57 -33.90
C LEU B 921 -23.29 19.12 -32.66
N LEU B 922 -23.95 19.14 -31.51
CA LEU B 922 -23.29 18.71 -30.27
C LEU B 922 -22.92 17.23 -30.31
N PHE B 923 -23.83 16.38 -30.79
CA PHE B 923 -23.59 14.95 -30.77
C PHE B 923 -22.79 14.47 -31.98
N ASP B 924 -22.53 15.32 -32.96
CA ASP B 924 -21.60 14.99 -34.02
C ASP B 924 -20.22 15.61 -33.83
N LYS B 925 -20.11 16.66 -33.00
CA LYS B 925 -18.80 17.21 -32.69
C LYS B 925 -17.96 16.22 -31.89
N VAL B 926 -18.58 15.53 -30.95
CA VAL B 926 -17.93 14.46 -30.18
C VAL B 926 -18.58 13.14 -30.56
N LYS B 927 -17.75 12.13 -30.83
CA LYS B 927 -18.23 10.82 -31.24
C LYS B 927 -18.25 9.82 -30.10
N LEU B 928 -17.60 10.11 -28.98
CA LEU B 928 -17.52 9.17 -27.88
C LEU B 928 -18.58 9.49 -26.81
N SER B 929 -19.83 9.37 -27.24
CA SER B 929 -20.96 9.42 -26.31
C SER B 929 -21.29 7.99 -25.89
N ASP B 930 -22.44 7.81 -25.23
CA ASP B 930 -22.86 6.46 -24.86
C ASP B 930 -23.15 5.60 -26.08
N VAL B 931 -23.77 6.19 -27.11
CA VAL B 931 -23.96 5.49 -28.37
C VAL B 931 -22.61 5.23 -29.03
N GLY B 932 -21.66 6.16 -28.88
CA GLY B 932 -20.32 5.93 -29.38
C GLY B 932 -19.62 4.79 -28.69
N PHE B 933 -19.77 4.70 -27.36
CA PHE B 933 -19.20 3.58 -26.61
C PHE B 933 -19.84 2.25 -27.02
N VAL B 934 -21.16 2.25 -27.21
CA VAL B 934 -21.85 1.03 -27.61
C VAL B 934 -21.39 0.58 -28.99
N GLU B 935 -21.29 1.51 -29.94
CA GLU B 935 -20.85 1.16 -31.28
C GLU B 935 -19.38 0.78 -31.32
N ALA B 936 -18.57 1.33 -30.43
CA ALA B 936 -17.16 0.96 -30.38
C ALA B 936 -16.97 -0.43 -29.79
N TYR B 937 -17.71 -0.75 -28.71
CA TYR B 937 -17.61 -2.08 -28.14
C TYR B 937 -18.26 -3.13 -29.02
N ASN B 938 -19.24 -2.73 -29.85
CA ASN B 938 -19.84 -3.66 -30.80
C ASN B 938 -18.83 -4.06 -31.87
N ASN B 939 -18.08 -3.09 -32.39
CA ASN B 939 -17.10 -3.34 -33.45
C ASN B 939 -15.75 -3.77 -32.86
N CYS B 940 -15.79 -4.82 -32.05
CA CYS B 940 -14.60 -5.25 -31.33
C CYS B 940 -14.29 -6.72 -31.56
N THR B 941 -15.33 -7.54 -31.71
CA THR B 941 -15.11 -8.97 -31.91
C THR B 941 -14.54 -9.26 -33.29
N GLY B 942 -15.10 -8.66 -34.32
CA GLY B 942 -14.64 -8.89 -35.67
C GLY B 942 -14.07 -7.65 -36.33
N GLY B 943 -12.75 -7.65 -36.54
CA GLY B 943 -12.10 -6.49 -37.14
C GLY B 943 -10.67 -6.81 -37.47
N SER B 944 -10.03 -5.86 -38.17
CA SER B 944 -8.64 -6.00 -38.57
C SER B 944 -7.74 -4.91 -37.99
N GLU B 945 -8.22 -4.16 -37.00
CA GLU B 945 -7.47 -3.08 -36.39
C GLU B 945 -7.05 -3.45 -34.99
N ILE B 946 -5.82 -3.09 -34.63
CA ILE B 946 -5.25 -3.47 -33.34
C ILE B 946 -4.85 -2.28 -32.48
N ARG B 947 -4.75 -1.07 -33.04
CA ARG B 947 -4.29 0.08 -32.28
C ARG B 947 -5.37 0.75 -31.45
N ASP B 948 -6.61 0.26 -31.54
CA ASP B 948 -7.68 0.81 -30.71
C ASP B 948 -7.46 0.46 -29.25
N LEU B 949 -7.71 1.43 -28.37
CA LEU B 949 -7.48 1.25 -26.94
C LEU B 949 -8.70 0.66 -26.23
N LEU B 950 -9.89 0.92 -26.75
CA LEU B 950 -11.12 0.49 -26.07
C LEU B 950 -11.24 -1.03 -26.04
N CYS B 951 -10.86 -1.70 -27.13
CA CYS B 951 -10.91 -3.16 -27.16
C CYS B 951 -9.95 -3.78 -26.14
N VAL B 952 -8.74 -3.23 -26.03
CA VAL B 952 -7.77 -3.73 -25.07
C VAL B 952 -8.26 -3.51 -23.65
N GLN B 953 -8.82 -2.32 -23.39
CA GLN B 953 -9.37 -2.03 -22.07
C GLN B 953 -10.53 -2.96 -21.73
N SER B 954 -11.42 -3.21 -22.69
CA SER B 954 -12.55 -4.09 -22.44
C SER B 954 -12.13 -5.54 -22.23
N PHE B 955 -11.09 -5.98 -22.95
CA PHE B 955 -10.56 -7.32 -22.71
C PHE B 955 -9.81 -7.42 -21.39
N ASN B 956 -9.32 -6.30 -20.86
CA ASN B 956 -8.64 -6.30 -19.57
C ASN B 956 -9.57 -5.94 -18.42
N GLY B 957 -10.88 -6.09 -18.60
CA GLY B 957 -11.82 -5.93 -17.51
C GLY B 957 -12.33 -4.52 -17.26
N ILE B 958 -11.83 -3.53 -17.97
CA ILE B 958 -12.24 -2.15 -17.78
C ILE B 958 -13.24 -1.79 -18.87
N LYS B 959 -14.47 -1.49 -18.47
CA LYS B 959 -15.55 -1.31 -19.43
C LYS B 959 -16.47 -0.20 -18.94
N VAL B 960 -17.00 0.58 -19.89
CA VAL B 960 -17.88 1.71 -19.59
C VAL B 960 -19.29 1.32 -19.98
N LEU B 961 -20.12 1.03 -18.99
CA LEU B 961 -21.49 0.60 -19.22
C LEU B 961 -22.35 1.78 -19.64
N PRO B 962 -23.38 1.54 -20.47
CA PRO B 962 -24.28 2.62 -20.84
C PRO B 962 -25.12 3.07 -19.66
N PRO B 963 -25.56 4.33 -19.64
CA PRO B 963 -26.40 4.80 -18.54
C PRO B 963 -27.80 4.20 -18.61
N ILE B 964 -28.52 4.32 -17.49
CA ILE B 964 -29.83 3.71 -17.39
C ILE B 964 -30.88 4.43 -18.21
N LEU B 965 -30.64 5.67 -18.60
CA LEU B 965 -31.49 6.40 -19.53
C LEU B 965 -30.67 6.76 -20.77
N SER B 966 -31.18 6.43 -21.94
CA SER B 966 -30.52 6.79 -23.18
C SER B 966 -30.72 8.28 -23.46
N GLU B 967 -29.77 8.84 -24.23
CA GLU B 967 -29.81 10.27 -24.51
C GLU B 967 -30.94 10.65 -25.44
N SER B 968 -31.54 9.69 -26.15
CA SER B 968 -32.74 9.99 -26.92
C SER B 968 -33.90 10.36 -26.01
N GLN B 969 -34.04 9.66 -24.89
CA GLN B 969 -35.09 9.98 -23.93
C GLN B 969 -34.89 11.35 -23.30
N ILE B 970 -33.63 11.69 -22.98
CA ILE B 970 -33.34 13.00 -22.40
C ILE B 970 -33.56 14.10 -23.42
N SER B 971 -33.22 13.83 -24.69
CA SER B 971 -33.52 14.77 -25.76
C SER B 971 -35.02 14.99 -25.91
N GLY B 972 -35.80 13.91 -25.78
CA GLY B 972 -37.24 14.04 -25.80
C GLY B 972 -37.78 14.84 -24.62
N TYR B 973 -37.16 14.66 -23.45
CA TYR B 973 -37.56 15.43 -22.27
C TYR B 973 -37.29 16.92 -22.46
N THR B 974 -36.10 17.26 -22.99
CA THR B 974 -35.78 18.66 -23.24
C THR B 974 -36.68 19.25 -24.31
N THR B 975 -37.00 18.47 -25.34
CA THR B 975 -37.92 18.93 -26.38
C THR B 975 -39.31 19.19 -25.81
N ALA B 976 -39.80 18.29 -24.95
CA ALA B 976 -41.10 18.48 -24.32
C ALA B 976 -41.11 19.71 -23.43
N ALA B 977 -40.03 19.93 -22.68
CA ALA B 977 -39.93 21.12 -21.85
C ALA B 977 -39.95 22.39 -22.67
N THR B 978 -39.21 22.41 -23.79
CA THR B 978 -39.17 23.59 -24.65
C THR B 978 -40.52 23.86 -25.30
N VAL B 979 -41.21 22.82 -25.77
CA VAL B 979 -42.51 23.00 -26.40
C VAL B 979 -43.54 23.48 -25.39
N ALA B 980 -43.52 22.92 -24.18
CA ALA B 980 -44.42 23.40 -23.13
C ALA B 980 -44.10 24.83 -22.72
N ALA B 981 -42.84 25.23 -22.83
CA ALA B 981 -42.50 26.64 -22.61
C ALA B 981 -43.06 27.52 -23.72
N MET B 982 -43.15 27.00 -24.94
CA MET B 982 -43.64 27.81 -26.06
C MET B 982 -45.15 27.76 -26.22
N PHE B 983 -45.72 26.56 -26.39
CA PHE B 983 -47.11 26.51 -26.81
C PHE B 983 -48.05 26.38 -25.62
N PRO B 984 -49.30 26.85 -25.75
CA PRO B 984 -50.24 26.76 -24.64
C PRO B 984 -50.65 25.32 -24.37
N PRO B 985 -50.90 24.96 -23.09
CA PRO B 985 -50.80 25.81 -21.91
C PRO B 985 -49.36 26.00 -21.45
N TRP B 986 -48.98 27.26 -21.25
CA TRP B 986 -47.59 27.63 -21.04
C TRP B 986 -47.15 27.20 -19.65
N SER B 987 -46.84 25.91 -19.53
CA SER B 987 -46.53 25.32 -18.23
C SER B 987 -45.17 25.81 -17.72
N ALA B 988 -44.16 25.79 -18.58
CA ALA B 988 -42.80 26.15 -18.18
C ALA B 988 -42.51 27.64 -18.32
N ALA B 989 -43.51 28.44 -18.69
CA ALA B 989 -43.31 29.88 -18.86
C ALA B 989 -44.36 30.66 -18.08
N ALA B 990 -44.82 30.09 -16.96
CA ALA B 990 -45.70 30.77 -15.99
C ALA B 990 -47.03 31.21 -16.59
N GLY B 991 -47.58 30.38 -17.49
CA GLY B 991 -48.93 30.56 -17.98
C GLY B 991 -49.18 31.84 -18.77
N ILE B 992 -48.29 32.16 -19.70
CA ILE B 992 -48.37 33.43 -20.42
C ILE B 992 -47.68 33.23 -21.77
N PRO B 993 -48.09 33.93 -22.82
CA PRO B 993 -47.39 33.82 -24.11
C PRO B 993 -45.92 34.20 -24.01
N PHE B 994 -45.10 33.49 -24.80
CA PHE B 994 -43.65 33.58 -24.69
C PHE B 994 -43.13 34.97 -25.03
N SER B 995 -43.67 35.58 -26.09
CA SER B 995 -43.23 36.92 -26.47
C SER B 995 -43.60 37.95 -25.40
N LEU B 996 -44.77 37.80 -24.78
CA LEU B 996 -45.13 38.68 -23.67
C LEU B 996 -44.22 38.43 -22.46
N ASN B 997 -43.78 37.19 -22.26
CA ASN B 997 -42.81 36.92 -21.20
C ASN B 997 -41.49 37.63 -21.45
N VAL B 998 -41.02 37.61 -22.71
CA VAL B 998 -39.81 38.35 -23.06
C VAL B 998 -40.01 39.85 -22.85
N GLN B 999 -41.18 40.36 -23.24
CA GLN B 999 -41.49 41.79 -23.07
C GLN B 999 -41.46 42.19 -21.60
N TYR B 1000 -42.08 41.37 -20.74
CA TYR B 1000 -42.11 41.71 -19.32
C TYR B 1000 -40.73 41.56 -18.67
N ARG B 1001 -39.96 40.57 -19.10
CA ARG B 1001 -38.61 40.39 -18.53
C ARG B 1001 -37.70 41.53 -18.92
N ILE B 1002 -37.82 42.04 -20.16
CA ILE B 1002 -37.03 43.21 -20.55
C ILE B 1002 -37.54 44.45 -19.83
N ASN B 1003 -38.86 44.59 -19.67
CA ASN B 1003 -39.42 45.78 -19.03
C ASN B 1003 -39.05 45.86 -17.55
N GLY B 1004 -38.92 44.71 -16.87
CA GLY B 1004 -38.55 44.71 -15.48
C GLY B 1004 -37.14 45.24 -15.20
N LEU B 1005 -36.26 45.21 -16.22
CA LEU B 1005 -34.92 45.74 -16.03
C LEU B 1005 -34.92 47.26 -15.98
N GLY B 1006 -35.88 47.91 -16.63
CA GLY B 1006 -35.95 49.35 -16.63
C GLY B 1006 -36.39 49.93 -17.96
N VAL B 1007 -36.48 49.08 -18.97
CA VAL B 1007 -36.94 49.52 -20.28
C VAL B 1007 -38.43 49.80 -20.23
N THR B 1008 -38.84 50.94 -20.78
CA THR B 1008 -40.25 51.29 -20.79
C THR B 1008 -41.02 50.40 -21.76
N MET B 1009 -42.33 50.29 -21.52
CA MET B 1009 -43.18 49.44 -22.32
C MET B 1009 -43.56 50.06 -23.66
N ASP B 1010 -43.39 51.37 -23.82
CA ASP B 1010 -43.75 52.02 -25.07
C ASP B 1010 -42.81 51.62 -26.20
N VAL B 1011 -41.50 51.60 -25.94
CA VAL B 1011 -40.54 51.23 -26.97
C VAL B 1011 -40.45 49.73 -27.18
N LEU B 1012 -41.08 48.93 -26.31
CA LEU B 1012 -40.95 47.48 -26.40
C LEU B 1012 -41.87 46.89 -27.46
N ASN B 1013 -43.15 47.25 -27.41
CA ASN B 1013 -44.10 46.71 -28.38
C ASN B 1013 -44.05 47.42 -29.73
N LYS B 1014 -43.38 48.56 -29.82
CA LYS B 1014 -43.12 49.19 -31.11
C LYS B 1014 -41.84 48.67 -31.75
N ASN B 1015 -41.07 47.85 -31.03
CA ASN B 1015 -39.86 47.24 -31.57
C ASN B 1015 -39.96 45.72 -31.54
N GLN B 1016 -41.17 45.17 -31.55
CA GLN B 1016 -41.37 43.74 -31.40
C GLN B 1016 -40.79 42.95 -32.57
N LYS B 1017 -40.91 43.49 -33.78
CA LYS B 1017 -40.36 42.84 -34.96
C LYS B 1017 -38.84 42.74 -34.88
N LEU B 1018 -38.18 43.84 -34.54
CA LEU B 1018 -36.72 43.80 -34.44
C LEU B 1018 -36.26 43.05 -33.20
N ILE B 1019 -37.09 42.99 -32.15
CA ILE B 1019 -36.76 42.17 -30.99
C ILE B 1019 -36.77 40.69 -31.36
N ALA B 1020 -37.79 40.26 -32.10
CA ALA B 1020 -37.84 38.87 -32.56
C ALA B 1020 -36.71 38.57 -33.53
N THR B 1021 -36.40 39.53 -34.42
CA THR B 1021 -35.30 39.35 -35.36
C THR B 1021 -33.96 39.24 -34.62
N ALA B 1022 -33.76 40.06 -33.59
CA ALA B 1022 -32.53 39.98 -32.79
C ALA B 1022 -32.46 38.67 -32.02
N PHE B 1023 -33.60 38.18 -31.54
CA PHE B 1023 -33.61 36.90 -30.82
C PHE B 1023 -33.25 35.75 -31.76
N ASN B 1024 -33.80 35.77 -32.98
CA ASN B 1024 -33.44 34.76 -33.98
C ASN B 1024 -31.97 34.87 -34.38
N ASN B 1025 -31.47 36.09 -34.50
CA ASN B 1025 -30.06 36.29 -34.83
C ASN B 1025 -29.15 35.77 -33.73
N ALA B 1026 -29.52 36.01 -32.47
CA ALA B 1026 -28.74 35.49 -31.35
C ALA B 1026 -28.77 33.97 -31.32
N LEU B 1027 -29.93 33.36 -31.60
CA LEU B 1027 -30.01 31.91 -31.68
C LEU B 1027 -29.16 31.36 -32.81
N LEU B 1028 -29.16 32.02 -33.96
CA LEU B 1028 -28.35 31.55 -35.08
C LEU B 1028 -26.86 31.71 -34.80
N SER B 1029 -26.47 32.79 -34.13
CA SER B 1029 -25.07 32.98 -33.78
C SER B 1029 -24.60 31.95 -32.76
N ILE B 1030 -25.42 31.67 -31.74
CA ILE B 1030 -25.05 30.66 -30.76
C ILE B 1030 -25.13 29.26 -31.37
N GLN B 1031 -25.89 29.09 -32.45
CA GLN B 1031 -25.90 27.82 -33.17
C GLN B 1031 -24.62 27.64 -33.99
N ASN B 1032 -24.17 28.70 -34.65
CA ASN B 1032 -23.00 28.62 -35.52
C ASN B 1032 -21.69 28.73 -34.76
N GLY B 1033 -21.71 29.18 -33.51
CA GLY B 1033 -20.48 29.35 -32.76
C GLY B 1033 -19.82 28.06 -32.32
N PHE B 1034 -20.52 26.94 -32.39
CA PHE B 1034 -19.93 25.66 -32.01
C PHE B 1034 -18.96 25.13 -33.05
N SER B 1035 -18.96 25.68 -34.27
CA SER B 1035 -18.03 25.22 -35.30
C SER B 1035 -16.59 25.63 -34.98
N ALA B 1036 -16.41 26.74 -34.28
CA ALA B 1036 -15.08 27.22 -33.94
C ALA B 1036 -14.59 26.53 -32.66
N THR B 1037 -13.46 27.01 -32.12
CA THR B 1037 -12.93 26.50 -30.87
C THR B 1037 -13.67 27.20 -29.72
N ASN B 1038 -14.82 26.65 -29.39
CA ASN B 1038 -15.70 27.24 -28.38
C ASN B 1038 -15.25 26.81 -26.98
N SER B 1039 -15.94 27.32 -25.97
CA SER B 1039 -15.60 27.03 -24.58
C SER B 1039 -16.47 25.96 -23.95
N ALA B 1040 -17.68 25.73 -24.47
CA ALA B 1040 -18.47 24.60 -23.99
C ALA B 1040 -17.91 23.28 -24.50
N LEU B 1041 -17.52 23.25 -25.78
CA LEU B 1041 -16.87 22.06 -26.33
C LEU B 1041 -15.54 21.80 -25.62
N ALA B 1042 -14.88 22.86 -25.16
CA ALA B 1042 -13.70 22.71 -24.33
C ALA B 1042 -14.00 21.86 -23.10
N LYS B 1043 -15.13 22.14 -22.43
CA LYS B 1043 -15.52 21.34 -21.27
C LYS B 1043 -15.92 19.92 -21.67
N ILE B 1044 -16.61 19.76 -22.81
CA ILE B 1044 -17.12 18.45 -23.20
C ILE B 1044 -15.99 17.49 -23.57
N GLN B 1045 -15.13 17.88 -24.52
CA GLN B 1045 -13.97 17.03 -24.72
C GLN B 1045 -12.95 17.10 -23.58
N SER B 1046 -13.05 18.06 -22.67
CA SER B 1046 -12.20 18.02 -21.47
C SER B 1046 -12.59 16.85 -20.58
N VAL B 1047 -13.89 16.69 -20.32
CA VAL B 1047 -14.31 15.56 -19.47
C VAL B 1047 -14.12 14.23 -20.21
N VAL B 1048 -14.35 14.22 -21.53
CA VAL B 1048 -14.15 12.99 -22.31
C VAL B 1048 -12.68 12.58 -22.30
N ASN B 1049 -11.78 13.53 -22.57
CA ASN B 1049 -10.35 13.21 -22.59
C ASN B 1049 -9.82 12.92 -21.20
N SER B 1050 -10.41 13.51 -20.16
CA SER B 1050 -9.98 13.18 -18.80
C SER B 1050 -10.35 11.75 -18.43
N ASN B 1051 -11.56 11.33 -18.79
CA ASN B 1051 -11.95 9.94 -18.57
C ASN B 1051 -11.08 8.99 -19.38
N ALA B 1052 -10.78 9.35 -20.63
CA ALA B 1052 -9.91 8.52 -21.46
C ALA B 1052 -8.50 8.44 -20.90
N GLN B 1053 -7.98 9.56 -20.37
CA GLN B 1053 -6.66 9.56 -19.76
C GLN B 1053 -6.62 8.71 -18.50
N ALA B 1054 -7.68 8.77 -17.69
CA ALA B 1054 -7.73 7.93 -16.48
C ALA B 1054 -7.75 6.45 -16.85
N LEU B 1055 -8.55 6.08 -17.84
CA LEU B 1055 -8.59 4.68 -18.26
C LEU B 1055 -7.27 4.25 -18.89
N ASN B 1056 -6.62 5.14 -19.64
CA ASN B 1056 -5.32 4.82 -20.22
C ASN B 1056 -4.25 4.64 -19.15
N SER B 1057 -4.28 5.46 -18.11
CA SER B 1057 -3.33 5.30 -17.00
C SER B 1057 -3.57 4.00 -16.26
N LEU B 1058 -4.84 3.64 -16.03
CA LEU B 1058 -5.14 2.37 -15.37
C LEU B 1058 -4.72 1.19 -16.24
N LEU B 1059 -4.84 1.30 -17.57
CA LEU B 1059 -4.38 0.24 -18.44
C LEU B 1059 -2.86 0.15 -18.45
N GLN B 1060 -2.17 1.29 -18.42
CA GLN B 1060 -0.71 1.28 -18.40
C GLN B 1060 -0.15 0.82 -17.06
N GLN B 1061 -0.99 0.81 -16.01
CA GLN B 1061 -0.57 0.23 -14.74
C GLN B 1061 -0.30 -1.26 -14.82
N LEU B 1062 -0.80 -1.94 -15.85
CA LEU B 1062 -0.63 -3.38 -16.00
C LEU B 1062 0.77 -3.77 -16.48
N PHE B 1063 1.59 -2.82 -16.93
CA PHE B 1063 2.92 -3.11 -17.45
C PHE B 1063 4.02 -2.54 -16.56
N ASN B 1064 3.83 -2.63 -15.24
CA ASN B 1064 4.82 -2.20 -14.27
C ASN B 1064 5.41 -3.41 -13.57
N LYS B 1065 6.74 -3.42 -13.43
CA LYS B 1065 7.41 -4.58 -12.87
C LYS B 1065 7.16 -4.71 -11.37
N PHE B 1066 7.11 -3.58 -10.66
CA PHE B 1066 6.99 -3.51 -9.20
C PHE B 1066 8.08 -4.32 -8.50
N GLY B 1067 9.28 -4.30 -9.07
CA GLY B 1067 10.39 -5.04 -8.54
C GLY B 1067 10.43 -6.51 -8.92
N ALA B 1068 9.45 -6.99 -9.66
CA ALA B 1068 9.49 -8.37 -10.13
C ALA B 1068 10.37 -8.49 -11.37
N ILE B 1069 10.67 -9.73 -11.76
CA ILE B 1069 11.54 -9.94 -12.91
C ILE B 1069 10.83 -9.63 -14.22
N SER B 1070 9.50 -9.68 -14.25
CA SER B 1070 8.77 -9.38 -15.46
C SER B 1070 7.41 -8.79 -15.11
N SER B 1071 6.96 -7.86 -15.96
CA SER B 1071 5.65 -7.24 -15.78
C SER B 1071 4.51 -8.16 -16.18
N SER B 1072 4.78 -9.23 -16.91
CA SER B 1072 3.76 -10.13 -17.42
C SER B 1072 3.75 -11.43 -16.62
N LEU B 1073 2.56 -11.91 -16.31
CA LEU B 1073 2.42 -13.15 -15.55
C LEU B 1073 2.84 -14.36 -16.36
N GLN B 1074 2.77 -14.28 -17.69
CA GLN B 1074 3.12 -15.43 -18.53
C GLN B 1074 4.60 -15.76 -18.44
N GLU B 1075 5.46 -14.75 -18.50
CA GLU B 1075 6.90 -14.98 -18.40
C GLU B 1075 7.29 -15.51 -17.02
N ILE B 1076 6.63 -15.00 -15.97
CA ILE B 1076 6.91 -15.46 -14.61
C ILE B 1076 6.49 -16.92 -14.45
N LEU B 1077 5.28 -17.27 -14.92
CA LEU B 1077 4.82 -18.63 -14.80
C LEU B 1077 5.52 -19.58 -15.75
N SER B 1078 6.21 -19.07 -16.78
CA SER B 1078 7.01 -19.89 -17.67
C SER B 1078 8.49 -19.89 -17.31
N ARG B 1079 8.90 -19.11 -16.31
CA ARG B 1079 10.29 -19.08 -15.87
C ARG B 1079 10.49 -19.55 -14.43
N LEU B 1080 9.46 -19.50 -13.59
CA LEU B 1080 9.55 -19.93 -12.20
C LEU B 1080 8.41 -20.90 -11.90
N ASP B 1081 8.62 -21.77 -10.91
CA ASP B 1081 7.67 -22.85 -10.61
C ASP B 1081 7.26 -22.80 -9.14
N ALA B 1082 6.28 -21.95 -8.84
CA ALA B 1082 5.45 -21.98 -7.63
C ALA B 1082 6.22 -21.82 -6.32
N LEU B 1083 7.53 -21.55 -6.37
CA LEU B 1083 8.30 -21.35 -5.15
C LEU B 1083 8.88 -19.94 -5.09
N GLU B 1084 9.68 -19.54 -6.07
CA GLU B 1084 10.07 -18.14 -6.20
C GLU B 1084 9.13 -17.37 -7.11
N ALA B 1085 8.19 -18.05 -7.76
CA ALA B 1085 7.16 -17.36 -8.52
C ALA B 1085 6.20 -16.63 -7.59
N GLN B 1086 5.98 -17.16 -6.39
CA GLN B 1086 4.95 -16.65 -5.49
C GLN B 1086 5.28 -15.24 -5.01
N VAL B 1087 6.55 -14.96 -4.73
CA VAL B 1087 6.91 -13.63 -4.23
C VAL B 1087 6.76 -12.58 -5.33
N GLN B 1088 7.12 -12.92 -6.57
CA GLN B 1088 6.93 -12.01 -7.69
C GLN B 1088 5.45 -11.76 -7.95
N ILE B 1089 4.64 -12.82 -7.87
CA ILE B 1089 3.20 -12.68 -8.10
C ILE B 1089 2.56 -11.86 -6.98
N ASP B 1090 3.04 -12.03 -5.73
CA ASP B 1090 2.56 -11.21 -4.63
C ASP B 1090 2.93 -9.74 -4.82
N ARG B 1091 4.14 -9.47 -5.31
CA ARG B 1091 4.53 -8.08 -5.58
C ARG B 1091 3.63 -7.46 -6.65
N LEU B 1092 3.37 -8.21 -7.73
CA LEU B 1092 2.49 -7.71 -8.79
C LEU B 1092 1.07 -7.48 -8.27
N ILE B 1093 0.56 -8.40 -7.45
CA ILE B 1093 -0.79 -8.29 -6.92
C ILE B 1093 -0.91 -7.10 -5.98
N ASN B 1094 0.08 -6.90 -5.10
CA ASN B 1094 0.05 -5.78 -4.19
C ASN B 1094 0.12 -4.44 -4.93
N GLY B 1095 0.97 -4.36 -5.96
CA GLY B 1095 1.04 -3.14 -6.74
C GLY B 1095 -0.24 -2.83 -7.49
N ARG B 1096 -0.85 -3.85 -8.10
CA ARG B 1096 -2.09 -3.64 -8.85
C ARG B 1096 -3.24 -3.30 -7.91
N LEU B 1097 -3.26 -3.89 -6.71
CA LEU B 1097 -4.31 -3.57 -5.75
C LEU B 1097 -4.16 -2.15 -5.22
N THR B 1098 -2.92 -1.71 -5.01
CA THR B 1098 -2.69 -0.32 -4.61
C THR B 1098 -3.14 0.64 -5.71
N ALA B 1099 -2.85 0.31 -6.97
CA ALA B 1099 -3.29 1.14 -8.08
C ALA B 1099 -4.81 1.19 -8.16
N LEU B 1100 -5.47 0.06 -7.94
CA LEU B 1100 -6.94 0.03 -7.98
C LEU B 1100 -7.55 0.84 -6.84
N ASN B 1101 -6.96 0.76 -5.64
CA ASN B 1101 -7.47 1.53 -4.51
C ASN B 1101 -7.32 3.03 -4.75
N ALA B 1102 -6.17 3.44 -5.29
CA ALA B 1102 -5.98 4.85 -5.64
C ALA B 1102 -7.00 5.30 -6.69
N TYR B 1103 -7.22 4.44 -7.70
CA TYR B 1103 -8.17 4.78 -8.76
C TYR B 1103 -9.59 4.92 -8.24
N VAL B 1104 -10.02 4.01 -7.34
CA VAL B 1104 -11.40 4.10 -6.86
C VAL B 1104 -11.57 5.27 -5.91
N SER B 1105 -10.53 5.65 -5.16
CA SER B 1105 -10.64 6.86 -4.35
C SER B 1105 -10.77 8.11 -5.21
N GLN B 1106 -9.95 8.20 -6.27
CA GLN B 1106 -10.05 9.34 -7.19
C GLN B 1106 -11.39 9.34 -7.91
N GLN B 1107 -11.91 8.16 -8.24
CA GLN B 1107 -13.23 8.06 -8.87
C GLN B 1107 -14.32 8.54 -7.93
N LEU B 1108 -14.21 8.20 -6.64
CA LEU B 1108 -15.18 8.68 -5.65
C LEU B 1108 -15.19 10.19 -5.58
N SER B 1109 -14.00 10.81 -5.54
CA SER B 1109 -13.93 12.27 -5.49
C SER B 1109 -14.50 12.90 -6.76
N ASP B 1110 -14.18 12.34 -7.93
CA ASP B 1110 -14.69 12.87 -9.19
C ASP B 1110 -16.20 12.77 -9.27
N ILE B 1111 -16.77 11.64 -8.84
CA ILE B 1111 -18.21 11.44 -8.91
C ILE B 1111 -18.93 12.35 -7.91
N SER B 1112 -18.30 12.62 -6.75
CA SER B 1112 -18.87 13.61 -5.83
C SER B 1112 -18.92 15.00 -6.46
N LEU B 1113 -17.85 15.37 -7.17
CA LEU B 1113 -17.86 16.66 -7.88
C LEU B 1113 -18.92 16.68 -8.97
N VAL B 1114 -19.11 15.56 -9.66
CA VAL B 1114 -20.14 15.45 -10.69
C VAL B 1114 -21.53 15.64 -10.09
N LYS B 1115 -21.76 15.02 -8.93
CA LYS B 1115 -23.05 15.17 -8.25
C LYS B 1115 -23.31 16.61 -7.84
N LEU B 1116 -22.27 17.30 -7.34
CA LEU B 1116 -22.42 18.71 -6.98
C LEU B 1116 -22.74 19.57 -8.19
N GLY B 1117 -22.05 19.33 -9.30
CA GLY B 1117 -22.37 20.06 -10.53
C GLY B 1117 -23.76 19.77 -11.05
N ALA B 1118 -24.22 18.53 -10.87
CA ALA B 1118 -25.57 18.18 -11.33
C ALA B 1118 -26.63 18.80 -10.44
N ALA B 1119 -26.37 18.94 -9.14
CA ALA B 1119 -27.29 19.67 -8.27
C ALA B 1119 -27.35 21.15 -8.67
N LEU B 1120 -26.20 21.73 -9.04
CA LEU B 1120 -26.19 23.07 -9.59
C LEU B 1120 -27.01 23.16 -10.87
N ALA B 1121 -26.92 22.14 -11.72
CA ALA B 1121 -27.72 22.10 -12.95
C ALA B 1121 -29.21 22.00 -12.66
N MET B 1122 -29.59 21.21 -11.65
CA MET B 1122 -31.00 21.11 -11.27
C MET B 1122 -31.53 22.44 -10.77
N GLU B 1123 -30.75 23.15 -9.93
CA GLU B 1123 -31.17 24.47 -9.48
C GLU B 1123 -31.23 25.46 -10.64
N LYS B 1124 -30.31 25.33 -11.60
CA LYS B 1124 -30.30 26.20 -12.77
C LYS B 1124 -31.53 25.97 -13.63
N VAL B 1125 -31.96 24.72 -13.78
CA VAL B 1125 -33.19 24.41 -14.50
C VAL B 1125 -34.39 24.98 -13.76
N ASN B 1126 -34.44 24.79 -12.43
CA ASN B 1126 -35.61 25.21 -11.67
C ASN B 1126 -35.77 26.73 -11.64
N GLU B 1127 -34.67 27.47 -11.52
CA GLU B 1127 -34.76 28.89 -11.22
C GLU B 1127 -34.54 29.81 -12.42
N CYS B 1128 -33.90 29.33 -13.48
CA CYS B 1128 -33.65 30.19 -14.64
C CYS B 1128 -34.48 29.84 -15.87
N VAL B 1129 -34.81 28.57 -16.08
CA VAL B 1129 -35.51 28.15 -17.28
C VAL B 1129 -37.02 28.18 -17.05
N LYS B 1130 -37.50 27.42 -16.06
CA LYS B 1130 -38.93 27.32 -15.83
C LYS B 1130 -39.49 28.61 -15.22
N SER B 1131 -38.67 29.37 -14.52
CA SER B 1131 -39.10 30.64 -13.95
C SER B 1131 -37.90 31.58 -13.93
N GLN B 1132 -38.04 32.70 -13.23
CA GLN B 1132 -36.96 33.69 -13.11
C GLN B 1132 -36.96 34.20 -11.67
N SER B 1133 -36.14 33.58 -10.83
CA SER B 1133 -36.00 34.04 -9.47
C SER B 1133 -35.20 35.35 -9.44
N PRO B 1134 -35.54 36.27 -8.53
CA PRO B 1134 -34.80 37.55 -8.47
C PRO B 1134 -33.43 37.40 -7.82
N ARG B 1135 -32.51 36.74 -8.53
CA ARG B 1135 -31.13 36.60 -8.10
C ARG B 1135 -30.24 37.20 -9.17
N ILE B 1136 -29.43 38.18 -8.79
CA ILE B 1136 -28.62 38.93 -9.74
C ILE B 1136 -27.40 38.12 -10.12
N ASN B 1137 -27.16 37.99 -11.43
CA ASN B 1137 -26.00 37.30 -12.00
C ASN B 1137 -25.93 35.83 -11.59
N PHE B 1138 -27.08 35.19 -11.45
CA PHE B 1138 -27.08 33.75 -11.22
C PHE B 1138 -27.18 32.98 -12.53
N CYS B 1139 -28.07 33.40 -13.43
CA CYS B 1139 -28.22 32.71 -14.70
C CYS B 1139 -27.09 33.06 -15.65
N GLY B 1140 -26.96 34.35 -16.00
CA GLY B 1140 -25.93 34.78 -16.91
C GLY B 1140 -25.38 36.14 -16.50
N ASN B 1141 -24.20 36.44 -17.03
CA ASN B 1141 -23.55 37.71 -16.74
C ASN B 1141 -24.30 38.86 -17.41
N GLY B 1142 -24.55 39.92 -16.65
CA GLY B 1142 -25.32 41.02 -17.17
C GLY B 1142 -26.81 40.87 -16.89
N ASN B 1143 -27.57 41.76 -17.53
CA ASN B 1143 -29.02 41.78 -17.37
C ASN B 1143 -29.63 40.54 -18.03
N HIS B 1144 -30.13 39.63 -17.21
CA HIS B 1144 -30.70 38.39 -17.72
C HIS B 1144 -32.13 38.61 -18.20
N ILE B 1145 -32.54 37.80 -19.19
CA ILE B 1145 -33.90 37.86 -19.71
C ILE B 1145 -34.60 36.53 -19.48
N LEU B 1146 -34.09 35.47 -20.08
CA LEU B 1146 -34.59 34.12 -19.88
C LEU B 1146 -33.50 33.14 -20.32
N SER B 1147 -33.83 31.85 -20.28
CA SER B 1147 -32.89 30.81 -20.68
C SER B 1147 -33.65 29.64 -21.27
N LEU B 1148 -32.93 28.86 -22.07
CA LEU B 1148 -33.46 27.64 -22.65
C LEU B 1148 -32.47 26.52 -22.44
N VAL B 1149 -32.97 25.30 -22.34
CA VAL B 1149 -32.16 24.13 -21.99
C VAL B 1149 -32.16 23.17 -23.17
N GLN B 1150 -30.97 22.66 -23.51
CA GLN B 1150 -30.81 21.66 -24.56
C GLN B 1150 -29.92 20.55 -24.04
N ASN B 1151 -30.17 19.35 -24.56
CA ASN B 1151 -29.40 18.17 -24.14
C ASN B 1151 -27.97 18.25 -24.67
N ALA B 1152 -27.05 17.71 -23.88
CA ALA B 1152 -25.62 17.72 -24.17
C ALA B 1152 -25.06 16.36 -23.80
N PRO B 1153 -23.93 15.97 -24.40
CA PRO B 1153 -23.25 14.74 -23.96
C PRO B 1153 -22.71 14.89 -22.55
N TYR B 1154 -23.27 14.08 -21.63
CA TYR B 1154 -22.94 14.08 -20.20
C TYR B 1154 -23.19 15.45 -19.58
N GLY B 1155 -24.43 15.89 -19.66
CA GLY B 1155 -24.83 17.14 -19.05
C GLY B 1155 -25.91 17.81 -19.86
N LEU B 1156 -26.20 19.05 -19.48
CA LEU B 1156 -27.16 19.89 -20.19
C LEU B 1156 -26.43 21.10 -20.78
N LEU B 1157 -27.13 21.78 -21.69
CA LEU B 1157 -26.61 23.00 -22.30
C LEU B 1157 -27.62 24.11 -22.08
N PHE B 1158 -27.19 25.18 -21.41
CA PHE B 1158 -28.04 26.32 -21.13
C PHE B 1158 -27.63 27.46 -22.04
N MET B 1159 -28.61 28.06 -22.72
CA MET B 1159 -28.37 29.22 -23.55
C MET B 1159 -29.05 30.43 -22.90
N HIS B 1160 -28.27 31.19 -22.15
CA HIS B 1160 -28.78 32.38 -21.48
C HIS B 1160 -28.85 33.54 -22.45
N PHE B 1161 -30.01 34.17 -22.53
CA PHE B 1161 -30.23 35.32 -23.39
C PHE B 1161 -30.26 36.57 -22.52
N SER B 1162 -29.43 37.55 -22.84
CA SER B 1162 -29.23 38.70 -21.98
C SER B 1162 -29.44 40.00 -22.73
N TYR B 1163 -30.01 40.98 -22.05
CA TYR B 1163 -30.17 42.32 -22.59
C TYR B 1163 -28.81 42.99 -22.73
N LYS B 1164 -28.66 43.81 -23.77
CA LYS B 1164 -27.36 44.42 -24.03
C LYS B 1164 -27.50 45.75 -24.78
N PRO B 1165 -27.06 46.86 -24.18
CA PRO B 1165 -27.05 48.13 -24.91
C PRO B 1165 -25.94 48.19 -25.94
N ILE B 1166 -26.18 49.01 -26.97
CA ILE B 1166 -25.21 49.22 -28.04
C ILE B 1166 -24.83 50.67 -28.21
N SER B 1167 -25.45 51.59 -27.48
CA SER B 1167 -25.14 53.00 -27.58
C SER B 1167 -25.47 53.67 -26.25
N PHE B 1168 -24.95 54.89 -26.08
CA PHE B 1168 -25.08 55.59 -24.80
C PHE B 1168 -25.31 57.06 -25.04
N LYS B 1169 -25.87 57.72 -24.02
CA LYS B 1169 -26.12 59.15 -24.05
C LYS B 1169 -25.92 59.69 -22.65
N THR B 1170 -25.22 60.82 -22.55
CA THR B 1170 -24.92 61.43 -21.26
C THR B 1170 -25.97 62.49 -20.95
N VAL B 1171 -26.68 62.31 -19.84
CA VAL B 1171 -27.69 63.25 -19.40
C VAL B 1171 -27.48 63.55 -17.91
N LEU B 1172 -28.05 64.66 -17.48
CA LEU B 1172 -28.00 65.07 -16.07
C LEU B 1172 -29.24 64.52 -15.35
N VAL B 1173 -29.01 63.81 -14.25
CA VAL B 1173 -30.09 63.11 -13.56
C VAL B 1173 -30.27 63.66 -12.15
N SER B 1174 -31.24 63.11 -11.43
CA SER B 1174 -31.50 63.48 -10.05
C SER B 1174 -32.22 62.32 -9.34
N PRO B 1175 -31.71 61.85 -8.20
CA PRO B 1175 -32.33 60.71 -7.52
C PRO B 1175 -33.59 61.05 -6.74
N GLY B 1176 -34.02 62.31 -6.72
CA GLY B 1176 -35.23 62.67 -6.01
C GLY B 1176 -35.33 64.17 -5.87
N LEU B 1177 -36.53 64.61 -5.49
CA LEU B 1177 -36.79 66.04 -5.34
C LEU B 1177 -38.04 66.24 -4.49
N CYS B 1178 -38.08 67.37 -3.79
CA CYS B 1178 -39.24 67.78 -3.01
C CYS B 1178 -40.13 68.66 -3.88
N ILE B 1179 -41.41 68.31 -3.99
CA ILE B 1179 -42.29 68.91 -4.97
C ILE B 1179 -43.41 69.74 -4.36
N SER B 1180 -43.67 69.63 -3.07
CA SER B 1180 -44.81 70.28 -2.44
C SER B 1180 -44.41 70.60 -1.00
N GLY B 1181 -45.40 70.78 -0.13
CA GLY B 1181 -45.17 71.15 1.24
C GLY B 1181 -44.51 70.05 2.05
N ASP B 1182 -43.23 69.83 1.76
CA ASP B 1182 -42.38 68.83 2.42
C ASP B 1182 -42.92 67.41 2.20
N VAL B 1183 -42.91 67.00 0.93
CA VAL B 1183 -43.20 65.64 0.53
C VAL B 1183 -42.05 65.19 -0.37
N GLY B 1184 -41.80 63.89 -0.39
CA GLY B 1184 -40.67 63.34 -1.13
C GLY B 1184 -41.11 62.32 -2.16
N ILE B 1185 -40.49 62.38 -3.33
CA ILE B 1185 -40.71 61.41 -4.38
C ILE B 1185 -39.37 60.88 -4.86
N ALA B 1186 -39.35 59.60 -5.22
CA ALA B 1186 -38.17 58.92 -5.72
C ALA B 1186 -38.58 58.04 -6.89
N PRO B 1187 -37.71 57.87 -7.88
CA PRO B 1187 -38.06 57.00 -9.01
C PRO B 1187 -38.12 55.54 -8.59
N LYS B 1188 -39.01 54.79 -9.26
CA LYS B 1188 -39.11 53.35 -8.99
C LYS B 1188 -37.88 52.62 -9.49
N GLN B 1189 -37.64 52.69 -10.80
CA GLN B 1189 -36.40 52.18 -11.40
C GLN B 1189 -36.04 53.15 -12.52
N GLY B 1190 -35.26 54.16 -12.19
CA GLY B 1190 -34.91 55.18 -13.16
C GLY B 1190 -34.42 56.43 -12.45
N TYR B 1191 -34.48 57.54 -13.18
CA TYR B 1191 -34.01 58.83 -12.68
C TYR B 1191 -34.94 59.94 -13.13
N PHE B 1192 -34.83 61.07 -12.45
CA PHE B 1192 -35.50 62.30 -12.87
C PHE B 1192 -34.52 63.14 -13.68
N ILE B 1193 -34.98 63.67 -14.82
CA ILE B 1193 -34.13 64.46 -15.69
C ILE B 1193 -34.80 65.80 -15.95
N LYS B 1194 -33.98 66.77 -16.35
CA LYS B 1194 -34.44 68.12 -16.60
C LYS B 1194 -34.80 68.30 -18.07
N HIS B 1195 -35.99 68.82 -18.33
CA HIS B 1195 -36.42 69.06 -19.71
C HIS B 1195 -37.35 70.27 -19.71
N ASN B 1196 -36.75 71.44 -19.96
CA ASN B 1196 -37.46 72.71 -20.17
C ASN B 1196 -38.32 73.08 -18.95
N ASP B 1197 -37.64 73.26 -17.82
CA ASP B 1197 -38.22 73.76 -16.57
C ASP B 1197 -39.35 72.87 -16.03
N HIS B 1198 -39.29 71.58 -16.36
CA HIS B 1198 -40.18 70.59 -15.75
C HIS B 1198 -39.51 69.23 -15.83
N TRP B 1199 -39.66 68.46 -14.76
CA TRP B 1199 -38.96 67.19 -14.63
C TRP B 1199 -39.74 66.05 -15.26
N MET B 1200 -39.00 65.08 -15.82
CA MET B 1200 -39.60 63.89 -16.41
C MET B 1200 -38.84 62.65 -15.96
N PHE B 1201 -39.55 61.52 -15.99
CA PHE B 1201 -38.98 60.23 -15.62
C PHE B 1201 -38.36 59.56 -16.84
N THR B 1202 -37.26 58.84 -16.58
CA THR B 1202 -36.57 58.08 -17.62
C THR B 1202 -36.15 56.74 -17.02
N GLY B 1203 -36.38 55.67 -17.77
CA GLY B 1203 -35.94 54.35 -17.31
C GLY B 1203 -34.44 54.25 -17.21
N SER B 1204 -33.99 53.38 -16.32
CA SER B 1204 -32.56 53.26 -16.04
C SER B 1204 -31.80 52.46 -17.09
N SER B 1205 -32.49 51.87 -18.06
CA SER B 1205 -31.81 51.09 -19.10
C SER B 1205 -32.22 51.51 -20.51
N TYR B 1206 -33.04 52.54 -20.65
CA TYR B 1206 -33.40 53.07 -21.97
C TYR B 1206 -33.80 54.53 -21.82
N TYR B 1207 -33.21 55.39 -22.64
CA TYR B 1207 -33.46 56.82 -22.54
C TYR B 1207 -34.77 57.15 -23.24
N TYR B 1208 -35.79 57.49 -22.47
CA TYR B 1208 -37.08 57.90 -23.00
C TYR B 1208 -37.80 58.78 -21.97
N PRO B 1209 -37.99 60.06 -22.26
CA PRO B 1209 -38.69 60.93 -21.31
C PRO B 1209 -40.18 60.62 -21.26
N GLU B 1210 -40.68 60.41 -20.05
CA GLU B 1210 -42.08 60.13 -19.76
C GLU B 1210 -42.62 61.13 -18.75
N PRO B 1211 -43.90 61.46 -18.81
CA PRO B 1211 -44.46 62.42 -17.84
C PRO B 1211 -44.51 61.83 -16.44
N ILE B 1212 -44.61 62.72 -15.46
CA ILE B 1212 -44.59 62.32 -14.06
C ILE B 1212 -45.90 61.62 -13.72
N SER B 1213 -45.80 60.38 -13.23
CA SER B 1213 -46.94 59.61 -12.81
C SER B 1213 -46.73 59.13 -11.39
N ASP B 1214 -47.74 58.46 -10.84
CA ASP B 1214 -47.63 57.81 -9.54
C ASP B 1214 -47.40 56.31 -9.64
N LYS B 1215 -47.31 55.77 -10.86
CA LYS B 1215 -47.01 54.36 -11.07
C LYS B 1215 -45.52 54.09 -11.19
N ASN B 1216 -44.68 55.13 -11.25
CA ASN B 1216 -43.23 54.99 -11.33
C ASN B 1216 -42.52 55.69 -10.18
N VAL B 1217 -43.27 56.04 -9.13
CA VAL B 1217 -42.78 56.91 -8.06
C VAL B 1217 -43.11 56.29 -6.71
N VAL B 1218 -42.11 56.17 -5.85
CA VAL B 1218 -42.31 55.79 -4.46
C VAL B 1218 -42.49 57.06 -3.64
N PHE B 1219 -43.62 57.19 -2.96
CA PHE B 1219 -43.90 58.37 -2.16
C PHE B 1219 -43.12 58.34 -0.85
N MET B 1220 -42.96 59.52 -0.26
CA MET B 1220 -42.34 59.70 1.04
C MET B 1220 -43.20 60.63 1.87
N ASN B 1221 -43.18 60.43 3.19
CA ASN B 1221 -43.82 61.40 4.07
C ASN B 1221 -43.01 62.68 4.15
N THR B 1222 -41.69 62.57 4.13
CA THR B 1222 -40.80 63.72 4.10
C THR B 1222 -39.61 63.41 3.20
N CYS B 1223 -39.06 64.45 2.59
CA CYS B 1223 -37.95 64.30 1.67
C CYS B 1223 -36.62 64.53 2.38
N SER B 1224 -35.55 64.08 1.74
CA SER B 1224 -34.21 64.22 2.32
C SER B 1224 -33.76 65.68 2.21
N VAL B 1225 -32.72 66.00 3.00
CA VAL B 1225 -32.24 67.38 3.07
C VAL B 1225 -31.59 67.80 1.77
N ASN B 1226 -30.93 66.89 1.05
CA ASN B 1226 -30.21 67.23 -0.16
C ASN B 1226 -30.99 66.91 -1.42
N PHE B 1227 -32.29 66.65 -1.30
CA PHE B 1227 -33.13 66.55 -2.48
C PHE B 1227 -33.31 67.91 -3.13
N THR B 1228 -33.55 67.91 -4.43
CA THR B 1228 -33.75 69.15 -5.16
C THR B 1228 -35.08 69.79 -4.76
N LYS B 1229 -35.09 71.12 -4.68
CA LYS B 1229 -36.29 71.87 -4.33
C LYS B 1229 -36.94 72.40 -5.59
N ALA B 1230 -38.21 72.06 -5.79
CA ALA B 1230 -38.95 72.50 -6.97
C ALA B 1230 -40.44 72.51 -6.68
N PRO B 1231 -41.02 73.64 -6.27
CA PRO B 1231 -42.45 73.68 -5.99
C PRO B 1231 -43.40 73.99 -7.14
N LEU B 1232 -42.95 73.83 -8.39
CA LEU B 1232 -43.83 73.95 -9.54
C LEU B 1232 -44.47 72.61 -9.91
N VAL B 1233 -43.78 71.51 -9.64
CA VAL B 1233 -44.31 70.19 -9.93
C VAL B 1233 -45.43 69.86 -8.95
N TYR B 1234 -46.56 69.40 -9.48
CA TYR B 1234 -47.70 69.01 -8.68
C TYR B 1234 -48.01 67.53 -8.92
N LEU B 1235 -48.43 66.84 -7.86
CA LEU B 1235 -48.86 65.45 -7.96
C LEU B 1235 -49.84 65.11 -6.86
N VAL C 25 25.19 -13.66 56.20
CA VAL C 25 26.59 -13.83 55.85
C VAL C 25 26.79 -13.62 54.34
N ILE C 26 27.82 -12.87 53.99
CA ILE C 26 28.08 -12.53 52.60
C ILE C 26 29.33 -13.22 52.04
N GLY C 27 30.25 -13.67 52.88
CA GLY C 27 31.43 -14.35 52.41
C GLY C 27 31.57 -15.75 52.99
N ASP C 28 32.78 -16.27 53.02
CA ASP C 28 33.02 -17.56 53.65
C ASP C 28 34.29 -17.59 54.50
N PHE C 29 34.98 -16.47 54.65
CA PHE C 29 36.20 -16.41 55.45
C PHE C 29 35.90 -15.80 56.82
N ASN C 30 36.45 -16.41 57.86
CA ASN C 30 36.26 -15.97 59.23
C ASN C 30 37.45 -15.08 59.60
N CYS C 31 37.23 -13.77 59.57
CA CYS C 31 38.31 -12.84 59.90
C CYS C 31 38.41 -12.60 61.40
N THR C 32 37.29 -12.22 62.03
CA THR C 32 37.28 -11.97 63.47
C THR C 32 35.88 -12.19 63.99
N ASN C 33 35.75 -12.16 65.32
CA ASN C 33 34.45 -12.37 65.97
C ASN C 33 34.22 -11.38 67.10
N PHE C 34 34.87 -10.21 67.04
CA PHE C 34 34.74 -9.22 68.10
C PHE C 34 33.50 -8.37 67.91
N ALA C 35 32.81 -8.10 69.03
CA ALA C 35 31.68 -7.17 69.10
C ALA C 35 30.53 -7.60 68.18
N ILE C 36 30.06 -8.82 68.39
CA ILE C 36 28.97 -9.39 67.61
C ILE C 36 27.85 -9.79 68.56
N ASN C 37 26.62 -9.43 68.20
CA ASN C 37 25.43 -9.86 68.92
C ASN C 37 24.47 -10.51 67.94
N ASP C 38 23.89 -11.63 68.36
CA ASP C 38 22.97 -12.38 67.50
C ASP C 38 21.75 -12.85 68.28
N LEU C 39 21.40 -12.15 69.35
CA LEU C 39 20.29 -12.55 70.21
C LEU C 39 18.97 -11.97 69.74
N ASN C 40 18.68 -12.15 68.45
CA ASN C 40 17.42 -11.76 67.81
C ASN C 40 17.09 -10.29 68.04
N THR C 41 18.09 -9.43 67.89
CA THR C 41 17.91 -7.98 67.99
C THR C 41 17.19 -7.52 66.72
N THR C 42 15.87 -7.73 66.71
CA THR C 42 15.07 -7.61 65.49
C THR C 42 14.43 -6.22 65.39
N ILE C 43 15.26 -5.24 65.05
CA ILE C 43 14.75 -3.93 64.65
C ILE C 43 15.37 -3.59 63.29
N PRO C 44 14.95 -4.22 62.18
CA PRO C 44 15.38 -3.73 60.87
C PRO C 44 14.38 -2.77 60.25
N ARG C 45 14.84 -1.59 59.85
CA ARG C 45 13.96 -0.60 59.26
C ARG C 45 14.47 -0.22 57.88
N ILE C 46 13.60 -0.33 56.89
CA ILE C 46 13.90 0.08 55.52
C ILE C 46 13.01 1.28 55.22
N SER C 47 13.64 2.43 55.03
CA SER C 47 12.90 3.66 54.76
C SER C 47 12.57 3.74 53.27
N GLU C 48 11.42 4.30 52.96
CA GLU C 48 10.97 4.45 51.58
C GLU C 48 10.93 5.91 51.18
N TYR C 49 10.93 6.13 49.88
CA TYR C 49 11.00 7.47 49.30
C TYR C 49 10.53 7.37 47.86
N VAL C 50 9.50 8.14 47.50
CA VAL C 50 8.94 8.06 46.16
C VAL C 50 9.92 8.64 45.14
N VAL C 51 9.92 8.08 43.94
CA VAL C 51 10.87 8.44 42.90
C VAL C 51 10.22 9.51 42.01
N ASP C 52 10.86 10.67 41.93
CA ASP C 52 10.38 11.79 41.14
C ASP C 52 11.35 12.00 39.97
N VAL C 53 10.95 11.51 38.80
CA VAL C 53 11.77 11.64 37.59
C VAL C 53 11.50 12.94 36.86
N SER C 54 10.49 13.72 37.30
CA SER C 54 10.03 14.90 36.58
C SER C 54 11.02 16.07 36.61
N TYR C 55 12.22 15.90 37.16
CA TYR C 55 13.24 16.92 37.11
C TYR C 55 14.60 16.40 36.64
N GLY C 56 14.71 15.12 36.33
CA GLY C 56 15.96 14.60 35.78
C GLY C 56 16.60 13.51 36.61
N LEU C 57 15.92 13.06 37.65
CA LEU C 57 16.47 12.00 38.50
C LEU C 57 16.46 10.67 37.75
N GLY C 58 17.60 10.00 37.75
CA GLY C 58 17.72 8.74 37.05
C GLY C 58 17.89 8.84 35.56
N THR C 59 18.20 10.02 35.04
CA THR C 59 18.44 10.23 33.62
C THR C 59 19.92 10.46 33.38
N TYR C 60 20.47 9.84 32.34
CA TYR C 60 21.87 9.99 32.02
C TYR C 60 22.05 10.62 30.64
N TYR C 61 23.23 11.22 30.45
CA TYR C 61 23.57 11.80 29.17
C TYR C 61 23.98 10.71 28.18
N ILE C 62 23.54 10.86 26.93
CA ILE C 62 23.93 9.94 25.89
C ILE C 62 25.40 10.20 25.53
N LEU C 63 26.11 9.15 25.09
CA LEU C 63 27.57 9.14 25.12
C LEU C 63 28.20 10.19 24.22
N ASP C 64 27.56 10.55 23.10
CA ASP C 64 28.18 11.50 22.19
C ASP C 64 27.20 12.50 21.60
N ARG C 65 26.02 12.67 22.20
CA ARG C 65 24.96 13.45 21.60
C ARG C 65 24.77 14.76 22.35
N VAL C 66 24.69 15.85 21.60
CA VAL C 66 24.26 17.14 22.13
C VAL C 66 22.90 17.45 21.54
N TYR C 67 21.91 17.65 22.40
CA TYR C 67 20.59 18.08 21.99
C TYR C 67 20.33 19.45 22.62
N LEU C 68 19.86 20.39 21.82
CA LEU C 68 19.65 21.76 22.28
C LEU C 68 18.22 22.18 21.99
N ASN C 69 17.49 22.56 23.05
CA ASN C 69 16.16 23.17 22.94
C ASN C 69 15.16 22.27 22.22
N THR C 70 15.28 20.96 22.40
CA THR C 70 14.44 20.00 21.72
C THR C 70 13.92 18.97 22.72
N THR C 71 12.98 18.15 22.25
CA THR C 71 12.34 17.13 23.07
C THR C 71 12.49 15.79 22.37
N ILE C 72 13.06 14.80 23.06
CA ILE C 72 13.49 13.55 22.44
C ILE C 72 12.90 12.39 23.22
N LEU C 73 12.29 11.45 22.49
CA LEU C 73 11.86 10.18 23.06
C LEU C 73 13.01 9.19 22.99
N PHE C 74 13.49 8.74 24.14
CA PHE C 74 14.66 7.89 24.22
C PHE C 74 14.39 6.69 25.13
N THR C 75 14.92 5.54 24.75
CA THR C 75 14.79 4.31 25.52
C THR C 75 16.12 3.93 26.13
N GLY C 76 16.10 3.49 27.38
CA GLY C 76 17.33 3.10 28.04
C GLY C 76 17.06 2.47 29.38
N TYR C 77 18.13 2.03 30.02
CA TYR C 77 18.06 1.46 31.36
C TYR C 77 17.76 2.58 32.35
N PHE C 78 16.57 2.58 32.92
CA PHE C 78 16.06 3.68 33.71
C PHE C 78 15.32 3.16 34.92
N PRO C 79 15.24 3.95 36.00
CA PRO C 79 14.33 3.61 37.10
C PRO C 79 12.89 3.85 36.69
N LYS C 80 11.98 3.24 37.44
CA LYS C 80 10.55 3.36 37.17
C LYS C 80 9.94 4.42 38.08
N SER C 81 9.25 5.38 37.48
CA SER C 81 8.61 6.43 38.25
C SER C 81 7.41 5.89 39.01
N GLY C 82 7.14 6.48 40.16
CA GLY C 82 6.08 6.01 41.03
C GLY C 82 6.48 4.86 41.93
N ALA C 83 7.70 4.34 41.79
CA ALA C 83 8.20 3.29 42.66
C ALA C 83 8.75 3.91 43.94
N ASN C 84 9.45 3.12 44.74
CA ASN C 84 9.96 3.58 46.02
C ASN C 84 11.46 3.39 46.07
N PHE C 85 12.14 4.33 46.72
CA PHE C 85 13.55 4.17 47.02
C PHE C 85 13.72 3.24 48.22
N ARG C 86 14.97 3.01 48.62
CA ARG C 86 15.25 2.09 49.71
C ARG C 86 16.53 2.53 50.40
N ASP C 87 16.42 2.90 51.67
CA ASP C 87 17.57 3.40 52.43
C ASP C 87 18.29 2.21 53.05
N LEU C 88 19.33 1.75 52.37
CA LEU C 88 20.16 0.65 52.85
C LEU C 88 21.38 1.12 53.62
N SER C 89 21.43 2.39 53.99
CA SER C 89 22.57 2.94 54.71
C SER C 89 22.52 2.49 56.16
N LEU C 90 23.20 1.38 56.46
CA LEU C 90 23.31 0.92 57.83
C LEU C 90 24.27 1.83 58.61
N LYS C 91 24.19 1.73 59.94
CA LYS C 91 25.01 2.56 60.81
C LYS C 91 25.20 1.85 62.14
N GLY C 92 26.45 1.77 62.59
CA GLY C 92 26.75 1.16 63.87
C GLY C 92 27.89 1.88 64.55
N THR C 93 28.09 1.55 65.83
CA THR C 93 29.17 2.13 66.61
C THR C 93 30.21 1.08 66.99
N THR C 94 29.80 0.03 67.69
CA THR C 94 30.70 -1.08 68.01
C THR C 94 30.15 -2.42 67.56
N LYS C 95 28.89 -2.71 67.84
CA LYS C 95 28.33 -4.04 67.63
C LYS C 95 28.04 -4.29 66.15
N LEU C 96 28.22 -5.53 65.73
CA LEU C 96 27.83 -6.00 64.41
C LEU C 96 26.79 -7.11 64.60
N SER C 97 25.54 -6.82 64.27
CA SER C 97 24.49 -7.81 64.40
C SER C 97 24.54 -8.80 63.24
N THR C 98 23.99 -9.99 63.48
CA THR C 98 23.93 -11.00 62.44
C THR C 98 22.80 -10.76 61.46
N LEU C 99 21.87 -9.85 61.77
CA LEU C 99 20.75 -9.56 60.89
C LEU C 99 21.10 -8.56 59.80
N TRP C 100 22.33 -8.05 59.78
CA TRP C 100 22.76 -7.08 58.78
C TRP C 100 23.29 -7.73 57.51
N TYR C 101 23.39 -9.06 57.47
CA TYR C 101 24.01 -9.74 56.33
C TYR C 101 23.09 -10.80 55.74
N GLN C 102 21.78 -10.56 55.76
CA GLN C 102 20.83 -11.43 55.07
C GLN C 102 19.84 -10.59 54.28
N LYS C 103 18.85 -11.24 53.68
CA LYS C 103 17.77 -10.51 53.02
C LYS C 103 16.93 -9.78 54.06
N PRO C 104 16.38 -8.59 53.71
CA PRO C 104 16.41 -7.92 52.41
C PRO C 104 17.61 -7.00 52.22
N PHE C 105 18.57 -7.04 53.13
CA PHE C 105 19.76 -6.21 52.96
C PHE C 105 20.65 -6.74 51.84
N LEU C 106 20.84 -8.06 51.77
CA LEU C 106 21.50 -8.68 50.62
C LEU C 106 20.47 -8.71 49.51
N SER C 107 20.43 -7.61 48.76
CA SER C 107 19.33 -7.34 47.84
C SER C 107 19.55 -8.03 46.50
N ASP C 108 18.74 -7.66 45.51
CA ASP C 108 18.66 -8.36 44.23
C ASP C 108 19.18 -7.45 43.12
N PHE C 109 20.21 -7.92 42.42
CA PHE C 109 20.78 -7.23 41.26
C PHE C 109 20.40 -8.08 40.05
N ASN C 110 19.23 -7.81 39.48
CA ASN C 110 18.76 -8.59 38.34
C ASN C 110 19.18 -7.97 37.01
N ASN C 111 18.96 -6.68 36.85
CA ASN C 111 19.28 -5.96 35.63
C ASN C 111 20.13 -4.73 35.89
N GLY C 112 19.91 -4.03 36.99
CA GLY C 112 20.69 -2.86 37.32
C GLY C 112 19.99 -2.02 38.36
N ILE C 113 20.77 -1.11 38.95
CA ILE C 113 20.26 -0.24 40.01
C ILE C 113 20.69 1.18 39.76
N PHE C 114 19.91 2.12 40.31
CA PHE C 114 20.24 3.53 40.31
C PHE C 114 20.35 3.98 41.75
N SER C 115 21.47 4.60 42.10
CA SER C 115 21.79 4.93 43.48
C SER C 115 21.81 6.44 43.69
N ARG C 116 21.32 6.88 44.84
CA ARG C 116 21.35 8.28 45.25
C ARG C 116 21.90 8.35 46.66
N VAL C 117 23.04 9.00 46.83
CA VAL C 117 23.82 8.93 48.06
C VAL C 117 23.93 10.31 48.67
N LYS C 118 23.72 10.40 49.98
CA LYS C 118 24.02 11.62 50.71
C LYS C 118 25.51 11.71 51.00
N ASN C 119 26.05 12.92 50.90
CA ASN C 119 27.46 13.18 51.18
C ASN C 119 27.55 13.77 52.58
N THR C 120 27.89 12.93 53.55
CA THR C 120 27.98 13.35 54.94
C THR C 120 29.25 14.17 55.15
N LYS C 121 29.10 15.40 55.64
CA LYS C 121 30.22 16.29 55.90
C LYS C 121 30.51 16.31 57.40
N LEU C 122 31.75 15.98 57.78
CA LEU C 122 32.19 16.02 59.16
C LEU C 122 33.12 17.21 59.35
N TYR C 123 32.85 17.99 60.39
CA TYR C 123 33.64 19.19 60.69
C TYR C 123 34.47 18.89 61.93
N VAL C 124 35.68 18.38 61.71
CA VAL C 124 36.65 18.11 62.77
C VAL C 124 37.81 19.08 62.61
N ASN C 125 38.04 19.88 63.66
CA ASN C 125 39.10 20.90 63.69
C ASN C 125 38.98 21.90 62.54
N LYS C 126 37.73 22.34 62.29
CA LYS C 126 37.39 23.30 61.24
C LYS C 126 37.84 22.82 59.86
N THR C 127 37.69 21.52 59.61
CA THR C 127 38.12 20.90 58.36
C THR C 127 36.99 20.03 57.85
N LEU C 128 36.68 20.15 56.55
CA LEU C 128 35.67 19.32 55.94
C LEU C 128 36.15 17.88 55.82
N TYR C 129 35.23 16.94 56.05
CA TYR C 129 35.50 15.52 55.87
C TYR C 129 34.27 14.86 55.28
N SER C 130 34.41 14.35 54.06
CA SER C 130 33.31 13.69 53.36
C SER C 130 33.51 12.18 53.42
N GLU C 131 32.45 11.46 53.77
CA GLU C 131 32.49 10.00 53.85
C GLU C 131 31.08 9.47 53.75
N PHE C 132 30.93 8.36 53.03
CA PHE C 132 29.64 7.67 52.95
C PHE C 132 29.92 6.18 52.70
N SER C 133 28.85 5.46 52.38
CA SER C 133 28.88 3.99 52.41
C SER C 133 29.67 3.41 51.25
N THR C 134 30.02 2.13 51.39
CA THR C 134 30.78 1.37 50.41
C THR C 134 29.91 0.25 49.86
N ILE C 135 29.79 0.18 48.54
CA ILE C 135 28.90 -0.76 47.88
C ILE C 135 29.73 -1.83 47.19
N VAL C 136 29.35 -3.09 47.38
CA VAL C 136 29.99 -4.23 46.72
C VAL C 136 28.97 -4.88 45.80
N ILE C 137 29.42 -5.26 44.60
CA ILE C 137 28.58 -5.88 43.59
C ILE C 137 29.25 -7.17 43.14
N GLY C 138 28.51 -8.28 43.19
CA GLY C 138 29.06 -9.54 42.79
C GLY C 138 27.99 -10.59 42.61
N SER C 139 28.43 -11.84 42.58
CA SER C 139 27.51 -12.97 42.47
C SER C 139 27.57 -13.86 43.70
N VAL C 140 28.75 -14.36 44.07
CA VAL C 140 28.89 -15.26 45.20
C VAL C 140 29.77 -14.66 46.30
N PHE C 141 30.65 -13.70 45.97
CA PHE C 141 31.61 -13.07 46.89
C PHE C 141 32.58 -14.08 47.47
N ILE C 142 33.22 -14.85 46.59
CA ILE C 142 34.37 -15.66 46.95
C ILE C 142 35.47 -15.38 45.94
N ASN C 143 36.66 -15.95 46.19
CA ASN C 143 37.87 -15.55 45.50
C ASN C 143 38.10 -16.30 44.18
N ASN C 144 37.05 -16.84 43.58
CA ASN C 144 37.14 -17.34 42.21
C ASN C 144 36.12 -16.69 41.28
N SER C 145 35.32 -15.76 41.77
CA SER C 145 34.40 -14.96 40.98
C SER C 145 34.60 -13.50 41.32
N TYR C 146 34.45 -12.64 40.32
CA TYR C 146 34.81 -11.24 40.47
C TYR C 146 33.79 -10.50 41.33
N THR C 147 34.23 -9.41 41.94
CA THR C 147 33.39 -8.61 42.83
C THR C 147 33.76 -7.14 42.66
N ILE C 148 32.82 -6.35 42.15
CA ILE C 148 33.06 -4.92 41.93
C ILE C 148 32.87 -4.18 43.25
N VAL C 149 33.90 -3.46 43.68
CA VAL C 149 33.89 -2.73 44.93
C VAL C 149 34.07 -1.25 44.63
N VAL C 150 33.21 -0.41 45.22
CA VAL C 150 33.32 1.03 45.13
C VAL C 150 33.52 1.57 46.55
N GLN C 151 34.64 2.26 46.78
CA GLN C 151 34.93 2.74 48.12
C GLN C 151 35.59 4.11 48.09
N PRO C 152 34.97 5.13 48.68
CA PRO C 152 35.56 6.46 48.67
C PRO C 152 36.67 6.61 49.69
N HIS C 153 37.57 7.55 49.41
CA HIS C 153 38.62 7.93 50.36
C HIS C 153 38.79 9.45 50.30
N ASN C 154 38.01 10.16 51.12
CA ASN C 154 38.11 11.60 51.32
C ASN C 154 38.04 12.39 50.01
N GLY C 155 37.14 11.96 49.13
CA GLY C 155 36.96 12.63 47.86
C GLY C 155 37.56 11.93 46.65
N VAL C 156 38.10 10.73 46.82
CA VAL C 156 38.62 9.93 45.72
C VAL C 156 37.86 8.62 45.67
N LEU C 157 37.24 8.34 44.53
CA LEU C 157 36.38 7.17 44.37
C LEU C 157 37.20 6.00 43.84
N GLU C 158 37.49 5.03 44.71
CA GLU C 158 38.19 3.82 44.31
C GLU C 158 37.18 2.82 43.77
N ILE C 159 37.31 2.48 42.49
CA ILE C 159 36.45 1.49 41.86
C ILE C 159 37.34 0.36 41.38
N THR C 160 37.36 -0.74 42.11
CA THR C 160 38.13 -1.92 41.78
C THR C 160 37.20 -3.11 41.60
N ALA C 161 37.70 -4.14 40.92
CA ALA C 161 36.90 -5.34 40.64
C ALA C 161 37.86 -6.52 40.56
N CYS C 162 38.02 -7.25 41.67
CA CYS C 162 38.88 -8.42 41.69
C CYS C 162 38.21 -9.53 42.48
N GLN C 163 38.90 -10.67 42.59
CA GLN C 163 38.40 -11.83 43.32
C GLN C 163 38.75 -11.64 44.80
N TYR C 164 37.98 -10.77 45.45
CA TYR C 164 38.26 -10.42 46.83
C TYR C 164 37.84 -11.55 47.77
N THR C 165 38.73 -11.90 48.71
CA THR C 165 38.42 -12.88 49.73
C THR C 165 37.67 -12.17 50.85
N MET C 166 36.37 -11.96 50.63
CA MET C 166 35.55 -11.23 51.58
C MET C 166 35.40 -12.01 52.88
N CYS C 167 35.39 -11.27 54.00
CA CYS C 167 35.10 -11.91 55.27
C CYS C 167 33.63 -12.28 55.36
N GLU C 168 33.32 -13.16 56.31
CA GLU C 168 31.92 -13.56 56.53
C GLU C 168 31.09 -12.38 56.98
N TYR C 169 31.63 -11.56 57.87
CA TYR C 169 30.95 -10.36 58.35
C TYR C 169 31.77 -9.14 57.96
N PRO C 170 31.38 -8.42 56.91
CA PRO C 170 32.17 -7.28 56.45
C PRO C 170 32.04 -6.10 57.40
N HIS C 171 32.92 -5.12 57.20
CA HIS C 171 33.03 -3.99 58.09
C HIS C 171 33.67 -2.82 57.36
N THR C 172 33.23 -1.61 57.71
CA THR C 172 33.80 -0.38 57.16
C THR C 172 33.97 0.61 58.30
N ILE C 173 35.03 1.40 58.27
CA ILE C 173 35.33 2.31 59.36
C ILE C 173 35.32 3.76 58.89
N CYS C 174 35.63 4.66 59.80
CA CYS C 174 35.52 6.10 59.60
C CYS C 174 36.91 6.71 59.73
N LYS C 175 37.38 7.36 58.66
CA LYS C 175 38.73 7.88 58.67
C LYS C 175 38.86 9.14 59.50
N SER C 176 37.81 9.96 59.59
CA SER C 176 37.87 11.19 60.35
C SER C 176 37.89 10.92 61.85
N ILE C 177 37.03 10.01 62.31
CA ILE C 177 36.94 9.65 63.72
C ILE C 177 37.17 8.16 63.85
N GLY C 178 38.21 7.78 64.59
CA GLY C 178 38.54 6.38 64.75
C GLY C 178 37.48 5.66 65.57
N SER C 179 36.98 4.55 65.04
CA SER C 179 35.97 3.75 65.71
C SER C 179 36.65 2.71 66.59
N SER C 180 35.86 1.80 67.16
CA SER C 180 36.37 0.80 68.07
C SER C 180 37.05 -0.37 67.37
N ARG C 181 36.89 -0.50 66.05
CA ARG C 181 37.46 -1.61 65.31
C ARG C 181 38.16 -1.09 64.06
N ASN C 182 38.95 -1.97 63.44
CA ASN C 182 39.62 -1.66 62.19
C ASN C 182 38.78 -2.10 61.00
N GLU C 183 39.14 -1.61 59.82
CA GLU C 183 38.44 -1.98 58.60
C GLU C 183 38.77 -3.41 58.22
N SER C 184 37.74 -4.19 57.89
CA SER C 184 37.93 -5.60 57.56
C SER C 184 36.78 -6.02 56.64
N TRP C 185 37.06 -6.08 55.34
CA TRP C 185 36.14 -6.68 54.40
C TRP C 185 36.83 -7.53 53.33
N HIS C 186 38.14 -7.70 53.41
CA HIS C 186 38.86 -8.63 52.53
C HIS C 186 40.14 -9.07 53.22
N PHE C 187 40.60 -10.26 52.87
CA PHE C 187 41.82 -10.81 53.46
C PHE C 187 42.86 -11.05 52.36
N ASP C 188 43.04 -10.08 51.47
CA ASP C 188 44.01 -10.20 50.39
C ASP C 188 45.34 -9.66 50.87
N LYS C 189 46.17 -10.55 51.42
CA LYS C 189 47.52 -10.15 51.82
C LYS C 189 48.38 -9.83 50.61
N SER C 190 48.11 -10.47 49.48
CA SER C 190 48.69 -10.11 48.20
C SER C 190 47.56 -9.70 47.26
N GLU C 191 47.87 -8.78 46.36
CA GLU C 191 46.84 -8.26 45.46
C GLU C 191 46.45 -9.31 44.44
N PRO C 192 45.18 -9.70 44.38
CA PRO C 192 44.77 -10.73 43.41
C PRO C 192 44.81 -10.21 41.98
N LEU C 193 45.09 -11.13 41.06
CA LEU C 193 45.10 -10.78 39.64
C LEU C 193 43.68 -10.48 39.18
N CYS C 194 43.51 -9.36 38.48
CA CYS C 194 42.18 -8.90 38.09
C CYS C 194 42.31 -7.94 36.91
N LEU C 195 41.21 -7.23 36.63
CA LEU C 195 41.06 -6.50 35.38
C LEU C 195 41.02 -4.99 35.58
N PHE C 196 40.13 -4.49 36.41
CA PHE C 196 39.87 -3.06 36.51
C PHE C 196 40.31 -2.52 37.87
N LYS C 197 41.03 -1.41 37.86
CA LYS C 197 41.43 -0.70 39.07
C LYS C 197 41.78 0.72 38.69
N LYS C 198 41.07 1.69 39.26
CA LYS C 198 41.26 3.08 38.87
C LYS C 198 40.79 4.00 39.99
N ASN C 199 41.27 5.24 39.93
CA ASN C 199 40.81 6.32 40.80
C ASN C 199 40.05 7.38 40.03
N PHE C 200 39.04 7.94 40.68
CA PHE C 200 38.27 9.06 40.15
C PHE C 200 38.10 10.09 41.26
N THR C 201 38.22 11.36 40.91
CA THR C 201 38.05 12.45 41.87
C THR C 201 36.81 13.26 41.51
N TYR C 202 36.38 14.10 42.46
CA TYR C 202 35.16 14.86 42.29
C TYR C 202 35.18 16.06 43.24
N ASN C 203 34.18 16.92 43.06
CA ASN C 203 33.96 18.06 43.96
C ASN C 203 33.51 17.52 45.30
N VAL C 204 34.43 17.54 46.28
CA VAL C 204 34.19 16.91 47.56
C VAL C 204 33.13 17.66 48.38
N SER C 205 32.87 18.92 48.06
CA SER C 205 31.87 19.71 48.77
C SER C 205 30.54 19.71 48.02
N THR C 206 29.95 18.53 47.90
CA THR C 206 28.64 18.36 47.28
C THR C 206 27.67 17.75 48.29
N ASP C 207 26.39 17.81 47.95
CA ASP C 207 25.34 17.34 48.85
C ASP C 207 24.81 15.96 48.48
N TRP C 208 24.58 15.70 47.19
CA TRP C 208 24.04 14.41 46.76
C TRP C 208 24.77 13.94 45.51
N LEU C 209 25.06 12.64 45.47
CA LEU C 209 25.67 12.00 44.32
C LEU C 209 24.70 10.99 43.72
N TYR C 210 24.82 10.79 42.40
CA TYR C 210 23.92 9.89 41.68
C TYR C 210 24.73 8.90 40.87
N PHE C 211 24.41 7.63 41.00
CA PHE C 211 25.17 6.55 40.36
C PHE C 211 24.23 5.66 39.57
N HIS C 212 24.60 5.36 38.33
CA HIS C 212 23.90 4.37 37.50
C HIS C 212 24.80 3.15 37.36
N PHE C 213 24.25 1.97 37.67
CA PHE C 213 24.97 0.72 37.51
C PHE C 213 24.04 -0.27 36.82
N TYR C 214 24.46 -0.79 35.67
CA TYR C 214 23.66 -1.79 34.97
C TYR C 214 24.60 -2.67 34.13
N GLN C 215 24.09 -3.83 33.74
CA GLN C 215 24.84 -4.78 32.95
C GLN C 215 24.05 -5.14 31.70
N GLU C 216 24.77 -5.52 30.65
CA GLU C 216 24.16 -5.82 29.36
C GLU C 216 25.11 -6.70 28.56
N ARG C 217 24.68 -7.93 28.28
CA ARG C 217 25.41 -8.88 27.43
C ARG C 217 26.81 -9.17 27.96
N GLY C 218 26.94 -9.28 29.28
CA GLY C 218 28.20 -9.63 29.89
C GLY C 218 29.15 -8.48 30.12
N THR C 219 28.73 -7.25 29.87
CA THR C 219 29.55 -6.06 30.11
C THR C 219 28.90 -5.22 31.19
N PHE C 220 29.69 -4.82 32.18
CA PHE C 220 29.19 -4.02 33.29
C PHE C 220 29.44 -2.54 33.01
N TYR C 221 28.41 -1.73 33.13
CA TYR C 221 28.49 -0.30 32.85
C TYR C 221 28.32 0.49 34.15
N ALA C 222 28.74 1.75 34.11
CA ALA C 222 28.68 2.60 35.28
C ALA C 222 28.67 4.06 34.85
N TYR C 223 27.75 4.84 35.41
CA TYR C 223 27.62 6.26 35.17
C TYR C 223 27.71 6.97 36.52
N TYR C 224 28.17 8.22 36.50
CA TYR C 224 28.39 8.93 37.75
C TYR C 224 27.99 10.39 37.54
N ALA C 225 27.36 10.98 38.55
CA ALA C 225 27.10 12.42 38.56
C ALA C 225 27.31 12.94 39.97
N ASP C 226 27.94 14.12 40.08
CA ASP C 226 28.09 14.79 41.36
C ASP C 226 27.38 16.14 41.40
N SER C 227 27.56 16.97 40.39
CA SER C 227 26.90 18.26 40.28
C SER C 227 25.77 18.14 39.27
N GLY C 228 24.55 18.41 39.70
CA GLY C 228 23.39 18.25 38.84
C GLY C 228 22.87 16.83 38.86
N MET C 229 21.55 16.68 38.77
CA MET C 229 20.89 15.38 38.82
C MET C 229 21.01 14.53 37.55
N PRO C 230 21.07 15.07 36.33
CA PRO C 230 21.44 14.24 35.18
C PRO C 230 22.85 13.69 35.31
N THR C 231 23.06 12.52 34.69
CA THR C 231 24.24 11.69 34.92
C THR C 231 25.06 11.59 33.65
N THR C 232 26.37 11.42 33.80
CA THR C 232 27.28 11.28 32.67
C THR C 232 28.07 9.98 32.78
N PHE C 233 28.65 9.58 31.65
CA PHE C 233 29.33 8.29 31.55
C PHE C 233 30.62 8.27 32.36
N LEU C 234 30.92 7.11 32.94
CA LEU C 234 32.16 6.95 33.71
C LEU C 234 33.10 5.93 33.08
N PHE C 235 32.68 4.68 32.92
CA PHE C 235 33.51 3.63 32.34
C PHE C 235 32.61 2.44 31.99
N SER C 236 33.23 1.38 31.50
CA SER C 236 32.51 0.17 31.10
C SER C 236 33.48 -1.00 31.11
N LEU C 237 33.18 -2.02 31.90
CA LEU C 237 34.06 -3.15 32.12
C LEU C 237 33.39 -4.45 31.66
N TYR C 238 34.15 -5.30 30.99
CA TYR C 238 33.68 -6.60 30.53
C TYR C 238 34.08 -7.67 31.53
N LEU C 239 33.15 -8.54 31.87
CA LEU C 239 33.38 -9.59 32.86
C LEU C 239 33.20 -11.00 32.30
N GLY C 240 32.18 -11.22 31.49
CA GLY C 240 31.90 -12.54 30.95
C GLY C 240 30.82 -13.31 31.68
N THR C 241 30.45 -12.88 32.88
CA THR C 241 29.38 -13.54 33.62
C THR C 241 28.33 -12.53 34.04
N LEU C 242 27.37 -12.96 34.85
CA LEU C 242 26.27 -12.10 35.29
C LEU C 242 26.47 -11.67 36.74
N LEU C 243 25.85 -10.55 37.07
CA LEU C 243 25.82 -10.04 38.44
C LEU C 243 24.48 -10.39 39.08
N SER C 244 24.53 -10.84 40.32
CA SER C 244 23.35 -11.38 40.99
C SER C 244 22.91 -10.55 42.18
N HIS C 245 23.81 -10.25 43.12
CA HIS C 245 23.43 -9.59 44.35
C HIS C 245 24.41 -8.48 44.67
N TYR C 246 23.88 -7.36 45.18
CA TYR C 246 24.66 -6.25 45.68
C TYR C 246 24.27 -5.99 47.13
N TYR C 247 25.19 -5.36 47.86
CA TYR C 247 24.95 -5.11 49.28
C TYR C 247 25.68 -3.85 49.70
N VAL C 248 24.97 -2.96 50.40
CA VAL C 248 25.58 -1.75 50.95
C VAL C 248 26.19 -2.09 52.30
N LEU C 249 27.50 -1.87 52.43
CA LEU C 249 28.19 -2.27 53.64
C LEU C 249 27.84 -1.33 54.79
N PRO C 250 27.73 -1.85 56.02
CA PRO C 250 27.53 -0.97 57.18
C PRO C 250 28.78 -0.14 57.46
N LEU C 251 28.56 1.05 58.00
CA LEU C 251 29.62 1.99 58.32
C LEU C 251 29.66 2.21 59.82
N THR C 252 30.87 2.38 60.37
CA THR C 252 31.07 2.58 61.80
C THR C 252 31.84 3.88 62.01
N CYS C 253 31.16 4.89 62.56
CA CYS C 253 31.78 6.15 62.94
C CYS C 253 31.13 6.62 64.24
N ASN C 254 31.87 7.46 64.98
CA ASN C 254 31.42 7.88 66.30
C ASN C 254 30.88 9.30 66.35
N ALA C 255 31.27 10.17 65.41
CA ALA C 255 30.77 11.53 65.37
C ALA C 255 29.47 11.66 64.59
N ILE C 256 28.96 10.56 64.05
CA ILE C 256 27.74 10.61 63.24
C ILE C 256 26.51 10.31 64.08
N SER C 257 26.54 9.24 64.87
CA SER C 257 25.42 8.86 65.72
C SER C 257 25.62 9.33 67.16
N SER C 258 26.28 10.46 67.36
CA SER C 258 26.54 10.99 68.70
C SER C 258 25.28 11.68 69.20
N ASN C 259 24.47 10.90 69.93
CA ASN C 259 23.19 11.34 70.52
C ASN C 259 22.19 11.82 69.47
N THR C 260 22.34 11.38 68.22
CA THR C 260 21.46 11.65 67.08
C THR C 260 21.30 13.13 66.76
N ASP C 261 22.13 14.01 67.33
CA ASP C 261 22.07 15.43 67.00
C ASP C 261 22.83 15.74 65.73
N ASN C 262 23.81 14.92 65.37
CA ASN C 262 24.62 15.15 64.18
C ASN C 262 23.91 14.54 62.97
N GLU C 263 24.62 14.49 61.84
CA GLU C 263 24.05 14.05 60.59
C GLU C 263 23.91 12.52 60.56
N THR C 264 23.42 12.01 59.43
CA THR C 264 23.17 10.58 59.26
C THR C 264 23.66 10.15 57.88
N LEU C 265 23.32 8.93 57.50
CA LEU C 265 23.69 8.38 56.20
C LEU C 265 22.43 8.05 55.42
N GLN C 266 22.43 8.39 54.12
CA GLN C 266 21.30 8.13 53.24
C GLN C 266 21.81 7.51 51.96
N TYR C 267 21.58 6.21 51.79
CA TYR C 267 21.95 5.47 50.59
C TYR C 267 20.68 4.92 49.97
N TRP C 268 20.16 5.58 48.94
CA TRP C 268 18.87 5.25 48.35
C TRP C 268 19.08 4.54 47.03
N VAL C 269 18.45 3.37 46.88
CA VAL C 269 18.64 2.51 45.72
C VAL C 269 17.28 2.15 45.14
N THR C 270 17.17 2.16 43.81
CA THR C 270 16.00 1.68 43.09
C THR C 270 16.44 0.78 41.93
N PRO C 271 15.64 -0.22 41.57
CA PRO C 271 15.99 -1.06 40.42
C PRO C 271 15.79 -0.33 39.10
N LEU C 272 16.47 -0.84 38.08
CA LEU C 272 16.47 -0.26 36.75
C LEU C 272 15.59 -1.08 35.80
N SER C 273 15.04 -0.41 34.79
CA SER C 273 14.23 -1.07 33.79
C SER C 273 14.45 -0.39 32.45
N LYS C 274 14.13 -1.11 31.37
CA LYS C 274 14.29 -0.59 30.01
C LYS C 274 12.96 -0.02 29.55
N ARG C 275 12.76 1.27 29.78
CA ARG C 275 11.52 1.94 29.43
C ARG C 275 11.83 3.26 28.75
N GLN C 276 10.90 3.70 27.91
CA GLN C 276 11.06 4.92 27.14
C GLN C 276 10.82 6.15 28.01
N TYR C 277 11.72 7.11 27.93
CA TYR C 277 11.48 8.44 28.49
C TYR C 277 11.37 9.51 27.43
N LEU C 278 10.67 10.57 27.81
CA LEU C 278 10.67 11.83 27.09
C LEU C 278 11.60 12.79 27.83
N LEU C 279 12.57 13.36 27.12
CA LEU C 279 13.57 14.22 27.73
C LEU C 279 13.50 15.63 27.15
N LYS C 280 13.80 16.61 28.00
CA LYS C 280 13.80 18.01 27.62
C LYS C 280 15.19 18.59 27.81
N PHE C 281 15.65 19.37 26.83
CA PHE C 281 16.97 19.99 26.86
C PHE C 281 16.81 21.50 26.76
N ASP C 282 17.67 22.22 27.47
CA ASP C 282 17.68 23.67 27.41
C ASP C 282 18.74 24.14 26.40
N ASP C 283 19.01 25.44 26.40
CA ASP C 283 19.95 26.01 25.44
C ASP C 283 21.40 25.63 25.75
N ARG C 284 21.70 25.18 26.96
CA ARG C 284 23.05 24.76 27.32
C ARG C 284 23.27 23.26 27.11
N GLY C 285 22.23 22.50 26.80
CA GLY C 285 22.36 21.07 26.64
C GLY C 285 22.16 20.26 27.90
N VAL C 286 21.55 20.84 28.93
CA VAL C 286 21.36 20.19 30.21
C VAL C 286 19.94 19.64 30.26
N ILE C 287 19.81 18.38 30.72
CA ILE C 287 18.49 17.77 30.84
C ILE C 287 17.74 18.42 31.99
N THR C 288 16.63 19.07 31.68
CA THR C 288 15.85 19.78 32.69
C THR C 288 14.73 18.92 33.27
N ASN C 289 14.02 18.18 32.43
CA ASN C 289 12.86 17.41 32.86
C ASN C 289 12.87 16.04 32.19
N ALA C 290 12.09 15.12 32.76
CA ALA C 290 11.94 13.79 32.19
C ALA C 290 10.55 13.27 32.50
N VAL C 291 10.03 12.42 31.61
CA VAL C 291 8.71 11.82 31.76
C VAL C 291 8.86 10.31 31.65
N ASP C 292 8.11 9.57 32.48
CA ASP C 292 8.23 8.11 32.52
C ASP C 292 7.64 7.44 31.29
N CYS C 293 6.61 8.06 30.68
CA CYS C 293 5.89 7.59 29.49
C CYS C 293 5.06 6.33 29.74
N SER C 294 5.14 5.74 30.93
CA SER C 294 4.36 4.56 31.25
C SER C 294 3.89 4.55 32.70
N SER C 295 4.14 5.61 33.48
CA SER C 295 3.74 5.62 34.87
C SER C 295 2.23 5.72 35.02
N SER C 296 1.61 6.66 34.31
CA SER C 296 0.20 6.95 34.49
C SER C 296 -0.37 7.44 33.17
N PHE C 297 -1.66 7.79 33.20
CA PHE C 297 -2.31 8.33 32.01
C PHE C 297 -1.75 9.70 31.64
N PHE C 298 -1.45 10.52 32.64
CA PHE C 298 -0.94 11.87 32.39
C PHE C 298 0.42 11.82 31.71
N SER C 299 1.28 10.89 32.13
CA SER C 299 2.57 10.72 31.49
C SER C 299 2.41 10.25 30.05
N GLU C 300 1.44 9.37 29.79
CA GLU C 300 1.21 8.90 28.43
C GLU C 300 0.69 10.02 27.54
N ILE C 301 -0.14 10.89 28.09
CA ILE C 301 -0.61 12.07 27.35
C ILE C 301 0.57 12.99 27.04
N GLN C 302 1.46 13.20 28.02
CA GLN C 302 2.63 14.05 27.82
C GLN C 302 3.56 13.47 26.75
N CYS C 303 3.72 12.15 26.74
CA CYS C 303 4.62 11.53 25.78
C CYS C 303 4.02 11.44 24.37
N LYS C 304 2.70 11.27 24.27
CA LYS C 304 2.05 11.36 22.97
C LYS C 304 2.12 12.78 22.42
N THR C 305 1.90 13.77 23.27
CA THR C 305 1.94 15.17 22.86
C THR C 305 3.37 15.66 22.61
N LYS C 306 4.37 14.95 23.16
CA LYS C 306 5.78 15.32 23.13
C LYS C 306 6.04 16.67 23.79
N SER C 307 5.18 17.03 24.75
CA SER C 307 5.31 18.27 25.52
C SER C 307 5.04 17.97 26.98
N LEU C 308 5.28 18.97 27.82
CA LEU C 308 5.03 18.82 29.25
C LEU C 308 3.72 19.47 29.71
N LEU C 309 3.23 20.47 28.98
CA LEU C 309 1.97 21.12 29.30
C LEU C 309 1.10 21.10 28.05
N PRO C 310 0.40 19.99 27.80
CA PRO C 310 -0.45 19.91 26.61
C PRO C 310 -1.65 20.83 26.73
N ASN C 311 -2.21 21.19 25.58
CA ASN C 311 -3.35 22.08 25.54
C ASN C 311 -4.60 21.36 26.06
N THR C 312 -5.60 22.16 26.40
CA THR C 312 -6.85 21.65 26.94
C THR C 312 -7.59 20.87 25.86
N GLY C 313 -7.89 19.60 26.14
CA GLY C 313 -8.58 18.77 25.18
C GLY C 313 -8.84 17.39 25.76
N VAL C 314 -9.51 16.57 24.95
CA VAL C 314 -9.86 15.21 25.33
C VAL C 314 -8.93 14.25 24.62
N TYR C 315 -8.31 13.35 25.36
CA TYR C 315 -7.35 12.40 24.83
C TYR C 315 -7.83 10.97 25.06
N ASP C 316 -7.72 10.14 24.04
CA ASP C 316 -8.07 8.74 24.14
C ASP C 316 -6.79 7.91 24.29
N LEU C 317 -6.76 7.06 25.31
CA LEU C 317 -5.58 6.28 25.65
C LEU C 317 -5.91 4.80 25.48
N SER C 318 -5.15 4.13 24.61
CA SER C 318 -5.39 2.72 24.35
C SER C 318 -4.51 1.88 25.28
N GLY C 319 -4.43 0.58 25.01
CA GLY C 319 -3.69 -0.32 25.87
C GLY C 319 -4.42 -0.57 27.18
N PHE C 320 -5.66 -1.03 27.08
CA PHE C 320 -6.54 -1.21 28.23
C PHE C 320 -7.22 -2.58 28.16
N THR C 321 -6.43 -3.62 27.93
CA THR C 321 -6.92 -4.98 28.01
C THR C 321 -6.79 -5.47 29.45
N VAL C 322 -7.86 -6.09 29.97
CA VAL C 322 -7.87 -6.50 31.37
C VAL C 322 -6.91 -7.67 31.56
N LYS C 323 -6.11 -7.61 32.61
CA LYS C 323 -5.15 -8.66 32.88
C LYS C 323 -5.87 -9.90 33.41
N PRO C 324 -5.44 -11.10 33.01
CA PRO C 324 -6.05 -12.31 33.55
C PRO C 324 -5.71 -12.51 35.02
N VAL C 325 -6.62 -13.17 35.73
CA VAL C 325 -6.45 -13.39 37.16
C VAL C 325 -6.04 -14.81 37.50
N ALA C 326 -6.22 -15.77 36.58
CA ALA C 326 -5.85 -17.16 36.83
C ALA C 326 -5.58 -17.83 35.50
N THR C 327 -5.21 -19.11 35.57
CA THR C 327 -4.90 -19.90 34.38
C THR C 327 -5.57 -21.26 34.50
N VAL C 328 -6.16 -21.72 33.40
CA VAL C 328 -6.78 -23.04 33.33
C VAL C 328 -6.04 -23.87 32.29
N HIS C 329 -5.65 -25.07 32.70
CA HIS C 329 -4.84 -25.97 31.87
C HIS C 329 -5.48 -27.35 31.89
N ARG C 330 -6.02 -27.77 30.76
CA ARG C 330 -6.75 -29.02 30.65
C ARG C 330 -5.97 -30.01 29.80
N ARG C 331 -5.76 -31.20 30.33
CA ARG C 331 -5.12 -32.30 29.62
C ARG C 331 -5.96 -33.56 29.78
N ILE C 332 -5.92 -34.40 28.76
CA ILE C 332 -6.49 -35.74 28.87
C ILE C 332 -5.69 -36.53 29.90
N PRO C 333 -6.33 -37.33 30.77
CA PRO C 333 -5.56 -38.07 31.80
C PRO C 333 -4.66 -39.15 31.23
N ASP C 334 -4.03 -39.93 32.12
CA ASP C 334 -2.86 -40.74 31.86
C ASP C 334 -2.98 -41.66 30.64
N LEU C 335 -2.19 -41.36 29.62
CA LEU C 335 -2.04 -42.06 28.36
C LEU C 335 -0.70 -42.80 28.37
N PRO C 336 -0.59 -43.93 27.65
CA PRO C 336 0.66 -44.67 27.66
C PRO C 336 1.78 -43.93 26.96
N ASP C 337 3.01 -44.38 27.21
CA ASP C 337 4.18 -43.76 26.60
C ASP C 337 4.25 -44.11 25.11
N CYS C 338 4.74 -43.16 24.32
CA CYS C 338 4.83 -43.38 22.88
C CYS C 338 5.96 -44.33 22.52
N ASP C 339 7.05 -44.31 23.28
CA ASP C 339 8.29 -45.04 22.99
C ASP C 339 8.80 -44.72 21.58
N ILE C 340 8.95 -43.41 21.30
CA ILE C 340 9.54 -42.99 20.05
C ILE C 340 11.01 -43.41 19.98
N ASP C 341 11.70 -43.40 21.12
CA ASP C 341 13.09 -43.84 21.15
C ASP C 341 13.23 -45.33 20.86
N LYS C 342 12.25 -46.13 21.28
CA LYS C 342 12.33 -47.57 21.05
C LYS C 342 12.12 -47.93 19.59
N TRP C 343 11.31 -47.14 18.88
CA TRP C 343 11.12 -47.38 17.45
C TRP C 343 12.23 -46.78 16.62
N LEU C 344 12.73 -45.60 17.03
CA LEU C 344 13.80 -44.94 16.29
C LEU C 344 15.11 -45.72 16.42
N ASN C 345 15.37 -46.29 17.59
CA ASN C 345 16.58 -47.07 17.81
C ASN C 345 16.39 -48.55 17.53
N ASN C 346 15.47 -48.90 16.63
CA ASN C 346 15.35 -50.28 16.20
C ASN C 346 16.56 -50.68 15.37
N PHE C 347 16.84 -51.97 15.34
CA PHE C 347 18.04 -52.49 14.71
C PHE C 347 17.82 -52.95 13.27
N ASN C 348 16.64 -52.67 12.71
CA ASN C 348 16.33 -52.99 11.32
C ASN C 348 15.98 -51.68 10.61
N VAL C 349 17.01 -50.97 10.15
CA VAL C 349 16.79 -49.69 9.48
C VAL C 349 16.62 -49.94 7.98
N PRO C 350 15.57 -49.38 7.37
CA PRO C 350 15.29 -49.67 5.96
C PRO C 350 15.93 -48.67 5.01
N SER C 351 15.77 -48.92 3.71
CA SER C 351 16.30 -48.06 2.67
C SER C 351 15.35 -46.91 2.35
N PRO C 352 15.85 -45.84 1.71
CA PRO C 352 14.92 -44.82 1.21
C PRO C 352 13.98 -45.30 0.13
N LEU C 353 14.30 -46.43 -0.53
CA LEU C 353 13.35 -47.01 -1.47
C LEU C 353 12.09 -47.48 -0.77
N ASN C 354 12.24 -48.12 0.38
CA ASN C 354 11.10 -48.56 1.20
C ASN C 354 11.25 -47.97 2.60
N TRP C 355 10.81 -46.73 2.77
CA TRP C 355 10.89 -46.09 4.06
C TRP C 355 9.69 -46.50 4.92
N GLU C 356 9.95 -46.75 6.19
CA GLU C 356 8.88 -47.13 7.11
C GLU C 356 8.18 -45.89 7.65
N ARG C 357 7.03 -46.13 8.28
CA ARG C 357 6.25 -45.05 8.86
C ARG C 357 5.44 -45.61 10.02
N LYS C 358 5.46 -44.90 11.15
CA LYS C 358 4.66 -45.27 12.31
C LYS C 358 3.92 -44.02 12.78
N ILE C 359 2.61 -44.16 12.97
CA ILE C 359 1.75 -43.05 13.37
C ILE C 359 1.56 -43.13 14.89
N PHE C 360 1.74 -42.00 15.56
CA PHE C 360 1.63 -41.93 17.01
C PHE C 360 0.40 -41.09 17.37
N SER C 361 -0.45 -41.63 18.24
CA SER C 361 -1.62 -40.91 18.71
C SER C 361 -1.99 -41.42 20.09
N ASN C 362 -2.70 -40.57 20.84
CA ASN C 362 -3.19 -40.86 22.19
C ASN C 362 -2.06 -41.27 23.13
N CYS C 363 -0.93 -40.58 23.03
CA CYS C 363 0.21 -40.89 23.87
C CYS C 363 0.95 -39.60 24.21
N ASN C 364 1.64 -39.61 25.36
CA ASN C 364 2.42 -38.48 25.81
C ASN C 364 3.90 -38.74 25.58
N PHE C 365 4.63 -37.70 25.19
CA PHE C 365 6.04 -37.83 24.86
C PHE C 365 6.82 -36.67 25.45
N ASN C 366 8.06 -36.95 25.83
CA ASN C 366 9.01 -35.92 26.24
C ASN C 366 9.98 -35.68 25.09
N LEU C 367 10.07 -34.44 24.62
CA LEU C 367 10.94 -34.14 23.50
C LEU C 367 12.41 -34.14 23.91
N SER C 368 12.70 -33.62 25.11
CA SER C 368 14.10 -33.54 25.56
C SER C 368 14.68 -34.93 25.80
N THR C 369 13.92 -35.82 26.44
CA THR C 369 14.40 -37.18 26.67
C THR C 369 14.58 -37.94 25.36
N LEU C 370 13.65 -37.75 24.42
CA LEU C 370 13.75 -38.37 23.10
C LEU C 370 14.99 -37.89 22.35
N LEU C 371 15.25 -36.58 22.40
CA LEU C 371 16.45 -36.04 21.77
C LEU C 371 17.72 -36.51 22.46
N ARG C 372 17.69 -36.67 23.78
CA ARG C 372 18.89 -37.00 24.53
C ARG C 372 19.26 -38.47 24.38
N LEU C 373 18.28 -39.37 24.42
CA LEU C 373 18.60 -40.79 24.46
C LEU C 373 19.13 -41.29 23.13
N VAL C 374 18.59 -40.78 22.03
CA VAL C 374 19.15 -41.10 20.72
C VAL C 374 20.37 -40.21 20.48
N HIS C 375 21.36 -40.75 19.77
CA HIS C 375 22.60 -40.02 19.53
C HIS C 375 22.38 -39.08 18.34
N THR C 376 21.67 -37.99 18.61
CA THR C 376 21.33 -37.04 17.57
C THR C 376 22.54 -36.18 17.20
N ASP C 377 22.51 -35.67 15.97
CA ASP C 377 23.51 -34.74 15.47
C ASP C 377 22.91 -33.40 15.05
N SER C 378 21.72 -33.41 14.46
CA SER C 378 21.07 -32.19 14.02
C SER C 378 19.57 -32.34 14.22
N PHE C 379 18.90 -31.21 14.42
CA PHE C 379 17.44 -31.20 14.54
C PHE C 379 16.96 -29.81 14.12
N SER C 380 16.48 -29.70 12.89
CA SER C 380 15.99 -28.44 12.34
C SER C 380 14.61 -28.68 11.74
N CYS C 381 13.80 -27.63 11.72
CA CYS C 381 12.43 -27.71 11.22
C CYS C 381 12.14 -26.56 10.28
N ASN C 382 11.19 -26.78 9.37
CA ASN C 382 10.69 -25.76 8.47
C ASN C 382 9.22 -25.51 8.76
N ASN C 383 8.82 -24.23 8.71
CA ASN C 383 7.50 -23.72 9.05
C ASN C 383 7.12 -23.98 10.52
N PHE C 384 8.09 -24.34 11.35
CA PHE C 384 7.86 -24.61 12.76
C PHE C 384 9.22 -24.56 13.45
N ASP C 385 9.21 -24.38 14.77
CA ASP C 385 10.46 -24.20 15.49
C ASP C 385 10.53 -25.12 16.70
N GLU C 386 11.73 -25.21 17.25
CA GLU C 386 12.00 -26.11 18.37
C GLU C 386 11.32 -25.65 19.65
N SER C 387 11.28 -24.33 19.88
CA SER C 387 10.84 -23.81 21.16
C SER C 387 9.33 -23.94 21.36
N LYS C 388 8.56 -24.20 20.30
CA LYS C 388 7.12 -24.32 20.41
C LYS C 388 6.64 -25.76 20.49
N ILE C 389 7.54 -26.73 20.51
CA ILE C 389 7.11 -28.12 20.62
C ILE C 389 6.86 -28.50 22.08
N TYR C 390 7.61 -27.92 23.01
CA TYR C 390 7.40 -28.22 24.42
C TYR C 390 6.07 -27.68 24.89
N GLY C 391 5.29 -28.52 25.57
CA GLY C 391 3.98 -28.12 26.06
C GLY C 391 2.97 -27.80 24.98
N SER C 392 2.92 -28.60 23.91
CA SER C 392 2.00 -28.38 22.81
C SER C 392 1.35 -29.68 22.42
N CYS C 393 0.16 -29.59 21.83
CA CYS C 393 -0.64 -30.74 21.47
C CYS C 393 -0.71 -30.88 19.95
N PHE C 394 -0.74 -32.13 19.49
CA PHE C 394 -0.85 -32.42 18.07
C PHE C 394 -1.87 -33.54 17.86
N LYS C 395 -2.54 -33.49 16.71
CA LYS C 395 -3.50 -34.55 16.38
C LYS C 395 -2.81 -35.88 16.18
N SER C 396 -1.68 -35.88 15.47
CA SER C 396 -0.88 -37.07 15.28
C SER C 396 0.53 -36.64 14.91
N ILE C 397 1.49 -37.51 15.19
CA ILE C 397 2.87 -37.29 14.81
C ILE C 397 3.26 -38.41 13.85
N VAL C 398 3.51 -38.05 12.61
CA VAL C 398 3.88 -39.01 11.57
C VAL C 398 5.39 -38.94 11.40
N LEU C 399 6.03 -40.10 11.52
CA LEU C 399 7.48 -40.19 11.50
C LEU C 399 7.91 -41.18 10.43
N ASP C 400 8.86 -40.79 9.59
CA ASP C 400 9.44 -41.64 8.57
C ASP C 400 10.92 -41.82 8.83
N LYS C 401 11.45 -42.99 8.48
CA LYS C 401 12.83 -43.34 8.83
C LYS C 401 13.46 -44.15 7.70
N PHE C 402 14.67 -43.74 7.29
CA PHE C 402 15.48 -44.53 6.39
C PHE C 402 16.95 -44.15 6.60
N ALA C 403 17.83 -45.04 6.15
CA ALA C 403 19.26 -44.81 6.24
C ALA C 403 19.75 -43.97 5.06
N ILE C 404 20.78 -43.18 5.30
CA ILE C 404 21.31 -42.23 4.32
C ILE C 404 22.56 -42.85 3.69
N PRO C 405 22.60 -43.07 2.38
CA PRO C 405 23.86 -43.36 1.72
C PRO C 405 24.78 -42.15 1.76
N ASN C 406 26.08 -42.41 1.84
CA ASN C 406 27.04 -41.31 2.00
C ASN C 406 27.20 -40.50 0.72
N SER C 407 26.97 -41.12 -0.44
CA SER C 407 27.09 -40.39 -1.70
C SER C 407 25.99 -39.34 -1.84
N ARG C 408 24.75 -39.68 -1.45
CA ARG C 408 23.62 -38.79 -1.59
C ARG C 408 23.24 -38.11 -0.28
N ARG C 409 24.24 -37.81 0.56
CA ARG C 409 23.97 -37.10 1.82
C ARG C 409 23.46 -35.69 1.56
N SER C 410 24.02 -35.01 0.56
CA SER C 410 23.61 -33.65 0.22
C SER C 410 22.26 -33.60 -0.50
N ASP C 411 21.72 -34.76 -0.91
CA ASP C 411 20.45 -34.78 -1.61
C ASP C 411 19.27 -34.42 -0.70
N LEU C 412 19.42 -34.59 0.61
CA LEU C 412 18.32 -34.43 1.54
C LEU C 412 18.08 -32.98 1.94
N GLN C 413 18.84 -32.04 1.41
CA GLN C 413 18.57 -30.63 1.66
C GLN C 413 17.24 -30.25 1.03
N LEU C 414 16.53 -29.34 1.70
CA LEU C 414 15.20 -28.95 1.27
C LEU C 414 15.26 -28.19 -0.05
N GLY C 415 14.34 -28.52 -0.96
CA GLY C 415 14.30 -27.90 -2.26
C GLY C 415 15.26 -28.46 -3.29
N SER C 416 16.08 -29.43 -2.91
CA SER C 416 17.04 -30.03 -3.82
C SER C 416 16.39 -31.19 -4.56
N SER C 417 16.54 -31.20 -5.89
CA SER C 417 15.96 -32.25 -6.72
C SER C 417 17.05 -33.28 -7.05
N GLY C 418 17.38 -34.10 -6.06
CA GLY C 418 18.35 -35.15 -6.22
C GLY C 418 17.69 -36.50 -6.49
N PHE C 419 18.53 -37.54 -6.50
CA PHE C 419 18.03 -38.89 -6.77
C PHE C 419 17.23 -39.44 -5.61
N LEU C 420 17.54 -39.00 -4.37
CA LEU C 420 16.73 -39.41 -3.23
C LEU C 420 15.39 -38.69 -3.22
N GLN C 421 15.39 -37.39 -3.51
CA GLN C 421 14.17 -36.60 -3.41
C GLN C 421 13.21 -36.86 -4.55
N SER C 422 13.73 -37.18 -5.75
CA SER C 422 12.89 -37.31 -6.93
C SER C 422 12.48 -38.74 -7.23
N SER C 423 13.02 -39.72 -6.51
CA SER C 423 12.67 -41.12 -6.78
C SER C 423 12.40 -41.96 -5.54
N ASN C 424 12.78 -41.52 -4.35
CA ASN C 424 12.65 -42.37 -3.17
C ASN C 424 11.85 -41.74 -2.05
N TYR C 425 12.03 -40.45 -1.77
CA TYR C 425 11.33 -39.81 -0.66
C TYR C 425 11.26 -38.31 -0.92
N LYS C 426 10.05 -37.80 -1.11
CA LYS C 426 9.83 -36.37 -1.33
C LYS C 426 9.47 -35.71 -0.01
N ILE C 427 10.15 -34.61 0.30
CA ILE C 427 9.93 -33.87 1.54
C ILE C 427 8.99 -32.71 1.23
N ASP C 428 7.84 -32.69 1.90
CA ASP C 428 6.90 -31.60 1.71
C ASP C 428 7.45 -30.31 2.31
N THR C 429 7.25 -29.20 1.61
CA THR C 429 7.72 -27.91 2.06
C THR C 429 6.61 -26.96 2.48
N THR C 430 5.35 -27.33 2.29
CA THR C 430 4.23 -26.51 2.69
C THR C 430 3.57 -26.98 3.98
N SER C 431 4.19 -27.93 4.67
CA SER C 431 3.68 -28.46 5.92
C SER C 431 4.70 -28.27 7.03
N SER C 432 4.21 -28.04 8.24
CA SER C 432 5.06 -27.86 9.41
C SER C 432 5.72 -29.19 9.75
N SER C 433 6.99 -29.34 9.39
CA SER C 433 7.70 -30.60 9.53
C SER C 433 9.07 -30.37 10.17
N CYS C 434 9.60 -31.42 10.77
CA CYS C 434 10.89 -31.37 11.45
C CYS C 434 11.77 -32.48 10.91
N GLN C 435 13.03 -32.14 10.60
CA GLN C 435 14.00 -33.09 10.12
C GLN C 435 14.99 -33.42 11.22
N LEU C 436 15.24 -34.71 11.43
CA LEU C 436 16.12 -35.17 12.49
C LEU C 436 17.19 -36.08 11.89
N TYR C 437 18.45 -35.78 12.21
CA TYR C 437 19.58 -36.61 11.81
C TYR C 437 20.20 -37.22 13.06
N TYR C 438 20.50 -38.51 12.99
CA TYR C 438 21.16 -39.18 14.10
C TYR C 438 21.95 -40.37 13.56
N SER C 439 22.52 -41.15 14.47
CA SER C 439 23.32 -42.30 14.10
C SER C 439 23.27 -43.33 15.22
N LEU C 440 23.22 -44.55 14.85
CA LEU C 440 23.29 -45.79 15.61
C LEU C 440 24.65 -46.43 15.42
N PRO C 441 25.17 -47.18 16.39
CA PRO C 441 26.46 -47.85 16.20
C PRO C 441 26.43 -48.83 15.04
N ALA C 442 27.61 -49.03 14.43
CA ALA C 442 27.70 -49.78 13.18
C ALA C 442 27.28 -51.23 13.35
N ILE C 443 27.69 -51.86 14.47
CA ILE C 443 27.23 -53.20 14.79
C ILE C 443 25.79 -53.12 15.28
N ASN C 444 25.12 -54.28 15.37
CA ASN C 444 23.71 -54.38 15.73
C ASN C 444 22.83 -53.61 14.74
N VAL C 445 23.21 -53.61 13.47
CA VAL C 445 22.45 -52.93 12.42
C VAL C 445 22.29 -53.89 11.24
N THR C 446 21.05 -54.11 10.83
CA THR C 446 20.72 -54.84 9.61
C THR C 446 19.92 -53.93 8.69
N ILE C 447 20.12 -54.11 7.38
CA ILE C 447 19.50 -53.28 6.37
C ILE C 447 18.45 -54.10 5.63
N ASN C 448 17.24 -53.59 5.58
CA ASN C 448 16.12 -54.25 4.90
C ASN C 448 15.99 -53.70 3.50
N ASN C 449 16.15 -54.56 2.50
CA ASN C 449 16.05 -54.18 1.10
C ASN C 449 14.89 -54.94 0.47
N TYR C 450 13.83 -54.21 0.10
CA TYR C 450 12.60 -54.83 -0.39
C TYR C 450 11.83 -53.76 -1.15
N ASN C 451 11.76 -53.90 -2.47
CA ASN C 451 11.08 -52.87 -3.25
C ASN C 451 9.56 -53.05 -3.16
N PRO C 452 8.81 -51.99 -2.91
CA PRO C 452 7.34 -52.10 -2.79
C PRO C 452 6.62 -51.90 -4.12
N SER C 453 6.97 -52.73 -5.10
CA SER C 453 6.41 -52.61 -6.44
C SER C 453 5.70 -53.92 -6.79
N SER C 454 4.37 -53.88 -6.81
CA SER C 454 3.58 -55.05 -7.20
C SER C 454 3.81 -55.40 -8.66
N TRP C 455 4.01 -54.38 -9.52
CA TRP C 455 4.33 -54.62 -10.92
C TRP C 455 5.65 -55.35 -11.10
N ASN C 456 6.67 -54.99 -10.31
CA ASN C 456 7.93 -55.72 -10.40
C ASN C 456 7.82 -57.13 -9.84
N ARG C 457 7.00 -57.32 -8.79
CA ARG C 457 6.84 -58.64 -8.21
C ARG C 457 6.03 -59.57 -9.11
N ARG C 458 5.13 -59.02 -9.93
CA ARG C 458 4.27 -59.85 -10.76
C ARG C 458 5.07 -60.57 -11.84
N TYR C 459 6.15 -59.97 -12.34
CA TYR C 459 6.92 -60.52 -13.45
C TYR C 459 8.30 -60.98 -13.00
N GLY C 460 8.37 -61.60 -11.83
CA GLY C 460 9.57 -62.30 -11.41
C GLY C 460 10.72 -61.45 -10.90
N PHE C 461 10.52 -60.77 -9.79
CA PHE C 461 11.60 -60.06 -9.10
C PHE C 461 11.69 -60.62 -7.68
N ASN C 462 12.80 -61.29 -7.39
CA ASN C 462 13.03 -61.86 -6.08
C ASN C 462 13.74 -60.85 -5.18
N ASN C 463 14.27 -61.32 -4.05
CA ASN C 463 14.98 -60.46 -3.12
C ASN C 463 16.34 -60.08 -3.68
N PHE C 464 17.00 -59.16 -2.96
CA PHE C 464 18.29 -58.64 -3.39
C PHE C 464 19.41 -59.59 -2.98
N ASN C 465 20.60 -59.35 -3.56
CA ASN C 465 21.83 -60.04 -3.18
C ASN C 465 22.87 -58.95 -2.94
N LEU C 466 22.86 -58.39 -1.72
CA LEU C 466 23.75 -57.30 -1.36
C LEU C 466 24.31 -57.57 0.02
N SER C 467 25.48 -56.99 0.29
CA SER C 467 26.16 -57.21 1.56
C SER C 467 25.47 -56.42 2.68
N SER C 468 25.97 -56.61 3.89
CA SER C 468 25.44 -55.87 5.03
C SER C 468 25.84 -54.40 4.95
N HIS C 469 24.97 -53.55 5.51
CA HIS C 469 25.13 -52.09 5.50
C HIS C 469 25.27 -51.55 4.08
N SER C 470 24.50 -52.12 3.16
CA SER C 470 24.45 -51.68 1.77
C SER C 470 23.07 -51.10 1.51
N VAL C 471 22.99 -49.77 1.41
CA VAL C 471 21.72 -49.07 1.29
C VAL C 471 21.43 -48.84 -0.19
N VAL C 472 20.28 -49.34 -0.66
CA VAL C 472 19.92 -49.29 -2.07
C VAL C 472 18.89 -48.17 -2.29
N TYR C 473 19.10 -47.38 -3.34
CA TYR C 473 18.19 -46.32 -3.71
C TYR C 473 17.91 -46.39 -5.20
N SER C 474 16.71 -45.97 -5.59
CA SER C 474 16.29 -46.01 -6.99
C SER C 474 16.61 -44.69 -7.67
N ARG C 475 16.99 -44.77 -8.94
CA ARG C 475 17.32 -43.59 -9.72
C ARG C 475 16.21 -43.15 -10.67
N TYR C 476 15.39 -44.09 -11.14
CA TYR C 476 14.25 -43.76 -11.99
C TYR C 476 13.09 -44.68 -11.64
N CYS C 477 11.91 -44.09 -11.53
CA CYS C 477 10.68 -44.83 -11.23
C CYS C 477 9.74 -44.78 -12.42
N PHE C 478 9.17 -45.94 -12.76
CA PHE C 478 8.32 -46.08 -13.93
C PHE C 478 6.96 -46.61 -13.52
N SER C 479 5.90 -46.05 -14.10
CA SER C 479 4.53 -46.46 -13.83
C SER C 479 3.89 -46.96 -15.13
N VAL C 480 3.22 -48.11 -15.06
CA VAL C 480 2.56 -48.71 -16.20
C VAL C 480 1.08 -48.87 -15.87
N ASN C 481 0.31 -49.21 -16.90
CA ASN C 481 -1.11 -49.48 -16.70
C ASN C 481 -1.30 -50.89 -16.15
N ASN C 482 -2.56 -51.21 -15.84
CA ASN C 482 -2.89 -52.51 -15.28
C ASN C 482 -2.71 -53.64 -16.29
N THR C 483 -2.92 -53.35 -17.57
CA THR C 483 -2.95 -54.35 -18.62
C THR C 483 -1.58 -54.61 -19.24
N PHE C 484 -0.49 -54.29 -18.54
CA PHE C 484 0.84 -54.47 -19.10
C PHE C 484 1.22 -55.94 -19.16
N CYS C 485 2.03 -56.27 -20.17
CA CYS C 485 2.50 -57.64 -20.39
C CYS C 485 3.84 -57.56 -21.12
N PRO C 486 4.95 -57.77 -20.41
CA PRO C 486 6.29 -57.60 -21.00
C PRO C 486 6.79 -58.82 -21.78
N CYS C 487 5.92 -59.36 -22.65
CA CYS C 487 6.27 -60.49 -23.49
C CYS C 487 5.65 -60.28 -24.87
N ALA C 488 6.18 -61.02 -25.84
CA ALA C 488 5.70 -60.95 -27.22
C ALA C 488 4.74 -62.09 -27.50
N LYS C 489 3.91 -61.90 -28.52
CA LYS C 489 2.94 -62.92 -28.92
C LYS C 489 3.66 -64.12 -29.51
N PRO C 490 3.39 -65.34 -29.04
CA PRO C 490 4.05 -66.53 -29.60
C PRO C 490 3.72 -66.77 -31.07
N SER C 491 2.50 -66.43 -31.49
CA SER C 491 2.13 -66.55 -32.91
C SER C 491 2.95 -65.60 -33.77
N PHE C 492 3.17 -64.38 -33.29
CA PHE C 492 4.05 -63.45 -34.00
C PHE C 492 5.51 -63.83 -33.82
N ALA C 493 5.86 -64.45 -32.69
CA ALA C 493 7.24 -64.89 -32.48
C ALA C 493 7.62 -66.03 -33.41
N SER C 494 6.66 -66.86 -33.80
CA SER C 494 6.94 -67.96 -34.72
C SER C 494 7.32 -67.45 -36.10
N SER C 495 6.65 -66.38 -36.56
CA SER C 495 6.95 -65.84 -37.89
C SER C 495 8.25 -65.06 -37.92
N CYS C 496 8.65 -64.47 -36.79
CA CYS C 496 9.87 -63.67 -36.76
C CYS C 496 11.09 -64.58 -36.84
N LYS C 497 11.91 -64.38 -37.88
CA LYS C 497 13.12 -65.16 -38.06
C LYS C 497 14.40 -64.37 -37.87
N SER C 498 14.37 -63.05 -38.01
CA SER C 498 15.51 -62.19 -37.78
C SER C 498 15.21 -61.30 -36.59
N HIS C 499 16.11 -61.33 -35.58
CA HIS C 499 15.96 -60.61 -34.32
C HIS C 499 14.63 -60.97 -33.64
N LYS C 500 14.36 -62.26 -33.55
CA LYS C 500 13.12 -62.74 -32.95
C LYS C 500 13.15 -62.53 -31.44
N PRO C 501 12.19 -61.82 -30.88
CA PRO C 501 12.18 -61.57 -29.43
C PRO C 501 11.75 -62.82 -28.67
N PRO C 502 12.16 -62.95 -27.41
CA PRO C 502 11.66 -64.06 -26.59
C PRO C 502 10.18 -63.92 -26.31
N SER C 503 9.51 -65.07 -26.18
CA SER C 503 8.07 -65.11 -26.06
C SER C 503 7.66 -65.91 -24.83
N ALA C 504 6.52 -65.52 -24.24
CA ALA C 504 5.93 -66.23 -23.11
C ALA C 504 4.43 -65.95 -23.11
N SER C 505 3.75 -66.34 -22.05
CA SER C 505 2.29 -66.25 -21.96
C SER C 505 1.90 -65.62 -20.63
N CYS C 506 1.71 -64.30 -20.63
CA CYS C 506 1.20 -63.61 -19.47
C CYS C 506 -0.29 -63.93 -19.27
N PRO C 507 -0.79 -63.79 -18.04
CA PRO C 507 -2.20 -64.08 -17.78
C PRO C 507 -3.14 -63.14 -18.52
N ILE C 508 -4.42 -63.52 -18.52
CA ILE C 508 -5.43 -62.86 -19.35
C ILE C 508 -5.70 -61.45 -18.85
N GLY C 509 -6.31 -60.65 -19.72
CA GLY C 509 -6.57 -59.25 -19.44
C GLY C 509 -5.39 -58.34 -19.69
N THR C 510 -4.26 -58.86 -20.16
CA THR C 510 -3.05 -58.08 -20.38
C THR C 510 -2.75 -58.02 -21.87
N ASN C 511 -2.57 -56.82 -22.40
CA ASN C 511 -2.19 -56.63 -23.79
C ASN C 511 -0.69 -56.83 -23.93
N TYR C 512 -0.28 -57.55 -24.98
CA TYR C 512 1.11 -57.94 -25.17
C TYR C 512 1.94 -56.75 -25.66
N ARG C 513 3.17 -57.03 -26.06
CA ARG C 513 4.04 -56.01 -26.62
C ARG C 513 3.51 -55.55 -27.98
N SER C 514 3.99 -54.38 -28.41
CA SER C 514 3.61 -53.79 -29.70
C SER C 514 4.62 -54.13 -30.79
N CYS C 515 5.22 -55.32 -30.74
CA CYS C 515 6.17 -55.74 -31.75
C CYS C 515 5.47 -55.93 -33.09
N GLU C 516 6.04 -55.34 -34.14
CA GLU C 516 5.47 -55.42 -35.47
C GLU C 516 6.58 -55.71 -36.48
N SER C 517 6.20 -56.33 -37.59
CA SER C 517 7.13 -56.74 -38.61
C SER C 517 7.08 -55.81 -39.81
N THR C 518 8.21 -55.67 -40.49
CA THR C 518 8.33 -54.81 -41.66
C THR C 518 9.46 -55.33 -42.54
N THR C 519 9.81 -54.54 -43.56
CA THR C 519 10.91 -54.86 -44.46
C THR C 519 11.90 -53.71 -44.45
N VAL C 520 13.16 -54.02 -44.23
CA VAL C 520 14.21 -53.02 -44.09
C VAL C 520 15.08 -52.99 -45.35
N LEU C 521 14.45 -53.32 -46.48
CA LEU C 521 14.94 -53.22 -47.87
C LEU C 521 16.18 -54.08 -48.14
N ASP C 522 16.65 -54.87 -47.18
CA ASP C 522 17.65 -55.88 -47.44
C ASP C 522 17.35 -57.20 -46.73
N HIS C 523 16.26 -57.27 -45.97
CA HIS C 523 15.82 -58.49 -45.29
C HIS C 523 14.37 -58.74 -45.66
N THR C 524 14.01 -60.01 -45.82
CA THR C 524 12.65 -60.35 -46.20
C THR C 524 11.66 -60.07 -45.07
N ASP C 525 12.07 -60.25 -43.82
CA ASP C 525 11.18 -60.00 -42.68
C ASP C 525 12.04 -59.58 -41.49
N TRP C 526 12.01 -58.29 -41.18
CA TRP C 526 12.63 -57.74 -39.98
C TRP C 526 11.52 -57.20 -39.09
N CYS C 527 11.46 -57.68 -37.85
CA CYS C 527 10.44 -57.26 -36.91
C CYS C 527 11.09 -56.56 -35.72
N ARG C 528 10.60 -55.37 -35.41
CA ARG C 528 11.09 -54.55 -34.32
C ARG C 528 10.03 -54.46 -33.21
N CYS C 529 10.48 -54.07 -32.02
CA CYS C 529 9.61 -53.97 -30.87
C CYS C 529 9.68 -52.56 -30.30
N SER C 530 8.86 -52.32 -29.28
CA SER C 530 8.81 -51.02 -28.62
C SER C 530 9.87 -50.93 -27.53
N CYS C 531 10.16 -49.68 -27.14
CA CYS C 531 11.11 -49.35 -26.07
C CYS C 531 12.50 -49.93 -26.34
N LEU C 532 12.95 -49.81 -27.59
CA LEU C 532 14.28 -50.28 -27.96
C LEU C 532 15.34 -49.29 -27.49
N PRO C 533 16.39 -49.75 -26.80
CA PRO C 533 16.55 -51.13 -26.30
C PRO C 533 16.05 -51.30 -24.88
N ASP C 534 15.90 -50.20 -24.17
CA ASP C 534 15.44 -50.16 -22.79
C ASP C 534 14.53 -48.95 -22.62
N PRO C 535 13.61 -48.99 -21.64
CA PRO C 535 12.74 -47.82 -21.42
C PRO C 535 13.49 -46.57 -21.00
N ILE C 536 14.67 -46.70 -20.40
CA ILE C 536 15.44 -45.52 -19.99
C ILE C 536 16.00 -44.80 -21.22
N THR C 537 16.54 -45.55 -22.18
CA THR C 537 17.22 -44.94 -23.31
C THR C 537 16.44 -45.37 -24.56
N ALA C 538 15.12 -45.21 -24.50
CA ALA C 538 14.27 -45.52 -25.64
C ALA C 538 14.30 -44.37 -26.63
N TYR C 539 14.56 -44.68 -27.90
CA TYR C 539 14.57 -43.65 -28.93
C TYR C 539 13.18 -43.11 -29.22
N ASP C 540 12.13 -43.88 -28.93
CA ASP C 540 10.75 -43.44 -29.11
C ASP C 540 10.00 -43.68 -27.81
N PRO C 541 10.16 -42.78 -26.83
CA PRO C 541 9.44 -42.95 -25.56
C PRO C 541 7.94 -42.74 -25.66
N ARG C 542 7.45 -42.11 -26.73
CA ARG C 542 6.02 -41.86 -26.85
C ARG C 542 5.24 -43.16 -27.07
N SER C 543 5.78 -44.07 -27.89
CA SER C 543 5.12 -45.36 -28.10
C SER C 543 5.45 -46.37 -27.01
N CYS C 544 6.41 -46.06 -26.14
CA CYS C 544 6.74 -46.97 -25.05
C CYS C 544 5.65 -46.94 -23.99
N SER C 545 5.22 -48.12 -23.55
CA SER C 545 4.14 -48.20 -22.58
C SER C 545 4.60 -47.77 -21.19
N GLN C 546 5.77 -48.25 -20.77
CA GLN C 546 6.34 -47.82 -19.50
C GLN C 546 6.96 -46.44 -19.65
N LYS C 547 6.60 -45.53 -18.75
CA LYS C 547 6.98 -44.14 -18.85
C LYS C 547 7.70 -43.69 -17.57
N LYS C 548 8.65 -42.77 -17.73
CA LYS C 548 9.35 -42.23 -16.58
C LYS C 548 8.41 -41.34 -15.78
N SER C 549 8.39 -41.52 -14.47
CA SER C 549 7.44 -40.85 -13.60
C SER C 549 8.15 -40.31 -12.36
N LEU C 550 7.53 -39.29 -11.77
CA LEU C 550 8.00 -38.70 -10.53
C LEU C 550 7.40 -39.48 -9.36
N VAL C 551 7.64 -39.00 -8.14
CA VAL C 551 7.04 -39.59 -6.94
C VAL C 551 6.47 -38.47 -6.10
N GLY C 552 5.24 -38.65 -5.63
CA GLY C 552 4.61 -37.66 -4.77
C GLY C 552 4.99 -37.85 -3.31
N VAL C 553 4.53 -36.92 -2.49
CA VAL C 553 4.78 -37.01 -1.06
C VAL C 553 3.90 -38.09 -0.45
N GLY C 554 4.47 -38.86 0.45
CA GLY C 554 3.75 -39.96 1.08
C GLY C 554 3.56 -41.17 0.20
N GLU C 555 4.37 -41.33 -0.84
CA GLU C 555 4.25 -42.46 -1.74
C GLU C 555 5.63 -43.06 -2.01
N HIS C 556 5.65 -44.34 -2.33
CA HIS C 556 6.89 -45.05 -2.64
C HIS C 556 7.21 -44.93 -4.12
N CYS C 557 8.27 -45.61 -4.55
CA CYS C 557 8.61 -45.66 -5.96
C CYS C 557 7.59 -46.49 -6.72
N ALA C 558 7.27 -46.05 -7.94
CA ALA C 558 6.26 -46.74 -8.74
C ALA C 558 6.75 -48.11 -9.20
N GLY C 559 8.01 -48.22 -9.57
CA GLY C 559 8.54 -49.49 -10.02
C GLY C 559 9.88 -49.31 -10.71
N PHE C 560 10.40 -50.44 -11.19
CA PHE C 560 11.67 -50.49 -11.90
C PHE C 560 11.44 -50.84 -13.35
N GLY C 561 11.94 -50.01 -14.26
CA GLY C 561 11.79 -50.25 -15.68
C GLY C 561 12.53 -51.48 -16.16
N VAL C 562 11.78 -52.53 -16.49
CA VAL C 562 12.37 -53.79 -16.89
C VAL C 562 12.79 -53.72 -18.35
N ASP C 563 13.93 -54.33 -18.67
CA ASP C 563 14.38 -54.41 -20.05
C ASP C 563 13.54 -55.44 -20.80
N GLU C 564 12.87 -55.01 -21.86
CA GLU C 564 11.91 -55.87 -22.54
C GLU C 564 12.60 -57.02 -23.27
N GLU C 565 13.64 -56.71 -24.06
CA GLU C 565 14.26 -57.72 -24.90
C GLU C 565 15.16 -58.65 -24.11
N LYS C 566 15.87 -58.12 -23.10
CA LYS C 566 16.83 -58.94 -22.35
C LYS C 566 16.15 -59.97 -21.47
N CYS C 567 14.88 -59.77 -21.13
CA CYS C 567 14.16 -60.71 -20.28
C CYS C 567 13.13 -61.47 -21.11
N GLY C 568 12.86 -62.70 -20.71
CA GLY C 568 11.93 -63.57 -21.40
C GLY C 568 12.56 -64.92 -21.67
N VAL C 569 11.76 -65.80 -22.29
CA VAL C 569 12.17 -67.14 -22.64
C VAL C 569 12.18 -67.28 -24.15
N LEU C 570 13.31 -67.69 -24.70
CA LEU C 570 13.41 -67.88 -26.14
C LEU C 570 12.61 -69.11 -26.57
N ASP C 571 11.78 -68.94 -27.60
CA ASP C 571 10.91 -69.97 -28.16
C ASP C 571 9.95 -70.54 -27.10
N GLY C 572 9.10 -69.66 -26.59
CA GLY C 572 8.06 -70.05 -25.65
C GLY C 572 6.68 -69.84 -26.23
N SER C 573 5.96 -70.93 -26.47
CA SER C 573 4.69 -70.89 -27.20
C SER C 573 3.56 -71.35 -26.29
N TYR C 574 2.97 -70.40 -25.56
CA TYR C 574 1.74 -70.61 -24.77
C TYR C 574 1.89 -71.69 -23.72
N ASN C 575 3.09 -71.86 -23.16
CA ASN C 575 3.34 -72.88 -22.17
C ASN C 575 4.11 -72.39 -20.95
N VAL C 576 4.73 -71.21 -21.02
CA VAL C 576 5.51 -70.66 -19.92
C VAL C 576 4.96 -69.27 -19.59
N SER C 577 4.69 -69.03 -18.31
CA SER C 577 4.24 -67.71 -17.89
C SER C 577 5.38 -66.70 -17.99
N CYS C 578 5.01 -65.42 -17.98
CA CYS C 578 5.98 -64.37 -18.19
C CYS C 578 6.83 -64.16 -16.94
N LEU C 579 8.15 -64.27 -17.12
CA LEU C 579 9.12 -64.00 -16.06
C LEU C 579 10.27 -63.21 -16.67
N CYS C 580 10.97 -62.47 -15.82
CA CYS C 580 12.12 -61.72 -16.28
C CYS C 580 13.27 -61.85 -15.28
N SER C 581 14.49 -61.75 -15.79
CA SER C 581 15.68 -61.95 -14.99
C SER C 581 15.89 -60.81 -14.01
N THR C 582 16.74 -61.07 -13.01
CA THR C 582 17.07 -60.04 -12.02
C THR C 582 17.88 -58.91 -12.67
N ASP C 583 18.76 -59.25 -13.61
CA ASP C 583 19.56 -58.24 -14.29
C ASP C 583 18.74 -57.39 -15.26
N ALA C 584 17.53 -57.83 -15.60
CA ALA C 584 16.66 -57.03 -16.46
C ALA C 584 16.21 -55.75 -15.76
N PHE C 585 15.90 -55.83 -14.47
CA PHE C 585 15.57 -54.64 -13.71
C PHE C 585 16.83 -53.85 -13.41
N LEU C 586 16.85 -52.58 -13.83
CA LEU C 586 18.03 -51.75 -13.64
C LEU C 586 17.58 -50.30 -13.55
N GLY C 587 18.48 -49.45 -13.06
CA GLY C 587 18.17 -48.07 -12.78
C GLY C 587 18.29 -47.76 -11.31
N TRP C 588 19.21 -48.45 -10.63
CA TRP C 588 19.43 -48.24 -9.21
C TRP C 588 20.90 -48.50 -8.89
N SER C 589 21.38 -47.81 -7.86
CA SER C 589 22.73 -48.00 -7.35
C SER C 589 22.69 -47.92 -5.84
N TYR C 590 23.71 -48.48 -5.19
CA TYR C 590 23.72 -48.61 -3.74
C TYR C 590 25.02 -48.07 -3.17
N ASP C 591 24.97 -47.73 -1.88
CA ASP C 591 26.13 -47.27 -1.14
C ASP C 591 25.99 -47.75 0.30
N THR C 592 26.87 -47.26 1.17
CA THR C 592 26.92 -47.70 2.55
C THR C 592 26.53 -46.57 3.49
N CYS C 593 26.20 -46.95 4.73
CA CYS C 593 25.79 -45.99 5.75
C CYS C 593 26.93 -45.61 6.71
N VAL C 594 28.06 -46.31 6.65
CA VAL C 594 29.07 -46.19 7.69
C VAL C 594 29.80 -44.86 7.56
N SER C 595 29.90 -44.14 8.68
CA SER C 595 30.69 -42.92 8.77
C SER C 595 31.20 -42.84 10.21
N ASN C 596 32.50 -43.11 10.38
CA ASN C 596 33.14 -43.22 11.71
C ASN C 596 32.43 -44.24 12.58
N ASN C 597 32.13 -45.40 11.99
CA ASN C 597 31.56 -46.57 12.66
C ASN C 597 30.20 -46.27 13.29
N ARG C 598 29.45 -45.35 12.69
CA ARG C 598 28.11 -45.00 13.16
C ARG C 598 27.25 -44.73 11.93
N CYS C 599 26.39 -45.69 11.57
CA CYS C 599 25.54 -45.54 10.39
C CYS C 599 24.50 -44.47 10.63
N ASN C 600 24.51 -43.44 9.78
CA ASN C 600 23.60 -42.31 9.94
C ASN C 600 22.23 -42.66 9.42
N ILE C 601 21.20 -42.24 10.14
CA ILE C 601 19.81 -42.54 9.83
C ILE C 601 19.04 -41.24 9.77
N PHE C 602 18.23 -41.08 8.72
CA PHE C 602 17.37 -39.91 8.58
C PHE C 602 16.04 -40.13 9.27
N SER C 603 15.46 -39.05 9.77
CA SER C 603 14.10 -39.07 10.30
C SER C 603 13.39 -37.79 9.91
N ASN C 604 12.08 -37.88 9.77
CA ASN C 604 11.26 -36.77 9.31
C ASN C 604 9.99 -36.74 10.13
N PHE C 605 9.86 -35.73 10.98
CA PHE C 605 8.66 -35.55 11.80
C PHE C 605 7.63 -34.80 10.96
N ILE C 606 6.44 -35.38 10.82
CA ILE C 606 5.36 -34.73 10.08
C ILE C 606 4.27 -34.41 11.10
N LEU C 607 4.21 -33.15 11.51
CA LEU C 607 3.24 -32.71 12.50
C LEU C 607 2.01 -32.16 11.77
N ASN C 608 0.87 -32.80 11.97
CA ASN C 608 -0.39 -32.33 11.42
C ASN C 608 -1.41 -32.20 12.55
N GLY C 609 -2.34 -31.26 12.38
CA GLY C 609 -3.23 -30.91 13.45
C GLY C 609 -2.48 -30.16 14.54
N ILE C 610 -2.00 -28.98 14.21
CA ILE C 610 -1.17 -28.20 15.13
C ILE C 610 -2.04 -27.55 16.18
N ASN C 611 -1.59 -27.62 17.44
CA ASN C 611 -2.26 -27.01 18.60
C ASN C 611 -3.68 -27.55 18.79
N SER C 612 -3.86 -28.84 18.52
CA SER C 612 -5.12 -29.54 18.74
C SER C 612 -4.86 -31.04 18.61
N GLY C 613 -5.45 -31.83 19.49
CA GLY C 613 -5.37 -33.26 19.41
C GLY C 613 -5.05 -33.90 20.75
N THR C 614 -4.87 -35.22 20.71
CA THR C 614 -4.66 -36.03 21.91
C THR C 614 -3.20 -36.39 22.13
N THR C 615 -2.29 -35.96 21.26
CA THR C 615 -0.86 -36.22 21.42
C THR C 615 -0.20 -34.91 21.87
N CYS C 616 0.09 -34.82 23.17
CA CYS C 616 0.64 -33.61 23.75
C CYS C 616 1.98 -33.91 24.41
N SER C 617 2.86 -32.91 24.41
CA SER C 617 4.17 -33.00 25.03
C SER C 617 4.07 -32.65 26.51
N ASN C 618 4.90 -33.33 27.32
CA ASN C 618 4.88 -33.14 28.76
C ASN C 618 6.18 -32.56 29.30
N ASP C 619 6.98 -31.90 28.46
CA ASP C 619 8.20 -31.27 28.96
C ASP C 619 7.89 -30.06 29.82
N LEU C 620 6.93 -29.24 29.41
CA LEU C 620 6.43 -28.16 30.26
C LEU C 620 5.33 -28.77 31.12
N LEU C 621 5.75 -29.47 32.17
CA LEU C 621 4.81 -30.21 33.01
C LEU C 621 3.99 -29.23 33.84
N GLN C 622 2.67 -29.43 33.83
CA GLN C 622 1.75 -28.57 34.55
C GLN C 622 0.58 -29.44 35.00
N PRO C 623 0.18 -29.35 36.26
CA PRO C 623 -0.95 -30.15 36.73
C PRO C 623 -2.26 -29.65 36.12
N ASN C 624 -3.22 -30.56 36.00
CA ASN C 624 -4.52 -30.22 35.45
C ASN C 624 -5.28 -29.32 36.41
N THR C 625 -5.92 -28.29 35.86
CA THR C 625 -6.68 -27.33 36.64
C THR C 625 -8.12 -27.30 36.16
N GLU C 626 -9.05 -27.25 37.10
CA GLU C 626 -10.47 -27.21 36.74
C GLU C 626 -10.82 -25.88 36.09
N VAL C 627 -11.86 -25.89 35.28
CA VAL C 627 -12.27 -24.71 34.53
C VAL C 627 -12.99 -23.76 35.46
N PHE C 628 -12.60 -22.49 35.44
CA PHE C 628 -13.24 -21.46 36.24
C PHE C 628 -14.35 -20.78 35.43
N THR C 629 -15.18 -20.02 36.13
CA THR C 629 -16.36 -19.41 35.52
C THR C 629 -16.40 -17.91 35.81
N ASP C 630 -16.75 -17.14 34.78
CA ASP C 630 -17.00 -15.70 34.86
C ASP C 630 -15.77 -14.90 35.31
N VAL C 631 -14.57 -15.42 35.05
CA VAL C 631 -13.33 -14.70 35.29
C VAL C 631 -12.47 -14.79 34.03
N CYS C 632 -11.79 -13.70 33.72
CA CYS C 632 -10.90 -13.65 32.56
C CYS C 632 -9.65 -14.45 32.86
N VAL C 633 -9.51 -15.61 32.21
CA VAL C 633 -8.36 -16.49 32.42
C VAL C 633 -7.77 -16.89 31.07
N ASP C 634 -6.47 -17.14 31.08
CA ASP C 634 -5.82 -17.76 29.94
C ASP C 634 -6.05 -19.26 29.97
N TYR C 635 -6.24 -19.86 28.80
CA TYR C 635 -6.59 -21.26 28.73
C TYR C 635 -5.64 -22.02 27.82
N ASP C 636 -5.49 -23.31 28.09
CA ASP C 636 -4.72 -24.25 27.30
C ASP C 636 -5.54 -25.52 27.07
N LEU C 637 -6.76 -25.34 26.59
CA LEU C 637 -7.72 -26.44 26.50
C LEU C 637 -7.35 -27.40 25.37
N TYR C 638 -6.50 -28.38 25.71
CA TYR C 638 -6.08 -29.45 24.78
C TYR C 638 -5.43 -28.88 23.53
N GLY C 639 -4.51 -27.93 23.73
CA GLY C 639 -3.75 -27.33 22.66
C GLY C 639 -4.26 -25.99 22.18
N ILE C 640 -5.52 -25.67 22.45
CA ILE C 640 -6.07 -24.38 22.06
C ILE C 640 -5.71 -23.34 23.12
N THR C 641 -4.99 -22.30 22.73
CA THR C 641 -4.53 -21.27 23.63
C THR C 641 -5.32 -19.99 23.42
N GLY C 642 -5.08 -19.03 24.30
CA GLY C 642 -5.75 -17.75 24.31
C GLY C 642 -6.32 -17.42 25.67
N GLN C 643 -7.05 -16.32 25.71
CA GLN C 643 -7.72 -15.89 26.93
C GLN C 643 -9.19 -15.63 26.63
N GLY C 644 -10.00 -15.73 27.68
CA GLY C 644 -11.43 -15.53 27.51
C GLY C 644 -12.16 -15.72 28.83
N ILE C 645 -13.48 -15.63 28.75
CA ILE C 645 -14.37 -15.78 29.89
C ILE C 645 -15.24 -16.99 29.65
N PHE C 646 -15.27 -17.90 30.62
CA PHE C 646 -16.05 -19.12 30.53
C PHE C 646 -17.39 -18.94 31.25
N LYS C 647 -18.47 -19.29 30.57
CA LYS C 647 -19.80 -19.32 31.15
C LYS C 647 -20.43 -20.66 30.80
N GLU C 648 -20.65 -21.50 31.81
CA GLU C 648 -21.12 -22.85 31.57
C GLU C 648 -22.60 -22.86 31.24
N VAL C 649 -22.96 -23.54 30.15
CA VAL C 649 -24.34 -23.69 29.73
C VAL C 649 -24.63 -25.17 29.56
N SER C 650 -25.90 -25.49 29.32
CA SER C 650 -26.37 -26.86 29.15
C SER C 650 -26.97 -26.99 27.76
N ALA C 651 -26.15 -27.39 26.80
CA ALA C 651 -26.57 -27.55 25.41
C ALA C 651 -26.04 -28.89 24.89
N VAL C 652 -26.85 -29.55 24.08
CA VAL C 652 -26.58 -30.94 23.70
C VAL C 652 -26.45 -31.12 22.21
N TYR C 653 -26.03 -30.07 21.49
CA TYR C 653 -25.83 -30.21 20.07
C TYR C 653 -24.51 -30.89 19.71
N TYR C 654 -23.64 -31.15 20.69
CA TYR C 654 -22.42 -31.90 20.43
C TYR C 654 -22.75 -33.38 20.23
N ASN C 655 -22.25 -33.94 19.14
CA ASN C 655 -22.43 -35.37 18.89
C ASN C 655 -21.22 -36.12 19.45
N SER C 656 -21.12 -37.41 19.11
CA SER C 656 -20.01 -38.23 19.62
C SER C 656 -18.68 -37.76 19.08
N TRP C 657 -18.61 -37.45 17.78
CA TRP C 657 -17.39 -36.93 17.18
C TRP C 657 -17.26 -35.42 17.34
N GLN C 658 -18.37 -34.70 17.37
CA GLN C 658 -18.34 -33.26 17.47
C GLN C 658 -17.95 -32.84 18.88
N ASN C 659 -16.93 -31.99 18.99
CA ASN C 659 -16.42 -31.61 20.31
C ASN C 659 -16.11 -30.13 20.47
N LEU C 660 -16.03 -29.34 19.39
CA LEU C 660 -15.74 -27.92 19.48
C LEU C 660 -16.71 -27.13 18.63
N LEU C 661 -17.04 -25.92 19.09
CA LEU C 661 -17.98 -25.04 18.41
C LEU C 661 -17.24 -23.82 17.89
N TYR C 662 -17.35 -23.56 16.60
CA TYR C 662 -16.71 -22.40 15.98
C TYR C 662 -17.72 -21.38 15.50
N ASP C 663 -17.21 -20.17 15.25
CA ASP C 663 -17.96 -19.09 14.63
C ASP C 663 -18.01 -19.32 13.12
N PHE C 664 -18.53 -18.35 12.36
CA PHE C 664 -18.61 -18.55 10.92
C PHE C 664 -17.26 -18.40 10.24
N ASN C 665 -16.30 -17.70 10.85
CA ASN C 665 -14.95 -17.58 10.29
C ASN C 665 -13.90 -17.89 11.36
N GLY C 666 -13.65 -19.18 11.56
CA GLY C 666 -12.47 -19.68 12.26
C GLY C 666 -12.23 -19.16 13.66
N ASN C 667 -13.28 -19.04 14.48
CA ASN C 667 -13.14 -18.50 15.83
C ASN C 667 -13.82 -19.43 16.82
N ILE C 668 -13.05 -19.87 17.82
CA ILE C 668 -13.61 -20.69 18.89
C ILE C 668 -14.55 -19.83 19.73
N ILE C 669 -15.74 -20.35 19.98
CA ILE C 669 -16.75 -19.62 20.75
C ILE C 669 -17.37 -20.52 21.80
N GLY C 670 -16.75 -21.65 22.06
CA GLY C 670 -17.25 -22.60 23.04
C GLY C 670 -16.81 -24.01 22.70
N PHE C 671 -16.71 -24.83 23.74
CA PHE C 671 -16.23 -26.20 23.59
C PHE C 671 -16.95 -27.09 24.60
N LYS C 672 -16.65 -28.38 24.53
CA LYS C 672 -17.13 -29.37 25.49
C LYS C 672 -15.93 -30.10 26.06
N ASP C 673 -15.89 -30.22 27.39
CA ASP C 673 -14.76 -30.86 28.05
C ASP C 673 -14.70 -32.34 27.72
N PHE C 674 -13.47 -32.87 27.69
CA PHE C 674 -13.27 -34.28 27.33
C PHE C 674 -13.81 -35.20 28.42
N VAL C 675 -13.48 -34.91 29.68
CA VAL C 675 -13.79 -35.82 30.77
C VAL C 675 -15.18 -35.58 31.34
N THR C 676 -15.48 -34.32 31.69
CA THR C 676 -16.74 -34.01 32.37
C THR C 676 -17.93 -33.88 31.44
N ASN C 677 -17.70 -33.77 30.12
CA ASN C 677 -18.75 -33.67 29.11
C ASN C 677 -19.68 -32.48 29.36
N LYS C 678 -19.13 -31.37 29.83
CA LYS C 678 -19.91 -30.20 30.18
C LYS C 678 -19.69 -29.11 29.14
N THR C 679 -20.79 -28.53 28.67
CA THR C 679 -20.73 -27.52 27.62
C THR C 679 -20.32 -26.18 28.20
N TYR C 680 -19.37 -25.52 27.54
CA TYR C 680 -18.89 -24.21 27.95
C TYR C 680 -18.94 -23.24 26.76
N ASN C 681 -18.94 -21.95 27.08
CA ASN C 681 -18.86 -20.89 26.09
C ASN C 681 -17.65 -20.01 26.41
N ILE C 682 -16.97 -19.54 25.38
CA ILE C 682 -15.77 -18.71 25.53
C ILE C 682 -16.09 -17.33 24.97
N PHE C 683 -16.26 -16.35 25.88
CA PHE C 683 -16.52 -14.95 25.58
C PHE C 683 -15.24 -14.14 25.68
N PRO C 684 -15.08 -13.10 24.84
CA PRO C 684 -13.88 -12.28 24.92
C PRO C 684 -13.87 -11.38 26.15
N CYS C 685 -12.67 -11.12 26.64
CA CYS C 685 -12.49 -10.25 27.80
C CYS C 685 -12.61 -8.79 27.38
N TYR C 686 -12.86 -7.93 28.38
CA TYR C 686 -13.13 -6.53 28.09
C TYR C 686 -11.86 -5.81 27.65
N ALA C 687 -11.95 -5.09 26.54
CA ALA C 687 -10.81 -4.39 25.96
C ALA C 687 -11.23 -2.99 25.52
N GLY C 688 -11.90 -2.26 26.40
CA GLY C 688 -12.35 -0.92 26.10
C GLY C 688 -11.22 0.10 26.17
N ARG C 689 -11.62 1.37 26.11
CA ARG C 689 -10.69 2.48 26.21
C ARG C 689 -11.11 3.39 27.36
N VAL C 690 -10.19 4.27 27.75
CA VAL C 690 -10.43 5.26 28.77
C VAL C 690 -10.19 6.65 28.19
N SER C 691 -11.10 7.57 28.47
CA SER C 691 -10.94 8.95 28.06
C SER C 691 -10.27 9.75 29.17
N ALA C 692 -9.82 10.96 28.82
CA ALA C 692 -9.16 11.82 29.79
C ALA C 692 -9.40 13.27 29.39
N ALA C 693 -10.05 14.02 30.27
CA ALA C 693 -10.26 15.44 30.08
C ALA C 693 -9.21 16.21 30.86
N PHE C 694 -8.44 17.04 30.17
CA PHE C 694 -7.34 17.79 30.77
C PHE C 694 -7.55 19.27 30.57
N HIS C 695 -7.28 20.04 31.62
CA HIS C 695 -7.22 21.49 31.55
C HIS C 695 -5.80 21.94 31.88
N GLN C 696 -5.39 23.06 31.29
CA GLN C 696 -4.01 23.52 31.42
C GLN C 696 -3.68 23.91 32.86
N ASN C 697 -4.61 24.56 33.55
CA ASN C 697 -4.34 25.03 34.90
C ASN C 697 -4.37 23.94 35.95
N ALA C 698 -4.91 22.76 35.63
CA ALA C 698 -5.01 21.66 36.58
C ALA C 698 -3.99 20.59 36.24
N SER C 699 -3.29 20.10 37.26
CA SER C 699 -2.30 19.05 37.08
C SER C 699 -2.90 17.64 37.10
N SER C 700 -4.17 17.51 37.45
CA SER C 700 -4.85 16.23 37.53
C SER C 700 -5.58 15.93 36.23
N LEU C 701 -6.38 14.87 36.23
CA LEU C 701 -7.12 14.44 35.06
C LEU C 701 -8.58 14.16 35.44
N ALA C 702 -9.46 14.27 34.46
CA ALA C 702 -10.87 13.92 34.61
C ALA C 702 -11.14 12.71 33.72
N LEU C 703 -11.09 11.53 34.30
CA LEU C 703 -11.21 10.30 33.53
C LEU C 703 -12.67 9.99 33.23
N LEU C 704 -12.87 9.06 32.29
CA LEU C 704 -14.21 8.62 31.92
C LEU C 704 -14.09 7.25 31.27
N TYR C 705 -14.61 6.23 31.94
CA TYR C 705 -14.72 4.89 31.37
C TYR C 705 -16.11 4.76 30.75
N ARG C 706 -16.17 4.78 29.42
CA ARG C 706 -17.45 4.88 28.73
C ARG C 706 -18.21 3.56 28.79
N ASN C 707 -19.54 3.68 28.97
CA ASN C 707 -20.49 2.56 28.93
C ASN C 707 -20.22 1.52 30.01
N LEU C 708 -19.62 1.93 31.12
CA LEU C 708 -19.36 1.04 32.24
C LEU C 708 -20.08 1.55 33.48
N LYS C 709 -20.11 0.70 34.50
CA LYS C 709 -20.63 1.05 35.81
C LYS C 709 -19.47 1.08 36.80
N CYS C 710 -19.62 1.93 37.83
CA CYS C 710 -18.51 2.17 38.75
C CYS C 710 -18.17 0.94 39.58
N SER C 711 -19.17 0.10 39.85
CA SER C 711 -18.92 -1.15 40.58
C SER C 711 -18.01 -2.08 39.78
N TYR C 712 -18.21 -2.16 38.46
CA TYR C 712 -17.37 -3.01 37.65
C TYR C 712 -15.96 -2.44 37.49
N VAL C 713 -15.83 -1.11 37.48
CA VAL C 713 -14.50 -0.51 37.40
C VAL C 713 -13.75 -0.73 38.71
N LEU C 714 -14.45 -0.69 39.85
CA LEU C 714 -13.79 -0.75 41.14
C LEU C 714 -13.16 -2.11 41.41
N ASN C 715 -13.98 -3.16 41.48
CA ASN C 715 -13.46 -4.45 41.90
C ASN C 715 -12.72 -5.18 40.80
N ASN C 716 -13.02 -4.91 39.53
CA ASN C 716 -12.47 -5.70 38.44
C ASN C 716 -11.38 -5.00 37.63
N ILE C 717 -11.24 -3.69 37.74
CA ILE C 717 -10.20 -2.99 36.97
C ILE C 717 -9.16 -2.38 37.90
N SER C 718 -9.58 -1.42 38.73
CA SER C 718 -8.64 -0.75 39.63
C SER C 718 -9.41 -0.10 40.77
N LEU C 719 -8.71 0.14 41.87
CA LEU C 719 -9.27 0.85 43.01
C LEU C 719 -9.17 2.35 42.80
N ALA C 720 -10.10 3.09 43.41
CA ALA C 720 -10.23 4.51 43.19
C ALA C 720 -9.63 5.28 44.36
N THR C 721 -8.57 6.03 44.07
CA THR C 721 -8.00 6.98 45.03
C THR C 721 -8.57 8.38 44.86
N GLN C 722 -9.54 8.55 43.96
CA GLN C 722 -10.19 9.81 43.65
C GLN C 722 -11.69 9.63 43.73
N PRO C 723 -12.45 10.71 44.00
CA PRO C 723 -13.91 10.58 44.08
C PRO C 723 -14.52 10.19 42.74
N TYR C 724 -15.28 9.10 42.74
CA TYR C 724 -15.88 8.54 41.55
C TYR C 724 -17.39 8.66 41.64
N PHE C 725 -18.02 8.84 40.48
CA PHE C 725 -19.47 8.94 40.42
C PHE C 725 -19.96 8.30 39.12
N ASP C 726 -21.22 7.91 39.13
CA ASP C 726 -21.85 7.26 37.98
C ASP C 726 -22.62 8.31 37.18
N SER C 727 -22.43 8.29 35.86
CA SER C 727 -23.11 9.20 34.96
C SER C 727 -23.75 8.40 33.83
N TYR C 728 -24.42 9.10 32.92
CA TYR C 728 -25.11 8.44 31.83
C TYR C 728 -24.12 7.85 30.83
N LEU C 729 -23.01 8.54 30.57
CA LEU C 729 -22.02 8.08 29.60
C LEU C 729 -21.12 6.99 30.15
N GLY C 730 -21.12 6.77 31.45
CA GLY C 730 -20.26 5.79 32.08
C GLY C 730 -19.96 6.21 33.51
N CYS C 731 -18.78 5.81 33.98
CA CYS C 731 -18.30 6.16 35.31
C CYS C 731 -17.23 7.23 35.19
N VAL C 732 -17.40 8.31 35.94
CA VAL C 732 -16.50 9.47 35.90
C VAL C 732 -15.59 9.43 37.12
N PHE C 733 -14.31 9.66 36.90
CA PHE C 733 -13.31 9.63 37.96
C PHE C 733 -12.72 11.03 38.15
N ASN C 734 -12.45 11.37 39.41
CA ASN C 734 -11.84 12.65 39.81
C ASN C 734 -12.66 13.84 39.33
N ALA C 735 -13.99 13.69 39.34
CA ALA C 735 -14.90 14.78 38.99
C ALA C 735 -16.22 14.50 39.66
N ASP C 736 -16.65 15.41 40.54
CA ASP C 736 -17.89 15.21 41.27
C ASP C 736 -19.10 15.37 40.35
N ASN C 737 -20.18 14.69 40.71
CA ASN C 737 -21.41 14.68 39.92
C ASN C 737 -22.29 15.85 40.36
N LEU C 738 -22.40 16.86 39.51
CA LEU C 738 -23.24 18.02 39.76
C LEU C 738 -23.97 18.45 38.49
N THR C 739 -24.52 17.48 37.76
CA THR C 739 -25.17 17.74 36.49
C THR C 739 -26.53 18.42 36.68
N ASP C 740 -26.51 19.64 37.19
CA ASP C 740 -27.72 20.45 37.32
C ASP C 740 -27.47 21.82 36.72
N TYR C 741 -26.22 22.27 36.79
CA TYR C 741 -25.82 23.56 36.23
C TYR C 741 -25.71 23.46 34.71
N SER C 742 -25.88 24.62 34.06
CA SER C 742 -25.78 24.73 32.62
C SER C 742 -24.65 25.68 32.26
N VAL C 743 -23.78 25.24 31.36
CA VAL C 743 -22.66 26.04 30.88
C VAL C 743 -22.79 26.17 29.37
N SER C 744 -22.69 27.39 28.86
CA SER C 744 -22.89 27.67 27.45
C SER C 744 -21.60 27.60 26.64
N SER C 745 -20.48 27.25 27.25
CA SER C 745 -19.21 27.19 26.52
C SER C 745 -18.28 26.24 27.25
N CYS C 746 -18.06 25.06 26.66
CA CYS C 746 -17.18 24.06 27.23
C CYS C 746 -16.12 23.66 26.20
N ALA C 747 -14.86 23.72 26.60
CA ALA C 747 -13.76 23.27 25.76
C ALA C 747 -13.48 21.78 25.92
N LEU C 748 -14.20 21.11 26.81
CA LEU C 748 -14.00 19.68 27.10
C LEU C 748 -15.36 19.01 27.05
N ARG C 749 -15.75 18.52 25.88
CA ARG C 749 -17.05 17.87 25.70
C ARG C 749 -16.86 16.37 25.57
N MET C 750 -17.60 15.61 26.38
CA MET C 750 -17.56 14.16 26.33
C MET C 750 -18.68 13.55 25.50
N GLY C 751 -19.72 14.32 25.19
CA GLY C 751 -20.80 13.82 24.36
C GLY C 751 -22.15 13.81 25.06
N SER C 752 -23.21 13.86 24.25
CA SER C 752 -24.61 13.82 24.71
C SER C 752 -24.93 14.94 25.69
N GLY C 753 -24.42 16.14 25.40
CA GLY C 753 -24.75 17.31 26.19
C GLY C 753 -24.04 17.41 27.52
N PHE C 754 -22.99 16.63 27.75
CA PHE C 754 -22.24 16.67 29.00
C PHE C 754 -20.83 17.17 28.72
N CYS C 755 -20.42 18.22 29.45
CA CYS C 755 -19.09 18.77 29.32
C CYS C 755 -18.44 18.84 30.70
N VAL C 756 -17.11 18.83 30.70
CA VAL C 756 -16.33 18.81 31.94
C VAL C 756 -15.55 20.13 31.99
N ASP C 757 -16.10 21.12 32.68
CA ASP C 757 -15.35 22.35 32.88
C ASP C 757 -14.44 22.21 34.10
N TYR C 758 -13.55 23.18 34.27
CA TYR C 758 -12.59 23.17 35.36
C TYR C 758 -12.77 24.41 36.23
N ASN C 759 -12.77 24.21 37.54
CA ASN C 759 -12.83 25.30 38.49
C ASN C 759 -12.19 24.88 39.82
N SER C 776 -12.58 20.33 41.76
CA SER C 776 -11.88 20.96 40.65
C SER C 776 -12.63 20.75 39.34
N TYR C 777 -12.53 19.55 38.77
CA TYR C 777 -13.24 19.24 37.54
C TYR C 777 -14.72 19.03 37.83
N ARG C 778 -15.56 19.89 37.26
CA ARG C 778 -17.00 19.84 37.50
C ARG C 778 -17.71 19.23 36.29
N PHE C 779 -18.55 18.24 36.56
CA PHE C 779 -19.34 17.58 35.52
C PHE C 779 -20.68 18.30 35.40
N VAL C 780 -20.86 19.03 34.30
CA VAL C 780 -22.04 19.88 34.11
C VAL C 780 -22.66 19.62 32.74
N THR C 781 -23.91 20.03 32.61
CA THR C 781 -24.63 19.93 31.34
C THR C 781 -24.18 21.01 30.39
N PHE C 782 -24.35 20.73 29.10
CA PHE C 782 -23.91 21.63 28.02
C PHE C 782 -25.14 22.14 27.28
N GLU C 783 -25.58 23.34 27.63
CA GLU C 783 -26.69 24.01 26.96
C GLU C 783 -26.16 25.28 26.32
N PRO C 784 -25.79 25.23 25.03
CA PRO C 784 -25.18 26.42 24.40
C PRO C 784 -26.21 27.37 23.80
N PHE C 785 -27.43 26.89 23.58
CA PHE C 785 -28.45 27.66 22.90
C PHE C 785 -29.75 27.60 23.69
N ASN C 786 -30.40 28.76 23.84
CA ASN C 786 -31.72 28.79 24.46
C ASN C 786 -32.47 30.03 23.98
N VAL C 787 -33.79 30.00 24.16
CA VAL C 787 -34.65 31.05 23.66
C VAL C 787 -34.65 32.24 24.60
N SER C 788 -35.03 33.40 24.07
CA SER C 788 -35.23 34.60 24.86
C SER C 788 -36.71 34.74 25.19
N PHE C 789 -37.01 34.97 26.46
CA PHE C 789 -38.38 35.01 26.96
C PHE C 789 -38.90 36.42 27.04
N VAL C 790 -40.18 36.60 26.73
CA VAL C 790 -40.86 37.88 26.80
C VAL C 790 -42.16 37.70 27.57
N ASN C 791 -42.35 38.51 28.61
CA ASN C 791 -43.54 38.43 29.46
C ASN C 791 -44.69 39.12 28.73
N ASP C 792 -45.57 38.33 28.12
CA ASP C 792 -46.72 38.87 27.42
C ASP C 792 -47.84 37.83 27.40
N SER C 793 -49.06 38.32 27.23
CA SER C 793 -50.22 37.45 27.10
C SER C 793 -50.21 36.76 25.73
N ILE C 794 -50.85 35.60 25.66
CA ILE C 794 -50.87 34.81 24.43
C ILE C 794 -52.31 34.57 24.00
N GLU C 795 -53.20 35.49 24.33
CA GLU C 795 -54.59 35.37 23.95
C GLU C 795 -55.10 36.70 23.41
N SER C 796 -56.14 36.63 22.59
CA SER C 796 -56.71 37.83 21.96
C SER C 796 -57.85 38.35 22.83
N VAL C 797 -57.52 39.31 23.69
CA VAL C 797 -58.53 40.00 24.50
C VAL C 797 -58.93 41.28 23.79
N GLY C 798 -60.24 41.48 23.65
CA GLY C 798 -60.76 42.61 22.89
C GLY C 798 -60.39 42.58 21.42
N GLY C 799 -60.10 41.40 20.87
CA GLY C 799 -59.66 41.31 19.50
C GLY C 799 -58.23 41.74 19.27
N LEU C 800 -57.43 41.86 20.33
CA LEU C 800 -56.08 42.39 20.24
C LEU C 800 -55.09 41.45 20.89
N TYR C 801 -53.92 41.32 20.28
CA TYR C 801 -52.81 40.56 20.83
C TYR C 801 -51.86 41.51 21.55
N GLU C 802 -50.70 41.00 21.96
CA GLU C 802 -49.70 41.80 22.67
C GLU C 802 -48.32 41.45 22.13
N ILE C 803 -47.59 42.45 21.65
CA ILE C 803 -46.28 42.24 21.05
C ILE C 803 -45.40 43.44 21.40
N LYS C 804 -44.09 43.23 21.35
CA LYS C 804 -43.11 44.26 21.70
C LYS C 804 -42.56 44.88 20.44
N ILE C 805 -43.06 46.07 20.11
CA ILE C 805 -42.52 46.83 18.97
C ILE C 805 -41.30 47.62 19.44
N PRO C 806 -40.17 47.51 18.75
CA PRO C 806 -38.98 48.30 19.13
C PRO C 806 -39.22 49.79 18.96
N THR C 807 -38.53 50.57 19.81
CA THR C 807 -38.66 52.02 19.80
C THR C 807 -37.34 52.75 19.61
N ASN C 808 -36.20 52.07 19.67
CA ASN C 808 -34.91 52.70 19.45
C ASN C 808 -33.98 51.69 18.80
N PHE C 809 -33.16 52.15 17.87
CA PHE C 809 -32.38 51.26 17.01
C PHE C 809 -30.96 51.76 16.84
N THR C 810 -30.10 50.85 16.40
CA THR C 810 -28.73 51.18 16.04
C THR C 810 -28.33 50.30 14.87
N ILE C 811 -27.13 50.53 14.34
CA ILE C 811 -26.57 49.74 13.26
C ILE C 811 -25.29 49.07 13.78
N VAL C 812 -25.25 47.75 13.72
CA VAL C 812 -24.08 47.00 14.17
C VAL C 812 -23.42 46.35 12.96
N GLY C 813 -22.28 45.70 13.21
CA GLY C 813 -21.53 45.05 12.16
C GLY C 813 -21.08 43.68 12.59
N GLN C 814 -20.70 42.87 11.60
CA GLN C 814 -20.23 41.52 11.84
C GLN C 814 -19.39 41.08 10.64
N GLU C 815 -18.23 40.51 10.91
CA GLU C 815 -17.34 40.03 9.86
C GLU C 815 -17.52 38.54 9.65
N GLU C 816 -17.04 38.06 8.51
CA GLU C 816 -17.10 36.66 8.15
C GLU C 816 -16.03 36.37 7.12
N PHE C 817 -15.24 35.32 7.35
CA PHE C 817 -14.16 34.94 6.45
C PHE C 817 -14.53 33.65 5.74
N ILE C 818 -14.53 33.69 4.41
CA ILE C 818 -14.80 32.53 3.58
C ILE C 818 -13.53 32.21 2.81
N GLN C 819 -13.04 30.99 2.95
CA GLN C 819 -11.78 30.60 2.33
C GLN C 819 -11.99 30.34 0.85
N THR C 820 -11.29 31.11 0.02
CA THR C 820 -11.38 31.00 -1.44
C THR C 820 -10.17 30.29 -2.04
N ASN C 821 -8.97 30.69 -1.66
CA ASN C 821 -7.75 30.11 -2.17
C ASN C 821 -7.11 29.20 -1.12
N SER C 822 -6.22 28.35 -1.59
CA SER C 822 -5.42 27.46 -0.76
C SER C 822 -3.99 27.48 -1.31
N PRO C 823 -2.99 27.19 -0.47
CA PRO C 823 -1.61 27.08 -0.96
C PRO C 823 -1.47 26.00 -2.02
N LYS C 824 -0.60 26.26 -3.00
CA LYS C 824 -0.38 25.35 -4.12
C LYS C 824 0.95 24.63 -3.91
N VAL C 825 0.87 23.33 -3.63
CA VAL C 825 2.03 22.53 -3.24
C VAL C 825 2.41 21.61 -4.39
N THR C 826 3.71 21.43 -4.61
CA THR C 826 4.24 20.55 -5.63
C THR C 826 5.26 19.61 -5.01
N ILE C 827 5.11 18.32 -5.26
CA ILE C 827 6.00 17.28 -4.72
C ILE C 827 6.50 16.44 -5.88
N ASP C 828 7.81 16.19 -5.92
CA ASP C 828 8.42 15.35 -6.93
C ASP C 828 9.16 14.17 -6.30
N CYS C 829 9.11 13.02 -6.97
CA CYS C 829 9.76 11.82 -6.46
C CYS C 829 11.28 11.94 -6.49
N SER C 830 11.83 12.58 -7.52
CA SER C 830 13.27 12.63 -7.71
C SER C 830 13.99 13.50 -6.69
N LEU C 831 13.27 14.07 -5.73
CA LEU C 831 13.86 14.71 -4.56
C LEU C 831 13.36 14.12 -3.26
N PHE C 832 12.07 13.78 -3.19
CA PHE C 832 11.48 13.30 -1.94
C PHE C 832 11.86 11.84 -1.68
N VAL C 833 11.45 10.95 -2.57
CA VAL C 833 11.67 9.52 -2.36
C VAL C 833 13.15 9.17 -2.44
N CYS C 834 13.83 9.68 -3.46
CA CYS C 834 15.25 9.43 -3.66
C CYS C 834 15.91 10.77 -3.96
N SER C 835 16.83 11.19 -3.08
CA SER C 835 17.28 12.58 -3.14
C SER C 835 18.33 12.80 -4.22
N ASN C 836 19.48 12.13 -4.10
CA ASN C 836 20.53 12.28 -5.10
C ASN C 836 21.34 11.00 -5.27
N TYR C 837 20.70 9.84 -5.08
CA TYR C 837 21.39 8.57 -5.08
C TYR C 837 21.02 7.78 -6.33
N ALA C 838 22.02 7.19 -6.98
CA ALA C 838 21.81 6.56 -8.27
C ALA C 838 21.03 5.25 -8.13
N ALA C 839 21.34 4.46 -7.11
CA ALA C 839 20.66 3.18 -6.93
C ALA C 839 19.18 3.36 -6.61
N CYS C 840 18.86 4.35 -5.77
CA CYS C 840 17.47 4.63 -5.44
C CYS C 840 16.71 5.11 -6.66
N HIS C 841 17.33 6.00 -7.46
CA HIS C 841 16.67 6.49 -8.67
C HIS C 841 16.51 5.40 -9.71
N ASP C 842 17.43 4.43 -9.74
CA ASP C 842 17.30 3.32 -10.67
C ASP C 842 16.20 2.35 -10.23
N LEU C 843 16.07 2.13 -8.92
CA LEU C 843 15.01 1.27 -8.43
C LEU C 843 13.64 1.94 -8.56
N LEU C 844 13.61 3.27 -8.55
CA LEU C 844 12.35 4.01 -8.68
C LEU C 844 11.77 3.93 -10.09
N SER C 845 12.54 3.46 -11.09
CA SER C 845 12.05 3.41 -12.46
C SER C 845 10.89 2.44 -12.63
N GLU C 846 10.82 1.40 -11.79
CA GLU C 846 9.70 0.48 -11.84
C GLU C 846 8.40 1.15 -11.40
N TYR C 847 8.46 2.00 -10.38
CA TYR C 847 7.30 2.71 -9.86
C TYR C 847 7.18 4.11 -10.44
N GLY C 848 7.70 4.33 -11.65
CA GLY C 848 7.64 5.65 -12.25
C GLY C 848 6.24 6.09 -12.63
N THR C 849 5.35 5.11 -12.88
CA THR C 849 3.97 5.44 -13.21
C THR C 849 3.26 6.08 -12.02
N PHE C 850 3.59 5.64 -10.79
CA PHE C 850 3.06 6.29 -9.60
C PHE C 850 3.50 7.74 -9.51
N CYS C 851 4.75 8.02 -9.84
CA CYS C 851 5.25 9.38 -9.78
C CYS C 851 4.61 10.26 -10.85
N ASP C 852 4.43 9.72 -12.05
CA ASP C 852 3.73 10.45 -13.10
C ASP C 852 2.29 10.73 -12.70
N ASN C 853 1.62 9.75 -12.09
CA ASN C 853 0.25 9.96 -11.63
C ASN C 853 0.18 11.00 -10.52
N ILE C 854 1.14 10.99 -9.60
CA ILE C 854 1.16 11.95 -8.50
C ILE C 854 1.36 13.36 -9.04
N ASN C 855 2.32 13.53 -9.94
CA ASN C 855 2.58 14.84 -10.53
C ASN C 855 1.38 15.32 -11.36
N SER C 856 0.74 14.41 -12.09
CA SER C 856 -0.44 14.78 -12.87
C SER C 856 -1.60 15.20 -11.97
N ILE C 857 -1.82 14.47 -10.87
CA ILE C 857 -2.91 14.79 -9.95
C ILE C 857 -2.67 16.15 -9.31
N LEU C 858 -1.43 16.42 -8.88
CA LEU C 858 -1.11 17.74 -8.32
C LEU C 858 -1.26 18.84 -9.36
N ASP C 859 -0.90 18.55 -10.62
CA ASP C 859 -1.04 19.53 -11.69
C ASP C 859 -2.50 19.88 -11.93
N GLU C 860 -3.39 18.89 -11.99
CA GLU C 860 -4.80 19.21 -12.19
C GLU C 860 -5.42 19.88 -10.97
N VAL C 861 -4.94 19.55 -9.76
CA VAL C 861 -5.41 20.23 -8.57
C VAL C 861 -5.04 21.71 -8.62
N ASN C 862 -3.79 22.01 -8.97
CA ASN C 862 -3.35 23.40 -9.06
C ASN C 862 -4.05 24.13 -10.21
N GLY C 863 -4.34 23.42 -11.30
CA GLY C 863 -5.12 24.03 -12.37
C GLY C 863 -6.54 24.37 -11.95
N LEU C 864 -7.18 23.50 -11.17
CA LEU C 864 -8.49 23.79 -10.63
C LEU C 864 -8.45 24.99 -9.69
N LEU C 865 -7.41 25.08 -8.86
CA LEU C 865 -7.26 26.23 -7.97
C LEU C 865 -7.07 27.53 -8.76
N ASP C 866 -6.26 27.49 -9.82
CA ASP C 866 -6.05 28.67 -10.64
C ASP C 866 -7.32 29.10 -11.36
N THR C 867 -8.09 28.13 -11.88
CA THR C 867 -9.36 28.45 -12.51
C THR C 867 -10.34 29.07 -11.51
N THR C 868 -10.37 28.54 -10.29
CA THR C 868 -11.25 29.09 -9.27
C THR C 868 -10.86 30.51 -8.90
N GLN C 869 -9.54 30.77 -8.79
CA GLN C 869 -9.07 32.14 -8.52
C GLN C 869 -9.46 33.09 -9.64
N LEU C 870 -9.32 32.64 -10.90
CA LEU C 870 -9.71 33.46 -12.03
C LEU C 870 -11.21 33.75 -12.03
N HIS C 871 -12.01 32.75 -11.67
CA HIS C 871 -13.46 32.94 -11.62
C HIS C 871 -13.86 33.93 -10.52
N VAL C 872 -13.21 33.84 -9.36
CA VAL C 872 -13.48 34.80 -8.29
C VAL C 872 -13.07 36.21 -8.69
N ALA C 873 -11.90 36.34 -9.34
CA ALA C 873 -11.47 37.65 -9.80
C ALA C 873 -12.41 38.22 -10.86
N ASP C 874 -12.93 37.37 -11.74
CA ASP C 874 -13.87 37.84 -12.75
C ASP C 874 -15.21 38.24 -12.14
N THR C 875 -15.70 37.45 -11.17
CA THR C 875 -16.98 37.80 -10.56
C THR C 875 -16.87 38.95 -9.57
N LEU C 876 -15.65 39.36 -9.22
CA LEU C 876 -15.50 40.62 -8.49
C LEU C 876 -15.83 41.84 -9.34
N MET C 877 -15.82 41.71 -10.67
CA MET C 877 -16.13 42.84 -11.55
C MET C 877 -17.03 42.31 -12.67
N GLN C 878 -18.33 42.51 -12.53
CA GLN C 878 -19.22 42.10 -13.60
C GLN C 878 -19.76 43.29 -14.38
N GLY C 879 -20.36 44.26 -13.71
CA GLY C 879 -20.84 45.46 -14.37
C GLY C 879 -20.18 46.70 -13.84
N VAL C 880 -18.91 46.58 -13.46
CA VAL C 880 -18.19 47.68 -12.83
C VAL C 880 -17.93 48.78 -13.85
N THR C 881 -17.93 50.03 -13.38
CA THR C 881 -17.70 51.19 -14.24
C THR C 881 -17.17 52.32 -13.38
N LEU C 882 -15.94 52.73 -13.62
CA LEU C 882 -15.31 53.81 -12.88
C LEU C 882 -15.23 55.07 -13.72
N SER C 883 -14.99 56.19 -13.04
CA SER C 883 -14.84 57.48 -13.69
C SER C 883 -13.36 57.83 -13.79
N SER C 884 -12.97 58.40 -14.94
CA SER C 884 -11.58 58.78 -15.15
C SER C 884 -11.17 59.93 -14.23
N ASN C 885 -12.06 60.90 -14.02
CA ASN C 885 -11.75 62.05 -13.18
C ASN C 885 -11.98 61.69 -11.72
N LEU C 886 -11.12 60.82 -11.21
CA LEU C 886 -11.25 60.25 -9.87
C LEU C 886 -9.90 60.35 -9.16
N ASN C 887 -9.64 61.49 -8.53
CA ASN C 887 -8.44 61.71 -7.72
C ASN C 887 -8.77 61.27 -6.30
N THR C 888 -8.58 59.98 -6.03
CA THR C 888 -9.06 59.32 -4.82
C THR C 888 -8.32 59.72 -3.54
N ASN C 889 -7.37 60.66 -3.60
CA ASN C 889 -6.69 61.10 -2.38
C ASN C 889 -7.44 62.16 -1.59
N LEU C 890 -8.40 62.86 -2.21
CA LEU C 890 -9.06 63.97 -1.55
C LEU C 890 -10.55 63.78 -1.37
N HIS C 891 -11.24 63.14 -2.32
CA HIS C 891 -12.67 62.85 -2.17
C HIS C 891 -12.79 61.39 -1.79
N PHE C 892 -12.84 61.13 -0.48
CA PHE C 892 -12.90 59.78 0.06
C PHE C 892 -14.01 59.58 1.06
N ASP C 893 -14.60 60.64 1.60
CA ASP C 893 -15.64 60.54 2.63
C ASP C 893 -16.79 61.46 2.26
N VAL C 894 -17.72 60.94 1.46
CA VAL C 894 -18.93 61.67 1.11
C VAL C 894 -20.08 61.15 1.95
N ASP C 895 -21.08 62.01 2.15
CA ASP C 895 -22.28 61.72 2.95
C ASP C 895 -21.94 61.32 4.38
N ASN C 896 -20.88 61.92 4.93
CA ASN C 896 -20.44 61.75 6.32
C ASN C 896 -20.13 60.29 6.65
N ILE C 897 -19.58 59.55 5.69
CA ILE C 897 -19.22 58.16 5.88
C ILE C 897 -17.75 57.98 5.49
N ASN C 898 -16.94 57.41 6.38
CA ASN C 898 -15.51 57.28 6.18
C ASN C 898 -15.19 55.92 5.56
N PHE C 899 -14.81 55.93 4.29
CA PHE C 899 -14.28 54.77 3.58
C PHE C 899 -12.80 54.92 3.21
N LYS C 900 -12.06 55.76 3.93
CA LYS C 900 -10.63 55.90 3.67
C LYS C 900 -9.89 54.61 4.02
N SER C 901 -10.32 53.92 5.08
CA SER C 901 -9.63 52.71 5.51
C SER C 901 -9.91 51.54 4.57
N LEU C 902 -11.06 51.52 3.92
CA LEU C 902 -11.43 50.41 3.04
C LEU C 902 -10.91 50.58 1.63
N VAL C 903 -10.54 51.79 1.22
CA VAL C 903 -10.18 52.09 -0.16
C VAL C 903 -8.67 52.30 -0.23
N GLY C 904 -8.01 51.51 -1.08
CA GLY C 904 -6.58 51.65 -1.27
C GLY C 904 -6.23 52.59 -2.41
N CYS C 905 -4.93 52.84 -2.53
CA CYS C 905 -4.30 53.71 -3.55
C CYS C 905 -5.05 55.04 -3.72
N LEU C 906 -5.10 55.79 -2.62
CA LEU C 906 -5.78 57.08 -2.59
C LEU C 906 -5.00 58.07 -3.44
N GLY C 907 -5.50 58.35 -4.64
CA GLY C 907 -4.85 59.25 -5.56
C GLY C 907 -4.72 58.66 -6.96
N PRO C 908 -3.85 59.24 -7.77
CA PRO C 908 -3.62 58.73 -9.13
C PRO C 908 -2.42 57.78 -9.27
N HIS C 909 -1.79 57.38 -8.17
CA HIS C 909 -0.59 56.53 -8.21
C HIS C 909 -0.92 55.07 -7.95
N CYS C 910 -2.06 54.58 -8.46
CA CYS C 910 -2.53 53.22 -8.18
C CYS C 910 -1.85 52.21 -9.11
N GLY C 911 -0.53 52.15 -9.00
CA GLY C 911 0.25 51.22 -9.80
C GLY C 911 1.15 50.32 -8.96
N SER C 912 1.51 50.79 -7.77
CA SER C 912 2.47 50.06 -6.93
C SER C 912 1.77 49.13 -5.93
N SER C 913 0.96 49.70 -5.03
CA SER C 913 0.28 48.90 -4.02
C SER C 913 -1.08 49.53 -3.76
N SER C 914 -2.14 48.83 -4.15
CA SER C 914 -3.50 49.29 -3.94
C SER C 914 -4.11 48.71 -2.67
N ARG C 915 -3.29 48.16 -1.78
CA ARG C 915 -3.79 47.56 -0.55
C ARG C 915 -4.34 48.64 0.37
N SER C 916 -5.52 48.40 0.93
CA SER C 916 -6.18 49.38 1.76
C SER C 916 -5.61 49.36 3.18
N PHE C 917 -5.96 50.40 3.95
CA PHE C 917 -5.56 50.47 5.35
C PHE C 917 -6.21 49.37 6.16
N PHE C 918 -7.44 48.96 5.80
CA PHE C 918 -8.11 47.88 6.49
C PHE C 918 -7.39 46.55 6.30
N GLU C 919 -6.90 46.30 5.09
CA GLU C 919 -6.22 45.03 4.83
C GLU C 919 -4.83 44.98 5.44
N ASP C 920 -4.28 46.12 5.88
CA ASP C 920 -2.97 46.11 6.51
C ASP C 920 -2.97 45.31 7.81
N LEU C 921 -4.04 45.45 8.61
CA LEU C 921 -4.15 44.67 9.84
C LEU C 921 -4.25 43.19 9.55
N LEU C 922 -5.03 42.82 8.52
CA LEU C 922 -5.18 41.42 8.14
C LEU C 922 -3.87 40.82 7.65
N PHE C 923 -3.12 41.56 6.82
CA PHE C 923 -1.90 41.04 6.25
C PHE C 923 -0.68 41.21 7.16
N ASP C 924 -0.83 41.93 8.27
CA ASP C 924 0.22 41.94 9.29
C ASP C 924 -0.08 41.04 10.47
N LYS C 925 -1.33 40.64 10.67
CA LYS C 925 -1.64 39.69 11.72
C LYS C 925 -1.06 38.31 11.40
N VAL C 926 -1.08 37.93 10.13
CA VAL C 926 -0.45 36.69 9.65
C VAL C 926 0.68 37.08 8.70
N LYS C 927 1.83 36.45 8.88
CA LYS C 927 3.00 36.74 8.05
C LYS C 927 3.24 35.72 6.97
N LEU C 928 2.58 34.57 7.03
CA LEU C 928 2.81 33.50 6.06
C LEU C 928 1.73 33.54 4.96
N SER C 929 1.74 34.64 4.22
CA SER C 929 0.94 34.75 3.01
C SER C 929 1.82 34.33 1.82
N ASP C 930 1.36 34.60 0.60
CA ASP C 930 2.16 34.29 -0.58
C ASP C 930 3.42 35.15 -0.62
N VAL C 931 3.31 36.42 -0.26
CA VAL C 931 4.49 37.27 -0.12
C VAL C 931 5.38 36.76 0.99
N GLY C 932 4.77 36.26 2.07
CA GLY C 932 5.54 35.66 3.14
C GLY C 932 6.30 34.42 2.70
N PHE C 933 5.65 33.57 1.90
CA PHE C 933 6.32 32.38 1.37
C PHE C 933 7.46 32.76 0.43
N VAL C 934 7.23 33.78 -0.41
CA VAL C 934 8.28 34.21 -1.34
C VAL C 934 9.47 34.78 -0.59
N GLU C 935 9.21 35.63 0.43
CA GLU C 935 10.31 36.20 1.20
C GLU C 935 11.00 35.15 2.07
N ALA C 936 10.28 34.12 2.49
CA ALA C 936 10.91 33.05 3.26
C ALA C 936 11.81 32.18 2.39
N TYR C 937 11.33 31.82 1.19
CA TYR C 937 12.15 31.02 0.29
C TYR C 937 13.30 31.82 -0.28
N ASN C 938 13.17 33.15 -0.35
CA ASN C 938 14.28 33.99 -0.78
C ASN C 938 15.42 33.97 0.24
N ASN C 939 15.09 34.05 1.53
CA ASN C 939 16.07 34.06 2.61
C ASN C 939 16.45 32.63 3.01
N CYS C 940 16.88 31.82 2.06
CA CYS C 940 17.12 30.41 2.30
C CYS C 940 18.51 29.99 1.86
N THR C 941 19.07 30.65 0.84
CA THR C 941 20.39 30.29 0.35
C THR C 941 21.48 30.77 1.30
N GLY C 942 21.48 32.06 1.63
CA GLY C 942 22.49 32.60 2.52
C GLY C 942 21.93 32.99 3.88
N GLY C 943 22.28 32.22 4.90
CA GLY C 943 21.76 32.47 6.23
C GLY C 943 22.53 31.66 7.26
N SER C 944 22.26 31.97 8.53
CA SER C 944 22.92 31.32 9.65
C SER C 944 21.94 30.62 10.57
N GLU C 945 20.70 30.40 10.12
CA GLU C 945 19.67 29.75 10.92
C GLU C 945 19.37 28.37 10.34
N ILE C 946 19.16 27.40 11.22
CA ILE C 946 18.98 26.02 10.81
C ILE C 946 17.64 25.43 11.27
N ARG C 947 16.96 26.04 12.24
CA ARG C 947 15.74 25.45 12.80
C ARG C 947 14.50 25.77 11.99
N ASP C 948 14.62 26.55 10.92
CA ASP C 948 13.47 26.82 10.06
C ASP C 948 13.06 25.57 9.30
N LEU C 949 11.75 25.37 9.19
CA LEU C 949 11.22 24.17 8.53
C LEU C 949 11.04 24.36 7.04
N LEU C 950 10.82 25.59 6.58
CA LEU C 950 10.53 25.85 5.18
C LEU C 950 11.73 25.53 4.29
N CYS C 951 12.93 25.86 4.74
CA CYS C 951 14.12 25.54 3.96
C CYS C 951 14.33 24.05 3.83
N VAL C 952 14.11 23.29 4.92
CA VAL C 952 14.26 21.83 4.88
C VAL C 952 13.21 21.23 3.95
N GLN C 953 11.97 21.71 4.03
CA GLN C 953 10.92 21.22 3.15
C GLN C 953 11.21 21.53 1.70
N SER C 954 11.72 22.74 1.41
CA SER C 954 12.02 23.12 0.04
C SER C 954 13.19 22.33 -0.53
N PHE C 955 14.19 22.04 0.31
CA PHE C 955 15.29 21.20 -0.14
C PHE C 955 14.88 19.75 -0.31
N ASN C 956 13.82 19.31 0.39
CA ASN C 956 13.33 17.95 0.24
C ASN C 956 12.18 17.83 -0.75
N GLY C 957 12.05 18.79 -1.68
CA GLY C 957 11.12 18.68 -2.78
C GLY C 957 9.72 19.18 -2.52
N ILE C 958 9.41 19.66 -1.32
CA ILE C 958 8.08 20.13 -0.99
C ILE C 958 8.12 21.65 -0.98
N LYS C 959 7.37 22.27 -1.88
CA LYS C 959 7.46 23.71 -2.10
C LYS C 959 6.08 24.27 -2.40
N VAL C 960 5.81 25.47 -1.88
CA VAL C 960 4.53 26.13 -2.05
C VAL C 960 4.71 27.27 -3.06
N LEU C 961 4.23 27.06 -4.28
CA LEU C 961 4.38 28.05 -5.33
C LEU C 961 3.39 29.20 -5.14
N PRO C 962 3.76 30.41 -5.59
CA PRO C 962 2.85 31.53 -5.49
C PRO C 962 1.67 31.35 -6.43
N PRO C 963 0.52 31.94 -6.12
CA PRO C 963 -0.64 31.85 -7.01
C PRO C 963 -0.44 32.68 -8.27
N ILE C 964 -1.28 32.40 -9.27
CA ILE C 964 -1.14 33.08 -10.56
C ILE C 964 -1.56 34.54 -10.50
N LEU C 965 -2.34 34.94 -9.51
CA LEU C 965 -2.64 36.34 -9.26
C LEU C 965 -2.10 36.73 -7.89
N SER C 966 -1.37 37.84 -7.84
CA SER C 966 -0.86 38.33 -6.57
C SER C 966 -1.98 39.00 -5.78
N GLU C 967 -1.81 39.03 -4.46
CA GLU C 967 -2.82 39.61 -3.58
C GLU C 967 -2.91 41.12 -3.73
N SER C 968 -1.89 41.77 -4.28
CA SER C 968 -2.00 43.19 -4.58
C SER C 968 -3.04 43.45 -5.66
N GLN C 969 -3.09 42.58 -6.68
CA GLN C 969 -4.09 42.72 -7.73
C GLN C 969 -5.50 42.49 -7.18
N ILE C 970 -5.66 41.50 -6.30
CA ILE C 970 -6.98 41.23 -5.72
C ILE C 970 -7.40 42.36 -4.79
N SER C 971 -6.43 42.95 -4.06
CA SER C 971 -6.73 44.12 -3.25
C SER C 971 -7.17 45.29 -4.10
N GLY C 972 -6.53 45.48 -5.25
CA GLY C 972 -6.97 46.52 -6.17
C GLY C 972 -8.35 46.24 -6.74
N TYR C 973 -8.66 44.96 -6.96
CA TYR C 973 -9.99 44.59 -7.45
C TYR C 973 -11.07 44.90 -6.42
N THR C 974 -10.82 44.54 -5.15
CA THR C 974 -11.77 44.84 -4.08
C THR C 974 -11.92 46.35 -3.89
N THR C 975 -10.81 47.09 -4.01
CA THR C 975 -10.87 48.55 -3.93
C THR C 975 -11.72 49.13 -5.06
N ALA C 976 -11.54 48.59 -6.27
CA ALA C 976 -12.33 49.06 -7.42
C ALA C 976 -13.81 48.77 -7.23
N ALA C 977 -14.14 47.59 -6.69
CA ALA C 977 -15.54 47.26 -6.41
C ALA C 977 -16.13 48.20 -5.36
N THR C 978 -15.37 48.48 -4.30
CA THR C 978 -15.85 49.36 -3.23
C THR C 978 -16.07 50.79 -3.75
N VAL C 979 -15.14 51.30 -4.56
CA VAL C 979 -15.29 52.66 -5.09
C VAL C 979 -16.44 52.71 -6.11
N ALA C 980 -16.65 51.63 -6.86
CA ALA C 980 -17.81 51.57 -7.75
C ALA C 980 -19.10 51.61 -6.95
N ALA C 981 -19.14 50.95 -5.79
CA ALA C 981 -20.28 51.10 -4.90
C ALA C 981 -20.37 52.51 -4.32
N MET C 982 -19.24 53.22 -4.24
CA MET C 982 -19.20 54.54 -3.61
C MET C 982 -19.78 55.64 -4.51
N PHE C 983 -19.15 55.87 -5.65
CA PHE C 983 -19.30 57.08 -6.43
C PHE C 983 -20.08 56.83 -7.72
N PRO C 984 -20.68 57.87 -8.31
CA PRO C 984 -21.36 57.70 -9.60
C PRO C 984 -20.37 57.39 -10.70
N PRO C 985 -20.74 56.52 -11.66
CA PRO C 985 -22.00 55.78 -11.71
C PRO C 985 -22.00 54.58 -10.76
N TRP C 986 -23.03 54.51 -9.91
CA TRP C 986 -23.08 53.55 -8.81
C TRP C 986 -23.34 52.16 -9.38
N SER C 987 -22.28 51.55 -9.94
CA SER C 987 -22.43 50.29 -10.64
C SER C 987 -22.72 49.14 -9.69
N ALA C 988 -22.00 49.07 -8.58
CA ALA C 988 -22.14 47.97 -7.63
C ALA C 988 -23.24 48.21 -6.61
N ALA C 989 -24.00 49.30 -6.73
CA ALA C 989 -25.08 49.60 -5.79
C ALA C 989 -26.36 50.00 -6.53
N ALA C 990 -26.58 49.40 -7.70
CA ALA C 990 -27.84 49.51 -8.46
C ALA C 990 -28.18 50.95 -8.85
N GLY C 991 -27.14 51.74 -9.18
CA GLY C 991 -27.33 53.05 -9.76
C GLY C 991 -28.02 54.08 -8.89
N ILE C 992 -27.62 54.19 -7.64
CA ILE C 992 -28.30 55.06 -6.69
C ILE C 992 -27.29 55.49 -5.63
N PRO C 993 -27.40 56.68 -5.04
CA PRO C 993 -26.48 57.07 -3.97
C PRO C 993 -26.51 56.11 -2.79
N PHE C 994 -25.33 55.95 -2.18
CA PHE C 994 -25.12 54.91 -1.17
C PHE C 994 -25.97 55.15 0.07
N SER C 995 -26.06 56.40 0.53
CA SER C 995 -26.86 56.70 1.70
C SER C 995 -28.34 56.43 1.45
N LEU C 996 -28.82 56.75 0.26
CA LEU C 996 -30.20 56.42 -0.10
C LEU C 996 -30.40 54.91 -0.18
N ASN C 997 -29.37 54.16 -0.60
CA ASN C 997 -29.47 52.71 -0.58
C ASN C 997 -29.60 52.17 0.83
N VAL C 998 -28.84 52.73 1.78
CA VAL C 998 -28.97 52.34 3.18
C VAL C 998 -30.35 52.70 3.71
N GLN C 999 -30.85 53.88 3.33
CA GLN C 999 -32.19 54.32 3.76
C GLN C 999 -33.26 53.36 3.27
N TYR C 1000 -33.18 52.96 2.00
CA TYR C 1000 -34.20 52.07 1.45
C TYR C 1000 -34.09 50.66 2.02
N ARG C 1001 -32.86 50.19 2.26
CA ARG C 1001 -32.69 48.86 2.83
C ARG C 1001 -33.19 48.79 4.27
N ILE C 1002 -33.01 49.87 5.04
CA ILE C 1002 -33.58 49.91 6.38
C ILE C 1002 -35.10 50.04 6.30
N ASN C 1003 -35.61 50.84 5.37
CA ASN C 1003 -37.05 51.07 5.26
C ASN C 1003 -37.79 49.81 4.84
N GLY C 1004 -37.17 48.96 4.02
CA GLY C 1004 -37.80 47.71 3.62
C GLY C 1004 -38.03 46.74 4.76
N LEU C 1005 -37.27 46.87 5.85
CA LEU C 1005 -37.47 45.98 7.00
C LEU C 1005 -38.73 46.33 7.78
N GLY C 1006 -39.15 47.59 7.73
CA GLY C 1006 -40.35 48.01 8.44
C GLY C 1006 -40.22 49.38 9.08
N VAL C 1007 -39.03 49.95 9.06
CA VAL C 1007 -38.82 51.28 9.60
C VAL C 1007 -39.43 52.31 8.67
N THR C 1008 -40.18 53.25 9.23
CA THR C 1008 -40.80 54.29 8.41
C THR C 1008 -39.76 55.24 7.86
N MET C 1009 -40.12 55.91 6.77
CA MET C 1009 -39.20 56.84 6.11
C MET C 1009 -39.10 58.18 6.82
N ASP C 1010 -40.05 58.49 7.70
CA ASP C 1010 -40.02 59.79 8.38
C ASP C 1010 -38.87 59.86 9.38
N VAL C 1011 -38.70 58.82 10.20
CA VAL C 1011 -37.63 58.83 11.20
C VAL C 1011 -36.27 58.49 10.59
N LEU C 1012 -36.22 58.08 9.33
CA LEU C 1012 -34.95 57.68 8.73
C LEU C 1012 -34.13 58.89 8.32
N ASN C 1013 -34.70 59.80 7.56
CA ASN C 1013 -33.97 60.98 7.11
C ASN C 1013 -33.86 62.08 8.16
N LYS C 1014 -34.63 61.99 9.25
CA LYS C 1014 -34.42 62.87 10.39
C LYS C 1014 -33.38 62.32 11.35
N ASN C 1015 -32.89 61.11 11.13
CA ASN C 1015 -31.82 60.51 11.91
C ASN C 1015 -30.61 60.18 11.04
N GLN C 1016 -30.47 60.86 9.90
CA GLN C 1016 -29.44 60.52 8.92
C GLN C 1016 -28.04 60.76 9.48
N LYS C 1017 -27.88 61.84 10.26
CA LYS C 1017 -26.58 62.13 10.87
C LYS C 1017 -26.18 61.04 11.85
N LEU C 1018 -27.09 60.63 12.73
CA LEU C 1018 -26.76 59.59 13.69
C LEU C 1018 -26.69 58.22 13.02
N ILE C 1019 -27.41 58.02 11.91
CA ILE C 1019 -27.27 56.78 11.16
C ILE C 1019 -25.87 56.65 10.57
N ALA C 1020 -25.37 57.74 9.97
CA ALA C 1020 -24.01 57.74 9.43
C ALA C 1020 -22.99 57.59 10.54
N THR C 1021 -23.22 58.26 11.68
CA THR C 1021 -22.32 58.14 12.82
C THR C 1021 -22.29 56.71 13.35
N ALA C 1022 -23.45 56.05 13.43
CA ALA C 1022 -23.50 54.67 13.89
C ALA C 1022 -22.84 53.73 12.90
N PHE C 1023 -22.97 54.01 11.59
CA PHE C 1023 -22.33 53.17 10.58
C PHE C 1023 -20.81 53.31 10.67
N ASN C 1024 -20.31 54.53 10.86
CA ASN C 1024 -18.88 54.75 11.07
C ASN C 1024 -18.40 54.10 12.34
N ASN C 1025 -19.21 54.14 13.40
CA ASN C 1025 -18.85 53.49 14.67
C ASN C 1025 -18.77 51.98 14.51
N ALA C 1026 -19.70 51.40 13.75
CA ALA C 1026 -19.67 49.97 13.49
C ALA C 1026 -18.44 49.59 12.67
N LEU C 1027 -18.09 50.43 11.68
CA LEU C 1027 -16.89 50.17 10.89
C LEU C 1027 -15.63 50.26 11.75
N LEU C 1028 -15.57 51.26 12.65
CA LEU C 1028 -14.39 51.39 13.50
C LEU C 1028 -14.30 50.25 14.51
N SER C 1029 -15.44 49.79 15.02
CA SER C 1029 -15.45 48.67 15.96
C SER C 1029 -15.01 47.38 15.27
N ILE C 1030 -15.51 47.13 14.06
CA ILE C 1030 -15.10 45.93 13.33
C ILE C 1030 -13.65 46.06 12.83
N GLN C 1031 -13.15 47.29 12.73
CA GLN C 1031 -11.72 47.48 12.43
C GLN C 1031 -10.86 47.17 13.64
N ASN C 1032 -11.26 47.64 14.82
CA ASN C 1032 -10.47 47.46 16.04
C ASN C 1032 -10.61 46.08 16.65
N GLY C 1033 -11.65 45.33 16.30
CA GLY C 1033 -11.87 44.03 16.91
C GLY C 1033 -10.91 42.95 16.48
N PHE C 1034 -10.13 43.18 15.42
CA PHE C 1034 -9.17 42.19 14.97
C PHE C 1034 -7.96 42.09 15.89
N SER C 1035 -7.76 43.07 16.78
CA SER C 1035 -6.63 43.03 17.69
C SER C 1035 -6.79 41.95 18.75
N ALA C 1036 -8.02 41.58 19.09
CA ALA C 1036 -8.28 40.57 20.09
C ALA C 1036 -8.21 39.18 19.44
N THR C 1037 -8.64 38.16 20.19
CA THR C 1037 -8.71 36.80 19.67
C THR C 1037 -10.05 36.65 18.93
N ASN C 1038 -10.06 37.13 17.70
CA ASN C 1038 -11.27 37.14 16.89
C ASN C 1038 -11.50 35.77 16.25
N SER C 1039 -12.66 35.61 15.62
CA SER C 1039 -13.04 34.34 15.03
C SER C 1039 -12.67 34.23 13.55
N ALA C 1040 -12.56 35.36 12.84
CA ALA C 1040 -12.08 35.30 11.46
C ALA C 1040 -10.60 34.97 11.42
N LEU C 1041 -9.82 35.59 12.31
CA LEU C 1041 -8.40 35.24 12.44
C LEU C 1041 -8.24 33.81 12.89
N ALA C 1042 -9.20 33.28 13.66
CA ALA C 1042 -9.18 31.86 14.01
C ALA C 1042 -9.21 30.99 12.75
N LYS C 1043 -10.08 31.35 11.80
CA LYS C 1043 -10.14 30.58 10.55
C LYS C 1043 -8.88 30.76 9.71
N ILE C 1044 -8.34 31.98 9.64
CA ILE C 1044 -7.18 32.24 8.79
C ILE C 1044 -5.94 31.51 9.33
N GLN C 1045 -5.66 31.66 10.63
CA GLN C 1045 -4.57 30.89 11.19
C GLN C 1045 -4.89 29.40 11.27
N SER C 1046 -6.16 29.01 11.24
CA SER C 1046 -6.51 27.60 11.19
C SER C 1046 -6.10 26.98 9.87
N VAL C 1047 -6.42 27.63 8.75
CA VAL C 1047 -6.04 27.07 7.45
C VAL C 1047 -4.53 27.14 7.26
N VAL C 1048 -3.88 28.22 7.74
CA VAL C 1048 -2.44 28.33 7.62
C VAL C 1048 -1.73 27.25 8.44
N ASN C 1049 -2.17 27.05 9.69
CA ASN C 1049 -1.56 26.04 10.55
C ASN C 1049 -1.89 24.63 10.09
N SER C 1050 -3.06 24.42 9.48
CA SER C 1050 -3.38 23.09 8.95
C SER C 1050 -2.49 22.74 7.76
N ASN C 1051 -2.25 23.71 6.87
CA ASN C 1051 -1.31 23.48 5.78
C ASN C 1051 0.09 23.23 6.30
N ALA C 1052 0.52 23.99 7.32
CA ALA C 1052 1.83 23.80 7.91
C ALA C 1052 1.95 22.43 8.58
N GLN C 1053 0.89 21.98 9.25
CA GLN C 1053 0.89 20.68 9.89
C GLN C 1053 0.94 19.55 8.86
N ALA C 1054 0.21 19.70 7.75
CA ALA C 1054 0.26 18.70 6.70
C ALA C 1054 1.65 18.59 6.09
N LEU C 1055 2.28 19.74 5.81
CA LEU C 1055 3.64 19.72 5.27
C LEU C 1055 4.64 19.16 6.27
N ASN C 1056 4.46 19.48 7.55
CA ASN C 1056 5.35 18.95 8.59
C ASN C 1056 5.21 17.44 8.73
N SER C 1057 3.97 16.92 8.64
CA SER C 1057 3.76 15.48 8.68
C SER C 1057 4.38 14.79 7.48
N LEU C 1058 4.23 15.38 6.29
CA LEU C 1058 4.85 14.80 5.10
C LEU C 1058 6.37 14.82 5.20
N LEU C 1059 6.94 15.87 5.80
CA LEU C 1059 8.38 15.92 6.01
C LEU C 1059 8.84 14.88 7.02
N GLN C 1060 8.06 14.70 8.10
CA GLN C 1060 8.41 13.70 9.11
C GLN C 1060 8.22 12.28 8.62
N GLN C 1061 7.46 12.09 7.54
CA GLN C 1061 7.34 10.76 6.94
C GLN C 1061 8.66 10.24 6.37
N LEU C 1062 9.64 11.12 6.13
CA LEU C 1062 10.92 10.73 5.58
C LEU C 1062 11.83 10.04 6.58
N PHE C 1063 11.49 10.04 7.86
CA PHE C 1063 12.32 9.44 8.91
C PHE C 1063 11.65 8.21 9.53
N ASN C 1064 10.99 7.41 8.71
CA ASN C 1064 10.35 6.18 9.15
C ASN C 1064 11.13 4.99 8.62
N LYS C 1065 11.37 4.01 9.48
CA LYS C 1065 12.19 2.87 9.09
C LYS C 1065 11.46 1.95 8.12
N PHE C 1066 10.15 1.77 8.33
CA PHE C 1066 9.31 0.84 7.56
C PHE C 1066 9.88 -0.58 7.59
N GLY C 1067 10.44 -0.97 8.73
CA GLY C 1067 11.05 -2.28 8.86
C GLY C 1067 12.46 -2.39 8.33
N ALA C 1068 13.01 -1.34 7.75
CA ALA C 1068 14.39 -1.38 7.30
C ALA C 1068 15.33 -1.09 8.45
N ILE C 1069 16.62 -1.34 8.21
CA ILE C 1069 17.60 -1.18 9.29
C ILE C 1069 17.85 0.29 9.59
N SER C 1070 17.63 1.17 8.62
CA SER C 1070 17.85 2.60 8.84
C SER C 1070 16.85 3.40 8.03
N SER C 1071 16.44 4.54 8.57
CA SER C 1071 15.51 5.43 7.89
C SER C 1071 16.18 6.30 6.84
N SER C 1072 17.50 6.39 6.84
CA SER C 1072 18.24 7.22 5.90
C SER C 1072 18.92 6.34 4.86
N LEU C 1073 18.87 6.78 3.61
CA LEU C 1073 19.48 6.02 2.53
C LEU C 1073 21.00 6.02 2.59
N GLN C 1074 21.61 7.02 3.25
CA GLN C 1074 23.06 7.09 3.31
C GLN C 1074 23.66 5.95 4.13
N GLU C 1075 23.06 5.67 5.29
CA GLU C 1075 23.54 4.56 6.12
C GLU C 1075 23.34 3.22 5.44
N ILE C 1076 22.21 3.04 4.75
CA ILE C 1076 21.94 1.80 4.05
C ILE C 1076 22.93 1.59 2.90
N LEU C 1077 23.15 2.64 2.11
CA LEU C 1077 24.08 2.53 1.00
C LEU C 1077 25.55 2.52 1.45
N SER C 1078 25.83 2.88 2.70
CA SER C 1078 27.17 2.75 3.25
C SER C 1078 27.36 1.50 4.09
N ARG C 1079 26.30 0.73 4.33
CA ARG C 1079 26.40 -0.51 5.10
C ARG C 1079 26.09 -1.76 4.30
N LEU C 1080 25.38 -1.65 3.17
CA LEU C 1080 25.02 -2.79 2.36
C LEU C 1080 25.40 -2.51 0.90
N ASP C 1081 25.65 -3.57 0.14
CA ASP C 1081 26.14 -3.43 -1.24
C ASP C 1081 25.22 -4.17 -2.24
N ALA C 1082 24.13 -3.50 -2.62
CA ALA C 1082 23.30 -3.77 -3.79
C ALA C 1082 22.67 -5.17 -3.80
N LEU C 1083 22.79 -5.95 -2.74
CA LEU C 1083 22.16 -7.27 -2.69
C LEU C 1083 21.11 -7.34 -1.59
N GLU C 1084 21.49 -7.08 -0.35
CA GLU C 1084 20.51 -6.91 0.72
C GLU C 1084 20.10 -5.45 0.89
N ALA C 1085 20.78 -4.54 0.19
CA ALA C 1085 20.35 -3.15 0.20
C ALA C 1085 19.05 -2.96 -0.56
N GLN C 1086 18.81 -3.79 -1.58
CA GLN C 1086 17.67 -3.59 -2.47
C GLN C 1086 16.35 -3.80 -1.75
N VAL C 1087 16.27 -4.78 -0.84
CA VAL C 1087 15.02 -5.03 -0.16
C VAL C 1087 14.70 -3.92 0.85
N GLN C 1088 15.73 -3.38 1.53
CA GLN C 1088 15.51 -2.26 2.43
C GLN C 1088 15.10 -1.01 1.66
N ILE C 1089 15.75 -0.75 0.53
CA ILE C 1089 15.38 0.40 -0.29
C ILE C 1089 13.98 0.24 -0.87
N ASP C 1090 13.60 -1.00 -1.19
CA ASP C 1090 12.24 -1.27 -1.66
C ASP C 1090 11.21 -1.01 -0.57
N ARG C 1091 11.53 -1.39 0.67
CA ARG C 1091 10.62 -1.11 1.78
C ARG C 1091 10.46 0.38 1.99
N LEU C 1092 11.57 1.13 1.94
CA LEU C 1092 11.50 2.58 2.10
C LEU C 1092 10.71 3.22 0.98
N ILE C 1093 10.92 2.77 -0.26
CA ILE C 1093 10.21 3.32 -1.42
C ILE C 1093 8.72 3.03 -1.32
N ASN C 1094 8.35 1.81 -0.93
CA ASN C 1094 6.93 1.46 -0.81
C ASN C 1094 6.26 2.28 0.29
N GLY C 1095 6.92 2.45 1.43
CA GLY C 1095 6.35 3.27 2.49
C GLY C 1095 6.17 4.73 2.10
N ARG C 1096 7.19 5.31 1.45
CA ARG C 1096 7.11 6.70 1.04
C ARG C 1096 6.07 6.89 -0.06
N LEU C 1097 5.92 5.93 -0.96
CA LEU C 1097 4.90 6.03 -2.00
C LEU C 1097 3.50 5.92 -1.42
N THR C 1098 3.32 5.05 -0.42
CA THR C 1098 2.03 4.98 0.27
C THR C 1098 1.71 6.30 0.97
N ALA C 1099 2.72 6.90 1.61
CA ALA C 1099 2.52 8.20 2.26
C ALA C 1099 2.14 9.27 1.24
N LEU C 1100 2.80 9.26 0.09
CA LEU C 1100 2.48 10.25 -0.95
C LEU C 1100 1.08 10.06 -1.52
N ASN C 1101 0.65 8.81 -1.71
CA ASN C 1101 -0.70 8.55 -2.20
C ASN C 1101 -1.76 8.99 -1.20
N ALA C 1102 -1.53 8.73 0.09
CA ALA C 1102 -2.44 9.21 1.11
C ALA C 1102 -2.49 10.73 1.14
N TYR C 1103 -1.34 11.38 1.00
CA TYR C 1103 -1.29 12.83 1.02
C TYR C 1103 -2.02 13.44 -0.17
N VAL C 1104 -1.86 12.86 -1.37
CA VAL C 1104 -2.52 13.46 -2.52
C VAL C 1104 -4.02 13.20 -2.48
N SER C 1105 -4.47 12.07 -1.91
CA SER C 1105 -5.90 11.87 -1.75
C SER C 1105 -6.50 12.88 -0.77
N GLN C 1106 -5.82 13.11 0.36
CA GLN C 1106 -6.29 14.10 1.33
C GLN C 1106 -6.26 15.50 0.73
N GLN C 1107 -5.25 15.80 -0.09
CA GLN C 1107 -5.17 17.09 -0.76
C GLN C 1107 -6.31 17.27 -1.75
N LEU C 1108 -6.68 16.20 -2.47
CA LEU C 1108 -7.81 16.26 -3.39
C LEU C 1108 -9.11 16.59 -2.65
N SER C 1109 -9.34 15.92 -1.51
CA SER C 1109 -10.54 16.21 -0.73
C SER C 1109 -10.55 17.64 -0.20
N ASP C 1110 -9.40 18.10 0.31
CA ASP C 1110 -9.31 19.45 0.85
C ASP C 1110 -9.54 20.50 -0.23
N ILE C 1111 -8.97 20.30 -1.42
CA ILE C 1111 -9.12 21.26 -2.50
C ILE C 1111 -10.55 21.27 -3.03
N SER C 1112 -11.23 20.11 -3.02
CA SER C 1112 -12.65 20.09 -3.36
C SER C 1112 -13.46 20.92 -2.36
N LEU C 1113 -13.16 20.79 -1.07
CA LEU C 1113 -13.83 21.61 -0.06
C LEU C 1113 -13.54 23.11 -0.26
N VAL C 1114 -12.31 23.44 -0.63
CA VAL C 1114 -11.93 24.83 -0.91
C VAL C 1114 -12.71 25.37 -2.10
N LYS C 1115 -12.88 24.56 -3.14
CA LYS C 1115 -13.66 24.97 -4.31
C LYS C 1115 -15.11 25.23 -3.94
N LEU C 1116 -15.70 24.37 -3.10
CA LEU C 1116 -17.07 24.59 -2.66
C LEU C 1116 -17.21 25.87 -1.84
N GLY C 1117 -16.26 26.12 -0.95
CA GLY C 1117 -16.28 27.37 -0.20
C GLY C 1117 -16.10 28.59 -1.09
N ALA C 1118 -15.29 28.46 -2.13
CA ALA C 1118 -15.09 29.58 -3.05
C ALA C 1118 -16.34 29.84 -3.88
N ALA C 1119 -17.07 28.78 -4.25
CA ALA C 1119 -18.35 28.97 -4.93
C ALA C 1119 -19.36 29.66 -4.01
N LEU C 1120 -19.34 29.31 -2.73
CA LEU C 1120 -20.16 30.02 -1.75
C LEU C 1120 -19.77 31.50 -1.67
N ALA C 1121 -18.46 31.78 -1.73
CA ALA C 1121 -17.99 33.16 -1.72
C ALA C 1121 -18.43 33.91 -2.98
N MET C 1122 -18.41 33.25 -4.13
CA MET C 1122 -18.89 33.88 -5.36
C MET C 1122 -20.36 34.23 -5.29
N GLU C 1123 -21.17 33.30 -4.75
CA GLU C 1123 -22.59 33.61 -4.56
C GLU C 1123 -22.80 34.71 -3.53
N LYS C 1124 -21.96 34.75 -2.50
CA LYS C 1124 -22.05 35.80 -1.49
C LYS C 1124 -21.72 37.17 -2.07
N VAL C 1125 -20.73 37.23 -2.97
CA VAL C 1125 -20.41 38.47 -3.66
C VAL C 1125 -21.55 38.88 -4.58
N ASN C 1126 -22.11 37.92 -5.32
CA ASN C 1126 -23.14 38.23 -6.31
C ASN C 1126 -24.43 38.70 -5.67
N GLU C 1127 -24.82 38.10 -4.54
CA GLU C 1127 -26.17 38.30 -4.02
C GLU C 1127 -26.24 39.19 -2.78
N CYS C 1128 -25.14 39.41 -2.06
CA CYS C 1128 -25.17 40.24 -0.87
C CYS C 1128 -24.47 41.58 -1.03
N VAL C 1129 -23.37 41.63 -1.78
CA VAL C 1129 -22.57 42.85 -1.90
C VAL C 1129 -23.11 43.73 -3.01
N LYS C 1130 -23.15 43.21 -4.23
CA LYS C 1130 -23.56 44.02 -5.38
C LYS C 1130 -25.05 44.31 -5.35
N SER C 1131 -25.85 43.36 -4.88
CA SER C 1131 -27.30 43.54 -4.78
C SER C 1131 -27.75 42.94 -3.45
N GLN C 1132 -29.08 42.86 -3.28
CA GLN C 1132 -29.66 42.29 -2.06
C GLN C 1132 -30.85 41.41 -2.48
N SER C 1133 -30.57 40.13 -2.68
CA SER C 1133 -31.63 39.20 -3.03
C SER C 1133 -32.51 38.94 -1.80
N PRO C 1134 -33.82 38.76 -1.99
CA PRO C 1134 -34.72 38.51 -0.84
C PRO C 1134 -34.60 37.10 -0.28
N ARG C 1135 -33.47 36.83 0.36
CA ARG C 1135 -33.22 35.57 1.05
C ARG C 1135 -32.94 35.88 2.51
N ILE C 1136 -33.77 35.36 3.40
CA ILE C 1136 -33.68 35.67 4.82
C ILE C 1136 -32.52 34.91 5.43
N ASN C 1137 -31.67 35.63 6.18
CA ASN C 1137 -30.54 35.08 6.91
C ASN C 1137 -29.53 34.39 5.99
N PHE C 1138 -29.37 34.89 4.77
CA PHE C 1138 -28.31 34.37 3.92
C PHE C 1138 -27.01 35.16 4.10
N CYS C 1139 -27.10 36.49 4.12
CA CYS C 1139 -25.91 37.31 4.29
C CYS C 1139 -25.46 37.31 5.74
N GLY C 1140 -26.31 37.79 6.64
CA GLY C 1140 -25.95 37.88 8.05
C GLY C 1140 -27.12 37.55 8.95
N ASN C 1141 -26.80 37.23 10.19
CA ASN C 1141 -27.82 36.88 11.16
C ASN C 1141 -28.62 38.11 11.55
N GLY C 1142 -29.94 37.99 11.54
CA GLY C 1142 -30.80 39.12 11.82
C GLY C 1142 -31.16 39.88 10.57
N ASN C 1143 -31.74 41.07 10.78
CA ASN C 1143 -32.17 41.93 9.69
C ASN C 1143 -30.96 42.50 8.97
N HIS C 1144 -30.78 42.13 7.70
CA HIS C 1144 -29.62 42.53 6.94
C HIS C 1144 -29.86 43.88 6.27
N ILE C 1145 -28.77 44.63 6.08
CA ILE C 1145 -28.86 45.94 5.42
C ILE C 1145 -28.07 45.90 4.12
N LEU C 1146 -26.76 45.68 4.22
CA LEU C 1146 -25.88 45.55 3.06
C LEU C 1146 -24.61 44.86 3.51
N SER C 1147 -23.66 44.74 2.59
CA SER C 1147 -22.38 44.12 2.89
C SER C 1147 -21.30 44.76 2.05
N LEU C 1148 -20.05 44.63 2.52
CA LEU C 1148 -18.88 45.10 1.81
C LEU C 1148 -17.84 44.00 1.80
N VAL C 1149 -17.01 43.99 0.77
CA VAL C 1149 -16.04 42.92 0.56
C VAL C 1149 -14.63 43.50 0.68
N GLN C 1150 -13.77 42.80 1.41
CA GLN C 1150 -12.37 43.17 1.56
C GLN C 1150 -11.50 41.95 1.33
N ASN C 1151 -10.29 42.20 0.82
CA ASN C 1151 -9.36 41.12 0.54
C ASN C 1151 -8.79 40.55 1.83
N ALA C 1152 -8.56 39.26 1.84
CA ALA C 1152 -8.05 38.53 3.00
C ALA C 1152 -7.01 37.54 2.50
N PRO C 1153 -6.10 37.09 3.38
CA PRO C 1153 -5.17 36.02 3.01
C PRO C 1153 -5.92 34.71 2.77
N TYR C 1154 -5.86 34.22 1.53
CA TYR C 1154 -6.53 33.00 1.08
C TYR C 1154 -8.04 33.07 1.29
N GLY C 1155 -8.65 34.09 0.72
CA GLY C 1155 -10.08 34.25 0.80
C GLY C 1155 -10.47 35.71 0.76
N LEU C 1156 -11.75 35.95 1.02
CA LEU C 1156 -12.31 37.30 1.13
C LEU C 1156 -12.84 37.51 2.54
N LEU C 1157 -13.11 38.78 2.85
CA LEU C 1157 -13.67 39.17 4.14
C LEU C 1157 -14.95 39.95 3.89
N PHE C 1158 -16.07 39.42 4.36
CA PHE C 1158 -17.37 40.06 4.22
C PHE C 1158 -17.75 40.69 5.56
N MET C 1159 -18.05 41.98 5.53
CA MET C 1159 -18.48 42.72 6.71
C MET C 1159 -19.96 43.02 6.56
N HIS C 1160 -20.80 42.12 7.06
CA HIS C 1160 -22.24 42.31 7.00
C HIS C 1160 -22.66 43.35 8.04
N PHE C 1161 -23.50 44.28 7.62
CA PHE C 1161 -24.03 45.31 8.50
C PHE C 1161 -25.52 45.04 8.69
N SER C 1162 -25.95 44.97 9.95
CA SER C 1162 -27.30 44.53 10.27
C SER C 1162 -27.99 45.53 11.17
N TYR C 1163 -29.29 45.71 10.92
CA TYR C 1163 -30.14 46.55 11.75
C TYR C 1163 -30.34 45.90 13.11
N LYS C 1164 -30.39 46.72 14.15
CA LYS C 1164 -30.47 46.17 15.51
C LYS C 1164 -31.19 47.12 16.47
N PRO C 1165 -32.31 46.69 17.06
CA PRO C 1165 -32.96 47.50 18.09
C PRO C 1165 -32.21 47.45 19.41
N ILE C 1166 -32.44 48.48 20.22
CA ILE C 1166 -31.79 48.60 21.53
C ILE C 1166 -32.81 48.84 22.62
N SER C 1167 -34.07 49.01 22.25
CA SER C 1167 -35.13 49.29 23.21
C SER C 1167 -36.44 48.75 22.67
N PHE C 1168 -37.41 48.58 23.58
CA PHE C 1168 -38.67 47.95 23.23
C PHE C 1168 -39.82 48.63 23.94
N LYS C 1169 -41.01 48.47 23.38
CA LYS C 1169 -42.23 49.00 23.98
C LYS C 1169 -43.36 48.01 23.73
N THR C 1170 -44.15 47.75 24.76
CA THR C 1170 -45.26 46.80 24.67
C THR C 1170 -46.54 47.56 24.31
N VAL C 1171 -47.14 47.20 23.18
CA VAL C 1171 -48.39 47.80 22.74
C VAL C 1171 -49.37 46.70 22.34
N LEU C 1172 -50.64 47.07 22.26
CA LEU C 1172 -51.68 46.15 21.81
C LEU C 1172 -51.91 46.34 20.33
N VAL C 1173 -51.84 45.24 19.57
CA VAL C 1173 -51.88 45.30 18.12
C VAL C 1173 -53.11 44.56 17.60
N SER C 1174 -53.28 44.57 16.27
CA SER C 1174 -54.35 43.85 15.60
C SER C 1174 -53.95 43.57 14.16
N PRO C 1175 -54.06 42.33 13.69
CA PRO C 1175 -53.63 41.99 12.33
C PRO C 1175 -54.61 42.42 11.24
N GLY C 1176 -55.75 42.99 11.59
CA GLY C 1176 -56.69 43.45 10.59
C GLY C 1176 -58.02 43.80 11.23
N LEU C 1177 -58.87 44.44 10.44
CA LEU C 1177 -60.17 44.87 10.93
C LEU C 1177 -61.10 45.15 9.76
N CYS C 1178 -62.40 44.97 10.00
CA CYS C 1178 -63.44 45.24 9.03
C CYS C 1178 -63.97 46.66 9.27
N ILE C 1179 -63.94 47.49 8.23
CA ILE C 1179 -64.19 48.92 8.38
C ILE C 1179 -65.44 49.40 7.67
N SER C 1180 -66.06 48.58 6.82
CA SER C 1180 -67.19 49.03 6.02
C SER C 1180 -68.10 47.83 5.78
N GLY C 1181 -68.93 47.91 4.74
CA GLY C 1181 -69.90 46.87 4.45
C GLY C 1181 -69.24 45.58 3.97
N ASP C 1182 -68.61 44.88 4.91
CA ASP C 1182 -67.89 43.63 4.70
C ASP C 1182 -66.73 43.83 3.71
N VAL C 1183 -65.79 44.65 4.14
CA VAL C 1183 -64.52 44.82 3.45
C VAL C 1183 -63.41 44.63 4.47
N GLY C 1184 -62.23 44.25 4.00
CA GLY C 1184 -61.12 43.92 4.88
C GLY C 1184 -59.87 44.70 4.53
N ILE C 1185 -59.14 45.12 5.55
CA ILE C 1185 -57.85 45.78 5.38
C ILE C 1185 -56.83 45.08 6.28
N ALA C 1186 -55.61 44.95 5.78
CA ALA C 1186 -54.52 44.31 6.49
C ALA C 1186 -53.26 45.14 6.29
N PRO C 1187 -52.37 45.18 7.28
CA PRO C 1187 -51.15 45.98 7.13
C PRO C 1187 -50.21 45.35 6.13
N LYS C 1188 -49.46 46.21 5.42
CA LYS C 1188 -48.47 45.72 4.48
C LYS C 1188 -47.30 45.07 5.21
N GLN C 1189 -46.61 45.83 6.05
CA GLN C 1189 -45.58 45.30 6.93
C GLN C 1189 -45.69 46.07 8.25
N GLY C 1190 -46.49 45.55 9.16
CA GLY C 1190 -46.73 46.24 10.42
C GLY C 1190 -48.02 45.76 11.07
N TYR C 1191 -48.55 46.59 11.95
CA TYR C 1191 -49.74 46.26 12.72
C TYR C 1191 -50.62 47.48 12.86
N PHE C 1192 -51.88 47.24 13.22
CA PHE C 1192 -52.82 48.29 13.60
C PHE C 1192 -52.85 48.42 15.11
N ILE C 1193 -52.82 49.65 15.60
CA ILE C 1193 -52.82 49.90 17.04
C ILE C 1193 -53.94 50.85 17.40
N LYS C 1194 -54.34 50.80 18.66
CA LYS C 1194 -55.45 51.60 19.16
C LYS C 1194 -54.92 52.91 19.75
N HIS C 1195 -55.51 54.03 19.33
CA HIS C 1195 -55.12 55.33 19.88
C HIS C 1195 -56.35 56.23 19.88
N ASN C 1196 -57.06 56.24 21.01
CA ASN C 1196 -58.21 57.13 21.27
C ASN C 1196 -59.32 56.95 20.23
N ASP C 1197 -59.88 55.74 20.21
CA ASP C 1197 -61.08 55.39 19.45
C ASP C 1197 -60.88 55.55 17.94
N HIS C 1198 -59.64 55.44 17.47
CA HIS C 1198 -59.34 55.38 16.04
C HIS C 1198 -58.01 54.68 15.85
N TRP C 1199 -57.92 53.88 14.79
CA TRP C 1199 -56.78 53.01 14.58
C TRP C 1199 -55.73 53.67 13.69
N MET C 1200 -54.46 53.40 13.98
CA MET C 1200 -53.36 53.84 13.15
C MET C 1200 -52.38 52.70 12.88
N PHE C 1201 -51.65 52.84 11.78
CA PHE C 1201 -50.64 51.88 11.37
C PHE C 1201 -49.31 52.17 12.04
N THR C 1202 -48.57 51.11 12.35
CA THR C 1202 -47.25 51.20 12.94
C THR C 1202 -46.34 50.21 12.23
N GLY C 1203 -45.11 50.64 11.92
CA GLY C 1203 -44.16 49.73 11.32
C GLY C 1203 -43.75 48.62 12.27
N SER C 1204 -43.32 47.51 11.71
CA SER C 1204 -43.03 46.31 12.48
C SER C 1204 -41.65 46.32 13.12
N SER C 1205 -40.86 47.38 12.91
CA SER C 1205 -39.53 47.46 13.50
C SER C 1205 -39.24 48.83 14.10
N TYR C 1206 -40.21 49.73 14.11
CA TYR C 1206 -40.05 51.02 14.77
C TYR C 1206 -41.42 51.55 15.16
N TYR C 1207 -41.60 51.87 16.43
CA TYR C 1207 -42.89 52.33 16.94
C TYR C 1207 -43.11 53.77 16.54
N TYR C 1208 -44.03 53.99 15.58
CA TYR C 1208 -44.37 55.33 15.15
C TYR C 1208 -45.79 55.32 14.57
N PRO C 1209 -46.74 55.99 15.21
CA PRO C 1209 -48.11 56.00 14.68
C PRO C 1209 -48.22 56.89 13.44
N GLU C 1210 -48.72 56.30 12.36
CA GLU C 1210 -48.98 56.97 11.10
C GLU C 1210 -50.45 56.83 10.72
N PRO C 1211 -51.04 57.83 10.07
CA PRO C 1211 -52.47 57.74 9.74
C PRO C 1211 -52.74 56.67 8.69
N ILE C 1212 -54.01 56.28 8.62
CA ILE C 1212 -54.42 55.19 7.76
C ILE C 1212 -54.36 55.64 6.30
N SER C 1213 -53.57 54.92 5.50
CA SER C 1213 -53.43 55.20 4.08
C SER C 1213 -53.74 53.94 3.28
N ASP C 1214 -53.74 54.10 1.96
CA ASP C 1214 -53.87 52.97 1.05
C ASP C 1214 -52.53 52.50 0.48
N LYS C 1215 -51.43 53.12 0.88
CA LYS C 1215 -50.10 52.70 0.45
C LYS C 1215 -49.45 51.73 1.42
N ASN C 1216 -50.07 51.48 2.58
CA ASN C 1216 -49.55 50.54 3.56
C ASN C 1216 -50.56 49.44 3.87
N VAL C 1217 -51.58 49.29 3.03
CA VAL C 1217 -52.73 48.43 3.31
C VAL C 1217 -53.01 47.56 2.09
N VAL C 1218 -53.12 46.25 2.32
CA VAL C 1218 -53.60 45.32 1.29
C VAL C 1218 -55.12 45.22 1.42
N PHE C 1219 -55.83 45.54 0.35
CA PHE C 1219 -57.29 45.47 0.39
C PHE C 1219 -57.78 44.03 0.30
N MET C 1220 -59.02 43.83 0.74
CA MET C 1220 -59.67 42.54 0.71
C MET C 1220 -61.07 42.72 0.13
N ASN C 1221 -61.56 41.69 -0.54
CA ASN C 1221 -62.96 41.71 -0.97
C ASN C 1221 -63.89 41.47 0.21
N THR C 1222 -63.50 40.59 1.13
CA THR C 1222 -64.21 40.38 2.37
C THR C 1222 -63.21 40.09 3.47
N CYS C 1223 -63.58 40.44 4.70
CA CYS C 1223 -62.68 40.30 5.83
C CYS C 1223 -62.90 38.95 6.52
N SER C 1224 -61.92 38.58 7.34
CA SER C 1224 -62.00 37.33 8.08
C SER C 1224 -63.03 37.43 9.19
N VAL C 1225 -63.45 36.27 9.69
CA VAL C 1225 -64.51 36.22 10.69
C VAL C 1225 -64.05 36.78 12.03
N ASN C 1226 -62.76 36.63 12.36
CA ASN C 1226 -62.23 37.06 13.65
C ASN C 1226 -61.51 38.39 13.59
N PHE C 1227 -61.67 39.14 12.50
CA PHE C 1227 -61.16 40.50 12.45
C PHE C 1227 -61.98 41.41 13.35
N THR C 1228 -61.34 42.49 13.81
CA THR C 1228 -62.03 43.46 14.66
C THR C 1228 -63.07 44.23 13.85
N LYS C 1229 -64.19 44.55 14.48
CA LYS C 1229 -65.27 45.26 13.81
C LYS C 1229 -65.25 46.72 14.24
N ALA C 1230 -65.17 47.62 13.25
CA ALA C 1230 -65.29 49.06 13.50
C ALA C 1230 -65.79 49.75 12.24
N PRO C 1231 -67.11 49.91 12.09
CA PRO C 1231 -67.65 50.72 11.00
C PRO C 1231 -67.19 52.17 10.97
N LEU C 1232 -66.61 52.69 12.07
CA LEU C 1232 -66.30 54.11 12.13
C LEU C 1232 -65.15 54.50 11.21
N VAL C 1233 -64.18 53.59 11.01
CA VAL C 1233 -63.05 53.89 10.13
C VAL C 1233 -63.51 53.85 8.69
N TYR C 1234 -63.21 54.92 7.95
CA TYR C 1234 -63.56 55.04 6.54
C TYR C 1234 -62.31 55.09 5.69
N LEU C 1235 -62.37 54.49 4.51
CA LEU C 1235 -61.28 54.58 3.54
C LEU C 1235 -61.82 54.41 2.12
C1 NAG D . -17.29 -59.06 12.03
C2 NAG D . -16.28 -60.15 12.42
C3 NAG D . -16.51 -61.40 11.56
C4 NAG D . -17.96 -61.86 11.65
C5 NAG D . -18.91 -60.70 11.32
C6 NAG D . -20.37 -61.05 11.55
C7 NAG D . -14.11 -59.45 13.30
C8 NAG D . -12.73 -58.96 12.96
N2 NAG D . -14.92 -59.67 12.27
O3 NAG D . -15.64 -62.44 12.02
O4 NAG D . -18.19 -62.89 10.70
O5 NAG D . -18.62 -59.58 12.17
O6 NAG D . -20.66 -61.20 12.93
O7 NAG D . -14.46 -59.63 14.46
C1 NAG D . -18.41 -64.16 11.35
C2 NAG D . -18.66 -65.21 10.26
C3 NAG D . -18.82 -66.60 10.88
C4 NAG D . -17.64 -66.92 11.79
C5 NAG D . -17.46 -65.81 12.82
C6 NAG D . -16.24 -66.01 13.70
C7 NAG D . -19.85 -64.82 8.14
C8 NAG D . -21.16 -64.45 7.52
N2 NAG D . -19.85 -64.87 9.48
O3 NAG D . -18.90 -67.57 9.84
O4 NAG D . -17.86 -68.16 12.46
O5 NAG D . -17.28 -64.56 12.15
O6 NAG D . -15.96 -64.83 14.46
O7 NAG D . -18.84 -65.07 7.48
C1 NAG E . -16.98 -18.83 -34.71
C2 NAG E . -17.44 -20.01 -35.55
C3 NAG E . -16.61 -20.09 -36.83
C4 NAG E . -16.64 -18.77 -37.58
C5 NAG E . -16.24 -17.62 -36.65
C6 NAG E . -16.40 -16.26 -37.29
C7 NAG E . -18.15 -22.31 -35.04
C8 NAG E . -17.92 -23.52 -34.19
N2 NAG E . -17.36 -21.25 -34.81
O3 NAG E . -17.13 -21.12 -37.68
O4 NAG E . -15.73 -18.82 -38.67
O5 NAG E . -17.07 -17.62 -35.48
O6 NAG E . -17.05 -15.35 -36.41
O7 NAG E . -19.01 -22.28 -35.91
C1 NAG E . -16.40 -18.85 -39.95
C2 NAG E . -15.53 -19.63 -40.93
C3 NAG E . -16.21 -19.72 -42.28
C4 NAG E . -17.62 -20.28 -42.15
C5 NAG E . -18.41 -19.49 -41.12
C6 NAG E . -19.78 -20.08 -40.84
C7 NAG E . -13.10 -19.62 -40.63
C8 NAG E . -11.82 -18.86 -40.84
N2 NAG E . -14.21 -19.03 -41.05
O3 NAG E . -15.44 -20.54 -43.15
O4 NAG E . -18.29 -20.24 -43.40
O5 NAG E . -17.71 -19.46 -39.87
O6 NAG E . -19.78 -21.49 -41.02
O7 NAG E . -13.11 -20.73 -40.10
C1 NAG F . 16.91 -36.91 -28.53
C2 NAG F . 15.39 -36.94 -28.71
C3 NAG F . 15.02 -37.55 -30.06
C4 NAG F . 15.76 -36.84 -31.20
C5 NAG F . 17.27 -36.81 -30.91
C6 NAG F . 18.04 -36.01 -31.93
C7 NAG F . 13.52 -37.44 -27.21
C8 NAG F . 13.03 -38.29 -26.07
N2 NAG F . 14.76 -37.67 -27.63
O3 NAG F . 13.62 -37.45 -30.27
O4 NAG F . 15.51 -37.42 -32.47
O5 NAG F . 17.51 -36.19 -29.63
O6 NAG F . 19.06 -35.22 -31.30
O7 NAG F . 12.81 -36.58 -27.72
C1 NAG F . 15.50 -38.86 -32.55
C2 NAG F . 14.59 -39.29 -33.72
C3 NAG F . 14.60 -40.81 -33.91
C4 NAG F . 16.02 -41.33 -34.03
C5 NAG F . 16.86 -40.85 -32.84
C6 NAG F . 18.32 -41.25 -32.94
C7 NAG F . 12.35 -39.08 -32.60
C8 NAG F . 11.02 -38.41 -32.70
N2 NAG F . 13.22 -38.78 -33.58
O3 NAG F . 13.85 -41.14 -35.07
O4 NAG F . 16.02 -42.75 -34.07
O5 NAG F . 16.82 -39.42 -32.76
O6 NAG F . 19.17 -40.28 -32.36
O7 NAG F . 12.64 -39.82 -31.66
C1 NAG G . -0.67 -65.63 -5.08
C2 NAG G . -0.90 -67.06 -4.61
C3 NAG G . -0.29 -68.05 -5.61
C4 NAG G . -0.81 -67.76 -7.03
C5 NAG G . -0.59 -66.29 -7.39
C6 NAG G . -1.19 -65.90 -8.71
C7 NAG G . -1.09 -67.59 -2.23
C8 NAG G . -0.36 -67.77 -0.93
N2 NAG G . -0.34 -67.28 -3.29
O3 NAG G . -0.62 -69.37 -5.24
O4 NAG G . -0.13 -68.60 -7.96
O5 NAG G . -1.20 -65.45 -6.39
O6 NAG G . -2.49 -66.45 -8.88
O7 NAG G . -2.31 -67.73 -2.31
C1 NAG G . -1.09 -69.51 -8.55
C2 NAG G . -0.43 -70.15 -9.78
C3 NAG G . -1.39 -71.14 -10.44
C4 NAG G . -1.94 -72.14 -9.41
C5 NAG G . -2.49 -71.41 -8.19
C6 NAG G . -2.91 -72.34 -7.08
C7 NAG G . -0.68 -68.26 -11.39
C8 NAG G . 0.07 -67.36 -12.33
N2 NAG G . 0.06 -69.17 -10.74
O3 NAG G . -0.72 -71.83 -11.49
O4 NAG G . -2.97 -72.92 -10.00
O5 NAG G . -1.50 -70.53 -7.64
O6 NAG G . -2.39 -71.92 -5.83
O7 NAG G . -1.91 -68.16 -11.25
C1 BMA G . -2.53 -74.27 -10.21
C2 BMA G . -3.64 -75.23 -9.71
C3 BMA G . -3.30 -76.68 -10.08
C4 BMA G . -2.90 -76.81 -11.57
C5 BMA G . -1.76 -75.83 -11.87
C6 BMA G . -1.32 -75.86 -13.33
O2 BMA G . -4.88 -74.92 -10.31
O3 BMA G . -4.37 -77.57 -9.80
O4 BMA G . -2.47 -78.13 -11.84
O5 BMA G . -2.22 -74.50 -11.59
O6 BMA G . -1.06 -77.21 -13.68
C1 NAG H . -42.85 -11.79 -5.56
C2 NAG H . -44.26 -11.49 -6.10
C3 NAG H . -45.02 -10.56 -5.15
C4 NAG H . -45.02 -11.11 -3.74
C5 NAG H . -43.57 -11.33 -3.29
C6 NAG H . -43.44 -11.94 -1.92
C7 NAG H . -43.67 -9.82 -7.87
C8 NAG H . -43.80 -9.51 -9.33
N2 NAG H . -44.25 -10.96 -7.46
O3 NAG H . -46.37 -10.40 -5.61
O4 NAG H . -45.70 -10.22 -2.85
O5 NAG H . -42.93 -12.24 -4.20
O6 NAG H . -44.27 -13.09 -1.78
O7 NAG H . -43.06 -9.07 -7.10
C1 NAG H . -46.85 -10.92 -2.30
C2 NAG H . -47.47 -10.07 -1.20
C3 NAG H . -48.67 -10.81 -0.59
C4 NAG H . -49.66 -11.20 -1.67
C5 NAG H . -48.96 -11.96 -2.80
C6 NAG H . -49.87 -12.23 -3.98
C7 NAG H . -45.84 -8.58 -0.13
C8 NAG H . -44.87 -8.41 0.99
N2 NAG H . -46.50 -9.75 -0.17
O3 NAG H . -49.29 -9.97 0.38
O4 NAG H . -50.67 -12.04 -1.12
O5 NAG H . -47.85 -11.20 -3.31
O6 NAG H . -50.18 -11.03 -4.68
O7 NAG H . -46.04 -7.70 -0.97
C1 NAG I . -37.53 -7.39 -31.07
C2 NAG I . -37.11 -7.62 -32.52
C3 NAG I . -37.26 -6.33 -33.32
C4 NAG I . -38.68 -5.80 -33.19
C5 NAG I . -39.06 -5.65 -31.72
C6 NAG I . -40.51 -5.26 -31.52
C7 NAG I . -35.46 -9.38 -32.98
C8 NAG I . -34.01 -9.72 -33.02
N2 NAG I . -35.75 -8.12 -32.61
O3 NAG I . -36.94 -6.57 -34.68
O4 NAG I . -38.80 -4.53 -33.84
O5 NAG I . -38.88 -6.89 -31.03
O6 NAG I . -41.37 -5.95 -32.40
O7 NAG I . -36.33 -10.18 -33.28
C1 NAG I . -39.63 -4.68 -35.02
C2 NAG I . -40.06 -3.30 -35.51
C3 NAG I . -40.87 -3.43 -36.80
C4 NAG I . -40.12 -4.24 -37.84
C5 NAG I . -39.69 -5.58 -37.25
C6 NAG I . -38.83 -6.40 -38.20
C7 NAG I . -40.27 -1.74 -33.63
C8 NAG I . -41.20 -1.10 -32.65
N2 NAG I . -40.83 -2.60 -34.49
O3 NAG I . -41.16 -2.13 -37.31
O4 NAG I . -40.93 -4.46 -38.98
O5 NAG I . -38.92 -5.37 -36.07
O6 NAG I . -37.64 -5.71 -38.55
O7 NAG I . -39.07 -1.48 -33.64
C1 NAG J . -50.69 38.49 -34.73
C2 NAG J . -49.23 38.05 -34.82
C3 NAG J . -48.83 37.89 -36.29
C4 NAG J . -49.79 36.97 -37.02
C5 NAG J . -51.23 37.43 -36.81
C6 NAG J . -52.26 36.49 -37.39
C7 NAG J . -47.21 38.65 -33.56
C8 NAG J . -46.44 39.77 -32.91
N2 NAG J . -48.37 39.00 -34.15
O3 NAG J . -47.51 37.35 -36.35
O4 NAG J . -49.51 37.00 -38.42
O5 NAG J . -51.52 37.54 -35.41
O6 NAG J . -52.72 36.92 -38.66
O7 NAG J . -46.83 37.50 -33.54
C1 NAG J . -48.90 35.78 -38.86
C2 NAG J . -48.80 35.83 -40.38
C3 NAG J . -48.11 34.58 -40.92
C4 NAG J . -46.76 34.37 -40.23
C5 NAG J . -46.94 34.36 -38.71
C6 NAG J . -45.64 34.27 -37.96
C7 NAG J . -50.60 37.18 -41.35
C8 NAG J . -51.98 37.17 -41.97
N2 NAG J . -50.10 35.99 -41.00
O3 NAG J . -47.92 34.70 -42.32
O4 NAG J . -46.17 33.15 -40.65
O5 NAG J . -47.59 35.57 -38.29
O6 NAG J . -45.63 33.19 -37.05
O7 NAG J . -49.98 38.23 -41.19
C1 NAG K . -30.88 -18.13 13.12
C2 NAG K . -31.62 -17.47 14.29
C3 NAG K . -32.81 -16.66 13.78
C4 NAG K . -32.35 -15.67 12.70
C5 NAG K . -31.60 -16.42 11.60
C6 NAG K . -31.03 -15.51 10.54
C7 NAG K . -31.65 -18.51 16.52
C8 NAG K . -32.22 -19.61 17.36
N2 NAG K . -32.07 -18.47 15.25
O3 NAG K . -33.40 -15.95 14.86
O4 NAG K . -33.48 -15.01 12.14
O5 NAG K . -30.49 -17.13 12.17
O6 NAG K . -30.11 -14.58 11.11
O7 NAG K . -30.85 -17.69 16.96
C1 NAG K . -33.45 -13.62 12.51
C2 NAG K . -34.24 -12.82 11.47
C3 NAG K . -34.29 -11.34 11.85
C4 NAG K . -34.81 -11.17 13.28
C5 NAG K . -34.00 -12.04 14.24
C6 NAG K . -34.55 -12.02 15.65
C7 NAG K . -34.09 -13.91 9.28
C8 NAG K . -33.40 -13.95 7.95
N2 NAG K . -33.68 -12.98 10.14
O3 NAG K . -35.12 -10.63 10.94
O4 NAG K . -34.70 -9.81 13.67
O5 NAG K . -34.03 -13.41 13.81
O6 NAG K . -33.78 -11.16 16.49
O7 NAG K . -34.99 -14.71 9.56
C1 NAG L . 12.43 -16.65 -46.69
C2 NAG L . 12.73 -17.50 -47.92
C3 NAG L . 14.18 -17.98 -47.88
C4 NAG L . 15.13 -16.80 -47.72
C5 NAG L . 14.74 -15.98 -46.49
C6 NAG L . 15.54 -14.72 -46.33
C7 NAG L . 11.12 -18.95 -49.10
C8 NAG L . 11.31 -18.05 -50.29
N2 NAG L . 11.83 -18.64 -48.01
O3 NAG L . 14.48 -18.68 -49.08
O4 NAG L . 16.47 -17.26 -47.57
O5 NAG L . 13.35 -15.57 -46.60
O6 NAG L . 15.80 -14.09 -47.58
O7 NAG L . 10.37 -19.92 -49.14
C1 NAG L . 17.27 -16.93 -48.73
C2 NAG L . 17.79 -18.24 -49.34
C3 NAG L . 18.61 -17.94 -50.60
C4 NAG L . 17.82 -17.09 -51.57
C5 NAG L . 17.33 -15.81 -50.87
C6 NAG L . 16.45 -14.96 -51.75
C7 NAG L . 18.56 -20.32 -48.30
C8 NAG L . 19.45 -20.92 -47.25
N2 NAG L . 18.58 -18.98 -48.38
O3 NAG L . 18.96 -19.17 -51.22
O4 NAG L . 18.63 -16.72 -52.68
O5 NAG L . 16.54 -16.18 -49.73
O6 NAG L . 15.14 -14.81 -51.19
O7 NAG L . 17.87 -21.01 -49.03
C1 NAG M . 37.96 -11.43 -48.71
C2 NAG M . 38.90 -12.62 -48.73
C3 NAG M . 40.31 -12.17 -49.12
C4 NAG M . 40.27 -11.41 -50.44
C5 NAG M . 39.26 -10.27 -50.38
C6 NAG M . 39.06 -9.56 -51.69
C7 NAG M . 38.41 -14.51 -47.24
C8 NAG M . 38.52 -15.05 -45.84
N2 NAG M . 38.92 -13.29 -47.44
O3 NAG M . 41.15 -13.32 -49.25
O4 NAG M . 41.55 -10.84 -50.70
O5 NAG M . 37.97 -10.79 -49.99
O6 NAG M . 38.45 -10.41 -52.66
O7 NAG M . 37.87 -15.14 -48.15
C1 NAG M . 42.21 -11.51 -51.80
C2 NAG M . 43.58 -10.87 -51.98
C3 NAG M . 44.37 -11.58 -53.09
C4 NAG M . 44.42 -13.08 -52.83
C5 NAG M . 43.01 -13.63 -52.64
C6 NAG M . 42.99 -15.10 -52.28
C7 NAG M . 43.98 -8.49 -51.53
C8 NAG M . 43.75 -7.08 -51.99
N2 NAG M . 43.45 -9.45 -52.30
O3 NAG M . 45.69 -11.05 -53.15
O4 NAG M . 45.05 -13.74 -53.93
O5 NAG M . 42.36 -12.93 -51.57
O6 NAG M . 41.66 -15.58 -52.20
O7 NAG M . 44.61 -8.74 -50.50
C1 NAG N . 29.34 30.95 -4.67
C2 NAG N . 30.66 31.53 -5.19
C3 NAG N . 31.60 31.83 -4.02
C4 NAG N . 30.91 32.73 -3.00
C5 NAG N . 29.56 32.13 -2.58
C6 NAG N . 28.75 33.06 -1.70
C7 NAG N . 32.10 31.02 -7.11
C8 NAG N . 32.68 29.95 -7.99
N2 NAG N . 31.30 30.61 -6.12
O3 NAG N . 32.77 32.47 -4.51
O4 NAG N . 31.73 32.85 -1.84
O5 NAG N . 28.76 31.88 -3.75
O6 NAG N . 27.40 33.13 -2.12
O7 NAG N . 32.35 32.21 -7.30
C1 NAG N . 32.28 34.18 -1.71
C2 NAG N . 33.67 34.06 -1.09
C3 NAG N . 34.29 35.45 -0.95
C4 NAG N . 34.29 36.18 -2.28
C5 NAG N . 32.88 36.21 -2.87
C6 NAG N . 32.83 36.80 -4.26
C7 NAG N . 34.13 32.19 0.43
C8 NAG N . 33.98 31.65 1.82
N2 NAG N . 33.61 33.40 0.21
O3 NAG N . 35.63 35.32 -0.46
O4 NAG N . 34.76 37.51 -2.11
O5 NAG N . 32.36 34.87 -2.97
O6 NAG N . 33.98 36.45 -5.01
O7 NAG N . 34.70 31.55 -0.47
C1 NAG O . 49.12 -0.57 6.72
C2 NAG O . 48.88 0.57 5.72
C3 NAG O . 50.02 1.59 5.82
C4 NAG O . 50.20 2.05 7.26
C5 NAG O . 50.36 0.85 8.19
C6 NAG O . 50.42 1.23 9.65
C7 NAG O . 48.07 0.67 3.41
C8 NAG O . 48.04 0.00 2.07
N2 NAG O . 48.77 0.05 4.37
O3 NAG O . 49.71 2.72 4.99
O4 NAG O . 51.29 2.96 7.41
O5 NAG O . 49.26 -0.04 8.05
O6 NAG O . 49.64 0.36 10.44
O7 NAG O . 47.49 1.73 3.61
C1 NAG O . 52.52 2.66 6.70
C2 NAG O . 53.26 3.97 6.43
C3 NAG O . 54.60 3.71 5.74
C4 NAG O . 55.42 2.69 6.52
C5 NAG O . 54.60 1.43 6.74
C6 NAG O . 55.32 0.40 7.60
C7 NAG O . 51.98 4.79 4.44
C8 NAG O . 51.19 5.95 3.91
N2 NAG O . 52.46 4.94 5.69
O3 NAG O . 55.33 4.94 5.63
O4 NAG O . 56.60 2.36 5.80
O5 NAG O . 53.38 1.75 7.42
O6 NAG O . 54.42 -0.31 8.43
O7 NAG O . 52.16 3.77 3.77
C1 NAG P . 56.20 -12.18 -31.80
C2 NAG P . 57.06 -12.81 -32.91
C3 NAG P . 58.54 -12.75 -32.53
C4 NAG P . 58.95 -11.33 -32.15
C5 NAG P . 58.01 -10.77 -31.08
C6 NAG P . 58.26 -9.32 -30.74
C7 NAG P . 56.14 -14.59 -34.33
C8 NAG P . 55.78 -16.03 -34.41
N2 NAG P . 56.65 -14.18 -33.16
O3 NAG P . 59.33 -13.20 -33.63
O4 NAG P . 60.29 -11.35 -31.67
O5 NAG P . 56.65 -10.85 -31.55
O6 NAG P . 58.50 -8.55 -31.90
O7 NAG P . 56.01 -13.82 -35.28
C1 NAG P . 61.14 -10.53 -32.52
C2 NAG P . 62.46 -10.31 -31.79
C3 NAG P . 63.41 -9.46 -32.63
C4 NAG P . 63.55 -10.04 -34.03
C5 NAG P . 62.18 -10.30 -34.66
C6 NAG P . 62.26 -11.01 -35.99
C7 NAG P . 61.72 -8.57 -30.15
C8 NAG P . 61.65 -8.24 -28.69
N2 NAG P . 62.28 -9.76 -30.45
O3 NAG P . 64.68 -9.40 -31.99
O4 NAG P . 64.25 -9.12 -34.85
O5 NAG P . 61.38 -11.14 -33.80
O6 NAG P . 61.44 -12.17 -36.01
O7 NAG P . 61.29 -7.80 -31.01
C1 BMA P . 65.58 -9.62 -35.16
C2 BMA P . 65.82 -9.46 -36.68
C3 BMA P . 67.28 -9.78 -37.04
C4 BMA P . 68.26 -9.04 -36.11
C5 BMA P . 67.92 -9.37 -34.65
C6 BMA P . 68.84 -8.68 -33.66
O2 BMA P . 65.56 -8.12 -37.09
O3 BMA P . 67.57 -9.46 -38.39
O4 BMA P . 69.58 -9.44 -36.40
O5 BMA P . 66.57 -8.94 -34.40
O6 BMA P . 70.18 -8.92 -34.05
C1 NAG Q . 2.28 29.71 -33.48
C2 NAG Q . 1.92 31.11 -34.00
C3 NAG Q . 0.48 31.17 -34.52
C4 NAG Q . 0.23 30.06 -35.54
C5 NAG Q . 0.57 28.71 -34.89
C6 NAG Q . 0.39 27.52 -35.82
C7 NAG Q . 1.58 32.26 -31.81
C8 NAG Q . 2.01 33.42 -30.98
N2 NAG Q . 2.16 32.15 -33.02
O3 NAG Q . 0.23 32.43 -35.11
O4 NAG Q . -1.11 30.10 -36.01
O5 NAG Q . 1.94 28.71 -34.49
O6 NAG Q . 1.08 27.73 -37.04
O7 NAG Q . 0.74 31.44 -31.41
C1 NAG Q . -1.09 30.32 -37.44
C2 NAG Q . -2.51 30.16 -38.00
C3 NAG Q . -2.49 30.36 -39.52
C4 NAG Q . -1.84 31.70 -39.87
C5 NAG Q . -0.48 31.85 -39.19
C6 NAG Q . 0.13 33.23 -39.38
C7 NAG Q . -3.90 28.66 -36.65
C8 NAG Q . -4.38 27.26 -36.45
N2 NAG Q . -3.06 28.86 -37.67
O3 NAG Q . -3.81 30.32 -40.02
O4 NAG Q . -1.67 31.80 -41.28
O5 NAG Q . -0.59 31.64 -37.78
O6 NAG Q . -0.59 34.21 -38.65
O7 NAG Q . -4.27 29.59 -35.92
C1 NAG R . 13.23 45.05 -15.04
C2 NAG R . 14.28 45.72 -14.16
C3 NAG R . 13.60 46.69 -13.20
C4 NAG R . 12.76 47.70 -13.97
C5 NAG R . 11.78 46.97 -14.89
C6 NAG R . 11.01 47.90 -15.80
C7 NAG R . 16.36 44.54 -13.62
C8 NAG R . 17.01 43.48 -12.78
N2 NAG R . 15.06 44.73 -13.43
O3 NAG R . 14.60 47.36 -12.43
O4 NAG R . 12.04 48.52 -13.06
O5 NAG R . 12.49 46.05 -15.75
O6 NAG R . 11.84 48.95 -16.29
O7 NAG R . 17.00 45.20 -14.44
C1 NAG R . 12.56 49.87 -13.11
C2 NAG R . 11.62 50.80 -12.33
C3 NAG R . 12.19 52.22 -12.30
C4 NAG R . 13.62 52.22 -11.78
C5 NAG R . 14.47 51.25 -12.60
C6 NAG R . 15.88 51.12 -12.07
C7 NAG R . 9.28 50.06 -12.41
C8 NAG R . 7.97 50.17 -13.13
N2 NAG R . 10.29 50.79 -12.90
O3 NAG R . 11.36 53.03 -11.48
O4 NAG R . 14.17 53.52 -11.88
O5 NAG R . 13.88 49.94 -12.56
O6 NAG R . 15.90 50.89 -10.67
O7 NAG R . 9.42 49.34 -11.42
C1 NAG S . -25.59 67.80 1.17
C2 NAG S . -24.85 66.78 2.02
C3 NAG S . -23.84 67.49 2.93
C4 NAG S . -22.94 68.42 2.13
C5 NAG S . -23.78 69.35 1.25
C6 NAG S . -22.94 70.20 0.32
C7 NAG S . -25.54 64.69 3.10
C8 NAG S . -26.59 64.01 3.91
N2 NAG S . -25.77 65.97 2.80
O3 NAG S . -23.06 66.52 3.61
O4 NAG S . -22.17 69.22 3.03
O5 NAG S . -24.67 68.59 0.42
O6 NAG S . -22.76 71.51 0.82
O7 NAG S . -24.53 64.11 2.73
C1 NAG S . -20.79 68.83 3.06
C2 NAG S . -20.03 69.85 3.89
C3 NAG S . -18.56 69.46 4.01
C4 NAG S . -18.43 68.03 4.54
C5 NAG S . -19.24 67.08 3.67
C6 NAG S . -19.25 65.66 4.20
C7 NAG S . -21.08 72.07 3.75
C8 NAG S . -21.07 73.39 3.06
N2 NAG S . -20.16 71.18 3.33
O3 NAG S . -17.89 70.36 4.87
O4 NAG S . -17.06 67.64 4.54
O5 NAG S . -20.61 67.51 3.62
O6 NAG S . -18.84 64.73 3.21
O7 NAG S . -21.87 71.80 4.65
C1 NAG T . 0.59 6.99 -37.50
C2 NAG T . -0.72 6.85 -38.28
C3 NAG T . -1.41 8.20 -38.42
C4 NAG T . -1.57 8.88 -37.07
C5 NAG T . -0.22 8.94 -36.35
C6 NAG T . -0.30 9.50 -34.95
C7 NAG T . -1.00 5.08 -39.97
C8 NAG T . -0.64 4.62 -41.34
N2 NAG T . -0.48 6.25 -39.58
O3 NAG T . -2.68 8.03 -39.04
O4 NAG T . -2.07 10.20 -37.24
O5 NAG T . 0.33 7.62 -36.24
O6 NAG T . -1.17 8.71 -34.13
O7 NAG T . -1.74 4.43 -39.23
C1 NAG T . -3.41 10.27 -36.70
C2 NAG T . -3.71 11.74 -36.35
C3 NAG T . -5.14 11.88 -35.82
C4 NAG T . -6.13 11.27 -36.80
C5 NAG T . -5.74 9.83 -37.14
C6 NAG T . -6.61 9.20 -38.19
C7 NAG T . -1.63 12.89 -35.73
C8 NAG T . -0.76 13.35 -34.59
N2 NAG T . -2.75 12.25 -35.38
O3 NAG T . -5.43 13.25 -35.61
O4 NAG T . -7.44 11.26 -36.23
O5 NAG T . -4.39 9.80 -37.63
O6 NAG T . -7.56 8.31 -37.61
O7 NAG T . -1.32 13.07 -36.90
C1 NAG U . 40.94 20.19 22.97
C2 NAG U . 42.34 20.64 23.36
C3 NAG U . 43.06 19.53 24.12
C4 NAG U . 42.24 19.05 25.31
C5 NAG U . 40.84 18.65 24.83
C6 NAG U . 39.92 18.28 25.97
C7 NAG U . 43.76 22.21 22.10
C8 NAG U . 43.69 23.12 23.28
N2 NAG U . 43.10 21.05 22.20
O3 NAG U . 44.33 20.00 24.56
O4 NAG U . 42.87 17.94 25.92
O5 NAG U . 40.23 19.75 24.14
O6 NAG U . 40.08 19.15 27.08
O7 NAG U . 44.40 22.51 21.08
C1 NAG U . 43.38 18.25 27.24
C2 NAG U . 44.90 18.07 27.23
C3 NAG U . 45.49 18.45 28.59
C4 NAG U . 45.04 19.84 29.01
C5 NAG U . 43.52 19.93 28.96
C6 NAG U . 43.00 21.33 29.27
C7 NAG U . 46.32 16.40 26.13
C8 NAG U . 46.54 14.94 25.86
N2 NAG U . 45.26 16.71 26.88
O3 NAG U . 46.91 18.39 28.52
O4 NAG U . 45.49 20.12 30.33
O5 NAG U . 43.05 19.60 27.64
O6 NAG U . 42.12 21.78 28.25
O7 NAG U . 47.08 17.26 25.70
C1 NAG V . 43.90 5.66 44.46
C2 NAG V . 45.15 4.80 44.49
C3 NAG V . 45.34 4.21 45.89
C4 NAG V . 45.32 5.31 46.95
C5 NAG V . 44.07 6.19 46.79
C6 NAG V . 44.09 7.40 47.70
C7 NAG V . 45.84 3.70 42.41
C8 NAG V . 45.63 2.53 41.50
N2 NAG V . 45.08 3.73 43.50
O3 NAG V . 46.56 3.50 45.94
O4 NAG V . 45.29 4.74 48.24
O5 NAG V . 43.99 6.69 45.45
O6 NAG V . 45.08 8.34 47.30
O7 NAG V . 46.67 4.57 42.17
C1 NAG V . 46.53 4.94 48.94
C2 NAG V . 46.39 4.37 50.36
C3 NAG V . 47.71 4.48 51.13
C4 NAG V . 48.85 3.87 50.32
C5 NAG V . 48.90 4.49 48.93
C6 NAG V . 49.95 3.87 48.04
C7 NAG V . 44.42 4.42 51.83
C8 NAG V . 43.40 5.30 52.50
N2 NAG V . 45.33 5.06 51.08
O3 NAG V . 47.58 3.80 52.37
O4 NAG V . 50.08 4.09 50.99
O5 NAG V . 47.63 4.29 48.28
O6 NAG V . 49.85 4.36 46.71
O7 NAG V . 44.42 3.21 51.96
C1 NAG W . -15.83 -8.76 38.94
C2 NAG W . -15.76 -9.11 40.42
C3 NAG W . -16.40 -10.47 40.68
C4 NAG W . -17.83 -10.51 40.12
C5 NAG W . -17.83 -10.09 38.66
C6 NAG W . -19.22 -9.95 38.09
C7 NAG W . -14.04 -8.85 42.16
C8 NAG W . -12.56 -8.89 42.47
N2 NAG W . -14.38 -9.11 40.89
O3 NAG W . -16.43 -10.74 42.08
O4 NAG W . -18.33 -11.84 40.22
O5 NAG W . -17.20 -8.80 38.51
O6 NAG W . -19.35 -8.77 37.30
O7 NAG W . -14.87 -8.58 43.02
C1 NAG W . -19.38 -11.93 41.21
C2 NAG W . -19.36 -13.34 41.80
C3 NAG W . -20.43 -13.49 42.87
C4 NAG W . -20.29 -12.39 43.92
C5 NAG W . -20.28 -11.01 43.26
C6 NAG W . -20.02 -9.89 44.23
C7 NAG W . -18.56 -15.21 40.43
C8 NAG W . -18.91 -16.19 39.35
N2 NAG W . -19.52 -14.35 40.77
O3 NAG W . -20.32 -14.76 43.49
O4 NAG W . -21.38 -12.45 44.84
O5 NAG W . -19.24 -10.95 42.27
O6 NAG W . -19.00 -10.23 45.15
O7 NAG W . -17.46 -15.21 40.97
C1 NAG X . 8.79 -37.77 30.88
C2 NAG X . 8.34 -36.63 31.80
C3 NAG X . 7.72 -37.18 33.08
C4 NAG X . 6.61 -38.18 32.74
C5 NAG X . 7.13 -39.26 31.79
C6 NAG X . 6.05 -40.21 31.32
C7 NAG X . 9.32 -34.45 32.39
C8 NAG X . 10.58 -33.70 32.69
N2 NAG X . 9.46 -35.75 32.11
O3 NAG X . 7.19 -36.12 33.85
O4 NAG X . 6.03 -38.77 33.91
O5 NAG X . 7.68 -38.64 30.61
O6 NAG X . 6.22 -40.53 29.94
O7 NAG X . 8.22 -33.92 32.42
C1 NAG X . 6.95 -39.19 34.96
C2 NAG X . 6.17 -39.17 36.30
C3 NAG X . 7.05 -39.66 37.44
C4 NAG X . 7.65 -41.02 37.11
C5 NAG X . 8.39 -40.96 35.78
C6 NAG X . 8.93 -42.30 35.33
C7 NAG X . 6.27 -36.71 36.79
C8 NAG X . 5.43 -35.51 37.08
N2 NAG X . 5.59 -37.86 36.59
O3 NAG X . 6.28 -39.74 38.63
O4 NAG X . 8.57 -41.41 38.13
O5 NAG X . 7.49 -40.51 34.74
O6 NAG X . 8.97 -42.40 33.91
O7 NAG X . 7.49 -36.64 36.72
C1 NAG Y . 40.17 -18.40 48.82
C2 NAG Y . 41.42 -18.37 49.67
C3 NAG Y . 41.53 -19.63 50.52
C4 NAG Y . 40.25 -19.85 51.32
C5 NAG Y . 39.03 -19.82 50.39
C6 NAG Y . 37.72 -19.91 51.10
C7 NAG Y . 43.40 -17.13 48.89
C8 NAG Y . 44.58 -17.14 47.97
N2 NAG Y . 42.61 -18.21 48.84
O3 NAG Y . 42.63 -19.52 51.41
O4 NAG Y . 40.32 -21.10 52.00
O5 NAG Y . 39.02 -18.60 49.65
O6 NAG Y . 37.69 -19.09 52.27
O7 NAG Y . 43.18 -16.19 49.64
C1 NAG Y . 40.30 -20.85 53.43
C2 NAG Y . 40.03 -22.18 54.15
C3 NAG Y . 40.00 -21.98 55.66
C4 NAG Y . 41.27 -21.26 56.13
C5 NAG Y . 41.51 -19.99 55.31
C6 NAG Y . 42.83 -19.32 55.63
C7 NAG Y . 37.56 -22.32 53.75
C8 NAG Y . 36.47 -23.19 53.19
N2 NAG Y . 38.80 -22.82 53.67
O3 NAG Y . 39.90 -23.25 56.30
O4 NAG Y . 41.12 -20.90 57.50
O5 NAG Y . 41.54 -20.30 53.91
O6 NAG Y . 43.50 -18.92 54.44
O7 NAG Y . 37.30 -21.23 54.25
C1 BMA Y . 41.99 -21.69 58.33
C2 BMA Y . 42.73 -20.72 59.29
C3 BMA Y . 43.49 -21.50 60.37
C4 BMA Y . 42.62 -22.59 61.02
C5 BMA Y . 42.04 -23.50 59.93
C6 BMA Y . 41.16 -24.59 60.48
O2 BMA Y . 41.81 -19.88 59.97
O3 BMA Y . 44.02 -20.64 61.37
O4 BMA Y . 43.39 -23.36 61.92
O5 BMA Y . 41.25 -22.68 59.04
O6 BMA Y . 41.88 -25.31 61.46
C1 NAG Z . -6.31 29.29 33.33
C2 NAG Z . -7.26 30.24 34.09
C3 NAG Z . -7.40 31.58 33.37
C4 NAG Z . -6.02 32.19 33.10
C5 NAG Z . -5.18 31.19 32.32
C6 NAG Z . -3.77 31.65 32.04
C7 NAG Z . -9.44 29.21 33.39
C8 NAG Z . -10.72 28.63 33.91
N2 NAG Z . -8.57 29.64 34.33
O3 NAG Z . -8.18 32.47 34.15
O4 NAG Z . -6.15 33.42 32.41
O5 NAG Z . -5.06 29.97 33.06
O6 NAG Z . -3.13 32.10 33.23
O7 NAG Z . -9.22 29.30 32.18
C1 NAG Z . -5.58 34.48 33.24
C2 NAG Z . -5.49 35.76 32.42
C3 NAG Z . -4.86 36.87 33.26
C4 NAG Z . -5.63 37.04 34.57
C5 NAG Z . -5.78 35.70 35.30
C6 NAG Z . -6.68 35.79 36.51
C7 NAG Z . -5.30 35.43 30.00
C8 NAG Z . -4.35 35.22 28.84
N2 NAG Z . -4.72 35.56 31.20
O3 NAG Z . -4.86 38.08 32.53
O4 NAG Z . -4.93 37.94 35.42
O5 NAG Z . -6.38 34.72 34.42
O6 NAG Z . -8.02 36.09 36.15
O7 NAG Z . -6.51 35.49 29.84
C1 NAG AA . -25.87 12.89 39.99
C2 NAG AA . -26.63 11.73 40.61
C3 NAG AA . -28.10 11.76 40.17
C4 NAG AA . -28.71 13.12 40.52
C5 NAG AA . -27.88 14.25 39.93
C6 NAG AA . -28.34 15.62 40.35
C7 NAG AA . -25.48 9.62 41.14
C8 NAG AA . -24.90 8.35 40.60
N2 NAG AA . -26.02 10.45 40.25
O3 NAG AA . -28.80 10.72 40.82
O4 NAG AA . -30.04 13.19 40.02
O5 NAG AA . -26.51 14.13 40.35
O6 NAG AA . -28.69 15.64 41.73
O7 NAG AA . -25.46 9.89 42.34
C1 NAG AA . -30.97 13.19 41.13
C2 NAG AA . -32.38 13.52 40.60
C3 NAG AA . -33.39 13.45 41.74
C4 NAG AA . -33.31 12.12 42.47
C5 NAG AA . -31.87 11.87 42.93
C6 NAG AA . -31.69 10.52 43.57
C7 NAG AA . -32.25 15.00 38.66
C8 NAG AA . -32.30 16.41 38.16
N2 NAG AA . -32.41 14.82 39.97
O3 NAG AA . -34.70 13.63 41.22
O4 NAG AA . -34.18 12.12 43.60
O5 NAG AA . -30.99 11.92 41.80
O6 NAG AA . -32.17 9.47 42.75
O7 NAG AA . -32.05 14.05 37.89
C1 NAG BA . -62.28 33.17 16.53
C2 NAG BA . -61.69 31.82 16.13
C3 NAG BA . -62.52 30.69 16.74
C4 NAG BA . -62.68 30.88 18.24
C5 NAG BA . -63.18 32.28 18.57
C6 NAG BA . -63.19 32.59 20.05
C7 NAG BA . -60.73 30.93 14.05
C8 NAG BA . -60.80 30.91 12.56
N2 NAG BA . -61.63 31.69 14.69
O3 NAG BA . -61.88 29.44 16.48
O4 NAG BA . -63.61 29.93 18.74
O5 NAG BA . -62.34 33.27 17.95
O6 NAG BA . -64.49 32.43 20.60
O7 NAG BA . -59.89 30.28 14.67
C1 NAG BA . -62.99 28.89 19.52
C2 NAG BA . -64.09 28.04 20.13
C3 NAG BA . -63.48 26.87 20.91
C4 NAG BA . -62.53 26.08 20.03
C5 NAG BA . -61.48 27.01 19.43
C6 NAG BA . -60.56 26.30 18.46
C7 NAG BA . -66.09 29.41 20.54
C8 NAG BA . -66.86 30.19 21.56
N2 NAG BA . -64.96 28.84 20.99
O3 NAG BA . -64.53 26.03 21.39
O4 NAG BA . -61.88 25.07 20.81
O5 NAG BA . -62.11 28.07 18.71
O6 NAG BA . -59.19 26.51 18.80
O7 NAG BA . -66.47 29.28 19.39
C1 NAG CA . 13.96 27.54 22.35
C2 NAG CA . 14.19 28.91 21.72
C3 NAG CA . 13.01 29.84 22.03
C4 NAG CA . 11.69 29.19 21.64
C5 NAG CA . 11.58 27.81 22.29
C6 NAG CA . 10.35 27.05 21.87
C7 NAG CA . 16.42 29.85 21.35
C8 NAG CA . 17.64 30.45 21.99
N2 NAG CA . 15.43 29.50 22.18
O3 NAG CA . 13.19 31.07 21.32
O4 NAG CA . 10.61 30.01 22.05
O5 NAG CA . 12.71 27.01 21.92
O6 NAG CA . 10.36 26.75 20.49
O7 NAG CA . 16.35 29.71 20.13
C1 NAG CA . 9.94 30.56 20.90
C2 NAG CA . 8.49 30.88 21.28
C3 NAG CA . 7.76 31.50 20.08
C4 NAG CA . 8.54 32.70 19.56
C5 NAG CA . 9.97 32.30 19.25
C6 NAG CA . 10.84 33.48 18.83
C7 NAG CA . 7.73 29.34 23.03
C8 NAG CA . 6.96 28.09 23.33
N2 NAG CA . 7.79 29.70 21.74
O3 NAG CA . 6.46 31.90 20.49
O4 NAG CA . 7.92 33.19 18.37
O5 NAG CA . 10.59 31.74 20.41
O6 NAG CA . 11.03 33.50 17.43
O7 NAG CA . 8.28 29.99 23.91
C1 NAG DA . -18.64 -38.49 27.97
C2 NAG DA . -18.90 -39.60 28.98
C3 NAG DA . -18.20 -40.89 28.54
C4 NAG DA . -18.62 -41.26 27.12
C5 NAG DA . -18.37 -40.09 26.18
C6 NAG DA . -18.87 -40.34 24.77
C7 NAG DA . -19.20 -39.29 31.41
C8 NAG DA . -20.59 -39.82 31.22
N2 NAG DA . -18.44 -39.21 30.31
O3 NAG DA . -18.54 -41.93 29.44
O4 NAG DA . -17.88 -42.39 26.68
O5 NAG DA . -19.05 -38.92 26.66
O6 NAG DA . -20.11 -41.01 24.78
O7 NAG DA . -18.79 -38.95 32.51
C1 NAG DA . -18.72 -43.57 26.55
C2 NAG DA . -18.18 -44.64 27.49
C3 NAG DA . -19.06 -45.90 27.42
C4 NAG DA . -20.51 -45.54 27.66
C5 NAG DA . -20.96 -44.45 26.71
C6 NAG DA . -22.37 -43.96 26.97
C7 NAG DA . -15.88 -45.26 28.10
C8 NAG DA . -14.51 -45.58 27.58
N2 NAG DA . -16.80 -44.98 27.17
O3 NAG DA . -18.61 -46.84 28.40
O4 NAG DA . -21.34 -46.70 27.47
O5 NAG DA . -20.10 -43.30 26.85
O6 NAG DA . -22.39 -42.59 27.34
O7 NAG DA . -16.14 -45.26 29.29
C1 NAG EA . -10.95 -73.40 -13.56
C2 NAG EA . -10.50 -74.19 -14.80
C3 NAG EA . -11.60 -75.14 -15.26
C4 NAG EA . -12.08 -76.01 -14.10
C5 NAG EA . -12.48 -75.15 -12.92
C6 NAG EA . -12.87 -75.95 -11.70
C7 NAG EA . -8.98 -73.37 -16.56
C8 NAG EA . -8.04 -74.48 -16.17
N2 NAG EA . -10.13 -73.28 -15.88
O3 NAG EA . -11.11 -75.96 -16.31
O4 NAG EA . -13.19 -76.80 -14.52
O5 NAG EA . -11.38 -74.31 -12.54
O6 NAG EA . -12.62 -75.22 -10.50
O7 NAG EA . -8.71 -72.59 -17.46
C1 NAG FA . -21.31 -75.23 -2.87
C2 NAG FA . -21.34 -75.96 -4.21
C3 NAG FA . -21.93 -77.36 -4.03
C4 NAG FA . -21.18 -78.12 -2.94
C5 NAG FA . -21.15 -77.31 -1.65
C6 NAG FA . -20.32 -77.95 -0.56
C7 NAG FA . -21.65 -74.93 -6.43
C8 NAG FA . -20.27 -75.44 -6.77
N2 NAG FA . -22.10 -75.21 -5.20
O3 NAG FA . -21.84 -78.07 -5.26
O4 NAG FA . -21.82 -79.37 -2.69
O5 NAG FA . -20.59 -76.01 -1.91
O6 NAG FA . -20.09 -79.32 -0.82
O7 NAG FA . -22.32 -74.30 -7.23
C1 NAG GA . -33.91 -46.67 11.61
C2 NAG GA . -34.37 -46.01 12.92
C3 NAG GA . -35.89 -45.92 12.95
C4 NAG GA . -36.41 -45.22 11.71
C5 NAG GA . -35.89 -45.92 10.46
C6 NAG GA . -36.28 -45.20 9.18
C7 NAG GA . -33.18 -46.15 15.05
C8 NAG GA . -32.74 -47.04 16.18
N2 NAG GA . -33.86 -46.73 14.07
O3 NAG GA . -36.28 -45.21 14.12
O4 NAG GA . -37.84 -45.24 11.71
O5 NAG GA . -34.46 -45.96 10.49
O6 NAG GA . -37.40 -44.34 9.38
O7 NAG GA . -32.93 -44.94 15.05
C1 NAG HA . 59.92 -30.05 -13.62
C2 NAG HA . 61.41 -29.73 -13.40
C3 NAG HA . 62.25 -30.99 -13.63
C4 NAG HA . 61.74 -32.14 -12.77
C5 NAG HA . 60.26 -32.37 -13.01
C6 NAG HA . 59.66 -33.41 -12.10
C7 NAG HA . 62.62 -27.65 -13.86
C8 NAG HA . 62.97 -26.63 -14.91
N2 NAG HA . 61.85 -28.67 -14.29
O3 NAG HA . 63.61 -30.70 -13.32
O4 NAG HA . 62.46 -33.33 -13.07
O5 NAG HA . 59.54 -31.15 -12.77
O6 NAG HA . 59.53 -32.92 -10.77
O7 NAG HA . 63.00 -27.57 -12.71
C1 NAG IA . 47.33 4.33 -16.39
C2 NAG IA . 47.89 5.45 -15.51
C3 NAG IA . 46.77 6.34 -15.01
C4 NAG IA . 45.92 6.85 -16.18
C5 NAG IA . 45.44 5.67 -17.02
C6 NAG IA . 44.68 6.08 -18.26
C7 NAG IA . 49.96 4.69 -14.43
C8 NAG IA . 50.57 4.12 -13.18
N2 NAG IA . 48.64 4.90 -14.39
O3 NAG IA . 47.32 7.44 -14.30
O4 NAG IA . 44.79 7.57 -15.69
O5 NAG IA . 46.57 4.90 -17.47
O6 NAG IA . 44.18 4.96 -18.96
O7 NAG IA . 50.63 4.94 -15.41
C1 NAG JA . -46.96 8.41 -17.52
C2 NAG JA . -47.39 7.02 -17.97
C3 NAG JA . -48.60 6.55 -17.17
C4 NAG JA . -48.31 6.62 -15.68
C5 NAG JA . -47.83 8.03 -15.30
C6 NAG JA . -47.39 8.14 -13.87
C7 NAG JA . -47.07 6.19 -20.28
C8 NAG JA . -46.03 5.27 -19.72
N2 NAG JA . -47.68 6.99 -19.40
O3 NAG JA . -48.92 5.21 -17.54
O4 NAG JA . -49.48 6.31 -14.94
O5 NAG JA . -46.70 8.40 -16.11
O6 NAG JA . -46.09 7.60 -13.68
O7 NAG JA . -47.35 6.20 -21.48
C1 NAG KA . -61.24 16.90 -27.80
C2 NAG KA . -61.17 15.61 -28.63
C3 NAG KA . -62.00 15.76 -29.90
C4 NAG KA . -63.42 16.17 -29.55
C5 NAG KA . -63.42 17.43 -28.68
C6 NAG KA . -64.80 17.81 -28.19
C7 NAG KA . -59.11 14.27 -28.39
C8 NAG KA . -59.85 13.47 -27.35
N2 NAG KA . -59.79 15.28 -28.96
O3 NAG KA . -62.01 14.52 -30.61
O4 NAG KA . -64.16 16.43 -30.75
O5 NAG KA . -62.62 17.21 -27.51
O6 NAG KA . -65.46 16.70 -27.57
O7 NAG KA . -57.95 14.02 -28.69
C1 NAG LA . -64.63 20.27 -3.93
C2 NAG LA . -66.14 20.45 -4.09
C3 NAG LA . -66.84 20.20 -2.76
C4 NAG LA . -66.46 18.83 -2.20
C5 NAG LA . -64.94 18.71 -2.11
C6 NAG LA . -64.49 17.34 -1.70
C7 NAG LA . -66.68 22.04 -5.88
C8 NAG LA . -66.99 23.47 -6.23
N2 NAG LA . -66.46 21.78 -4.59
O3 NAG LA . -68.25 20.27 -2.96
O4 NAG LA . -67.02 18.66 -0.91
O5 NAG LA . -64.35 18.97 -3.40
O6 NAG LA . -63.52 16.81 -2.59
O7 NAG LA . -66.64 21.16 -6.74
C1 NAG MA . -29.58 -4.01 27.21
C2 NAG MA . -30.65 -4.62 26.30
C3 NAG MA . -31.33 -3.54 25.46
C4 NAG MA . -31.86 -2.43 26.37
C5 NAG MA . -30.74 -1.90 27.26
C6 NAG MA . -31.21 -0.88 28.26
C7 NAG MA . -30.57 -6.90 25.38
C8 NAG MA . -29.86 -7.83 24.44
N2 NAG MA . -30.09 -5.65 25.44
O3 NAG MA . -32.39 -4.11 24.72
O4 NAG MA . -32.37 -1.37 25.58
O5 NAG MA . -30.16 -2.98 28.02
O6 NAG MA . -30.22 0.11 28.50
O7 NAG MA . -31.52 -7.26 26.05
C1 NAG NA . 41.90 -44.68 -20.67
C2 NAG NA . 40.90 -45.35 -21.64
C3 NAG NA . 41.12 -46.86 -21.65
C4 NAG NA . 42.57 -47.19 -21.95
C5 NAG NA . 43.49 -46.48 -20.97
C6 NAG NA . 44.95 -46.68 -21.26
C7 NAG NA . 38.73 -44.27 -22.00
C8 NAG NA . 37.35 -44.05 -21.47
N2 NAG NA . 39.53 -45.04 -21.27
O3 NAG NA . 40.27 -47.46 -22.63
O4 NAG NA . 42.78 -48.60 -21.85
O5 NAG NA . 43.25 -45.06 -21.03
O6 NAG NA . 45.39 -45.89 -22.36
O7 NAG NA . 39.11 -43.75 -23.05
C1 NAG OA . 64.70 -1.37 -38.94
C2 NAG OA . 66.10 -1.00 -38.44
C3 NAG OA . 66.83 -0.17 -39.49
C4 NAG OA . 66.82 -0.88 -40.85
C5 NAG OA . 65.39 -1.24 -41.24
C6 NAG OA . 65.31 -2.03 -42.52
C7 NAG OA . 66.76 -0.59 -36.09
C8 NAG OA . 67.68 -1.77 -36.23
N2 NAG OA . 66.04 -0.29 -37.18
O3 NAG OA . 68.18 0.04 -39.07
O4 NAG OA . 67.39 -0.04 -41.84
O5 NAG OA . 64.79 -2.02 -40.21
O6 NAG OA . 64.17 -2.89 -42.51
O7 NAG OA . 66.68 0.04 -35.05
C1 NAG PA . 58.14 -2.53 -52.44
C2 NAG PA . 59.39 -1.68 -52.19
C3 NAG PA . 60.32 -1.73 -53.40
C4 NAG PA . 60.63 -3.18 -53.77
C5 NAG PA . 59.35 -3.98 -53.94
C6 NAG PA . 59.59 -5.45 -54.17
C7 NAG PA . 59.49 0.37 -50.81
C8 NAG PA . 60.41 -0.39 -49.89
N2 NAG PA . 59.04 -0.30 -51.87
O3 NAG PA . 61.52 -1.03 -53.11
O4 NAG PA . 61.39 -3.22 -54.97
O5 NAG PA . 58.53 -3.87 -52.76
O6 NAG PA . 60.75 -5.66 -54.96
O7 NAG PA . 59.16 1.52 -50.58
C1 NAG QA . 24.04 2.99 -53.54
C2 NAG QA . 22.73 2.51 -54.18
C3 NAG QA . 22.23 3.53 -55.19
C4 NAG QA . 22.13 4.92 -54.56
C5 NAG QA . 23.47 5.30 -53.95
C6 NAG QA . 23.42 6.62 -53.20
C7 NAG QA . 21.97 0.25 -54.71
C8 NAG QA . 22.30 -1.04 -55.41
N2 NAG QA . 22.88 1.21 -54.79
O3 NAG QA . 20.95 3.14 -55.67
O4 NAG QA . 21.78 5.89 -55.56
O5 NAG QA . 23.87 4.31 -53.00
O6 NAG QA . 22.63 7.58 -53.89
O7 NAG QA . 20.93 0.39 -54.08
C1 NAG RA . 46.07 -38.10 33.24
C2 NAG RA . 46.05 -39.15 34.35
C3 NAG RA . 47.40 -39.87 34.43
C4 NAG RA . 47.78 -40.44 33.05
C5 NAG RA . 47.74 -39.34 32.00
C6 NAG RA . 47.98 -39.85 30.60
C7 NAG RA . 44.87 -39.11 36.50
C8 NAG RA . 44.66 -38.35 37.79
N2 NAG RA . 45.73 -38.55 35.64
O3 NAG RA . 47.33 -40.93 35.39
O4 NAG RA . 49.09 -41.00 33.10
O5 NAG RA . 46.44 -38.72 31.99
O6 NAG RA . 46.84 -40.56 30.10
O7 NAG RA . 44.30 -40.16 36.27
C1 NAG SA . 16.36 -19.12 43.50
C2 NAG SA . 15.11 -19.81 44.03
C3 NAG SA . 13.85 -19.17 43.45
C4 NAG SA . 13.88 -17.65 43.69
C5 NAG SA . 15.17 -17.07 43.16
C6 NAG SA . 15.31 -15.59 43.45
C7 NAG SA . 15.61 -22.16 44.56
C8 NAG SA . 15.56 -23.58 44.08
N2 NAG SA . 15.12 -21.24 43.72
O3 NAG SA . 12.69 -19.73 44.06
O4 NAG SA . 12.77 -17.04 43.02
O5 NAG SA . 16.29 -17.72 43.78
O6 NAG SA . 16.43 -15.03 42.76
O7 NAG SA . 16.08 -21.86 45.66
C1 NAG TA . -8.95 45.92 -20.09
C2 NAG TA . -7.67 46.19 -20.87
C3 NAG TA . -7.98 46.32 -22.36
C4 NAG TA . -8.73 45.10 -22.86
C5 NAG TA . -9.97 44.86 -22.00
C6 NAG TA . -10.70 43.59 -22.35
C7 NAG TA . -5.76 47.35 -19.82
C8 NAG TA . -5.08 46.02 -19.74
N2 NAG TA . -6.98 47.38 -20.37
O3 NAG TA . -6.75 46.46 -23.08
O4 NAG TA . -9.13 45.29 -24.21
O5 NAG TA . -9.61 44.75 -20.61
O6 NAG TA . -10.10 42.46 -21.72
O7 NAG TA . -5.22 48.38 -19.43
C1 NAG UA . -14.07 64.65 -20.66
C2 NAG UA . -12.57 64.87 -20.84
C3 NAG UA . -12.23 66.35 -20.70
C4 NAG UA . -13.07 67.18 -21.67
C5 NAG UA . -14.56 66.87 -21.47
C6 NAG UA . -15.44 67.56 -22.49
C7 NAG UA . -11.09 63.00 -20.20
C8 NAG UA . -11.12 62.58 -21.65
N2 NAG UA . -11.80 64.09 -19.88
O3 NAG UA . -10.85 66.56 -20.97
O4 NAG UA . -12.85 68.57 -21.43
O5 NAG UA . -14.79 65.47 -21.61
O6 NAG UA . -14.97 67.35 -23.82
O7 NAG UA . -10.47 62.37 -19.36
C1 NAG VA . -30.10 51.09 -32.99
C2 NAG VA . -30.56 52.29 -33.83
C3 NAG VA . -31.21 51.80 -35.13
C4 NAG VA . -30.27 50.87 -35.88
C5 NAG VA . -29.82 49.73 -34.98
C6 NAG VA . -28.77 48.84 -35.61
C7 NAG VA . -31.11 54.24 -32.46
C8 NAG VA . -32.19 54.98 -31.73
N2 NAG VA . -31.49 53.13 -33.08
O3 NAG VA . -31.54 52.93 -35.94
O4 NAG VA . -30.92 50.34 -37.03
O5 NAG VA . -29.22 50.26 -33.78
O6 NAG VA . -27.72 48.55 -34.71
O7 NAG VA . -29.95 54.64 -32.48
C1 NAG WA . -18.01 -0.23 -36.17
C2 NAG WA . -17.28 0.95 -36.80
C3 NAG WA . -17.88 2.27 -36.30
C4 NAG WA . -19.39 2.29 -36.53
C5 NAG WA . -20.04 1.06 -35.91
C6 NAG WA . -21.51 0.95 -36.21
C7 NAG WA . -14.93 1.01 -37.48
C8 NAG WA . -13.50 0.94 -37.02
N2 NAG WA . -15.86 0.90 -36.52
O3 NAG WA . -17.26 3.36 -36.98
O4 NAG WA . -19.95 3.46 -35.96
O5 NAG WA . -19.42 -0.14 -36.44
O6 NAG WA . -22.21 0.32 -35.15
O7 NAG WA . -15.22 1.16 -38.66
C1 NAG XA . 57.46 -24.70 16.46
C2 NAG XA . 58.26 -23.55 15.84
C3 NAG XA . 59.56 -24.08 15.23
C4 NAG XA . 60.34 -24.89 16.25
C5 NAG XA . 59.47 -26.00 16.83
C6 NAG XA . 60.16 -26.79 17.92
C7 NAG XA . 57.06 -21.59 14.99
C8 NAG XA . 56.27 -21.02 13.85
N2 NAG XA . 57.48 -22.85 14.84
O3 NAG XA . 60.34 -22.99 14.76
O4 NAG XA . 61.49 -25.46 15.64
O5 NAG XA . 58.29 -25.43 17.40
O6 NAG XA . 59.93 -26.21 19.20
O7 NAG XA . 57.32 -20.93 15.99
C1 NAG YA . 36.92 -16.34 63.78
C2 NAG YA . 36.67 -17.55 64.70
C3 NAG YA . 36.72 -17.13 66.16
C4 NAG YA . 38.01 -16.38 66.46
C5 NAG YA . 38.17 -15.22 65.50
C6 NAG YA . 39.48 -14.47 65.67
C7 NAG YA . 35.26 -19.50 64.15
C8 NAG YA . 36.51 -20.33 64.19
N2 NAG YA . 35.40 -18.19 64.39
O3 NAG YA . 36.62 -18.29 66.99
O4 NAG YA . 37.98 -15.89 67.80
O5 NAG YA . 38.15 -15.70 64.15
O6 NAG YA . 39.91 -13.89 64.45
O7 NAG YA . 34.16 -19.98 63.89
C1 NAG ZA . 43.22 -2.84 65.17
C2 NAG ZA . 42.72 -3.64 66.36
C3 NAG ZA . 43.61 -3.39 67.58
C4 NAG ZA . 45.06 -3.65 67.24
C5 NAG ZA . 45.48 -2.86 66.00
C6 NAG ZA . 46.88 -3.18 65.54
C7 NAG ZA . 40.36 -4.24 66.83
C8 NAG ZA . 40.77 -5.68 66.68
N2 NAG ZA . 41.32 -3.32 66.67
O3 NAG ZA . 43.19 -4.23 68.65
O4 NAG ZA . 45.90 -3.29 68.34
O5 NAG ZA . 44.60 -3.16 64.92
O6 NAG ZA . 47.72 -3.56 66.62
O7 NAG ZA . 39.20 -3.92 67.08
C1 NAG AB . 31.24 22.15 44.63
C2 NAG AB . 31.64 23.38 43.82
C3 NAG AB . 31.23 24.65 44.55
C4 NAG AB . 29.74 24.62 44.88
C5 NAG AB . 29.41 23.35 45.66
C6 NAG AB . 27.92 23.18 45.92
C7 NAG AB . 33.58 23.54 42.33
C8 NAG AB . 35.07 23.52 42.23
N2 NAG AB . 33.07 23.39 43.55
O3 NAG AB . 31.51 25.78 43.74
O4 NAG AB . 29.39 25.75 45.67
O5 NAG AB . 29.83 22.19 44.91
O6 NAG AB . 27.32 24.41 46.30
O7 NAG AB . 32.86 23.67 41.34
C1 NAG BB . 25.01 -63.55 -3.62
C2 NAG BB . 25.32 -64.57 -4.71
C3 NAG BB . 26.18 -65.70 -4.15
C4 NAG BB . 27.43 -65.14 -3.48
C5 NAG BB . 27.05 -64.10 -2.43
C6 NAG BB . 28.24 -63.41 -1.82
C7 NAG BB . 23.93 -65.29 -6.60
C8 NAG BB . 22.60 -65.84 -7.02
N2 NAG BB . 24.09 -65.10 -5.29
O3 NAG BB . 26.55 -66.58 -5.20
O4 NAG BB . 28.16 -66.19 -2.86
O5 NAG BB . 26.25 -63.07 -3.03
O6 NAG BB . 28.82 -62.47 -2.71
O7 NAG BB . 24.81 -65.02 -7.41
C1 NAG CB . -2.96 -46.15 -19.77
C2 NAG CB . -2.91 -45.88 -21.28
C3 NAG CB . -3.42 -44.47 -21.59
C4 NAG CB . -4.80 -44.25 -20.96
C5 NAG CB . -4.74 -44.58 -19.47
C6 NAG CB . -6.09 -44.48 -18.78
C7 NAG CB . -1.15 -47.22 -22.32
C8 NAG CB . 0.28 -47.23 -22.82
N2 NAG CB . -1.57 -46.07 -21.80
O3 NAG CB . -3.50 -44.29 -23.00
O4 NAG CB . -5.19 -42.89 -21.13
O5 NAG CB . -4.29 -45.92 -19.28
O6 NAG CB . -5.98 -44.69 -17.39
O7 NAG CB . -1.85 -48.21 -22.38
C1 NAG DB . -29.28 31.41 27.29
C2 NAG DB . -28.83 31.17 28.72
C3 NAG DB . -28.25 32.44 29.32
C4 NAG DB . -27.14 32.99 28.43
C5 NAG DB . -27.65 33.15 27.00
C6 NAG DB . -26.55 33.56 26.04
C7 NAG DB . -29.92 29.48 30.16
C8 NAG DB . -28.69 28.65 29.99
N2 NAG DB . -29.93 30.67 29.54
O3 NAG DB . -27.74 32.16 30.62
O4 NAG DB . -26.70 34.25 28.93
O5 NAG DB . -28.18 31.92 26.52
O6 NAG DB . -25.77 32.44 25.64
O7 NAG DB . -30.87 29.10 30.84
C1 NAG EB . -45.61 39.93 33.64
C2 NAG EB . -45.28 39.15 34.91
C3 NAG EB . -46.46 39.18 35.87
C4 NAG EB . -46.89 40.62 36.15
C5 NAG EB . -47.14 41.35 34.83
C6 NAG EB . -47.42 42.84 35.03
C7 NAG EB . -43.66 37.29 34.67
C8 NAG EB . -42.61 38.26 35.10
N2 NAG EB . -44.91 37.77 34.60
O3 NAG EB . -46.11 38.53 37.08
O4 NAG EB . -48.08 40.63 36.92
O5 NAG EB . -45.98 41.27 33.99
O6 NAG EB . -46.29 43.50 35.58
O7 NAG EB . -43.40 36.12 34.40
C1 NAG FB . -31.92 56.06 21.47
C2 NAG FB . -32.56 57.24 22.20
C3 NAG FB . -31.67 58.46 22.10
C4 NAG FB . -30.27 58.15 22.59
C5 NAG FB . -29.71 56.94 21.84
C6 NAG FB . -28.36 56.49 22.36
C7 NAG FB . -35.01 57.04 22.23
C8 NAG FB . -36.29 57.42 21.56
N2 NAG FB . -33.89 57.51 21.67
O3 NAG FB . -32.24 59.52 22.87
O4 NAG FB . -29.42 59.27 22.38
O5 NAG FB . -30.60 55.82 21.99
O6 NAG FB . -28.31 55.07 22.50
O7 NAG FB . -34.99 56.32 23.23
C1 NAG GB . 14.68 37.25 5.02
C2 NAG GB . 14.25 37.52 6.46
C3 NAG GB . 12.76 37.90 6.50
C4 NAG GB . 12.49 39.07 5.57
C5 NAG GB . 13.00 38.75 4.16
C6 NAG GB . 12.86 39.92 3.21
C7 NAG GB . 15.09 36.45 8.50
C8 NAG GB . 15.27 35.16 9.24
N2 NAG GB . 14.49 36.36 7.31
O3 NAG GB . 12.40 38.24 7.83
O4 NAG GB . 11.10 39.34 5.52
O5 NAG GB . 14.39 38.40 4.21
O6 NAG GB . 12.64 39.48 1.88
O7 NAG GB . 15.46 37.52 8.97
C1 NAG HB . 25.44 -56.16 19.46
C2 NAG HB . 25.02 -55.98 20.93
C3 NAG HB . 26.05 -56.60 21.86
C4 NAG HB . 26.32 -58.05 21.49
C5 NAG HB . 26.72 -58.14 20.02
C6 NAG HB . 26.91 -59.56 19.54
C7 NAG HB . 23.63 -54.05 21.54
C8 NAG HB . 23.62 -52.58 21.84
N2 NAG HB . 24.83 -54.58 21.25
O3 NAG HB . 25.58 -56.52 23.20
O4 NAG HB . 27.37 -58.58 22.29
O5 NAG HB . 25.69 -57.57 19.19
O6 NAG HB . 25.67 -60.20 19.29
O7 NAG HB . 22.61 -54.72 21.57
#